data_5ZMM
#
_entry.id   5ZMM
#
_cell.length_a   130.183
_cell.length_b   139.367
_cell.length_c   281.005
_cell.angle_alpha   90.000
_cell.angle_beta   90.000
_cell.angle_gamma   90.000
#
_symmetry.space_group_name_H-M   'P 21 21 21'
#
loop_
_entity.id
_entity.type
_entity.pdbx_description
1 polymer 'Uncharacterized protein McrA'
2 non-polymer 'ZINC ION'
3 non-polymer 'SULFATE ION'
4 water water
#
_entity_poly.entity_id   1
_entity_poly.type   'polypeptide(L)'
_entity_poly.pdbx_seq_one_letter_code
;GSAPSEITRAGILQAIAEHDRIGPEAFRATYGFHAATSYFLEHEGRLYDSKAIAGVAHMYDFGVALKPSSPGLSGGLKHA
VAWLRREGFTIREAPKTFHRRVGDVRPARRAMGPALHRPVLLLWAIGQAVARAPRLQPWSTTRDAVAPLMEKYGQVEDGV
DGVRYPFWALVRDDLWCVEQAEELTLTSRGRRPTLESLNAVDPSAGLREDDYNLLRSQPEAAASAAAGLIARYFHLLPAG
LLEDFGLHELLAGRWPDALRPLLGETFKDRDAIWRAYGGQKMAGIGCLADGILSAFSDDKGPYADGRIPDTTWIAYVGDG
LSGDQKLTDGNELMAEHQAVGRALRYWHKPFQGQWSFETWAVIVQRRLRWGLGEDKLPRREFLWVLAPVPSPERETWPPE
VLEALEADTGELHDDTGDYRPSDLALTPGAPDGTESDDEAYRRLAQKAEANAERRGQLKKPTVADKYVRDPSARGAVLKR
CQKRCENPECAGHPTELTKAGLPILQVDHVNDLAKGGPDVPWNMIALCPNCHALKTYGANKVRLQRLLAATARRLHEEKL
Q
;
_entity_poly.pdbx_strand_id   A,B,C,D,E,F
#
loop_
_chem_comp.id
_chem_comp.type
_chem_comp.name
_chem_comp.formula
SO4 non-polymer 'SULFATE ION' 'O4 S -2'
ZN non-polymer 'ZINC ION' 'Zn 2'
#
# COMPACT_ATOMS: atom_id res chain seq x y z
N GLU A 6 -26.75 -13.97 -55.39
CA GLU A 6 -25.31 -14.13 -55.00
C GLU A 6 -25.15 -15.24 -53.94
N ILE A 7 -25.15 -16.54 -54.29
CA ILE A 7 -25.55 -17.20 -55.60
C ILE A 7 -24.79 -16.77 -56.90
N THR A 8 -23.49 -17.04 -56.96
CA THR A 8 -22.71 -16.62 -58.15
C THR A 8 -21.56 -17.55 -58.63
N ARG A 9 -21.23 -18.59 -57.86
CA ARG A 9 -19.95 -19.30 -57.97
C ARG A 9 -19.68 -19.83 -59.37
N ALA A 10 -18.41 -19.85 -59.80
CA ALA A 10 -18.02 -20.37 -61.14
C ALA A 10 -18.16 -19.34 -62.26
N GLY A 11 -19.04 -18.36 -62.04
CA GLY A 11 -19.00 -17.09 -62.75
C GLY A 11 -17.80 -16.29 -62.29
N ILE A 12 -17.34 -16.57 -61.06
CA ILE A 12 -16.14 -15.95 -60.46
C ILE A 12 -14.86 -16.22 -61.27
N LEU A 13 -14.64 -17.47 -61.65
CA LEU A 13 -13.48 -17.85 -62.46
C LEU A 13 -13.42 -17.02 -63.71
N GLN A 14 -14.58 -16.72 -64.31
CA GLN A 14 -14.67 -15.86 -65.48
C GLN A 14 -14.16 -14.48 -65.09
N ALA A 15 -14.66 -13.98 -63.96
CA ALA A 15 -14.27 -12.67 -63.43
C ALA A 15 -12.76 -12.55 -63.18
N ILE A 16 -12.19 -13.57 -62.57
CA ILE A 16 -10.76 -13.66 -62.37
C ILE A 16 -10.01 -13.63 -63.70
N ALA A 17 -10.49 -14.42 -64.66
CA ALA A 17 -9.86 -14.48 -65.97
C ALA A 17 -9.85 -13.11 -66.64
N GLU A 18 -10.89 -12.30 -66.45
CA GLU A 18 -10.94 -10.94 -67.03
C GLU A 18 -10.00 -9.99 -66.31
N HIS A 19 -9.89 -10.15 -64.99
CA HIS A 19 -8.90 -9.41 -64.19
C HIS A 19 -7.48 -9.64 -64.68
N ASP A 20 -7.18 -10.87 -65.08
CA ASP A 20 -5.88 -11.23 -65.66
C ASP A 20 -5.72 -10.60 -67.02
N ARG A 21 -6.77 -10.66 -67.84
CA ARG A 21 -6.73 -10.25 -69.24
C ARG A 21 -6.45 -8.76 -69.34
N ILE A 22 -7.07 -7.98 -68.49
CA ILE A 22 -7.03 -6.52 -68.62
C ILE A 22 -5.99 -5.89 -67.69
N GLY A 23 -5.95 -6.34 -66.44
CA GLY A 23 -4.97 -5.86 -65.46
C GLY A 23 -5.65 -5.18 -64.28
N PRO A 24 -4.95 -5.13 -63.10
CA PRO A 24 -5.50 -4.53 -61.86
C PRO A 24 -5.90 -3.04 -61.94
N GLU A 25 -5.15 -2.27 -62.73
CA GLU A 25 -5.37 -0.83 -62.90
C GLU A 25 -6.66 -0.59 -63.67
N ALA A 26 -6.82 -1.31 -64.78
CA ALA A 26 -7.99 -1.19 -65.64
C ALA A 26 -9.24 -1.85 -65.05
N PHE A 27 -9.08 -2.76 -64.10
CA PHE A 27 -10.22 -3.43 -63.46
C PHE A 27 -11.05 -2.49 -62.60
N ARG A 28 -10.41 -1.49 -61.99
CA ARG A 28 -11.13 -0.37 -61.37
C ARG A 28 -11.56 0.71 -62.38
N ALA A 29 -11.68 0.31 -63.65
CA ALA A 29 -12.03 1.18 -64.75
C ALA A 29 -13.07 0.51 -65.70
N THR A 30 -14.33 0.90 -65.63
CA THR A 30 -14.88 1.67 -64.50
C THR A 30 -15.86 0.73 -63.80
N TYR A 31 -15.33 -0.41 -63.34
CA TYR A 31 -16.10 -1.30 -62.47
C TYR A 31 -16.20 -0.68 -61.07
N GLY A 32 -15.23 0.17 -60.72
CA GLY A 32 -15.31 0.98 -59.51
C GLY A 32 -14.36 0.43 -58.47
N PHE A 33 -14.85 0.35 -57.22
CA PHE A 33 -14.05 -0.12 -56.07
C PHE A 33 -12.83 0.78 -55.87
N HIS A 34 -11.63 0.24 -56.05
CA HIS A 34 -10.42 1.02 -55.83
C HIS A 34 -10.21 1.37 -54.35
N ALA A 35 -11.04 0.83 -53.45
CA ALA A 35 -10.83 1.02 -52.01
C ALA A 35 -9.73 0.07 -51.62
N ALA A 36 -9.01 0.42 -50.57
CA ALA A 36 -7.98 -0.47 -50.05
C ALA A 36 -8.68 -1.71 -49.54
N THR A 37 -8.05 -2.85 -49.72
CA THR A 37 -8.59 -4.06 -49.16
C THR A 37 -7.57 -4.64 -48.23
N SER A 38 -8.02 -4.94 -47.03
CA SER A 38 -7.21 -5.65 -46.06
C SER A 38 -7.16 -7.16 -46.37
N TYR A 39 -8.21 -7.69 -47.02
CA TYR A 39 -8.37 -9.15 -47.31
C TYR A 39 -8.57 -9.45 -48.81
N PHE A 40 -7.81 -10.42 -49.31
CA PHE A 40 -7.72 -10.72 -50.73
C PHE A 40 -8.30 -12.09 -51.05
N LEU A 41 -8.38 -12.40 -52.34
CA LEU A 41 -8.77 -13.72 -52.82
C LEU A 41 -7.60 -14.31 -53.60
N GLU A 42 -7.16 -15.50 -53.17
CA GLU A 42 -5.97 -16.13 -53.75
C GLU A 42 -6.48 -17.11 -54.78
N HIS A 43 -5.96 -17.01 -55.99
CA HIS A 43 -6.19 -18.00 -57.06
C HIS A 43 -4.99 -18.17 -57.97
N GLU A 44 -4.39 -19.36 -57.91
CA GLU A 44 -3.24 -19.74 -58.73
C GLU A 44 -2.03 -18.82 -58.55
N GLY A 45 -1.79 -18.41 -57.30
CA GLY A 45 -0.62 -17.59 -56.96
C GLY A 45 -0.81 -16.08 -57.14
N ARG A 46 -2.03 -15.68 -57.45
CA ARG A 46 -2.31 -14.27 -57.69
C ARG A 46 -3.38 -13.81 -56.70
N LEU A 47 -3.27 -12.54 -56.32
CA LEU A 47 -4.20 -11.95 -55.41
C LEU A 47 -5.16 -11.07 -56.16
N TYR A 48 -6.40 -11.07 -55.68
CA TYR A 48 -7.50 -10.35 -56.30
C TYR A 48 -8.36 -9.72 -55.20
N ASP A 49 -8.82 -8.49 -55.43
CA ASP A 49 -9.67 -7.77 -54.44
C ASP A 49 -11.02 -8.46 -54.26
N SER A 50 -11.24 -8.99 -53.07
CA SER A 50 -12.36 -9.90 -52.82
C SER A 50 -13.76 -9.31 -53.12
N LYS A 51 -14.06 -8.09 -52.68
CA LYS A 51 -15.35 -7.41 -52.99
C LYS A 51 -15.51 -7.17 -54.50
N ALA A 52 -14.45 -6.73 -55.14
CA ALA A 52 -14.50 -6.42 -56.57
C ALA A 52 -14.80 -7.65 -57.44
N ILE A 53 -14.09 -8.75 -57.18
CA ILE A 53 -14.30 -10.03 -57.88
C ILE A 53 -15.75 -10.53 -57.69
N ALA A 54 -16.25 -10.46 -56.47
CA ALA A 54 -17.63 -10.85 -56.17
C ALA A 54 -18.61 -10.04 -56.97
N GLY A 55 -18.37 -8.72 -57.06
CA GLY A 55 -19.20 -7.80 -57.82
C GLY A 55 -19.25 -8.05 -59.33
N VAL A 56 -18.09 -8.34 -59.92
CA VAL A 56 -18.00 -8.67 -61.35
C VAL A 56 -18.59 -10.03 -61.69
N ALA A 57 -18.47 -10.96 -60.75
CA ALA A 57 -19.07 -12.29 -60.90
C ALA A 57 -20.60 -12.21 -61.01
N HIS A 58 -21.19 -11.25 -60.30
CA HIS A 58 -22.61 -11.01 -60.44
C HIS A 58 -22.97 -10.64 -61.88
N MET A 59 -22.20 -9.73 -62.45
CA MET A 59 -22.39 -9.29 -63.83
C MET A 59 -21.63 -10.22 -64.79
N TYR A 60 -21.83 -11.53 -64.68
CA TYR A 60 -21.35 -12.52 -65.65
C TYR A 60 -22.31 -13.67 -65.67
N VAL A 81 -17.52 -12.15 -49.15
CA VAL A 81 -16.42 -12.98 -48.62
C VAL A 81 -16.93 -14.37 -48.31
N ALA A 82 -18.01 -14.43 -47.54
CA ALA A 82 -18.70 -15.68 -47.24
C ALA A 82 -19.11 -16.42 -48.50
N TRP A 83 -19.55 -15.65 -49.49
CA TRP A 83 -19.99 -16.22 -50.75
C TRP A 83 -18.80 -16.86 -51.48
N LEU A 84 -17.71 -16.12 -51.61
CA LEU A 84 -16.51 -16.59 -52.31
C LEU A 84 -15.91 -17.85 -51.63
N ARG A 85 -15.95 -17.87 -50.30
CA ARG A 85 -15.46 -19.00 -49.53
C ARG A 85 -16.45 -20.17 -49.61
N ARG A 86 -17.75 -19.86 -49.70
CA ARG A 86 -18.78 -20.88 -50.01
C ARG A 86 -18.54 -21.60 -51.36
N GLU A 87 -18.07 -20.85 -52.37
CA GLU A 87 -17.82 -21.41 -53.70
C GLU A 87 -16.45 -22.11 -53.87
N GLY A 88 -15.66 -22.19 -52.79
CA GLY A 88 -14.42 -23.00 -52.77
C GLY A 88 -13.11 -22.26 -53.07
N PHE A 89 -13.06 -20.96 -52.73
CA PHE A 89 -11.85 -20.13 -52.88
C PHE A 89 -11.21 -19.83 -51.53
N THR A 90 -9.87 -19.90 -51.47
CA THR A 90 -9.14 -19.53 -50.24
C THR A 90 -9.01 -18.00 -50.20
N ILE A 91 -9.55 -17.45 -49.12
CA ILE A 91 -9.54 -16.00 -48.88
C ILE A 91 -8.49 -15.68 -47.85
N ARG A 92 -7.61 -14.74 -48.18
CA ARG A 92 -6.38 -14.66 -47.45
C ARG A 92 -6.02 -13.24 -47.13
N GLU A 93 -5.25 -13.15 -46.06
CA GLU A 93 -4.65 -11.93 -45.59
C GLU A 93 -3.36 -11.73 -46.38
N ALA A 94 -2.93 -10.47 -46.55
CA ALA A 94 -1.70 -10.21 -47.35
C ALA A 94 -0.48 -11.04 -46.87
N PRO A 95 0.16 -11.78 -47.77
CA PRO A 95 1.20 -12.71 -47.32
C PRO A 95 2.41 -12.00 -46.76
N LYS A 96 3.09 -12.70 -45.85
CA LYS A 96 4.39 -12.28 -45.32
C LYS A 96 5.40 -12.12 -46.45
N THR A 97 6.40 -11.32 -46.16
CA THR A 97 7.41 -10.99 -47.14
C THR A 97 8.08 -12.22 -47.82
N PHE A 98 8.39 -12.10 -49.11
CA PHE A 98 9.06 -13.16 -49.86
C PHE A 98 10.29 -13.65 -49.10
N HIS A 99 11.03 -12.71 -48.52
CA HIS A 99 12.23 -12.99 -47.71
C HIS A 99 11.96 -13.93 -46.54
N ARG A 100 10.88 -13.62 -45.85
CA ARG A 100 10.43 -14.43 -44.73
C ARG A 100 9.99 -15.81 -45.19
N ARG A 101 9.22 -15.90 -46.27
CA ARG A 101 8.64 -17.17 -46.66
C ARG A 101 9.71 -18.11 -47.18
N VAL A 102 10.63 -17.59 -47.99
CA VAL A 102 11.77 -18.38 -48.42
C VAL A 102 12.59 -18.80 -47.19
N GLY A 103 12.56 -17.96 -46.15
CA GLY A 103 13.28 -18.24 -44.94
C GLY A 103 12.63 -19.31 -44.09
N ASP A 104 11.34 -19.52 -44.28
CA ASP A 104 10.56 -20.50 -43.50
C ASP A 104 10.76 -21.91 -44.06
N VAL A 105 11.36 -22.01 -45.25
CA VAL A 105 11.58 -23.29 -45.85
C VAL A 105 12.65 -23.99 -45.07
N ARG A 106 12.22 -24.80 -44.12
CA ARG A 106 13.14 -25.50 -43.23
C ARG A 106 12.89 -27.01 -43.18
N PRO A 107 13.92 -27.80 -42.86
CA PRO A 107 13.71 -29.24 -42.68
C PRO A 107 12.77 -29.58 -41.52
N ALA A 108 12.00 -30.66 -41.63
CA ALA A 108 11.07 -31.13 -40.59
C ALA A 108 11.67 -32.25 -39.69
N ALA A 115 16.69 -32.55 -46.81
CA ALA A 115 15.47 -31.93 -47.34
C ALA A 115 15.77 -30.82 -48.35
N LEU A 116 16.57 -31.18 -49.36
CA LEU A 116 17.09 -30.25 -50.34
C LEU A 116 16.17 -30.03 -51.56
N HIS A 117 15.02 -30.71 -51.59
CA HIS A 117 14.14 -30.70 -52.76
C HIS A 117 13.61 -29.31 -52.98
N ARG A 118 12.94 -28.79 -51.96
CA ARG A 118 12.37 -27.44 -51.99
C ARG A 118 13.40 -26.33 -52.32
N PRO A 119 14.53 -26.28 -51.59
CA PRO A 119 15.47 -25.24 -51.94
C PRO A 119 16.06 -25.36 -53.34
N VAL A 120 16.23 -26.59 -53.85
CA VAL A 120 16.75 -26.79 -55.22
C VAL A 120 15.80 -26.19 -56.27
N LEU A 121 14.52 -26.52 -56.14
CA LEU A 121 13.51 -25.99 -57.06
C LEU A 121 13.48 -24.48 -56.97
N LEU A 122 13.43 -23.98 -55.75
CA LEU A 122 13.40 -22.54 -55.48
C LEU A 122 14.60 -21.84 -56.12
N LEU A 123 15.77 -22.40 -55.90
CA LEU A 123 17.00 -21.84 -56.44
C LEU A 123 16.99 -21.78 -57.98
N TRP A 124 16.53 -22.87 -58.61
CA TRP A 124 16.30 -22.91 -60.07
C TRP A 124 15.36 -21.80 -60.54
N ALA A 125 14.26 -21.62 -59.79
CA ALA A 125 13.20 -20.66 -60.13
C ALA A 125 13.73 -19.24 -60.09
N ILE A 126 14.61 -18.98 -59.13
CA ILE A 126 15.18 -17.66 -58.99
C ILE A 126 16.09 -17.44 -60.19
N GLY A 127 16.92 -18.43 -60.48
CA GLY A 127 17.83 -18.37 -61.63
C GLY A 127 17.11 -18.10 -62.95
N GLN A 128 15.91 -18.65 -63.05
CA GLN A 128 15.02 -18.49 -64.19
C GLN A 128 14.50 -17.07 -64.26
N ALA A 129 13.99 -16.60 -63.14
CA ALA A 129 13.43 -15.27 -63.08
C ALA A 129 14.49 -14.22 -63.46
N VAL A 130 15.72 -14.44 -62.95
CA VAL A 130 16.86 -13.52 -63.12
C VAL A 130 17.20 -13.43 -64.60
N ALA A 131 17.09 -14.58 -65.28
CA ALA A 131 17.33 -14.68 -66.73
C ALA A 131 16.09 -14.40 -67.62
N ARG A 132 15.12 -13.67 -67.06
CA ARG A 132 13.91 -13.25 -67.75
C ARG A 132 13.13 -14.37 -68.43
N ALA A 133 13.10 -15.53 -67.80
CA ALA A 133 12.29 -16.63 -68.29
C ALA A 133 10.86 -16.32 -67.94
N PRO A 134 9.89 -16.99 -68.62
CA PRO A 134 8.49 -16.76 -68.28
C PRO A 134 8.14 -17.31 -66.88
N ARG A 135 7.15 -16.66 -66.28
CA ARG A 135 6.79 -16.83 -64.89
C ARG A 135 6.29 -18.23 -64.65
N LEU A 136 5.30 -18.61 -65.45
CA LEU A 136 4.72 -19.94 -65.43
C LEU A 136 5.38 -20.74 -66.55
N GLN A 137 5.80 -21.94 -66.23
CA GLN A 137 6.41 -22.87 -67.19
C GLN A 137 5.83 -24.28 -67.04
N PRO A 138 5.67 -25.00 -68.16
CA PRO A 138 5.10 -26.34 -68.05
C PRO A 138 5.92 -27.27 -67.14
N TRP A 139 5.23 -28.18 -66.47
CA TRP A 139 5.89 -29.25 -65.73
C TRP A 139 6.94 -30.01 -66.55
N SER A 140 6.62 -30.28 -67.81
CA SER A 140 7.45 -31.11 -68.66
C SER A 140 8.89 -30.59 -68.68
N THR A 141 9.02 -29.29 -68.95
CA THR A 141 10.35 -28.64 -69.06
C THR A 141 11.03 -28.51 -67.70
N THR A 142 10.26 -28.07 -66.72
CA THR A 142 10.77 -27.92 -65.37
C THR A 142 11.37 -29.25 -64.92
N ARG A 143 10.67 -30.34 -65.21
CA ARG A 143 11.05 -31.66 -64.77
C ARG A 143 12.47 -31.97 -65.22
N ASP A 144 12.69 -31.99 -66.53
CA ASP A 144 13.98 -32.47 -67.09
C ASP A 144 15.06 -31.36 -67.06
N ALA A 145 14.65 -30.16 -66.67
CA ALA A 145 15.60 -29.07 -66.47
C ALA A 145 16.18 -29.06 -65.06
N VAL A 146 15.35 -29.45 -64.08
CA VAL A 146 15.74 -29.48 -62.66
C VAL A 146 16.23 -30.85 -62.19
N ALA A 147 15.73 -31.92 -62.79
CA ALA A 147 16.04 -33.29 -62.36
C ALA A 147 17.55 -33.59 -62.27
N PRO A 148 18.36 -33.11 -63.25
CA PRO A 148 19.81 -33.26 -63.15
C PRO A 148 20.43 -32.54 -61.94
N LEU A 149 19.89 -31.33 -61.68
CA LEU A 149 20.26 -30.50 -60.50
C LEU A 149 19.88 -31.19 -59.20
N MET A 150 18.72 -31.81 -59.22
CA MET A 150 18.21 -32.58 -58.09
C MET A 150 19.08 -33.80 -57.79
N GLU A 151 19.58 -34.46 -58.84
CA GLU A 151 20.49 -35.60 -58.69
C GLU A 151 21.85 -35.17 -58.14
N LYS A 152 22.43 -34.12 -58.75
CA LYS A 152 23.81 -33.74 -58.47
C LYS A 152 23.96 -33.03 -57.16
N TYR A 153 23.00 -32.17 -56.82
CA TYR A 153 23.09 -31.30 -55.63
C TYR A 153 22.16 -31.67 -54.49
N GLY A 154 21.01 -32.28 -54.79
CA GLY A 154 20.03 -32.72 -53.79
C GLY A 154 20.24 -34.15 -53.32
N GLN A 155 21.36 -34.75 -53.73
CA GLN A 155 21.69 -36.15 -53.40
C GLN A 155 20.47 -37.11 -53.31
N VAL A 156 19.61 -37.02 -54.32
CA VAL A 156 18.53 -37.96 -54.48
C VAL A 156 18.90 -38.86 -55.65
N GLU A 157 18.38 -40.09 -55.66
CA GLU A 157 18.67 -41.05 -56.70
C GLU A 157 17.91 -40.74 -58.01
N ASP A 158 16.58 -40.77 -57.93
CA ASP A 158 15.70 -40.50 -59.07
C ASP A 158 15.32 -39.03 -59.07
N GLY A 159 16.07 -38.24 -59.84
CA GLY A 159 15.83 -36.80 -59.91
C GLY A 159 14.47 -36.47 -60.48
N VAL A 160 14.07 -37.20 -61.51
CA VAL A 160 12.76 -37.03 -62.17
C VAL A 160 11.63 -37.12 -61.13
N ASP A 161 11.75 -38.10 -60.25
CA ASP A 161 10.81 -38.27 -59.14
C ASP A 161 11.06 -37.24 -58.02
N GLY A 162 12.33 -36.89 -57.82
CA GLY A 162 12.72 -35.84 -56.86
C GLY A 162 12.04 -34.48 -57.07
N VAL A 163 11.73 -34.13 -58.31
CA VAL A 163 11.13 -32.81 -58.62
C VAL A 163 9.64 -32.79 -58.31
N ARG A 164 9.01 -33.94 -58.36
CA ARG A 164 7.57 -34.03 -58.14
C ARG A 164 7.08 -33.53 -56.76
N TYR A 165 7.86 -33.84 -55.70
CA TYR A 165 7.51 -33.45 -54.31
C TYR A 165 7.47 -31.93 -54.13
N PRO A 166 8.61 -31.22 -54.35
CA PRO A 166 8.55 -29.77 -54.21
C PRO A 166 7.68 -29.07 -55.25
N PHE A 167 7.44 -29.67 -56.40
CA PHE A 167 6.60 -29.02 -57.41
C PHE A 167 5.19 -28.75 -56.93
N TRP A 168 4.78 -29.49 -55.91
CA TRP A 168 3.45 -29.37 -55.31
C TRP A 168 3.51 -28.86 -53.88
N ALA A 169 4.49 -29.34 -53.10
CA ALA A 169 4.59 -29.04 -51.66
C ALA A 169 4.95 -27.58 -51.42
N LEU A 170 5.56 -26.98 -52.44
CA LEU A 170 6.01 -25.61 -52.37
C LEU A 170 4.86 -24.64 -52.54
N VAL A 171 3.69 -25.15 -52.89
CA VAL A 171 2.46 -24.33 -52.98
C VAL A 171 1.92 -24.00 -51.61
N ARG A 172 1.94 -24.98 -50.70
CA ARG A 172 1.49 -24.71 -49.34
C ARG A 172 2.59 -24.03 -48.47
N ASP A 173 3.79 -23.81 -49.01
CA ASP A 173 4.76 -22.88 -48.42
C ASP A 173 4.61 -21.44 -48.94
N ASP A 174 3.52 -21.14 -49.65
CA ASP A 174 3.27 -19.84 -50.28
C ASP A 174 4.40 -19.36 -51.14
N LEU A 175 4.99 -20.28 -51.89
CA LEU A 175 6.02 -19.90 -52.84
C LEU A 175 5.78 -20.34 -54.26
N TRP A 176 4.80 -21.22 -54.48
CA TRP A 176 4.60 -21.85 -55.78
C TRP A 176 3.09 -21.85 -56.16
N CYS A 177 2.82 -21.98 -57.46
CA CYS A 177 1.43 -22.09 -57.95
C CYS A 177 1.42 -23.07 -59.12
N VAL A 178 0.29 -23.77 -59.28
CA VAL A 178 0.14 -24.79 -60.33
C VAL A 178 -1.16 -24.52 -61.02
N GLU A 179 -1.15 -24.10 -62.27
CA GLU A 179 -2.42 -23.92 -62.96
C GLU A 179 -2.93 -25.32 -63.37
N GLN A 180 -4.25 -25.43 -63.55
CA GLN A 180 -4.93 -26.72 -63.75
C GLN A 180 -4.57 -27.66 -62.60
N ALA A 181 -4.84 -27.20 -61.41
CA ALA A 181 -4.61 -27.99 -60.22
C ALA A 181 -5.66 -29.06 -60.14
N GLU A 182 -6.90 -28.65 -60.44
CA GLU A 182 -8.10 -29.51 -60.37
C GLU A 182 -7.93 -30.82 -61.17
N GLU A 183 -7.34 -30.71 -62.37
CA GLU A 183 -7.12 -31.84 -63.27
C GLU A 183 -6.16 -32.89 -62.79
N LEU A 184 -5.30 -32.57 -61.83
CA LEU A 184 -4.29 -33.49 -61.33
C LEU A 184 -4.87 -34.47 -60.31
N THR A 185 -4.32 -35.68 -60.27
CA THR A 185 -4.77 -36.70 -59.33
C THR A 185 -3.65 -36.88 -58.30
N LEU A 186 -4.01 -36.75 -57.03
CA LEU A 186 -3.01 -36.78 -55.94
C LEU A 186 -2.71 -38.17 -55.46
N THR A 187 -1.51 -38.38 -54.91
CA THR A 187 -1.08 -39.71 -54.44
C THR A 187 -1.92 -40.14 -53.26
N SER A 188 -1.87 -41.43 -52.98
CA SER A 188 -2.82 -42.05 -52.04
C SER A 188 -2.64 -41.48 -50.66
N ARG A 189 -1.40 -41.57 -50.20
CA ARG A 189 -1.01 -41.09 -48.87
C ARG A 189 -0.27 -39.76 -49.03
N GLY A 190 -0.89 -38.72 -48.45
CA GLY A 190 -0.37 -37.35 -48.51
C GLY A 190 -0.75 -36.56 -49.77
N ARG A 191 0.20 -35.75 -50.22
CA ARG A 191 -0.04 -34.82 -51.30
C ARG A 191 1.24 -34.60 -52.07
N ARG A 192 1.48 -35.51 -53.00
CA ARG A 192 2.13 -35.20 -54.28
C ARG A 192 1.08 -35.55 -55.32
N PRO A 193 1.21 -34.99 -56.52
CA PRO A 193 0.51 -35.53 -57.67
C PRO A 193 1.27 -36.77 -58.21
N THR A 194 0.54 -37.61 -58.94
CA THR A 194 1.12 -38.82 -59.55
C THR A 194 2.03 -38.38 -60.68
N LEU A 195 3.08 -39.15 -60.96
CA LEU A 195 3.93 -38.89 -62.13
C LEU A 195 3.10 -38.98 -63.41
N GLU A 196 2.19 -39.97 -63.40
CA GLU A 196 1.21 -40.19 -64.47
C GLU A 196 0.40 -38.94 -64.77
N SER A 197 -0.24 -38.43 -63.73
CA SER A 197 -1.10 -37.23 -63.76
C SER A 197 -0.38 -35.94 -64.20
N LEU A 198 0.86 -35.79 -63.78
CA LEU A 198 1.67 -34.64 -64.17
C LEU A 198 2.05 -34.71 -65.63
N ASN A 199 2.49 -35.89 -66.08
CA ASN A 199 2.93 -36.05 -67.47
C ASN A 199 1.74 -35.88 -68.41
N ALA A 200 0.59 -36.39 -68.00
CA ALA A 200 -0.62 -36.32 -68.80
C ALA A 200 -1.12 -34.90 -68.97
N VAL A 201 -1.37 -34.22 -67.86
CA VAL A 201 -1.72 -32.81 -67.87
C VAL A 201 -0.38 -32.15 -67.74
N ASP A 202 0.04 -31.29 -68.66
CA ASP A 202 1.38 -30.74 -68.57
C ASP A 202 1.24 -29.36 -67.94
N PRO A 203 0.94 -29.28 -66.61
CA PRO A 203 0.39 -28.03 -66.13
C PRO A 203 1.47 -26.99 -66.00
N SER A 204 1.15 -25.76 -66.40
CA SER A 204 2.07 -24.65 -66.26
C SER A 204 2.02 -24.21 -64.78
N ALA A 205 3.20 -24.36 -64.15
CA ALA A 205 3.41 -23.95 -62.77
C ALA A 205 4.59 -23.00 -62.67
N GLY A 206 4.62 -22.26 -61.57
CA GLY A 206 5.72 -21.36 -61.33
C GLY A 206 5.68 -20.64 -59.99
N LEU A 207 6.43 -19.54 -59.94
CA LEU A 207 6.49 -18.69 -58.76
C LEU A 207 5.24 -17.86 -58.63
N ARG A 208 5.09 -17.18 -57.51
CA ARG A 208 3.94 -16.29 -57.32
C ARG A 208 4.10 -15.00 -58.11
N GLU A 209 3.00 -14.30 -58.36
CA GLU A 209 2.98 -13.09 -59.19
C GLU A 209 3.97 -12.07 -58.68
N ASP A 210 3.65 -11.52 -57.52
CA ASP A 210 4.38 -10.41 -56.93
C ASP A 210 5.84 -10.77 -56.63
N ASP A 211 6.09 -12.04 -56.33
CA ASP A 211 7.46 -12.55 -56.16
C ASP A 211 8.26 -12.51 -57.45
N TYR A 212 7.65 -12.94 -58.54
CA TYR A 212 8.31 -12.92 -59.85
C TYR A 212 8.62 -11.49 -60.19
N ASN A 213 7.67 -10.60 -59.94
CA ASN A 213 7.86 -9.19 -60.31
C ASN A 213 8.95 -8.52 -59.47
N LEU A 214 8.96 -8.87 -58.18
CA LEU A 214 10.00 -8.46 -57.29
C LEU A 214 11.36 -8.88 -57.78
N LEU A 215 11.49 -10.15 -58.15
CA LEU A 215 12.77 -10.69 -58.59
C LEU A 215 13.22 -10.06 -59.88
N ARG A 216 12.27 -9.85 -60.81
CA ARG A 216 12.58 -9.21 -62.12
C ARG A 216 12.95 -7.74 -61.97
N SER A 217 12.30 -7.04 -61.03
CA SER A 217 12.55 -5.61 -60.79
C SER A 217 13.77 -5.31 -59.86
N GLN A 218 13.95 -6.09 -58.81
CA GLN A 218 15.01 -5.84 -57.81
C GLN A 218 15.99 -7.00 -57.65
N PRO A 219 17.17 -6.91 -58.26
CA PRO A 219 18.07 -8.03 -58.29
C PRO A 219 18.71 -8.31 -56.98
N GLU A 220 18.81 -7.32 -56.11
CA GLU A 220 19.16 -7.53 -54.69
C GLU A 220 18.38 -8.61 -53.98
N ALA A 221 17.08 -8.69 -54.27
CA ALA A 221 16.18 -9.58 -53.56
C ALA A 221 16.42 -11.00 -54.02
N ALA A 222 16.66 -11.14 -55.32
CA ALA A 222 17.02 -12.43 -55.90
C ALA A 222 18.34 -12.92 -55.30
N ALA A 223 19.35 -12.04 -55.30
CA ALA A 223 20.67 -12.32 -54.70
C ALA A 223 20.57 -12.69 -53.22
N SER A 224 19.73 -11.96 -52.50
CA SER A 224 19.49 -12.18 -51.08
C SER A 224 18.84 -13.56 -50.82
N ALA A 225 17.75 -13.85 -51.53
CA ALA A 225 17.02 -15.13 -51.36
C ALA A 225 17.88 -16.33 -51.74
N ALA A 226 18.60 -16.23 -52.83
CA ALA A 226 19.54 -17.26 -53.23
C ALA A 226 20.67 -17.41 -52.20
N ALA A 227 21.18 -16.30 -51.71
CA ALA A 227 22.24 -16.33 -50.69
C ALA A 227 21.78 -16.93 -49.39
N GLY A 228 20.51 -16.73 -49.08
CA GLY A 228 19.90 -17.35 -47.90
C GLY A 228 19.79 -18.86 -48.05
N LEU A 229 19.28 -19.30 -49.19
CA LEU A 229 19.16 -20.71 -49.45
C LEU A 229 20.53 -21.38 -49.49
N ILE A 230 21.53 -20.70 -50.03
CA ILE A 230 22.92 -21.21 -50.05
C ILE A 230 23.58 -20.89 -48.69
N ALA A 231 24.01 -21.86 -47.87
CA ALA A 231 24.27 -21.54 -46.40
C ALA A 231 23.15 -20.64 -46.03
N ARG A 232 21.98 -21.22 -45.75
CA ARG A 232 21.76 -22.63 -45.30
C ARG A 232 21.85 -23.66 -46.45
N TYR A 233 21.49 -24.93 -46.23
CA TYR A 233 21.61 -25.97 -47.33
C TYR A 233 22.89 -26.22 -48.17
N PHE A 234 23.49 -25.23 -48.84
CA PHE A 234 24.74 -25.43 -49.61
C PHE A 234 25.89 -24.54 -49.17
N HIS A 235 26.19 -24.51 -47.87
CA HIS A 235 27.23 -23.59 -47.37
C HIS A 235 28.61 -23.87 -47.84
N LEU A 236 28.94 -25.15 -48.05
CA LEU A 236 30.17 -25.53 -48.72
C LEU A 236 29.84 -25.50 -50.17
N LEU A 237 29.80 -24.31 -50.75
CA LEU A 237 29.37 -24.11 -52.13
C LEU A 237 30.20 -24.93 -53.15
N PRO A 238 29.67 -26.07 -53.67
CA PRO A 238 30.49 -26.83 -54.65
C PRO A 238 30.62 -26.12 -56.01
N ALA A 239 31.70 -26.38 -56.74
CA ALA A 239 31.84 -25.82 -58.08
C ALA A 239 30.71 -26.37 -58.96
N GLY A 240 30.20 -25.55 -59.88
CA GLY A 240 29.11 -25.95 -60.80
C GLY A 240 27.81 -25.31 -60.39
N LEU A 241 27.54 -25.35 -59.08
CA LEU A 241 26.75 -24.26 -58.49
C LEU A 241 27.82 -23.16 -58.57
N LEU A 242 27.59 -22.01 -59.16
CA LEU A 242 26.34 -21.38 -59.46
C LEU A 242 25.97 -21.50 -60.94
N GLU A 243 26.91 -22.00 -61.74
CA GLU A 243 26.76 -22.24 -63.18
C GLU A 243 25.51 -23.02 -63.54
N ASP A 244 25.34 -24.20 -62.96
CA ASP A 244 24.21 -25.09 -63.36
C ASP A 244 22.86 -24.48 -63.04
N PHE A 245 22.80 -23.78 -61.91
CA PHE A 245 21.67 -22.93 -61.64
C PHE A 245 21.87 -21.62 -62.39
N GLY A 246 20.87 -20.78 -62.44
CA GLY A 246 21.00 -19.57 -63.27
C GLY A 246 21.86 -18.46 -62.75
N LEU A 247 22.73 -18.74 -61.78
CA LEU A 247 23.10 -17.75 -60.73
C LEU A 247 24.53 -17.25 -60.73
N HIS A 248 25.32 -17.68 -61.70
CA HIS A 248 26.72 -17.30 -61.77
C HIS A 248 26.92 -15.81 -61.96
N GLU A 249 26.32 -15.26 -62.99
CA GLU A 249 26.42 -13.81 -63.23
C GLU A 249 26.00 -13.00 -61.99
N LEU A 250 24.96 -13.48 -61.29
CA LEU A 250 24.35 -12.79 -60.13
C LEU A 250 25.15 -12.88 -58.84
N LEU A 251 25.78 -14.02 -58.57
CA LEU A 251 26.45 -14.31 -57.29
C LEU A 251 27.90 -14.78 -57.35
N ALA A 252 28.49 -14.93 -58.53
CA ALA A 252 29.82 -15.56 -58.67
C ALA A 252 30.87 -14.95 -57.76
N GLY A 253 30.89 -13.63 -57.76
CA GLY A 253 31.86 -12.91 -56.96
C GLY A 253 31.90 -13.28 -55.51
N ARG A 254 30.80 -13.00 -54.83
CA ARG A 254 30.63 -13.55 -53.51
C ARG A 254 29.16 -13.61 -53.22
N TRP A 255 28.72 -14.81 -52.95
CA TRP A 255 27.30 -15.10 -52.80
C TRP A 255 26.69 -14.44 -51.59
N PRO A 256 27.41 -14.43 -50.43
CA PRO A 256 26.74 -13.91 -49.23
C PRO A 256 26.75 -12.39 -49.08
N ASP A 257 27.33 -11.67 -50.05
CA ASP A 257 27.36 -10.20 -50.01
C ASP A 257 25.98 -9.57 -49.88
N ALA A 258 24.97 -10.23 -50.47
CA ALA A 258 23.62 -9.70 -50.54
C ALA A 258 22.84 -9.91 -49.26
N LEU A 259 23.42 -10.63 -48.32
CA LEU A 259 22.74 -10.92 -47.05
C LEU A 259 22.70 -9.69 -46.18
N ARG A 260 21.59 -9.53 -45.45
CA ARG A 260 21.43 -8.48 -44.41
C ARG A 260 21.00 -9.06 -43.07
N PRO A 261 21.33 -8.43 -41.96
CA PRO A 261 22.04 -7.14 -41.82
C PRO A 261 23.49 -7.14 -42.13
N LEU A 262 23.97 -5.92 -42.41
CA LEU A 262 25.39 -5.69 -42.61
C LEU A 262 26.08 -5.82 -41.27
N LEU A 263 27.36 -6.11 -41.35
CA LEU A 263 28.18 -6.10 -40.16
C LEU A 263 28.20 -4.65 -39.67
N GLY A 264 27.78 -4.51 -38.42
CA GLY A 264 27.92 -3.25 -37.70
C GLY A 264 26.62 -2.50 -37.54
N GLU A 265 25.53 -3.04 -38.11
CA GLU A 265 24.22 -2.41 -37.95
C GLU A 265 23.85 -2.45 -36.48
N THR A 266 23.42 -1.31 -35.97
CA THR A 266 23.18 -1.12 -34.56
C THR A 266 21.70 -0.96 -34.28
N PHE A 267 21.25 -1.56 -33.18
CA PHE A 267 19.85 -1.49 -32.74
C PHE A 267 19.74 -1.28 -31.21
N LYS A 268 18.74 -0.50 -30.79
CA LYS A 268 18.56 -0.16 -29.38
C LYS A 268 18.03 -1.36 -28.63
N ASP A 269 16.83 -1.80 -29.02
CA ASP A 269 16.13 -2.87 -28.34
C ASP A 269 16.47 -4.15 -29.05
N ARG A 270 16.13 -5.25 -28.41
CA ARG A 270 16.04 -6.55 -29.05
C ARG A 270 14.83 -6.55 -30.01
N ASP A 271 13.77 -5.86 -29.59
CA ASP A 271 12.57 -5.63 -30.38
C ASP A 271 12.88 -4.94 -31.71
N ALA A 272 13.85 -4.03 -31.68
CA ALA A 272 14.20 -3.24 -32.87
C ALA A 272 14.78 -4.15 -33.93
N ILE A 273 15.61 -5.08 -33.45
CA ILE A 273 16.20 -6.15 -34.27
C ILE A 273 15.10 -6.96 -34.86
N TRP A 274 14.14 -7.32 -34.03
CA TRP A 274 13.02 -8.17 -34.41
C TRP A 274 12.17 -7.51 -35.47
N ARG A 275 11.94 -6.22 -35.31
CA ARG A 275 11.21 -5.49 -36.34
C ARG A 275 11.90 -5.52 -37.68
N ALA A 276 13.23 -5.46 -37.66
CA ALA A 276 14.00 -5.33 -38.89
C ALA A 276 14.32 -6.65 -39.61
N TYR A 277 14.44 -7.75 -38.87
CA TYR A 277 14.90 -9.03 -39.41
C TYR A 277 14.18 -10.28 -38.86
N GLY A 278 13.17 -10.08 -38.03
CA GLY A 278 12.36 -11.19 -37.55
C GLY A 278 12.96 -12.03 -36.43
N GLY A 279 12.51 -13.29 -36.39
CA GLY A 279 12.96 -14.27 -35.37
C GLY A 279 12.05 -14.15 -34.19
N GLN A 280 12.53 -14.49 -33.00
CA GLN A 280 11.85 -14.05 -31.78
C GLN A 280 12.79 -13.48 -30.74
N LYS A 281 12.24 -12.65 -29.83
CA LYS A 281 12.96 -12.03 -28.74
C LYS A 281 13.28 -13.00 -27.60
N MET A 282 12.74 -14.22 -27.63
CA MET A 282 13.24 -15.29 -26.76
C MET A 282 14.77 -15.44 -26.82
N ALA A 283 15.31 -15.88 -25.68
CA ALA A 283 16.76 -15.94 -25.43
C ALA A 283 17.50 -16.35 -26.68
N GLY A 284 18.59 -15.67 -26.92
CA GLY A 284 19.16 -15.58 -28.20
C GLY A 284 20.03 -16.70 -28.61
N ILE A 285 19.39 -17.82 -28.90
CA ILE A 285 19.86 -18.63 -29.96
C ILE A 285 18.63 -18.90 -30.83
N GLY A 286 18.59 -18.33 -32.02
CA GLY A 286 17.39 -18.41 -32.81
C GLY A 286 17.61 -17.92 -34.20
N CYS A 287 16.68 -18.26 -35.07
CA CYS A 287 16.83 -17.93 -36.48
C CYS A 287 16.07 -16.68 -36.82
N LEU A 288 16.72 -15.78 -37.53
CA LEU A 288 16.01 -14.64 -38.08
C LEU A 288 15.09 -15.06 -39.25
N ALA A 289 14.36 -14.11 -39.81
CA ALA A 289 13.40 -14.39 -40.88
C ALA A 289 14.02 -15.14 -42.06
N ASP A 290 15.28 -14.84 -42.41
CA ASP A 290 16.03 -15.52 -43.48
C ASP A 290 16.34 -17.00 -43.20
N GLY A 291 16.18 -17.39 -41.95
CA GLY A 291 16.34 -18.77 -41.56
C GLY A 291 17.74 -19.03 -41.09
N ILE A 292 18.58 -18.01 -41.12
CA ILE A 292 19.95 -18.16 -40.69
C ILE A 292 20.07 -17.95 -39.17
N LEU A 293 20.80 -18.86 -38.51
CA LEU A 293 20.98 -18.88 -37.05
C LEU A 293 21.68 -17.61 -36.58
N SER A 294 21.29 -17.16 -35.40
CA SER A 294 21.81 -15.94 -34.80
C SER A 294 21.89 -16.17 -33.33
N ALA A 295 23.04 -15.87 -32.74
CA ALA A 295 23.27 -16.02 -31.27
C ALA A 295 23.46 -14.65 -30.65
N PHE A 296 22.79 -14.40 -29.53
CA PHE A 296 22.72 -13.05 -28.95
C PHE A 296 23.36 -13.06 -27.61
N SER A 297 24.32 -12.18 -27.40
CA SER A 297 25.04 -12.09 -26.13
C SER A 297 24.83 -10.70 -25.58
N ASP A 298 24.27 -10.65 -24.37
CA ASP A 298 23.94 -9.42 -23.69
C ASP A 298 24.84 -9.29 -22.49
N ASP A 299 25.73 -8.29 -22.47
CA ASP A 299 26.61 -8.07 -21.30
C ASP A 299 25.85 -7.58 -20.08
N LYS A 300 25.93 -8.37 -19.02
CA LYS A 300 25.16 -8.16 -17.77
C LYS A 300 25.66 -6.95 -16.94
N GLY A 301 26.95 -6.93 -16.63
CA GLY A 301 27.61 -5.80 -15.98
C GLY A 301 28.83 -5.33 -16.76
N PRO A 302 29.57 -4.35 -16.21
CA PRO A 302 30.85 -3.91 -16.81
C PRO A 302 31.99 -4.89 -16.54
N TYR A 303 33.09 -4.77 -17.26
CA TYR A 303 34.23 -5.66 -17.04
C TYR A 303 33.81 -7.15 -17.23
N ALA A 304 32.97 -7.43 -18.23
CA ALA A 304 32.57 -8.81 -18.50
C ALA A 304 31.95 -8.88 -19.86
N ASP A 305 32.75 -9.19 -20.88
CA ASP A 305 32.23 -9.50 -22.25
C ASP A 305 32.43 -10.98 -22.54
N GLY A 306 31.86 -11.45 -23.65
CA GLY A 306 31.92 -12.88 -24.00
C GLY A 306 33.28 -13.34 -24.47
N ARG A 307 34.13 -12.38 -24.85
CA ARG A 307 35.41 -12.64 -25.50
C ARG A 307 36.36 -13.30 -24.49
N ILE A 308 36.96 -14.42 -24.88
CA ILE A 308 37.90 -15.11 -24.02
C ILE A 308 39.17 -14.29 -24.08
N PRO A 309 39.68 -13.86 -22.93
CA PRO A 309 40.74 -12.84 -22.88
C PRO A 309 41.97 -13.18 -23.71
N ASP A 310 42.68 -12.11 -24.08
CA ASP A 310 43.85 -12.15 -24.98
C ASP A 310 43.54 -12.54 -26.41
N THR A 311 42.27 -12.84 -26.69
CA THR A 311 41.85 -13.45 -27.92
C THR A 311 40.66 -12.69 -28.36
N THR A 312 40.31 -12.90 -29.59
CA THR A 312 39.15 -12.32 -30.20
C THR A 312 37.97 -13.34 -30.28
N TRP A 313 38.09 -14.49 -29.62
CA TRP A 313 37.21 -15.63 -29.81
C TRP A 313 36.25 -15.53 -28.68
N ILE A 314 35.06 -16.12 -28.83
CA ILE A 314 33.94 -15.92 -27.91
C ILE A 314 33.67 -17.16 -27.07
N ALA A 315 33.33 -16.99 -25.81
CA ALA A 315 32.83 -18.10 -24.96
C ALA A 315 31.39 -17.86 -24.67
N TYR A 316 30.52 -18.55 -25.39
CA TYR A 316 29.09 -18.21 -25.43
C TYR A 316 28.40 -19.28 -24.64
N VAL A 317 27.66 -18.86 -23.62
CA VAL A 317 26.89 -19.80 -22.78
C VAL A 317 25.59 -20.19 -23.49
N GLY A 318 25.21 -21.44 -23.28
CA GLY A 318 24.17 -22.10 -23.99
C GLY A 318 22.80 -21.59 -23.65
N ASP A 319 21.79 -22.42 -23.92
CA ASP A 319 20.44 -21.95 -24.23
C ASP A 319 19.53 -22.16 -23.09
N GLY A 320 19.56 -23.31 -22.45
CA GLY A 320 18.54 -23.54 -21.39
C GLY A 320 18.58 -22.61 -20.15
N LEU A 321 17.55 -21.82 -19.88
CA LEU A 321 17.67 -20.79 -18.79
C LEU A 321 17.63 -21.11 -17.26
N SER A 322 17.11 -22.24 -16.82
CA SER A 322 17.11 -22.49 -15.37
C SER A 322 17.75 -23.77 -14.83
N GLY A 323 17.64 -24.90 -15.51
CA GLY A 323 18.28 -26.13 -15.00
C GLY A 323 19.39 -26.62 -15.89
N ASP A 324 19.94 -27.79 -15.59
CA ASP A 324 20.89 -28.46 -16.49
C ASP A 324 20.46 -28.37 -17.95
N GLN A 325 21.23 -27.67 -18.77
CA GLN A 325 20.92 -27.47 -20.20
C GLN A 325 21.03 -28.74 -21.02
N LYS A 326 20.17 -28.84 -22.03
CA LYS A 326 20.12 -30.00 -22.91
C LYS A 326 20.24 -29.61 -24.39
N LEU A 327 20.60 -30.57 -25.23
CA LEU A 327 20.67 -30.33 -26.68
C LEU A 327 19.28 -30.27 -27.28
N THR A 328 18.60 -29.20 -26.91
CA THR A 328 17.29 -28.90 -27.38
C THR A 328 17.18 -27.42 -27.68
N ASP A 329 16.22 -27.08 -28.52
CA ASP A 329 16.02 -25.71 -28.97
C ASP A 329 17.33 -25.14 -29.55
N GLY A 330 17.86 -24.05 -28.99
CA GLY A 330 19.03 -23.39 -29.55
C GLY A 330 20.27 -24.23 -29.51
N ASN A 331 20.49 -24.93 -28.40
CA ASN A 331 21.66 -25.79 -28.26
C ASN A 331 21.68 -26.84 -29.33
N GLU A 332 20.49 -27.35 -29.63
CA GLU A 332 20.34 -28.36 -30.69
C GLU A 332 20.82 -27.81 -32.01
N LEU A 333 20.33 -26.62 -32.33
CA LEU A 333 20.72 -25.94 -33.56
C LEU A 333 22.21 -25.65 -33.58
N MET A 334 22.77 -25.30 -32.42
CA MET A 334 24.22 -25.02 -32.30
C MET A 334 25.02 -26.26 -32.58
N ALA A 335 24.53 -27.39 -32.06
CA ALA A 335 25.13 -28.67 -32.35
C ALA A 335 25.07 -29.04 -33.82
N GLU A 336 23.90 -28.83 -34.43
CA GLU A 336 23.75 -29.08 -35.87
C GLU A 336 24.71 -28.26 -36.72
N HIS A 337 24.94 -27.03 -36.27
CA HIS A 337 25.83 -26.11 -36.95
C HIS A 337 27.25 -26.55 -36.76
N GLN A 338 27.56 -27.09 -35.58
CA GLN A 338 28.91 -27.55 -35.25
C GLN A 338 29.33 -28.75 -36.12
N ALA A 339 28.43 -29.70 -36.30
CA ALA A 339 28.69 -30.92 -37.05
C ALA A 339 29.10 -30.67 -38.50
N VAL A 340 28.36 -29.81 -39.17
CA VAL A 340 28.60 -29.54 -40.59
C VAL A 340 29.58 -28.41 -40.83
N GLY A 341 29.97 -27.72 -39.75
CA GLY A 341 30.86 -26.55 -39.84
C GLY A 341 30.26 -25.36 -40.57
N ARG A 342 29.02 -25.00 -40.18
CA ARG A 342 28.31 -23.84 -40.70
C ARG A 342 28.44 -22.64 -39.76
N ALA A 343 28.64 -21.48 -40.37
CA ALA A 343 28.78 -20.24 -39.61
C ALA A 343 27.41 -19.74 -39.18
N LEU A 344 27.42 -18.76 -38.26
CA LEU A 344 26.21 -18.14 -37.73
C LEU A 344 26.47 -16.72 -37.28
N ARG A 345 25.41 -15.93 -37.18
CA ARG A 345 25.53 -14.51 -36.82
C ARG A 345 25.65 -14.37 -35.31
N TYR A 346 26.58 -13.55 -34.85
CA TYR A 346 26.79 -13.32 -33.42
C TYR A 346 26.52 -11.85 -33.09
N TRP A 347 25.41 -11.63 -32.42
CA TRP A 347 25.00 -10.31 -31.96
C TRP A 347 25.58 -10.06 -30.59
N HIS A 348 25.82 -8.79 -30.29
CA HIS A 348 26.41 -8.41 -28.99
C HIS A 348 25.97 -7.02 -28.55
N LYS A 349 25.59 -6.94 -27.27
CA LYS A 349 25.27 -5.66 -26.63
C LYS A 349 26.25 -5.42 -25.47
N PRO A 350 27.17 -4.46 -25.64
CA PRO A 350 28.00 -4.15 -24.51
C PRO A 350 27.21 -3.51 -23.43
N PHE A 351 27.73 -3.57 -22.22
CA PHE A 351 27.07 -2.95 -21.07
C PHE A 351 26.74 -1.46 -21.26
N GLN A 352 25.49 -1.07 -21.02
CA GLN A 352 25.02 0.32 -21.24
C GLN A 352 25.13 0.79 -22.70
N GLY A 353 24.97 -0.14 -23.63
CA GLY A 353 25.24 0.12 -25.03
C GLY A 353 24.14 -0.45 -25.86
N GLN A 354 24.32 -0.41 -27.18
CA GLN A 354 23.34 -0.92 -28.13
C GLN A 354 23.76 -2.29 -28.67
N TRP A 355 22.80 -2.99 -29.26
CA TRP A 355 23.04 -4.25 -29.95
C TRP A 355 23.68 -3.94 -31.28
N SER A 356 24.49 -4.89 -31.77
CA SER A 356 24.96 -4.87 -33.18
C SER A 356 25.36 -6.25 -33.69
N PHE A 357 25.12 -6.48 -34.96
CA PHE A 357 25.58 -7.70 -35.57
C PHE A 357 27.04 -7.47 -35.80
N GLU A 358 27.86 -8.00 -34.90
CA GLU A 358 29.27 -7.68 -34.99
C GLU A 358 30.16 -8.66 -35.75
N THR A 359 29.83 -9.95 -35.73
CA THR A 359 30.59 -10.89 -36.54
C THR A 359 29.88 -12.18 -36.88
N TRP A 360 30.23 -12.75 -38.04
CA TRP A 360 29.89 -14.16 -38.33
C TRP A 360 30.81 -14.97 -37.44
N ALA A 361 30.43 -16.19 -37.11
CA ALA A 361 31.30 -17.01 -36.30
C ALA A 361 30.98 -18.47 -36.45
N VAL A 362 31.97 -19.32 -36.17
CA VAL A 362 31.82 -20.75 -36.37
C VAL A 362 32.11 -21.49 -35.08
N ILE A 363 31.38 -22.60 -34.87
CA ILE A 363 31.50 -23.38 -33.61
C ILE A 363 32.78 -24.16 -33.75
N VAL A 364 33.66 -23.98 -32.79
CA VAL A 364 35.01 -24.49 -32.86
C VAL A 364 35.22 -25.55 -31.78
N GLN A 365 34.45 -25.47 -30.70
CA GLN A 365 34.52 -26.39 -29.57
C GLN A 365 33.27 -26.23 -28.70
N ARG A 366 32.80 -27.32 -28.11
CA ARG A 366 31.75 -27.19 -27.12
C ARG A 366 32.06 -27.89 -25.81
N ARG A 367 31.83 -27.19 -24.69
CA ARG A 367 32.19 -27.66 -23.37
C ARG A 367 31.02 -27.58 -22.42
N LEU A 368 31.18 -28.23 -21.27
CA LEU A 368 30.18 -28.19 -20.20
C LEU A 368 30.79 -27.61 -18.94
N ARG A 369 30.09 -26.66 -18.33
CA ARG A 369 30.58 -25.89 -17.20
C ARG A 369 29.47 -25.70 -16.16
N TRP A 370 29.86 -25.43 -14.93
CA TRP A 370 28.93 -25.01 -13.87
C TRP A 370 28.65 -23.52 -13.96
N GLY A 371 27.36 -23.17 -13.95
CA GLY A 371 26.91 -21.77 -13.89
C GLY A 371 25.57 -21.66 -13.18
N LEU A 372 25.08 -20.42 -13.04
CA LEU A 372 23.80 -20.20 -12.37
C LEU A 372 22.70 -19.92 -13.32
N GLY A 373 21.54 -20.55 -13.11
CA GLY A 373 20.35 -20.25 -13.93
C GLY A 373 19.66 -18.98 -13.49
N GLU A 374 18.51 -18.68 -14.08
CA GLU A 374 17.68 -17.54 -13.63
C GLU A 374 17.05 -17.77 -12.27
N ASP A 375 16.98 -19.02 -11.82
CA ASP A 375 16.50 -19.32 -10.48
C ASP A 375 17.60 -19.17 -9.46
N LYS A 376 18.76 -18.65 -9.88
CA LYS A 376 19.91 -18.41 -9.05
C LYS A 376 20.50 -19.68 -8.49
N LEU A 377 20.27 -20.82 -9.14
CA LEU A 377 20.78 -22.10 -8.67
C LEU A 377 21.82 -22.68 -9.63
N PRO A 378 22.89 -23.26 -9.08
CA PRO A 378 23.93 -23.92 -9.85
C PRO A 378 23.37 -24.93 -10.80
N ARG A 379 24.04 -25.07 -11.92
CA ARG A 379 23.50 -25.81 -13.05
C ARG A 379 24.56 -26.11 -14.10
N ARG A 380 24.39 -27.25 -14.76
CA ARG A 380 25.26 -27.66 -15.87
C ARG A 380 24.90 -26.86 -17.14
N GLU A 381 25.86 -26.19 -17.76
CA GLU A 381 25.54 -25.33 -18.92
C GLU A 381 26.57 -25.50 -20.03
N PHE A 382 26.15 -25.28 -21.27
CA PHE A 382 27.03 -25.50 -22.42
C PHE A 382 27.87 -24.28 -22.61
N LEU A 383 29.11 -24.48 -22.99
CA LEU A 383 29.97 -23.38 -23.35
C LEU A 383 30.36 -23.57 -24.80
N TRP A 384 29.75 -22.77 -25.68
CA TRP A 384 30.04 -22.84 -27.11
C TRP A 384 31.19 -21.90 -27.39
N VAL A 385 32.29 -22.44 -27.95
CA VAL A 385 33.47 -21.65 -28.21
C VAL A 385 33.38 -21.26 -29.65
N LEU A 386 33.21 -19.98 -29.89
CA LEU A 386 32.99 -19.44 -31.23
C LEU A 386 34.28 -18.76 -31.72
N ALA A 387 34.59 -18.98 -32.99
CA ALA A 387 35.67 -18.24 -33.64
C ALA A 387 35.11 -17.34 -34.73
N PRO A 388 35.44 -16.05 -34.67
CA PRO A 388 34.89 -15.14 -35.63
C PRO A 388 35.48 -15.35 -37.01
N VAL A 389 34.68 -15.06 -38.03
CA VAL A 389 35.06 -15.16 -39.41
C VAL A 389 34.45 -13.97 -40.17
N PRO A 390 35.10 -13.52 -41.27
CA PRO A 390 34.63 -12.41 -42.11
C PRO A 390 33.31 -12.64 -42.83
N SER A 391 33.08 -13.87 -43.29
CA SER A 391 31.80 -14.20 -43.92
C SER A 391 31.53 -15.70 -43.79
N PRO A 392 30.32 -16.15 -44.19
CA PRO A 392 30.00 -17.58 -44.23
C PRO A 392 30.84 -18.41 -45.20
N GLU A 393 31.39 -17.78 -46.25
CA GLU A 393 32.23 -18.44 -47.21
C GLU A 393 33.48 -18.99 -46.52
N ARG A 394 33.71 -20.30 -46.69
CA ARG A 394 34.79 -21.01 -46.02
C ARG A 394 36.17 -20.51 -46.50
N GLU A 395 36.24 -20.10 -47.78
CA GLU A 395 37.49 -19.58 -48.38
C GLU A 395 38.04 -18.36 -47.67
N THR A 396 37.18 -17.66 -46.92
CA THR A 396 37.51 -16.42 -46.28
C THR A 396 37.98 -16.63 -44.83
N TRP A 397 37.91 -17.87 -44.35
CA TRP A 397 38.24 -18.13 -42.94
C TRP A 397 39.72 -18.32 -42.74
N PRO A 398 40.32 -17.59 -41.80
CA PRO A 398 41.77 -17.66 -41.57
C PRO A 398 42.20 -19.03 -41.13
N PRO A 399 43.50 -19.34 -41.26
CA PRO A 399 44.00 -20.71 -40.96
C PRO A 399 43.83 -21.18 -39.50
N GLU A 400 43.92 -20.27 -38.53
CA GLU A 400 43.72 -20.62 -37.10
C GLU A 400 42.33 -21.22 -36.87
N VAL A 401 41.33 -20.68 -37.55
CA VAL A 401 39.97 -21.20 -37.50
C VAL A 401 39.86 -22.58 -38.15
N LEU A 402 40.44 -22.72 -39.34
CA LEU A 402 40.38 -23.98 -40.12
C LEU A 402 41.07 -25.08 -39.36
N GLU A 403 42.18 -24.73 -38.72
CA GLU A 403 42.92 -25.67 -37.87
C GLU A 403 42.12 -26.13 -36.63
N ALA A 404 41.42 -25.18 -36.01
CA ALA A 404 40.66 -25.47 -34.81
C ALA A 404 39.42 -26.31 -35.08
N LEU A 405 38.80 -26.10 -36.24
CA LEU A 405 37.71 -26.93 -36.74
C LEU A 405 38.20 -28.34 -37.06
N GLU A 406 39.41 -28.42 -37.61
CA GLU A 406 40.01 -29.68 -38.05
C GLU A 406 40.19 -30.57 -36.84
N ALA A 407 40.59 -29.94 -35.74
CA ALA A 407 40.88 -30.61 -34.47
C ALA A 407 39.70 -30.86 -33.51
N ASP A 408 38.49 -30.42 -33.88
CA ASP A 408 37.37 -30.32 -32.93
C ASP A 408 36.90 -31.66 -32.41
N THR A 409 36.55 -32.58 -33.28
CA THR A 409 35.94 -33.88 -32.86
C THR A 409 34.47 -33.75 -32.51
N GLY A 410 34.02 -32.51 -32.35
CA GLY A 410 32.60 -32.16 -32.21
C GLY A 410 31.92 -32.74 -30.99
N GLU A 411 32.72 -33.17 -30.03
CA GLU A 411 32.23 -33.89 -28.88
C GLU A 411 32.38 -33.05 -27.63
N LEU A 412 31.50 -33.31 -26.67
CA LEU A 412 31.40 -32.50 -25.50
C LEU A 412 32.57 -32.69 -24.57
N HIS A 413 33.11 -31.58 -24.10
CA HIS A 413 34.17 -31.59 -23.10
C HIS A 413 33.55 -31.25 -21.75
N ASP A 414 33.42 -32.22 -20.87
CA ASP A 414 32.75 -32.02 -19.60
C ASP A 414 33.71 -31.59 -18.48
N ASP A 415 33.80 -30.28 -18.25
CA ASP A 415 34.65 -29.75 -17.18
C ASP A 415 34.00 -29.77 -15.83
N THR A 416 32.76 -30.21 -15.74
CA THR A 416 32.03 -30.22 -14.48
C THR A 416 32.57 -31.23 -13.50
N GLY A 417 33.35 -32.20 -13.98
CA GLY A 417 34.15 -33.07 -13.09
C GLY A 417 35.33 -32.42 -12.37
N ASP A 418 35.95 -31.43 -12.98
CA ASP A 418 37.13 -30.76 -12.42
C ASP A 418 36.84 -29.79 -11.26
N TYR A 419 35.61 -29.33 -11.14
CA TYR A 419 35.29 -28.38 -10.08
C TYR A 419 33.87 -28.49 -9.66
N ARG A 420 33.56 -27.84 -8.55
CA ARG A 420 32.21 -27.86 -7.97
C ARG A 420 31.60 -26.45 -7.95
N PRO A 421 30.25 -26.36 -7.96
CA PRO A 421 29.62 -25.04 -7.85
C PRO A 421 30.04 -24.22 -6.64
N SER A 422 30.41 -24.88 -5.52
CA SER A 422 30.97 -24.18 -4.35
C SER A 422 32.23 -23.38 -4.64
N ASP A 423 32.96 -23.80 -5.67
CA ASP A 423 34.23 -23.20 -6.04
C ASP A 423 34.02 -21.96 -6.92
N LEU A 424 32.83 -21.84 -7.47
CA LEU A 424 32.43 -20.66 -8.23
C LEU A 424 32.31 -19.51 -7.30
N ALA A 425 32.75 -18.35 -7.74
CA ALA A 425 32.56 -17.16 -6.93
C ALA A 425 31.10 -16.84 -6.72
N LEU A 426 30.23 -17.26 -7.63
CA LEU A 426 28.80 -16.89 -7.60
C LEU A 426 27.95 -17.73 -6.64
N THR A 427 28.51 -18.75 -6.00
CA THR A 427 27.74 -19.53 -5.02
C THR A 427 28.22 -19.25 -3.61
N PRO A 428 27.63 -18.25 -2.94
CA PRO A 428 28.03 -17.90 -1.58
C PRO A 428 27.78 -19.06 -0.61
N GLY A 429 28.67 -19.20 0.38
CA GLY A 429 28.64 -20.33 1.33
C GLY A 429 29.55 -20.03 2.51
N ALA A 430 29.41 -20.80 3.59
CA ALA A 430 30.22 -20.59 4.79
C ALA A 430 31.75 -20.95 4.70
N PRO A 431 32.19 -22.04 4.04
CA PRO A 431 31.32 -23.11 3.51
C PRO A 431 30.71 -23.90 4.64
N ASP A 432 31.50 -24.24 5.67
CA ASP A 432 31.04 -25.04 6.80
C ASP A 432 30.30 -26.33 6.37
N GLY A 433 30.42 -26.72 5.09
CA GLY A 433 30.23 -28.11 4.71
C GLY A 433 31.33 -28.80 5.48
N THR A 434 30.99 -29.82 6.26
CA THR A 434 32.01 -30.57 6.99
C THR A 434 33.08 -30.96 6.01
N GLU A 435 32.63 -31.53 4.90
CA GLU A 435 33.49 -32.30 4.02
C GLU A 435 34.79 -31.57 3.63
N SER A 436 34.71 -30.33 3.15
CA SER A 436 35.86 -29.63 2.56
C SER A 436 36.26 -28.42 3.42
N ASP A 437 37.52 -28.42 3.83
CA ASP A 437 38.22 -27.23 4.32
C ASP A 437 38.39 -26.27 3.15
N ASP A 438 38.48 -24.98 3.40
CA ASP A 438 38.91 -24.03 2.37
C ASP A 438 40.28 -24.34 1.83
N GLU A 439 41.14 -24.97 2.62
CA GLU A 439 42.41 -25.47 2.13
C GLU A 439 42.29 -26.90 1.56
N ALA A 440 41.09 -27.35 1.22
CA ALA A 440 40.89 -28.35 0.14
C ALA A 440 40.69 -27.70 -1.32
N TYR A 441 41.05 -26.42 -1.43
CA TYR A 441 41.87 -25.85 -2.54
C TYR A 441 42.88 -26.79 -3.22
N ARG A 442 43.62 -27.58 -2.43
CA ARG A 442 44.53 -28.62 -2.93
C ARG A 442 43.88 -29.44 -4.03
N ARG A 443 42.60 -29.81 -3.83
CA ARG A 443 41.78 -30.51 -4.85
C ARG A 443 41.75 -29.79 -6.19
N LEU A 444 41.48 -28.49 -6.11
CA LEU A 444 41.46 -27.66 -7.29
C LEU A 444 42.79 -27.54 -7.96
N ALA A 445 43.82 -27.22 -7.17
CA ALA A 445 45.20 -27.10 -7.69
C ALA A 445 45.69 -28.37 -8.41
N GLN A 446 45.38 -29.53 -7.81
CA GLN A 446 45.67 -30.81 -8.43
C GLN A 446 45.05 -30.96 -9.81
N LYS A 447 43.74 -30.74 -9.94
CA LYS A 447 43.06 -30.84 -11.25
C LYS A 447 43.63 -29.86 -12.25
N ALA A 448 43.91 -28.65 -11.79
CA ALA A 448 44.53 -27.65 -12.64
C ALA A 448 45.85 -28.16 -13.24
N GLU A 449 46.73 -28.72 -12.39
CA GLU A 449 48.02 -29.38 -12.80
C GLU A 449 47.85 -30.53 -13.77
N ALA A 450 46.91 -31.42 -13.47
CA ALA A 450 46.59 -32.54 -14.35
C ALA A 450 46.22 -32.01 -15.73
N ASN A 451 45.23 -31.12 -15.77
CA ASN A 451 44.75 -30.52 -17.03
C ASN A 451 45.89 -29.81 -17.76
N ALA A 452 46.64 -28.98 -17.02
CA ALA A 452 47.78 -28.23 -17.56
C ALA A 452 48.84 -29.12 -18.24
N GLU A 453 49.25 -30.18 -17.53
CA GLU A 453 50.16 -31.19 -18.08
C GLU A 453 49.61 -31.79 -19.36
N ARG A 454 48.31 -32.09 -19.37
CA ARG A 454 47.68 -32.71 -20.54
C ARG A 454 47.65 -31.75 -21.74
N ARG A 455 47.54 -30.45 -21.46
CA ARG A 455 47.57 -29.43 -22.49
C ARG A 455 48.97 -29.14 -22.93
N GLY A 456 49.93 -29.37 -22.04
CA GLY A 456 51.35 -29.18 -22.35
C GLY A 456 51.94 -30.14 -23.37
N GLN A 457 51.34 -31.31 -23.47
CA GLN A 457 51.75 -32.33 -24.44
C GLN A 457 50.89 -32.38 -25.72
N LEU A 458 50.11 -31.33 -25.97
CA LEU A 458 49.37 -31.22 -27.23
C LEU A 458 50.36 -30.82 -28.30
N LYS A 459 50.43 -31.61 -29.37
CA LYS A 459 51.34 -31.35 -30.47
C LYS A 459 50.92 -30.14 -31.29
N LYS A 460 49.69 -30.20 -31.85
CA LYS A 460 49.06 -29.04 -32.51
C LYS A 460 48.00 -28.46 -31.54
N PRO A 461 48.32 -27.36 -30.83
CA PRO A 461 47.34 -26.75 -29.95
C PRO A 461 46.57 -25.63 -30.65
N THR A 462 45.24 -25.68 -30.55
CA THR A 462 44.36 -24.64 -31.11
C THR A 462 44.42 -23.42 -30.21
N VAL A 463 43.91 -22.29 -30.66
CA VAL A 463 43.97 -21.06 -29.81
C VAL A 463 42.99 -21.19 -28.64
N ALA A 464 42.00 -22.07 -28.81
CA ALA A 464 41.09 -22.44 -27.74
C ALA A 464 41.82 -23.19 -26.66
N ASP A 465 42.60 -24.20 -27.04
CA ASP A 465 43.43 -24.98 -26.09
C ASP A 465 44.34 -24.06 -25.29
N LYS A 466 44.87 -23.03 -25.95
CA LYS A 466 45.86 -22.13 -25.36
C LYS A 466 45.26 -21.04 -24.46
N TYR A 467 44.07 -20.55 -24.79
CA TYR A 467 43.56 -19.34 -24.15
C TYR A 467 42.28 -19.46 -23.32
N VAL A 468 41.44 -20.45 -23.61
CA VAL A 468 40.27 -20.75 -22.78
C VAL A 468 40.76 -21.08 -21.38
N ARG A 469 40.17 -20.48 -20.37
CA ARG A 469 40.75 -20.56 -19.01
C ARG A 469 40.11 -21.66 -18.17
N ASP A 470 40.96 -22.41 -17.46
CA ASP A 470 40.50 -23.54 -16.67
C ASP A 470 39.86 -23.00 -15.40
N PRO A 471 38.56 -23.29 -15.20
CA PRO A 471 37.79 -22.92 -14.00
C PRO A 471 38.44 -23.34 -12.70
N SER A 472 39.01 -24.55 -12.69
CA SER A 472 39.61 -25.19 -11.48
C SER A 472 40.77 -24.37 -10.89
N ALA A 473 41.63 -23.84 -11.76
CA ALA A 473 42.71 -23.00 -11.34
C ALA A 473 42.25 -21.64 -10.82
N ARG A 474 41.32 -21.01 -11.52
CA ARG A 474 40.70 -19.80 -11.02
C ARG A 474 40.04 -20.03 -9.67
N GLY A 475 39.30 -21.11 -9.59
CA GLY A 475 38.64 -21.50 -8.35
C GLY A 475 39.59 -21.65 -7.20
N ALA A 476 40.74 -22.22 -7.49
CA ALA A 476 41.79 -22.37 -6.51
C ALA A 476 42.30 -21.03 -5.96
N VAL A 477 42.58 -20.09 -6.83
CA VAL A 477 43.07 -18.77 -6.40
C VAL A 477 42.04 -18.05 -5.51
N LEU A 478 40.77 -18.21 -5.88
CA LEU A 478 39.67 -17.64 -5.07
C LEU A 478 39.67 -18.18 -3.63
N LYS A 479 39.83 -19.50 -3.49
CA LYS A 479 39.81 -20.14 -2.17
C LYS A 479 41.05 -19.79 -1.37
N ARG A 480 42.14 -19.51 -2.08
CA ARG A 480 43.39 -19.16 -1.45
C ARG A 480 43.33 -17.73 -0.92
N CYS A 481 42.89 -16.79 -1.72
CA CYS A 481 43.11 -15.37 -1.41
C CYS A 481 42.16 -14.84 -0.38
N GLN A 482 40.98 -15.43 -0.36
CA GLN A 482 39.88 -15.00 0.52
C GLN A 482 39.59 -13.52 0.50
N LYS A 483 39.05 -13.09 -0.63
CA LYS A 483 38.61 -11.71 -0.82
C LYS A 483 39.68 -10.65 -0.56
N ARG A 484 40.96 -10.99 -0.74
CA ARG A 484 42.05 -10.06 -0.48
C ARG A 484 43.07 -10.02 -1.60
N CYS A 485 43.71 -8.86 -1.76
CA CYS A 485 44.89 -8.70 -2.63
C CYS A 485 45.93 -9.66 -2.17
N GLU A 486 46.64 -10.27 -3.10
CA GLU A 486 47.79 -11.09 -2.75
C GLU A 486 49.13 -10.37 -2.97
N ASN A 487 49.07 -9.13 -3.43
CA ASN A 487 50.26 -8.33 -3.61
C ASN A 487 50.67 -7.88 -2.23
N PRO A 488 51.88 -8.32 -1.77
CA PRO A 488 52.37 -7.90 -0.48
C PRO A 488 52.74 -6.43 -0.42
N GLU A 489 52.90 -5.76 -1.55
CA GLU A 489 53.07 -4.30 -1.53
C GLU A 489 51.78 -3.50 -1.75
N CYS A 490 50.63 -4.08 -1.45
CA CYS A 490 49.36 -3.42 -1.73
C CYS A 490 49.22 -2.14 -0.90
N ALA A 491 48.98 -1.02 -1.56
CA ALA A 491 48.73 0.24 -0.86
C ALA A 491 47.47 0.18 0.01
N GLY A 492 46.55 -0.70 -0.35
CA GLY A 492 45.30 -0.92 0.41
C GLY A 492 44.15 -1.06 -0.53
N HIS A 493 43.13 -1.82 -0.14
CA HIS A 493 41.96 -1.99 -1.01
C HIS A 493 40.68 -2.23 -0.23
N PRO A 494 39.53 -1.80 -0.79
CA PRO A 494 38.26 -1.85 -0.04
C PRO A 494 37.72 -3.24 0.13
N THR A 495 37.00 -3.46 1.21
CA THR A 495 36.27 -4.73 1.44
C THR A 495 34.79 -4.69 1.02
N GLU A 496 34.34 -3.55 0.50
CA GLU A 496 33.06 -3.44 -0.16
C GLU A 496 32.98 -4.40 -1.33
N LEU A 497 31.87 -5.10 -1.48
CA LEU A 497 31.66 -5.96 -2.65
C LEU A 497 31.08 -5.14 -3.84
N THR A 498 30.93 -5.80 -4.97
CA THR A 498 30.23 -5.24 -6.12
C THR A 498 28.74 -5.38 -5.92
N LYS A 499 27.98 -4.77 -6.82
CA LYS A 499 26.52 -4.95 -6.89
C LYS A 499 26.11 -6.42 -7.02
N ALA A 500 26.95 -7.21 -7.68
CA ALA A 500 26.67 -8.61 -7.90
C ALA A 500 27.25 -9.49 -6.80
N GLY A 501 27.97 -8.87 -5.86
CA GLY A 501 28.31 -9.51 -4.57
C GLY A 501 29.63 -10.24 -4.56
N LEU A 502 30.49 -9.83 -5.49
CA LEU A 502 31.81 -10.37 -5.60
C LEU A 502 32.80 -9.35 -5.11
N PRO A 503 33.94 -9.81 -4.56
CA PRO A 503 34.92 -8.86 -4.09
C PRO A 503 35.49 -8.11 -5.27
N ILE A 504 35.94 -6.89 -5.01
CA ILE A 504 36.56 -6.05 -6.07
C ILE A 504 38.02 -6.46 -6.35
N LEU A 505 38.18 -7.61 -7.00
CA LEU A 505 39.45 -8.23 -7.24
C LEU A 505 39.42 -8.92 -8.58
N GLN A 506 40.59 -9.24 -9.09
CA GLN A 506 40.66 -10.09 -10.26
C GLN A 506 41.82 -11.04 -10.15
N VAL A 507 41.56 -12.27 -10.61
CA VAL A 507 42.54 -13.31 -10.66
C VAL A 507 43.17 -13.15 -12.00
N ASP A 508 44.49 -13.20 -12.02
CA ASP A 508 45.25 -12.87 -13.20
C ASP A 508 46.52 -13.73 -13.19
N HIS A 509 47.02 -14.11 -14.36
CA HIS A 509 48.28 -14.85 -14.42
C HIS A 509 49.44 -13.88 -14.32
N VAL A 510 50.46 -14.26 -13.53
CA VAL A 510 51.72 -13.49 -13.46
C VAL A 510 52.51 -13.63 -14.75
N ASN A 511 52.46 -14.82 -15.32
CA ASN A 511 53.07 -15.07 -16.60
C ASN A 511 51.99 -15.35 -17.62
N ASP A 512 51.75 -14.36 -18.48
CA ASP A 512 50.61 -14.39 -19.40
C ASP A 512 50.55 -15.70 -20.15
N LEU A 513 49.35 -16.23 -20.36
CA LEU A 513 49.17 -17.47 -21.15
C LEU A 513 49.66 -17.30 -22.57
N ALA A 514 49.59 -16.07 -23.06
CA ALA A 514 50.06 -15.70 -24.39
C ALA A 514 51.53 -15.95 -24.54
N LYS A 515 52.30 -15.62 -23.50
CA LYS A 515 53.75 -15.84 -23.44
C LYS A 515 54.13 -17.18 -22.80
N GLY A 516 53.39 -18.23 -23.11
CA GLY A 516 53.70 -19.57 -22.63
C GLY A 516 53.30 -19.93 -21.22
N GLY A 517 53.02 -18.96 -20.36
CA GLY A 517 52.77 -19.25 -18.97
C GLY A 517 51.73 -20.35 -18.87
N PRO A 518 51.79 -21.17 -17.82
CA PRO A 518 50.80 -22.21 -17.54
C PRO A 518 49.51 -21.71 -16.80
N ASP A 519 48.38 -22.37 -17.04
CA ASP A 519 47.11 -22.00 -16.39
C ASP A 519 46.94 -22.82 -15.13
N VAL A 520 47.71 -22.42 -14.13
CA VAL A 520 47.74 -23.10 -12.84
C VAL A 520 47.81 -22.06 -11.74
N PRO A 521 47.40 -22.43 -10.51
CA PRO A 521 47.30 -21.48 -9.39
C PRO A 521 48.59 -20.80 -8.98
N TRP A 522 49.70 -21.55 -9.04
CA TRP A 522 51.03 -20.99 -8.67
C TRP A 522 51.58 -20.01 -9.69
N ASN A 523 50.97 -19.97 -10.89
CA ASN A 523 51.21 -18.93 -11.90
C ASN A 523 50.18 -17.78 -11.86
N MET A 524 49.29 -17.79 -10.87
CA MET A 524 48.23 -16.80 -10.79
C MET A 524 48.17 -16.11 -9.46
N ILE A 525 47.51 -14.97 -9.44
CA ILE A 525 47.56 -14.02 -8.33
C ILE A 525 46.29 -13.14 -8.30
N ALA A 526 45.77 -12.92 -7.11
CA ALA A 526 44.55 -12.11 -6.96
C ALA A 526 44.94 -10.69 -6.71
N LEU A 527 44.45 -9.75 -7.50
CA LEU A 527 44.83 -8.35 -7.33
C LEU A 527 43.65 -7.39 -7.31
N CYS A 528 43.74 -6.37 -6.47
CA CYS A 528 42.82 -5.26 -6.52
C CYS A 528 43.07 -4.45 -7.77
N PRO A 529 42.09 -3.65 -8.21
CA PRO A 529 42.23 -2.80 -9.37
C PRO A 529 43.49 -2.00 -9.40
N ASN A 530 43.90 -1.49 -8.24
CA ASN A 530 45.12 -0.67 -8.15
C ASN A 530 46.37 -1.48 -8.46
N CYS A 531 46.57 -2.57 -7.73
CA CYS A 531 47.67 -3.48 -8.01
C CYS A 531 47.65 -4.09 -9.42
N HIS A 532 46.48 -4.39 -9.94
CA HIS A 532 46.38 -4.90 -11.28
C HIS A 532 46.87 -3.86 -12.28
N ALA A 533 46.52 -2.61 -12.04
CA ALA A 533 46.98 -1.51 -12.90
C ALA A 533 48.49 -1.38 -12.82
N LEU A 534 49.02 -1.47 -11.60
CA LEU A 534 50.46 -1.53 -11.36
C LEU A 534 51.14 -2.65 -12.16
N LYS A 535 50.58 -3.86 -12.12
CA LYS A 535 51.13 -4.98 -12.85
C LYS A 535 51.11 -4.68 -14.35
N THR A 536 49.99 -4.15 -14.86
CA THR A 536 49.77 -4.08 -16.33
C THR A 536 50.42 -2.89 -16.95
N TYR A 537 50.29 -1.73 -16.35
CA TYR A 537 50.87 -0.53 -16.93
C TYR A 537 51.52 0.43 -15.92
N GLY A 538 51.93 -0.11 -14.78
CA GLY A 538 52.77 0.66 -13.86
C GLY A 538 54.21 0.83 -14.39
N ALA A 539 54.90 1.88 -13.91
CA ALA A 539 56.30 2.16 -14.32
C ALA A 539 57.26 1.07 -13.92
N ASN A 540 56.94 0.39 -12.82
CA ASN A 540 57.75 -0.70 -12.29
C ASN A 540 57.04 -2.06 -12.45
N LYS A 541 56.35 -2.22 -13.58
CA LYS A 541 55.59 -3.44 -13.91
C LYS A 541 56.43 -4.72 -13.83
N VAL A 542 57.70 -4.59 -14.27
CA VAL A 542 58.62 -5.70 -14.48
C VAL A 542 59.03 -6.27 -13.14
N ARG A 543 59.57 -5.41 -12.27
CA ARG A 543 59.96 -5.79 -10.93
C ARG A 543 58.82 -6.42 -10.18
N LEU A 544 57.65 -5.79 -10.30
CA LEU A 544 56.44 -6.32 -9.69
C LEU A 544 56.10 -7.74 -10.20
N GLN A 545 56.21 -7.95 -11.52
CA GLN A 545 56.00 -9.28 -12.10
C GLN A 545 56.80 -10.31 -11.29
N ARG A 546 58.07 -10.00 -11.06
CA ARG A 546 59.00 -10.91 -10.34
C ARG A 546 58.54 -11.18 -8.90
N LEU A 547 58.12 -10.12 -8.22
CA LEU A 547 57.61 -10.21 -6.85
C LEU A 547 56.35 -11.04 -6.74
N LEU A 548 55.44 -10.82 -7.71
CA LEU A 548 54.19 -11.59 -7.80
C LEU A 548 54.38 -13.05 -8.17
N ALA A 549 55.34 -13.33 -9.06
CA ALA A 549 55.74 -14.71 -9.40
C ALA A 549 56.26 -15.50 -8.17
N ALA A 550 57.08 -14.80 -7.37
CA ALA A 550 57.63 -15.34 -6.15
C ALA A 550 56.57 -15.63 -5.14
N THR A 551 55.72 -14.63 -4.90
CA THR A 551 54.68 -14.73 -3.86
C THR A 551 53.55 -15.65 -4.27
N ALA A 552 53.34 -15.80 -5.57
CA ALA A 552 52.39 -16.79 -6.04
C ALA A 552 52.86 -18.21 -5.73
N ARG A 553 54.08 -18.55 -6.15
CA ARG A 553 54.65 -19.87 -5.87
C ARG A 553 54.65 -20.14 -4.35
N ARG A 554 55.00 -19.11 -3.58
CA ARG A 554 55.14 -19.24 -2.13
C ARG A 554 53.80 -19.60 -1.53
N LEU A 555 52.80 -18.73 -1.84
CA LEU A 555 51.43 -18.87 -1.37
C LEU A 555 50.88 -20.24 -1.72
N HIS A 556 51.18 -20.69 -2.93
CA HIS A 556 50.78 -22.01 -3.40
C HIS A 556 51.37 -23.13 -2.54
N GLU A 557 52.67 -23.06 -2.32
CA GLU A 557 53.38 -24.12 -1.60
C GLU A 557 53.04 -24.12 -0.14
N GLU A 558 52.65 -22.97 0.40
CA GLU A 558 52.20 -22.91 1.80
C GLU A 558 50.99 -23.79 2.06
N LYS A 559 50.12 -23.93 1.06
CA LYS A 559 48.87 -24.67 1.17
C LYS A 559 49.02 -26.16 0.94
N LEU A 560 50.22 -26.60 0.53
CA LEU A 560 50.48 -28.03 0.27
C LEU A 560 50.94 -28.83 1.49
N GLN A 561 51.70 -28.18 2.38
CA GLN A 561 52.18 -28.79 3.62
C GLN A 561 51.14 -28.71 4.73
N SER B 5 67.57 -25.14 -55.30
CA SER B 5 68.20 -23.94 -54.62
C SER B 5 69.68 -23.72 -54.92
N GLU B 6 70.43 -24.80 -55.16
CA GLU B 6 71.82 -24.73 -55.67
C GLU B 6 71.85 -24.66 -57.20
N ILE B 7 70.85 -24.02 -57.80
CA ILE B 7 70.54 -24.13 -59.23
C ILE B 7 71.67 -23.54 -60.11
N THR B 8 71.89 -24.17 -61.25
CA THR B 8 73.04 -23.86 -62.10
C THR B 8 72.71 -22.77 -63.14
N ARG B 9 73.57 -21.76 -63.25
CA ARG B 9 73.37 -20.64 -64.21
C ARG B 9 73.36 -21.12 -65.65
N ALA B 10 74.21 -22.09 -65.95
CA ALA B 10 74.20 -22.76 -67.25
C ALA B 10 73.04 -23.74 -67.36
N GLY B 11 72.61 -24.30 -66.23
CA GLY B 11 71.42 -25.13 -66.17
C GLY B 11 70.15 -24.37 -66.52
N ILE B 12 70.07 -23.13 -66.06
CA ILE B 12 68.98 -22.23 -66.40
C ILE B 12 68.97 -21.89 -67.88
N LEU B 13 70.12 -21.56 -68.43
CA LEU B 13 70.22 -21.26 -69.85
C LEU B 13 69.70 -22.42 -70.71
N GLN B 14 70.02 -23.65 -70.32
CA GLN B 14 69.56 -24.86 -71.01
C GLN B 14 68.02 -24.97 -70.92
N ALA B 15 67.49 -24.63 -69.75
CA ALA B 15 66.03 -24.56 -69.49
C ALA B 15 65.31 -23.52 -70.31
N ILE B 16 65.92 -22.34 -70.44
CA ILE B 16 65.42 -21.28 -71.32
C ILE B 16 65.44 -21.73 -72.78
N ALA B 17 66.54 -22.32 -73.19
CA ALA B 17 66.66 -22.78 -74.55
C ALA B 17 65.55 -23.76 -74.89
N GLU B 18 65.20 -24.64 -73.95
CA GLU B 18 64.16 -25.64 -74.21
C GLU B 18 62.78 -25.03 -74.25
N HIS B 19 62.56 -24.03 -73.42
CA HIS B 19 61.34 -23.21 -73.51
C HIS B 19 61.16 -22.59 -74.90
N ASP B 20 62.25 -22.12 -75.49
CA ASP B 20 62.23 -21.57 -76.83
C ASP B 20 61.97 -22.68 -77.85
N ARG B 21 62.63 -23.82 -77.65
CA ARG B 21 62.60 -24.93 -78.58
C ARG B 21 61.20 -25.50 -78.72
N ILE B 22 60.49 -25.66 -77.60
CA ILE B 22 59.18 -26.31 -77.63
C ILE B 22 58.01 -25.31 -77.69
N GLY B 23 58.06 -24.26 -76.87
CA GLY B 23 56.97 -23.28 -76.77
C GLY B 23 56.31 -23.23 -75.39
N PRO B 24 55.68 -22.07 -75.03
CA PRO B 24 55.10 -21.86 -73.68
C PRO B 24 53.99 -22.85 -73.24
N GLU B 25 53.22 -23.33 -74.22
CA GLU B 25 52.10 -24.25 -73.98
C GLU B 25 52.53 -25.64 -73.49
N ALA B 26 53.39 -26.30 -74.27
CA ALA B 26 53.91 -27.64 -73.95
C ALA B 26 54.95 -27.64 -72.79
N PHE B 27 55.54 -26.48 -72.53
CA PHE B 27 56.34 -26.24 -71.33
C PHE B 27 55.42 -26.16 -70.09
N ARG B 28 54.27 -25.49 -70.25
CA ARG B 28 53.24 -25.41 -69.20
C ARG B 28 52.66 -26.80 -68.97
N ALA B 29 52.68 -27.65 -70.00
CA ALA B 29 52.25 -29.07 -69.88
C ALA B 29 53.11 -29.89 -68.92
N THR B 30 54.43 -29.79 -69.04
CA THR B 30 55.40 -30.65 -68.32
C THR B 30 55.86 -30.10 -66.95
N HIS B 34 52.64 -24.67 -64.56
CA HIS B 34 51.19 -24.78 -64.81
C HIS B 34 50.27 -23.86 -63.97
N ALA B 35 50.71 -22.66 -63.57
CA ALA B 35 49.89 -21.67 -62.83
C ALA B 35 50.12 -20.27 -63.39
N ALA B 36 49.22 -19.34 -63.09
CA ALA B 36 49.41 -17.91 -63.42
C ALA B 36 50.66 -17.38 -62.70
N THR B 37 51.40 -16.49 -63.35
CA THR B 37 52.74 -16.08 -62.88
C THR B 37 52.72 -14.68 -62.27
N SER B 38 53.42 -14.53 -61.14
CA SER B 38 53.65 -13.23 -60.50
C SER B 38 55.04 -12.64 -60.74
N TYR B 39 56.01 -13.45 -61.17
CA TYR B 39 57.32 -12.89 -61.55
C TYR B 39 57.87 -13.54 -62.80
N PHE B 40 58.37 -12.73 -63.71
CA PHE B 40 58.95 -13.23 -64.93
C PHE B 40 60.46 -13.11 -64.82
N LEU B 41 61.13 -13.78 -65.75
CA LEU B 41 62.57 -13.73 -65.92
C LEU B 41 62.88 -13.23 -67.33
N GLU B 42 63.68 -12.17 -67.44
CA GLU B 42 63.96 -11.56 -68.74
C GLU B 42 65.29 -12.08 -69.21
N HIS B 43 65.30 -12.57 -70.43
CA HIS B 43 66.50 -12.99 -71.11
C HIS B 43 66.40 -12.71 -72.62
N GLU B 44 67.26 -11.81 -73.10
CA GLU B 44 67.33 -11.46 -74.52
C GLU B 44 65.95 -11.08 -75.08
N GLY B 45 65.24 -10.28 -74.28
CA GLY B 45 63.98 -9.66 -74.67
C GLY B 45 62.74 -10.45 -74.29
N ARG B 46 62.96 -11.74 -74.01
CA ARG B 46 61.90 -12.71 -73.93
C ARG B 46 61.59 -12.89 -72.45
N LEU B 47 60.32 -13.04 -72.13
CA LEU B 47 59.90 -13.31 -70.77
C LEU B 47 59.66 -14.80 -70.54
N TYR B 48 60.03 -15.25 -69.35
CA TYR B 48 59.92 -16.68 -68.97
C TYR B 48 59.41 -16.80 -67.53
N ASP B 49 58.44 -17.70 -67.30
CA ASP B 49 57.83 -17.90 -65.96
C ASP B 49 58.95 -18.26 -64.98
N SER B 50 59.19 -17.36 -64.02
CA SER B 50 60.28 -17.46 -63.04
C SER B 50 60.38 -18.80 -62.29
N LYS B 51 59.27 -19.19 -61.64
CA LYS B 51 59.19 -20.48 -60.87
C LYS B 51 59.45 -21.67 -61.79
N ALA B 52 58.78 -21.68 -62.95
CA ALA B 52 58.89 -22.77 -63.91
C ALA B 52 60.31 -22.97 -64.41
N ILE B 53 60.98 -21.89 -64.79
CA ILE B 53 62.38 -21.95 -65.26
C ILE B 53 63.31 -22.46 -64.18
N ALA B 54 63.12 -21.98 -62.96
CA ALA B 54 63.91 -22.44 -61.83
C ALA B 54 63.76 -23.93 -61.59
N GLY B 55 62.52 -24.43 -61.74
CA GLY B 55 62.17 -25.85 -61.64
C GLY B 55 62.78 -26.78 -62.70
N VAL B 56 62.68 -26.40 -63.95
CA VAL B 56 63.32 -27.15 -65.02
C VAL B 56 64.87 -27.12 -64.94
N ALA B 57 65.44 -26.02 -64.47
CA ALA B 57 66.90 -25.91 -64.31
C ALA B 57 67.43 -26.94 -63.29
N HIS B 58 66.60 -27.31 -62.31
CA HIS B 58 66.91 -28.41 -61.38
C HIS B 58 67.09 -29.71 -62.13
N MET B 59 66.48 -29.81 -63.32
CA MET B 59 66.63 -30.93 -64.24
C MET B 59 67.88 -30.73 -65.09
N TYR B 60 68.83 -29.91 -64.66
CA TYR B 60 70.15 -29.84 -65.28
C TYR B 60 71.15 -29.54 -64.14
N ASP B 61 71.32 -30.54 -63.27
CA ASP B 61 72.23 -30.44 -62.12
C ASP B 61 73.40 -31.39 -62.25
N HIS B 79 61.75 -18.69 -52.93
CA HIS B 79 62.88 -17.83 -53.31
C HIS B 79 63.53 -18.27 -54.64
N ALA B 80 62.74 -18.87 -55.53
CA ALA B 80 63.22 -19.19 -56.88
C ALA B 80 63.81 -17.94 -57.53
N VAL B 81 63.09 -16.81 -57.42
CA VAL B 81 63.61 -15.48 -57.91
C VAL B 81 65.01 -15.12 -57.33
N ALA B 82 65.21 -15.33 -56.02
CA ALA B 82 66.49 -15.03 -55.42
C ALA B 82 67.60 -15.82 -56.11
N TRP B 83 67.31 -17.10 -56.39
CA TRP B 83 68.30 -18.02 -56.99
C TRP B 83 68.64 -17.56 -58.41
N LEU B 84 67.60 -17.22 -59.17
CA LEU B 84 67.76 -16.75 -60.55
C LEU B 84 68.53 -15.46 -60.59
N ARG B 85 68.17 -14.54 -59.72
CA ARG B 85 68.91 -13.29 -59.57
C ARG B 85 70.40 -13.56 -59.19
N ARG B 86 70.62 -14.49 -58.26
CA ARG B 86 71.98 -14.87 -57.82
C ARG B 86 72.81 -15.23 -59.03
N GLU B 87 72.21 -15.92 -59.99
CA GLU B 87 72.93 -16.42 -61.15
C GLU B 87 72.99 -15.43 -62.31
N GLY B 88 72.59 -14.19 -62.06
CA GLY B 88 72.84 -13.07 -62.99
C GLY B 88 71.77 -12.77 -64.01
N PHE B 89 70.51 -13.01 -63.65
CA PHE B 89 69.36 -12.77 -64.57
C PHE B 89 68.49 -11.67 -64.03
N THR B 90 68.06 -10.77 -64.90
CA THR B 90 67.20 -9.64 -64.50
C THR B 90 65.76 -10.14 -64.41
N ILE B 91 65.15 -9.88 -63.25
CA ILE B 91 63.82 -10.37 -62.93
C ILE B 91 62.80 -9.24 -62.97
N ARG B 92 61.69 -9.53 -63.64
CA ARG B 92 60.66 -8.56 -63.94
C ARG B 92 59.34 -8.96 -63.25
N GLU B 93 58.57 -7.99 -62.77
CA GLU B 93 57.29 -8.28 -62.10
C GLU B 93 56.28 -8.57 -63.15
N ALA B 94 55.16 -9.13 -62.72
CA ALA B 94 54.01 -9.37 -63.61
C ALA B 94 53.31 -8.05 -63.80
N PRO B 95 52.55 -7.92 -64.89
CA PRO B 95 51.90 -6.66 -65.13
C PRO B 95 50.90 -6.33 -63.99
N LYS B 96 50.84 -5.03 -63.63
CA LYS B 96 50.01 -4.51 -62.53
C LYS B 96 48.57 -5.00 -62.76
N THR B 97 48.02 -5.59 -61.72
CA THR B 97 46.66 -6.09 -61.75
C THR B 97 45.65 -5.00 -62.17
N PHE B 98 44.58 -5.42 -62.87
CA PHE B 98 43.49 -4.52 -63.34
C PHE B 98 42.88 -3.70 -62.24
N HIS B 99 42.72 -4.32 -61.08
CA HIS B 99 42.26 -3.66 -59.86
C HIS B 99 43.16 -2.47 -59.50
N ARG B 100 44.47 -2.68 -59.54
CA ARG B 100 45.47 -1.67 -59.16
C ARG B 100 45.45 -0.54 -60.14
N ARG B 101 45.39 -0.87 -61.41
CA ARG B 101 45.49 0.15 -62.46
C ARG B 101 44.23 1.04 -62.53
N VAL B 102 43.06 0.44 -62.37
CA VAL B 102 41.84 1.22 -62.24
C VAL B 102 41.89 2.05 -60.95
N GLY B 103 42.62 1.55 -59.96
CA GLY B 103 42.83 2.28 -58.71
C GLY B 103 43.86 3.39 -58.78
N ASP B 104 44.71 3.35 -59.78
CA ASP B 104 45.70 4.43 -60.02
C ASP B 104 45.11 5.62 -60.74
N VAL B 105 43.91 5.45 -61.30
CA VAL B 105 43.20 6.53 -61.94
C VAL B 105 42.72 7.53 -60.85
N ARG B 106 43.56 8.55 -60.64
CA ARG B 106 43.29 9.59 -59.64
C ARG B 106 43.42 11.02 -60.19
N PRO B 107 42.72 11.99 -59.57
CA PRO B 107 42.82 13.40 -60.01
C PRO B 107 44.16 14.05 -59.76
N ALA B 108 44.40 15.17 -60.46
CA ALA B 108 45.41 16.19 -60.07
C ALA B 108 44.76 17.34 -59.27
N ALA B 115 37.77 15.85 -62.56
CA ALA B 115 38.49 14.83 -63.34
C ALA B 115 37.68 13.54 -63.53
N LEU B 116 36.41 13.73 -63.93
CA LEU B 116 35.45 12.63 -64.12
C LEU B 116 35.46 11.99 -65.52
N HIS B 117 36.33 12.47 -66.40
CA HIS B 117 36.34 12.00 -67.78
C HIS B 117 36.73 10.51 -67.78
N ARG B 118 37.92 10.25 -67.25
CA ARG B 118 38.51 8.92 -67.25
C ARG B 118 37.61 7.87 -66.60
N PRO B 119 37.06 8.17 -65.41
CA PRO B 119 36.19 7.18 -64.77
C PRO B 119 34.86 7.00 -65.46
N VAL B 120 34.35 8.04 -66.11
CA VAL B 120 33.13 7.89 -66.88
C VAL B 120 33.33 6.88 -68.02
N LEU B 121 34.42 7.07 -68.76
CA LEU B 121 34.73 6.18 -69.90
C LEU B 121 34.91 4.77 -69.38
N LEU B 122 35.68 4.65 -68.30
CA LEU B 122 35.98 3.34 -67.67
C LEU B 122 34.74 2.61 -67.24
N LEU B 123 33.86 3.34 -66.59
CA LEU B 123 32.60 2.79 -66.13
C LEU B 123 31.70 2.32 -67.27
N TRP B 124 31.66 3.10 -68.37
CA TRP B 124 30.93 2.71 -69.62
C TRP B 124 31.50 1.45 -70.19
N ALA B 125 32.82 1.35 -70.17
CA ALA B 125 33.52 0.21 -70.74
C ALA B 125 33.21 -1.09 -70.02
N ILE B 126 33.10 -0.98 -68.70
CA ILE B 126 32.79 -2.10 -67.83
C ILE B 126 31.36 -2.53 -68.10
N GLY B 127 30.46 -1.56 -68.14
CA GLY B 127 29.06 -1.84 -68.48
C GLY B 127 28.90 -2.59 -69.82
N GLN B 128 29.72 -2.17 -70.79
CA GLN B 128 29.75 -2.74 -72.13
C GLN B 128 30.22 -4.16 -72.06
N ALA B 129 31.37 -4.37 -71.41
CA ALA B 129 31.96 -5.69 -71.28
C ALA B 129 31.02 -6.70 -70.59
N VAL B 130 30.26 -6.19 -69.61
CA VAL B 130 29.35 -6.98 -68.80
C VAL B 130 28.17 -7.41 -69.66
N ALA B 131 27.76 -6.52 -70.57
CA ALA B 131 26.65 -6.78 -71.53
C ALA B 131 27.07 -7.50 -72.81
N ARG B 132 28.26 -8.11 -72.79
CA ARG B 132 28.82 -8.89 -73.90
C ARG B 132 28.97 -8.13 -75.21
N ALA B 133 29.29 -6.84 -75.11
CA ALA B 133 29.56 -6.02 -76.29
C ALA B 133 30.93 -6.39 -76.80
N PRO B 134 31.23 -6.04 -78.07
CA PRO B 134 32.59 -6.33 -78.57
C PRO B 134 33.67 -5.51 -77.83
N ARG B 135 34.85 -6.10 -77.74
CA ARG B 135 36.00 -5.58 -76.97
C ARG B 135 36.44 -4.24 -77.52
N LEU B 136 36.72 -4.23 -78.83
CA LEU B 136 37.12 -3.03 -79.55
C LEU B 136 35.87 -2.49 -80.20
N GLN B 137 35.68 -1.20 -80.08
CA GLN B 137 34.59 -0.54 -80.76
C GLN B 137 35.12 0.71 -81.49
N PRO B 138 34.49 1.06 -82.62
CA PRO B 138 34.88 2.29 -83.28
C PRO B 138 34.65 3.53 -82.41
N TRP B 139 35.52 4.52 -82.59
CA TRP B 139 35.36 5.83 -81.96
C TRP B 139 33.97 6.44 -82.19
N SER B 140 33.44 6.31 -83.41
CA SER B 140 32.19 6.95 -83.80
C SER B 140 31.04 6.63 -82.86
N THR B 141 30.89 5.34 -82.57
CA THR B 141 29.81 4.85 -81.68
C THR B 141 30.07 5.18 -80.20
N THR B 142 31.31 4.97 -79.75
CA THR B 142 31.72 5.27 -78.39
C THR B 142 31.42 6.74 -78.07
N ARG B 143 31.73 7.60 -79.04
CA ARG B 143 31.57 9.05 -78.89
C ARG B 143 30.15 9.40 -78.50
N ASP B 144 29.21 9.11 -79.38
CA ASP B 144 27.80 9.53 -79.20
C ASP B 144 27.00 8.59 -78.26
N ALA B 145 27.64 7.50 -77.80
CA ALA B 145 27.10 6.67 -76.72
C ALA B 145 27.47 7.23 -75.33
N VAL B 146 28.71 7.71 -75.20
CA VAL B 146 29.31 8.18 -73.94
C VAL B 146 29.14 9.68 -73.71
N ALA B 147 29.10 10.46 -74.78
CA ALA B 147 28.94 11.93 -74.67
C ALA B 147 27.74 12.43 -73.84
N PRO B 148 26.54 11.81 -73.99
CA PRO B 148 25.45 12.12 -73.03
C PRO B 148 25.80 11.88 -71.54
N LEU B 149 26.41 10.71 -71.26
CA LEU B 149 26.87 10.32 -69.92
C LEU B 149 27.90 11.32 -69.42
N MET B 150 28.78 11.72 -70.32
CA MET B 150 29.80 12.71 -70.03
C MET B 150 29.18 14.08 -69.65
N GLU B 151 28.09 14.45 -70.32
CA GLU B 151 27.38 15.69 -70.02
C GLU B 151 26.60 15.63 -68.71
N LYS B 152 25.90 14.51 -68.48
CA LYS B 152 25.03 14.34 -67.31
C LYS B 152 25.77 14.04 -66.01
N TYR B 153 26.80 13.21 -66.09
CA TYR B 153 27.51 12.76 -64.91
C TYR B 153 28.89 13.37 -64.74
N GLY B 154 29.52 13.76 -65.83
CA GLY B 154 30.85 14.35 -65.76
C GLY B 154 30.83 15.86 -65.73
N GLN B 155 29.64 16.45 -65.60
CA GLN B 155 29.47 17.90 -65.54
C GLN B 155 30.42 18.67 -66.47
N VAL B 156 30.53 18.20 -67.71
CA VAL B 156 31.28 18.90 -68.74
C VAL B 156 30.27 19.43 -69.75
N GLU B 157 30.58 20.56 -70.37
CA GLU B 157 29.64 21.23 -71.28
C GLU B 157 29.49 20.46 -72.59
N ASP B 158 30.59 20.36 -73.33
CA ASP B 158 30.60 19.67 -74.63
C ASP B 158 31.01 18.21 -74.41
N GLY B 159 30.02 17.31 -74.34
CA GLY B 159 30.28 15.89 -74.06
C GLY B 159 30.98 15.18 -75.20
N VAL B 160 30.65 15.57 -76.42
CA VAL B 160 31.31 15.06 -77.62
C VAL B 160 32.83 15.29 -77.52
N ASP B 161 33.19 16.51 -77.13
CA ASP B 161 34.59 16.89 -76.92
C ASP B 161 35.16 16.23 -75.66
N GLY B 162 34.31 16.10 -74.64
CA GLY B 162 34.69 15.48 -73.36
C GLY B 162 35.14 14.02 -73.44
N VAL B 163 34.71 13.32 -74.48
CA VAL B 163 35.11 11.93 -74.67
C VAL B 163 36.51 11.86 -75.28
N ARG B 164 36.91 12.87 -76.04
CA ARG B 164 38.19 12.86 -76.77
C ARG B 164 39.38 12.71 -75.81
N TYR B 165 39.33 13.39 -74.67
CA TYR B 165 40.46 13.38 -73.72
C TYR B 165 40.75 11.98 -73.15
N PRO B 166 39.77 11.35 -72.49
CA PRO B 166 40.03 10.03 -71.93
C PRO B 166 40.16 8.92 -72.98
N PHE B 167 39.61 9.13 -74.18
CA PHE B 167 39.75 8.13 -75.24
C PHE B 167 41.21 7.87 -75.60
N TRP B 168 42.05 8.86 -75.37
CA TRP B 168 43.47 8.78 -75.67
C TRP B 168 44.33 8.72 -74.39
N ALA B 169 43.97 9.52 -73.40
CA ALA B 169 44.72 9.60 -72.13
C ALA B 169 44.70 8.32 -71.30
N LEU B 170 43.66 7.52 -71.53
CA LEU B 170 43.47 6.29 -70.80
C LEU B 170 44.44 5.19 -71.28
N VAL B 171 45.06 5.40 -72.43
CA VAL B 171 45.98 4.43 -72.99
C VAL B 171 47.23 4.41 -72.14
N ARG B 172 47.67 5.60 -71.70
CA ARG B 172 48.90 5.69 -70.91
C ARG B 172 48.63 5.46 -69.43
N ASP B 173 47.37 5.18 -69.09
CA ASP B 173 47.02 4.61 -67.80
C ASP B 173 46.92 3.07 -67.86
N ASP B 174 47.38 2.46 -68.96
CA ASP B 174 47.35 1.01 -69.16
C ASP B 174 45.99 0.43 -69.00
N LEU B 175 44.96 1.16 -69.45
CA LEU B 175 43.59 0.65 -69.42
C LEU B 175 42.86 0.66 -70.73
N TRP B 176 43.49 1.22 -71.76
CA TRP B 176 42.83 1.45 -73.04
C TRP B 176 43.77 1.11 -74.19
N CYS B 177 43.18 0.83 -75.35
CA CYS B 177 43.87 0.49 -76.63
C CYS B 177 43.20 1.15 -77.84
N VAL B 178 44.00 1.72 -78.75
CA VAL B 178 43.46 2.34 -79.97
C VAL B 178 44.08 1.66 -81.20
N GLU B 179 43.25 1.27 -82.16
CA GLU B 179 43.71 0.34 -83.25
C GLU B 179 44.73 0.94 -84.25
N GLN B 180 44.43 2.13 -84.75
CA GLN B 180 45.24 2.79 -85.78
C GLN B 180 45.80 4.08 -85.25
N ALA B 181 46.78 3.97 -84.36
CA ALA B 181 47.27 5.15 -83.67
C ALA B 181 48.05 6.06 -84.61
N GLU B 182 48.94 5.47 -85.39
CA GLU B 182 49.81 6.21 -86.28
C GLU B 182 49.05 7.09 -87.29
N GLU B 183 47.88 6.66 -87.75
CA GLU B 183 47.08 7.48 -88.68
C GLU B 183 46.49 8.76 -88.07
N LEU B 184 46.41 8.85 -86.74
CA LEU B 184 45.77 9.99 -86.07
C LEU B 184 46.70 11.18 -85.99
N THR B 185 46.13 12.37 -86.18
CA THR B 185 46.87 13.62 -86.14
C THR B 185 46.69 14.19 -84.75
N LEU B 186 47.80 14.29 -84.01
CA LEU B 186 47.79 14.74 -82.62
C LEU B 186 47.82 16.26 -82.52
N THR B 187 47.34 16.76 -81.38
CA THR B 187 47.22 18.19 -81.20
C THR B 187 48.63 18.77 -81.09
N SER B 188 48.75 20.02 -81.52
CA SER B 188 49.96 20.81 -81.34
C SER B 188 50.21 21.21 -79.85
N ARG B 189 49.18 21.10 -79.00
CA ARG B 189 49.17 21.49 -77.58
C ARG B 189 50.26 20.83 -76.73
N GLY B 190 50.35 19.50 -76.69
CA GLY B 190 49.46 18.55 -77.36
C GLY B 190 48.80 17.72 -76.29
N ARG B 191 48.87 16.39 -76.36
CA ARG B 191 49.19 15.60 -77.56
C ARG B 191 48.04 14.60 -77.78
N ARG B 192 46.82 15.10 -77.56
CA ARG B 192 45.55 14.37 -77.72
C ARG B 192 45.34 14.36 -79.25
N PRO B 193 44.53 13.43 -79.80
CA PRO B 193 44.12 13.58 -81.20
C PRO B 193 43.03 14.66 -81.48
N THR B 194 43.06 15.21 -82.69
CA THR B 194 42.07 16.20 -83.16
C THR B 194 40.70 15.53 -83.34
N LEU B 195 39.63 16.30 -83.13
CA LEU B 195 38.26 15.81 -83.39
C LEU B 195 38.11 15.40 -84.86
N GLU B 196 38.70 16.20 -85.76
CA GLU B 196 38.74 15.93 -87.21
C GLU B 196 39.43 14.62 -87.55
N SER B 197 40.58 14.37 -86.93
CA SER B 197 41.35 13.17 -87.20
C SER B 197 40.70 11.92 -86.63
N LEU B 198 40.01 12.06 -85.50
CA LEU B 198 39.23 10.97 -84.91
C LEU B 198 38.00 10.63 -85.74
N ASN B 199 37.26 11.64 -86.20
CA ASN B 199 36.06 11.41 -87.01
C ASN B 199 36.41 10.79 -88.37
N ALA B 200 37.51 11.25 -88.95
CA ALA B 200 38.01 10.77 -90.25
C ALA B 200 38.47 9.30 -90.23
N VAL B 201 39.43 8.98 -89.37
CA VAL B 201 39.83 7.60 -89.12
C VAL B 201 38.77 7.26 -88.10
N ASP B 202 38.06 6.14 -88.19
CA ASP B 202 37.14 5.78 -87.10
C ASP B 202 37.80 4.67 -86.31
N PRO B 203 38.89 4.99 -85.58
CA PRO B 203 39.70 3.88 -85.10
C PRO B 203 38.97 3.05 -84.05
N SER B 204 39.11 1.74 -84.15
CA SER B 204 38.51 0.82 -83.20
C SER B 204 39.35 0.82 -81.93
N ALA B 205 38.80 1.38 -80.86
CA ALA B 205 39.49 1.41 -79.56
C ALA B 205 38.66 0.70 -78.52
N GLY B 206 39.34 0.30 -77.45
CA GLY B 206 38.64 -0.39 -76.39
C GLY B 206 39.49 -0.71 -75.19
N LEU B 207 39.02 -1.70 -74.43
CA LEU B 207 39.73 -2.18 -73.26
C LEU B 207 40.90 -3.08 -73.63
N ARG B 208 41.73 -3.41 -72.65
CA ARG B 208 42.82 -4.34 -72.88
C ARG B 208 42.27 -5.75 -73.05
N GLU B 209 43.07 -6.63 -73.65
CA GLU B 209 42.71 -8.04 -73.91
C GLU B 209 42.32 -8.78 -72.64
N ASP B 210 43.32 -9.00 -71.81
CA ASP B 210 43.21 -9.72 -70.55
C ASP B 210 42.15 -9.12 -69.63
N ASP B 211 42.02 -7.79 -69.65
CA ASP B 211 41.03 -7.10 -68.84
C ASP B 211 39.65 -7.44 -69.31
N TYR B 212 39.40 -7.38 -70.61
CA TYR B 212 38.07 -7.66 -71.16
C TYR B 212 37.68 -9.10 -70.82
N ASN B 213 38.65 -10.01 -70.91
CA ASN B 213 38.37 -11.43 -70.70
C ASN B 213 38.08 -11.67 -69.25
N LEU B 214 38.81 -10.96 -68.39
CA LEU B 214 38.59 -11.01 -66.94
C LEU B 214 37.18 -10.56 -66.59
N LEU B 215 36.78 -9.42 -67.15
CA LEU B 215 35.41 -8.87 -66.92
C LEU B 215 34.29 -9.77 -67.43
N ARG B 216 34.47 -10.33 -68.63
CA ARG B 216 33.49 -11.26 -69.20
C ARG B 216 33.39 -12.54 -68.38
N SER B 217 34.52 -13.02 -67.85
CA SER B 217 34.59 -14.32 -67.17
C SER B 217 34.22 -14.23 -65.70
N GLN B 218 34.75 -13.22 -65.00
CA GLN B 218 34.57 -13.06 -63.52
C GLN B 218 33.82 -11.77 -63.17
N PRO B 219 32.52 -11.88 -62.85
CA PRO B 219 31.68 -10.68 -62.68
C PRO B 219 31.93 -9.93 -61.39
N GLU B 220 32.49 -10.62 -60.39
CA GLU B 220 33.11 -9.98 -59.21
C GLU B 220 34.04 -8.84 -59.52
N ALA B 221 34.91 -9.06 -60.50
CA ALA B 221 36.00 -8.15 -60.78
C ALA B 221 35.41 -6.88 -61.35
N ALA B 222 34.40 -7.06 -62.20
CA ALA B 222 33.64 -5.97 -62.82
C ALA B 222 32.96 -5.16 -61.76
N ALA B 223 32.24 -5.87 -60.90
CA ALA B 223 31.54 -5.25 -59.76
C ALA B 223 32.49 -4.52 -58.80
N SER B 224 33.64 -5.13 -58.55
CA SER B 224 34.66 -4.52 -57.70
C SER B 224 35.21 -3.24 -58.31
N ALA B 225 35.59 -3.31 -59.59
CA ALA B 225 36.19 -2.18 -60.28
C ALA B 225 35.22 -1.03 -60.30
N ALA B 226 33.99 -1.36 -60.69
CA ALA B 226 32.95 -0.35 -60.81
C ALA B 226 32.66 0.26 -59.47
N ALA B 227 32.60 -0.58 -58.45
CA ALA B 227 32.39 -0.10 -57.09
C ALA B 227 33.51 0.82 -56.61
N GLY B 228 34.74 0.51 -57.00
CA GLY B 228 35.88 1.37 -56.67
C GLY B 228 35.72 2.76 -57.28
N LEU B 229 35.43 2.78 -58.58
CA LEU B 229 35.25 4.05 -59.30
C LEU B 229 34.10 4.84 -58.69
N ILE B 230 33.02 4.16 -58.33
CA ILE B 230 31.83 4.81 -57.77
C ILE B 230 32.13 5.27 -56.36
N ALA B 231 32.96 4.55 -55.64
CA ALA B 231 33.27 4.93 -54.27
C ALA B 231 34.06 6.24 -54.22
N ARG B 232 35.01 6.42 -55.15
CA ARG B 232 35.87 7.62 -55.12
C ARG B 232 35.24 8.81 -55.83
N TYR B 233 34.79 8.59 -57.07
CA TYR B 233 33.98 9.55 -57.86
C TYR B 233 32.54 9.04 -57.76
N PHE B 234 31.54 9.91 -57.75
CA PHE B 234 30.10 9.47 -57.58
C PHE B 234 29.67 8.73 -56.26
N HIS B 235 30.32 9.00 -55.13
CA HIS B 235 29.94 8.36 -53.83
C HIS B 235 28.53 8.65 -53.39
N LEU B 236 28.02 9.80 -53.79
CA LEU B 236 26.61 10.08 -53.62
C LEU B 236 25.65 9.34 -54.53
N LEU B 237 26.15 8.64 -55.54
CA LEU B 237 25.35 7.77 -56.41
C LEU B 237 23.98 8.33 -56.85
N PRO B 238 23.98 9.28 -57.80
CA PRO B 238 22.70 9.82 -58.25
C PRO B 238 21.84 8.76 -58.93
N ALA B 239 20.54 8.99 -58.96
CA ALA B 239 19.65 8.01 -59.54
C ALA B 239 19.63 7.99 -61.10
N GLY B 240 19.26 6.82 -61.65
CA GLY B 240 19.89 6.40 -62.97
C GLY B 240 21.31 6.36 -63.38
N LEU B 241 22.24 6.21 -62.45
CA LEU B 241 23.62 6.03 -62.86
C LEU B 241 23.83 4.60 -63.30
N LEU B 242 23.32 3.64 -62.54
CA LEU B 242 23.71 2.27 -62.79
C LEU B 242 23.21 1.77 -64.13
N GLU B 243 21.98 2.11 -64.48
CA GLU B 243 21.58 2.24 -65.89
C GLU B 243 20.98 3.59 -65.79
N ASP B 244 21.49 4.64 -66.40
CA ASP B 244 22.29 4.79 -67.65
C ASP B 244 23.55 4.01 -68.03
N PHE B 245 24.50 3.83 -67.13
CA PHE B 245 25.65 2.97 -67.45
C PHE B 245 25.15 1.53 -67.63
N GLY B 246 26.04 0.59 -67.86
CA GLY B 246 25.56 -0.78 -68.06
C GLY B 246 25.36 -1.61 -66.81
N LEU B 247 25.22 -0.95 -65.65
CA LEU B 247 25.58 -1.55 -64.34
C LEU B 247 24.46 -1.80 -63.33
N HIS B 248 23.20 -1.59 -63.73
CA HIS B 248 22.06 -1.82 -62.84
C HIS B 248 21.89 -3.27 -62.42
N GLU B 249 21.78 -4.16 -63.39
CA GLU B 249 21.67 -5.57 -63.07
C GLU B 249 22.84 -6.08 -62.20
N LEU B 250 24.02 -5.50 -62.38
CA LEU B 250 25.25 -5.93 -61.71
C LEU B 250 25.36 -5.40 -60.29
N LEU B 251 24.96 -4.15 -60.09
CA LEU B 251 25.21 -3.40 -58.83
C LEU B 251 24.00 -2.79 -58.09
N ALA B 252 22.79 -2.98 -58.63
CA ALA B 252 21.60 -2.25 -58.14
C ALA B 252 21.36 -2.50 -56.68
N GLY B 253 21.52 -3.74 -56.29
CA GLY B 253 21.29 -4.16 -54.93
C GLY B 253 22.12 -3.43 -53.92
N ARG B 254 23.42 -3.60 -54.01
CA ARG B 254 24.30 -2.65 -53.36
C ARG B 254 25.67 -2.66 -53.99
N TRP B 255 26.09 -1.48 -54.40
CA TRP B 255 27.27 -1.30 -55.19
C TRP B 255 28.55 -1.62 -54.45
N PRO B 256 28.65 -1.24 -53.17
CA PRO B 256 29.94 -1.49 -52.56
C PRO B 256 30.12 -2.86 -52.01
N ASP B 257 29.14 -3.75 -52.17
CA ASP B 257 29.26 -5.12 -51.66
C ASP B 257 30.47 -5.90 -52.19
N ALA B 258 30.84 -5.63 -53.43
CA ALA B 258 31.95 -6.30 -54.09
C ALA B 258 33.32 -5.83 -53.61
N LEU B 259 33.38 -4.76 -52.83
CA LEU B 259 34.64 -4.20 -52.38
C LEU B 259 35.33 -5.12 -51.38
N ARG B 260 36.65 -5.20 -51.43
CA ARG B 260 37.43 -5.91 -50.43
C ARG B 260 38.52 -4.99 -49.87
N PRO B 261 38.96 -5.22 -48.64
CA PRO B 261 38.68 -6.37 -47.80
C PRO B 261 37.31 -6.34 -47.23
N LEU B 262 36.87 -7.49 -46.74
CA LEU B 262 35.67 -7.60 -45.94
C LEU B 262 35.94 -7.03 -44.56
N LEU B 263 34.84 -6.62 -43.91
CA LEU B 263 34.91 -6.16 -42.53
C LEU B 263 35.27 -7.34 -41.66
N GLY B 264 36.40 -7.21 -40.99
CA GLY B 264 36.87 -8.18 -40.00
C GLY B 264 38.04 -8.98 -40.46
N GLU B 265 38.53 -8.72 -41.67
CA GLU B 265 39.72 -9.45 -42.16
C GLU B 265 40.90 -9.09 -41.27
N THR B 266 41.62 -10.10 -40.79
CA THR B 266 42.70 -9.90 -39.85
C THR B 266 44.09 -10.20 -40.43
N PHE B 267 45.06 -9.36 -40.04
CA PHE B 267 46.44 -9.43 -40.53
C PHE B 267 47.42 -9.22 -39.40
N LYS B 268 48.55 -9.92 -39.44
CA LYS B 268 49.55 -9.83 -38.39
C LYS B 268 50.30 -8.52 -38.49
N ASP B 269 50.99 -8.33 -39.60
CA ASP B 269 51.84 -7.16 -39.84
C ASP B 269 51.03 -6.16 -40.59
N ARG B 270 51.62 -4.99 -40.71
CA ARG B 270 51.19 -3.96 -41.66
C ARG B 270 51.60 -4.32 -43.09
N ASP B 271 52.75 -4.98 -43.18
CA ASP B 271 53.27 -5.60 -44.40
C ASP B 271 52.29 -6.65 -44.99
N ALA B 272 51.62 -7.39 -44.12
CA ALA B 272 50.67 -8.42 -44.54
C ALA B 272 49.48 -7.81 -45.23
N ILE B 273 49.05 -6.67 -44.69
CA ILE B 273 47.98 -5.84 -45.27
C ILE B 273 48.41 -5.33 -46.63
N TRP B 274 49.65 -4.85 -46.70
CA TRP B 274 50.20 -4.28 -47.93
C TRP B 274 50.33 -5.30 -49.03
N ARG B 275 50.74 -6.52 -48.67
CA ARG B 275 50.80 -7.63 -49.60
C ARG B 275 49.45 -7.95 -50.23
N ALA B 276 48.41 -7.85 -49.42
CA ALA B 276 47.08 -8.23 -49.84
C ALA B 276 46.31 -7.13 -50.54
N TYR B 277 46.53 -5.86 -50.15
CA TYR B 277 45.74 -4.73 -50.69
C TYR B 277 46.52 -3.48 -51.10
N GLY B 278 47.84 -3.51 -50.97
CA GLY B 278 48.68 -2.47 -51.53
C GLY B 278 48.77 -1.28 -50.61
N GLY B 279 48.96 -0.10 -51.22
CA GLY B 279 49.17 1.17 -50.49
C GLY B 279 50.62 1.31 -50.07
N GLN B 280 50.89 2.06 -49.00
CA GLN B 280 52.23 2.02 -48.42
C GLN B 280 52.20 1.80 -46.91
N LYS B 281 53.32 1.29 -46.37
CA LYS B 281 53.46 0.99 -44.95
C LYS B 281 53.64 2.26 -44.08
N MET B 282 53.78 3.42 -44.71
CA MET B 282 53.64 4.68 -43.96
C MET B 282 52.27 4.76 -43.27
N ALA B 283 52.29 4.92 -41.95
CA ALA B 283 51.07 4.95 -41.12
C ALA B 283 50.06 6.01 -41.56
N GLY B 284 48.83 5.88 -41.04
CA GLY B 284 47.84 6.98 -40.99
C GLY B 284 47.46 7.11 -42.46
N ILE B 285 47.07 8.29 -42.93
CA ILE B 285 46.01 8.29 -43.94
C ILE B 285 46.87 7.77 -45.16
N GLY B 286 46.36 6.79 -45.90
CA GLY B 286 47.00 6.31 -47.12
C GLY B 286 45.97 5.52 -47.92
N CYS B 287 46.14 5.48 -49.23
CA CYS B 287 45.18 4.79 -50.10
C CYS B 287 45.70 3.39 -50.37
N LEU B 288 44.79 2.45 -50.39
CA LEU B 288 45.11 1.13 -50.89
C LEU B 288 45.15 1.10 -52.45
N ALA B 289 45.48 -0.07 -52.99
CA ALA B 289 45.54 -0.28 -54.42
C ALA B 289 44.30 0.19 -55.16
N ASP B 290 43.13 -0.08 -54.57
CA ASP B 290 41.81 0.34 -55.13
C ASP B 290 41.59 1.85 -55.19
N GLY B 291 42.44 2.62 -54.48
CA GLY B 291 42.36 4.07 -54.50
C GLY B 291 41.47 4.66 -53.41
N ILE B 292 40.96 3.79 -52.55
CA ILE B 292 40.12 4.22 -51.45
C ILE B 292 40.95 4.43 -50.21
N LEU B 293 40.66 5.54 -49.52
CA LEU B 293 41.42 6.01 -48.35
C LEU B 293 41.28 5.03 -47.19
N SER B 294 42.37 4.85 -46.46
CA SER B 294 42.40 3.94 -45.32
C SER B 294 43.17 4.65 -44.22
N ALA B 295 42.64 4.61 -43.00
CA ALA B 295 43.32 5.18 -41.82
C ALA B 295 43.66 4.06 -40.83
N PHE B 296 44.88 4.11 -40.28
CA PHE B 296 45.40 3.01 -39.46
C PHE B 296 45.65 3.49 -38.09
N SER B 297 45.08 2.81 -37.10
CA SER B 297 45.27 3.16 -35.67
C SER B 297 45.90 2.01 -34.93
N ASP B 298 47.07 2.28 -34.35
CA ASP B 298 47.87 1.29 -33.66
C ASP B 298 47.90 1.60 -32.15
N ASP B 299 47.29 0.74 -31.33
CA ASP B 299 47.19 1.01 -29.91
C ASP B 299 48.58 0.91 -29.35
N LYS B 300 48.98 1.96 -28.66
CA LYS B 300 50.29 2.07 -28.05
C LYS B 300 50.46 1.29 -26.72
N GLY B 301 49.55 1.51 -25.78
CA GLY B 301 49.52 0.79 -24.49
C GLY B 301 48.18 0.12 -24.23
N PRO B 302 48.04 -0.57 -23.09
CA PRO B 302 46.74 -1.19 -22.76
C PRO B 302 45.77 -0.15 -22.24
N TYR B 303 44.48 -0.49 -22.27
CA TYR B 303 43.44 0.40 -21.77
C TYR B 303 43.58 1.81 -22.38
N ALA B 304 43.79 1.84 -23.69
CA ALA B 304 43.82 3.09 -24.47
C ALA B 304 43.57 2.81 -25.95
N ASP B 305 42.29 2.73 -26.31
CA ASP B 305 41.91 2.58 -27.73
C ASP B 305 41.43 3.93 -28.18
N GLY B 306 41.19 4.06 -29.47
CA GLY B 306 40.82 5.38 -30.03
C GLY B 306 39.44 5.90 -29.65
N ARG B 307 38.56 5.01 -29.16
CA ARG B 307 37.15 5.37 -29.12
C ARG B 307 36.93 6.29 -27.97
N ILE B 308 36.17 7.35 -28.21
CA ILE B 308 35.87 8.36 -27.19
C ILE B 308 34.86 7.73 -26.25
N PRO B 309 35.11 7.76 -24.94
CA PRO B 309 34.29 7.02 -23.97
C PRO B 309 32.82 7.30 -24.05
N ASP B 310 32.04 6.33 -23.57
CA ASP B 310 30.54 6.36 -23.65
C ASP B 310 29.99 6.27 -25.07
N THR B 311 30.83 6.24 -26.10
CA THR B 311 30.37 6.08 -27.46
C THR B 311 31.24 5.13 -28.25
N THR B 312 30.80 4.93 -29.49
CA THR B 312 31.39 4.06 -30.46
C THR B 312 32.19 4.83 -31.58
N TRP B 313 32.30 6.16 -31.38
CA TRP B 313 32.98 7.05 -32.32
C TRP B 313 34.45 7.11 -32.02
N ILE B 314 35.25 7.46 -33.02
CA ILE B 314 36.71 7.42 -32.87
C ILE B 314 37.36 8.80 -32.82
N ALA B 315 38.39 8.95 -31.96
CA ALA B 315 39.23 10.15 -31.91
C ALA B 315 40.59 9.80 -32.45
N TYR B 316 40.81 10.14 -33.72
CA TYR B 316 41.96 9.68 -34.47
C TYR B 316 42.91 10.84 -34.60
N VAL B 317 44.12 10.67 -34.06
CA VAL B 317 45.16 11.68 -34.15
C VAL B 317 45.71 11.68 -35.57
N GLY B 318 46.00 12.89 -36.07
CA GLY B 318 46.41 13.14 -37.46
C GLY B 318 47.79 12.61 -37.85
N ASP B 319 48.34 13.19 -38.90
CA ASP B 319 49.34 12.52 -39.71
C ASP B 319 50.77 12.90 -39.35
N GLY B 320 51.05 14.18 -39.19
CA GLY B 320 52.44 14.63 -39.08
C GLY B 320 53.24 14.20 -37.85
N LEU B 321 54.32 13.45 -38.05
CA LEU B 321 55.35 13.28 -37.01
C LEU B 321 56.57 14.17 -37.39
N SER B 322 57.15 14.96 -36.47
CA SER B 322 56.77 15.12 -35.06
C SER B 322 56.81 16.59 -34.64
N GLY B 323 56.45 17.49 -35.54
CA GLY B 323 56.17 18.89 -35.17
C GLY B 323 54.71 19.21 -35.38
N ASP B 324 54.34 20.47 -35.14
CA ASP B 324 53.03 20.98 -35.53
C ASP B 324 52.55 20.42 -36.88
N GLN B 325 51.54 19.56 -36.82
CA GLN B 325 51.01 18.93 -38.02
C GLN B 325 50.38 19.94 -38.98
N LYS B 326 50.43 19.62 -40.27
CA LYS B 326 49.84 20.48 -41.33
C LYS B 326 48.89 19.73 -42.24
N LEU B 327 48.04 20.45 -42.98
CA LEU B 327 47.18 19.80 -43.97
C LEU B 327 47.98 19.40 -45.22
N THR B 328 48.84 18.41 -45.02
CA THR B 328 49.62 17.85 -46.10
C THR B 328 49.59 16.33 -45.92
N ASP B 329 49.78 15.60 -47.02
CA ASP B 329 49.79 14.14 -47.03
C ASP B 329 48.42 13.63 -46.54
N GLY B 330 48.43 12.79 -45.49
CA GLY B 330 47.25 12.13 -44.96
C GLY B 330 46.22 13.10 -44.45
N ASN B 331 46.64 14.05 -43.63
CA ASN B 331 45.71 15.12 -43.16
C ASN B 331 45.00 15.86 -44.31
N GLU B 332 45.74 16.11 -45.40
CA GLU B 332 45.17 16.75 -46.56
C GLU B 332 44.04 15.89 -47.15
N LEU B 333 44.31 14.60 -47.26
CA LEU B 333 43.34 13.67 -47.81
C LEU B 333 42.13 13.59 -46.92
N MET B 334 42.37 13.62 -45.61
CA MET B 334 41.29 13.54 -44.64
C MET B 334 40.37 14.73 -44.79
N ALA B 335 40.99 15.89 -44.98
CA ALA B 335 40.27 17.13 -45.21
C ALA B 335 39.42 17.10 -46.47
N GLU B 336 39.99 16.56 -47.55
CA GLU B 336 39.28 16.40 -48.83
C GLU B 336 38.05 15.46 -48.73
N HIS B 337 38.19 14.44 -47.88
CA HIS B 337 37.11 13.51 -47.56
C HIS B 337 36.06 14.17 -46.70
N GLN B 338 36.52 14.96 -45.73
CA GLN B 338 35.62 15.68 -44.86
C GLN B 338 34.70 16.61 -45.66
N ALA B 339 35.27 17.37 -46.57
CA ALA B 339 34.53 18.40 -47.29
C ALA B 339 33.37 17.83 -48.05
N VAL B 340 33.59 16.70 -48.73
CA VAL B 340 32.56 16.08 -49.59
C VAL B 340 31.69 15.06 -48.81
N GLY B 341 32.12 14.70 -47.60
CA GLY B 341 31.42 13.71 -46.81
C GLY B 341 31.57 12.30 -47.36
N ARG B 342 32.81 11.93 -47.67
CA ARG B 342 33.13 10.61 -48.16
C ARG B 342 33.64 9.76 -47.01
N ALA B 343 33.19 8.49 -46.98
CA ALA B 343 33.66 7.52 -46.00
C ALA B 343 35.05 7.05 -46.32
N LEU B 344 35.63 6.35 -45.35
CA LEU B 344 36.97 5.77 -45.49
C LEU B 344 37.18 4.57 -44.59
N ARG B 345 38.13 3.72 -44.94
CA ARG B 345 38.35 2.49 -44.19
C ARG B 345 39.14 2.81 -42.92
N TYR B 346 38.71 2.26 -41.78
CA TYR B 346 39.43 2.44 -40.50
C TYR B 346 39.97 1.13 -40.00
N TRP B 347 41.30 1.00 -40.06
CA TRP B 347 42.02 -0.16 -39.56
C TRP B 347 42.38 0.02 -38.08
N HIS B 348 42.50 -1.08 -37.34
CA HIS B 348 42.80 -1.00 -35.90
C HIS B 348 43.52 -2.25 -35.39
N LYS B 349 44.56 -2.01 -34.60
CA LYS B 349 45.34 -3.07 -33.98
C LYS B 349 45.29 -2.86 -32.50
N PRO B 350 44.53 -3.71 -31.79
CA PRO B 350 44.54 -3.59 -30.34
C PRO B 350 45.90 -3.99 -29.79
N PHE B 351 46.15 -3.55 -28.57
CA PHE B 351 47.40 -3.79 -27.88
C PHE B 351 47.66 -5.29 -27.78
N GLN B 352 48.85 -5.73 -28.19
CA GLN B 352 49.20 -7.16 -28.22
C GLN B 352 48.24 -7.98 -29.09
N GLY B 353 47.81 -7.40 -30.20
CA GLY B 353 46.81 -8.02 -31.07
C GLY B 353 47.11 -7.84 -32.53
N GLN B 354 46.19 -8.30 -33.37
CA GLN B 354 46.36 -8.22 -34.81
C GLN B 354 45.58 -7.07 -35.44
N TRP B 355 45.95 -6.69 -36.66
CA TRP B 355 45.25 -5.64 -37.38
C TRP B 355 43.94 -6.20 -37.85
N SER B 356 42.94 -5.34 -38.03
CA SER B 356 41.78 -5.70 -38.82
C SER B 356 41.08 -4.49 -39.41
N PHE B 357 40.49 -4.64 -40.59
CA PHE B 357 39.63 -3.62 -41.14
C PHE B 357 38.34 -3.76 -40.42
N GLU B 358 38.10 -2.89 -39.46
CA GLU B 358 36.97 -3.07 -38.56
C GLU B 358 35.73 -2.23 -38.86
N THR B 359 35.91 -1.05 -39.45
CA THR B 359 34.74 -0.27 -39.88
C THR B 359 35.04 0.78 -40.95
N TRP B 360 34.02 1.01 -41.78
CA TRP B 360 33.97 2.24 -42.56
C TRP B 360 33.68 3.38 -41.57
N ALA B 361 34.10 4.58 -41.92
CA ALA B 361 33.89 5.71 -41.05
C ALA B 361 33.90 7.00 -41.84
N VAL B 362 33.23 8.02 -41.29
CA VAL B 362 33.09 9.30 -41.94
C VAL B 362 33.59 10.39 -41.01
N ILE B 363 34.23 11.41 -41.60
CA ILE B 363 34.81 12.51 -40.82
C ILE B 363 33.64 13.38 -40.43
N VAL B 364 33.51 13.58 -39.13
CA VAL B 364 32.35 14.24 -38.54
C VAL B 364 32.71 15.58 -37.87
N GLN B 365 33.97 15.74 -37.50
CA GLN B 365 34.48 16.96 -36.92
C GLN B 365 36.00 16.87 -36.89
N ARG B 366 36.69 17.99 -37.11
CA ARG B 366 38.16 18.01 -36.93
C ARG B 366 38.62 19.10 -35.96
N ARG B 367 39.57 18.77 -35.10
CA ARG B 367 39.99 19.67 -34.06
C ARG B 367 41.48 19.67 -33.98
N LEU B 368 41.99 20.59 -33.17
CA LEU B 368 43.41 20.75 -32.94
C LEU B 368 43.65 20.63 -31.45
N ARG B 369 44.65 19.83 -31.10
CA ARG B 369 44.96 19.53 -29.70
C ARG B 369 46.46 19.51 -29.44
N TRP B 370 46.88 19.63 -28.19
CA TRP B 370 48.28 19.43 -27.79
C TRP B 370 48.58 17.96 -27.60
N GLY B 371 49.68 17.51 -28.19
CA GLY B 371 50.18 16.15 -28.03
C GLY B 371 51.67 16.09 -28.27
N LEU B 372 52.27 14.92 -28.00
CA LEU B 372 53.72 14.71 -28.14
C LEU B 372 54.06 14.01 -29.44
N GLY B 373 55.06 14.54 -30.16
CA GLY B 373 55.58 13.87 -31.34
C GLY B 373 56.56 12.76 -30.97
N GLU B 374 57.11 12.11 -31.99
CA GLU B 374 58.18 11.10 -31.78
C GLU B 374 59.47 11.65 -31.22
N ASP B 375 59.67 12.97 -31.31
CA ASP B 375 60.80 13.63 -30.65
C ASP B 375 60.51 13.97 -29.20
N LYS B 376 59.42 13.44 -28.65
CA LYS B 376 59.02 13.63 -27.25
C LYS B 376 58.75 15.09 -26.91
N LEU B 377 58.46 15.90 -27.92
CA LEU B 377 58.19 17.31 -27.72
C LEU B 377 56.73 17.70 -28.01
N PRO B 378 56.15 18.57 -27.17
CA PRO B 378 54.80 19.08 -27.36
C PRO B 378 54.61 19.68 -28.71
N ARG B 379 53.41 19.54 -29.24
CA ARG B 379 53.14 19.86 -30.61
C ARG B 379 51.66 19.97 -30.86
N ARG B 380 51.28 20.83 -31.79
CA ARG B 380 49.89 20.95 -32.23
C ARG B 380 49.56 19.78 -33.18
N GLU B 381 48.54 18.98 -32.85
CA GLU B 381 48.12 17.83 -33.67
C GLU B 381 46.63 17.84 -33.99
N PHE B 382 46.29 17.27 -35.15
CA PHE B 382 44.91 17.20 -35.59
C PHE B 382 44.17 16.08 -34.86
N LEU B 383 42.91 16.32 -34.51
CA LEU B 383 42.04 15.31 -33.95
C LEU B 383 40.86 15.06 -34.86
N TRP B 384 40.94 14.00 -35.64
CA TRP B 384 39.85 13.69 -36.57
C TRP B 384 38.83 12.84 -35.85
N VAL B 385 37.62 13.37 -35.74
CA VAL B 385 36.54 12.69 -35.04
C VAL B 385 35.75 11.88 -36.03
N LEU B 386 35.86 10.56 -35.89
CA LEU B 386 35.33 9.64 -36.91
C LEU B 386 34.09 9.03 -36.37
N ALA B 387 33.07 8.91 -37.22
CA ALA B 387 31.86 8.18 -36.88
C ALA B 387 31.79 6.95 -37.76
N PRO B 388 31.69 5.75 -37.14
CA PRO B 388 31.56 4.52 -37.91
C PRO B 388 30.18 4.33 -38.62
N VAL B 389 30.26 3.74 -39.80
CA VAL B 389 29.12 3.49 -40.64
C VAL B 389 29.24 2.07 -41.20
N PRO B 390 28.09 1.43 -41.47
CA PRO B 390 28.10 0.09 -42.03
C PRO B 390 28.78 -0.03 -43.42
N SER B 391 28.55 0.91 -44.34
CA SER B 391 29.15 0.87 -45.69
C SER B 391 29.31 2.27 -46.23
N PRO B 392 29.96 2.45 -47.38
CA PRO B 392 30.09 3.77 -47.98
C PRO B 392 28.77 4.39 -48.44
N GLU B 393 27.78 3.54 -48.73
CA GLU B 393 26.46 4.01 -49.17
C GLU B 393 25.81 4.88 -48.10
N ARG B 394 25.46 6.12 -48.49
CA ARG B 394 24.94 7.12 -47.57
C ARG B 394 23.60 6.66 -46.97
N GLU B 395 22.82 5.90 -47.73
CA GLU B 395 21.51 5.40 -47.28
C GLU B 395 21.61 4.50 -46.09
N THR B 396 22.80 3.97 -45.83
CA THR B 396 22.98 3.02 -44.77
C THR B 396 23.41 3.68 -43.46
N TRP B 397 23.67 4.98 -43.51
CA TRP B 397 24.26 5.68 -42.36
C TRP B 397 23.18 6.07 -41.37
N PRO B 398 23.40 5.80 -40.07
CA PRO B 398 22.37 6.08 -39.07
C PRO B 398 22.12 7.55 -38.94
N PRO B 399 20.97 7.94 -38.33
CA PRO B 399 20.64 9.38 -38.25
C PRO B 399 21.63 10.22 -37.41
N GLU B 400 22.20 9.66 -36.34
CA GLU B 400 23.20 10.40 -35.53
C GLU B 400 24.37 10.88 -36.35
N VAL B 401 24.81 10.05 -37.28
CA VAL B 401 25.91 10.40 -38.18
C VAL B 401 25.49 11.49 -39.18
N LEU B 402 24.30 11.32 -39.75
CA LEU B 402 23.81 12.26 -40.74
C LEU B 402 23.65 13.63 -40.11
N GLU B 403 23.10 13.64 -38.90
CA GLU B 403 22.92 14.88 -38.15
C GLU B 403 24.26 15.58 -37.85
N ALA B 404 25.27 14.80 -37.48
CA ALA B 404 26.59 15.32 -37.10
C ALA B 404 27.37 15.88 -38.30
N LEU B 405 27.11 15.29 -39.46
CA LEU B 405 27.68 15.77 -40.72
C LEU B 405 27.02 17.03 -41.14
N GLU B 406 25.71 17.07 -40.89
CA GLU B 406 24.89 18.20 -41.27
C GLU B 406 25.39 19.43 -40.53
N ALA B 407 25.78 19.24 -39.28
CA ALA B 407 26.24 20.30 -38.42
C ALA B 407 27.71 20.65 -38.47
N ASP B 408 28.51 19.98 -39.29
CA ASP B 408 29.96 20.00 -39.11
C ASP B 408 30.58 21.37 -39.35
N THR B 409 30.29 21.98 -40.52
CA THR B 409 30.93 23.25 -40.98
C THR B 409 32.32 23.04 -41.60
N GLY B 410 32.88 21.85 -41.40
CA GLY B 410 34.13 21.43 -42.02
C GLY B 410 35.36 22.18 -41.55
N GLU B 411 35.23 22.97 -40.50
CA GLU B 411 36.27 23.93 -40.12
C GLU B 411 36.95 23.58 -38.81
N LEU B 412 38.22 23.96 -38.70
CA LEU B 412 39.05 23.53 -37.59
C LEU B 412 38.66 24.16 -36.27
N HIS B 413 38.54 23.34 -35.25
CA HIS B 413 38.23 23.77 -33.88
C HIS B 413 39.53 23.76 -33.13
N ASP B 414 40.10 24.92 -32.85
CA ASP B 414 41.42 24.99 -32.23
C ASP B 414 41.35 25.00 -30.70
N ASP B 415 41.56 23.86 -30.08
CA ASP B 415 41.47 23.75 -28.62
C ASP B 415 42.78 24.03 -27.96
N THR B 416 43.82 24.31 -28.75
CA THR B 416 45.17 24.70 -28.22
C THR B 416 45.22 26.08 -27.49
N GLY B 417 44.23 26.94 -27.72
CA GLY B 417 44.04 28.13 -26.90
C GLY B 417 43.57 27.87 -25.48
N ASP B 418 42.76 26.82 -25.28
CA ASP B 418 42.12 26.58 -23.98
C ASP B 418 43.05 25.97 -22.96
N TYR B 419 44.13 25.35 -23.40
CA TYR B 419 45.07 24.76 -22.44
C TYR B 419 46.50 24.75 -22.99
N ARG B 420 47.47 24.56 -22.09
CA ARG B 420 48.84 24.42 -22.53
C ARG B 420 49.29 22.98 -22.37
N PRO B 421 50.41 22.59 -23.04
CA PRO B 421 50.93 21.24 -22.90
C PRO B 421 51.03 20.78 -21.43
N SER B 422 51.10 21.72 -20.48
CA SER B 422 50.88 21.46 -19.05
C SER B 422 50.46 22.63 -18.13
N ASP B 423 49.19 22.81 -17.70
CA ASP B 423 47.96 22.00 -17.96
C ASP B 423 48.01 20.45 -17.83
N LEU B 424 47.99 19.73 -18.94
CA LEU B 424 48.08 18.26 -18.89
C LEU B 424 49.46 17.84 -18.44
N ALA B 425 49.57 16.57 -18.15
CA ALA B 425 50.76 16.05 -17.53
C ALA B 425 51.74 15.65 -18.62
N LEU B 426 51.63 16.26 -19.79
CA LEU B 426 52.27 15.75 -21.00
C LEU B 426 53.80 15.90 -20.94
N THR B 427 54.28 16.93 -20.24
CA THR B 427 55.71 17.23 -20.06
C THR B 427 55.94 17.70 -18.64
N PRO B 428 57.10 17.34 -18.04
CA PRO B 428 57.29 17.75 -16.64
C PRO B 428 57.21 19.27 -16.37
N GLY B 433 57.02 25.19 -12.49
CA GLY B 433 55.99 26.10 -12.95
C GLY B 433 56.13 27.69 -12.73
N THR B 434 56.93 28.38 -13.58
CA THR B 434 57.86 29.48 -12.96
C THR B 434 56.86 30.66 -13.07
N GLU B 435 56.09 30.57 -14.15
CA GLU B 435 54.90 31.37 -14.44
C GLU B 435 53.74 31.15 -13.46
N SER B 436 53.17 29.94 -13.50
CA SER B 436 51.82 29.67 -13.01
C SER B 436 51.99 29.03 -11.64
N ASP B 437 51.19 29.47 -10.69
CA ASP B 437 50.98 28.72 -9.45
C ASP B 437 50.21 27.47 -9.88
N ASP B 438 50.34 26.35 -9.16
CA ASP B 438 49.46 25.17 -9.41
C ASP B 438 47.98 25.46 -9.20
N GLU B 439 47.69 26.45 -8.37
CA GLU B 439 46.36 26.97 -8.22
C GLU B 439 46.05 28.14 -9.20
N ALA B 440 46.79 28.25 -10.31
CA ALA B 440 46.29 28.88 -11.55
C ALA B 440 45.64 27.83 -12.51
N TYR B 441 45.37 26.64 -11.97
CA TYR B 441 44.12 25.86 -12.14
C TYR B 441 42.84 26.65 -12.37
N ARG B 442 42.67 27.76 -11.67
CA ARG B 442 41.59 28.71 -11.92
C ARG B 442 41.43 29.07 -13.39
N ARG B 443 42.56 29.28 -14.08
CA ARG B 443 42.58 29.52 -15.53
C ARG B 443 41.87 28.40 -16.31
N LEU B 444 42.24 27.15 -15.96
CA LEU B 444 41.66 25.98 -16.60
C LEU B 444 40.17 25.87 -16.34
N ALA B 445 39.82 25.96 -15.07
CA ALA B 445 38.43 25.92 -14.65
C ALA B 445 37.55 26.96 -15.37
N GLN B 446 38.09 28.17 -15.53
CA GLN B 446 37.41 29.23 -16.25
C GLN B 446 37.13 28.88 -17.69
N LYS B 447 38.15 28.40 -18.40
CA LYS B 447 37.96 27.99 -19.80
C LYS B 447 36.92 26.90 -19.88
N ALA B 448 37.03 25.94 -18.96
CA ALA B 448 36.11 24.81 -18.91
C ALA B 448 34.66 25.32 -18.85
N GLU B 449 34.41 26.24 -17.91
CA GLU B 449 33.09 26.88 -17.73
C GLU B 449 32.63 27.62 -18.97
N ALA B 450 33.53 28.38 -19.58
CA ALA B 450 33.19 29.11 -20.80
C ALA B 450 32.75 28.14 -21.89
N ASN B 451 33.60 27.13 -22.12
CA ASN B 451 33.29 26.14 -23.13
C ASN B 451 31.97 25.48 -22.81
N ALA B 452 31.82 25.02 -21.57
CA ALA B 452 30.62 24.33 -21.12
C ALA B 452 29.33 25.13 -21.37
N GLU B 453 29.38 26.42 -21.03
CA GLU B 453 28.26 27.31 -21.27
C GLU B 453 27.95 27.36 -22.74
N ARG B 454 28.99 27.44 -23.56
CA ARG B 454 28.77 27.55 -24.98
C ARG B 454 28.15 26.27 -25.57
N ARG B 455 28.50 25.12 -24.99
CA ARG B 455 27.94 23.83 -25.39
C ARG B 455 26.58 23.62 -24.84
N GLY B 456 26.28 24.27 -23.72
CA GLY B 456 24.96 24.22 -23.13
C GLY B 456 23.87 24.88 -23.96
N GLN B 457 24.26 25.86 -24.77
CA GLN B 457 23.31 26.63 -25.61
C GLN B 457 23.28 26.18 -27.07
N LEU B 458 23.79 24.97 -27.32
CA LEU B 458 23.66 24.33 -28.61
C LEU B 458 22.25 23.79 -28.69
N LYS B 459 21.58 24.16 -29.78
CA LYS B 459 20.19 23.73 -29.99
C LYS B 459 20.09 22.25 -30.39
N LYS B 460 20.77 21.90 -31.48
CA LYS B 460 20.96 20.52 -31.90
C LYS B 460 22.42 20.11 -31.59
N PRO B 461 22.65 19.37 -30.49
CA PRO B 461 24.00 18.95 -30.20
C PRO B 461 24.27 17.57 -30.79
N THR B 462 25.41 17.44 -31.46
CA THR B 462 25.88 16.16 -32.00
C THR B 462 26.48 15.31 -30.90
N VAL B 463 26.70 14.03 -31.19
CA VAL B 463 27.17 13.11 -30.12
C VAL B 463 28.61 13.51 -29.81
N ALA B 464 29.25 14.19 -30.76
CA ALA B 464 30.60 14.66 -30.57
C ALA B 464 30.60 15.79 -29.57
N ASP B 465 29.70 16.77 -29.77
CA ASP B 465 29.52 17.91 -28.83
C ASP B 465 29.33 17.39 -27.43
N LYS B 466 28.54 16.32 -27.31
CA LYS B 466 28.09 15.77 -26.01
C LYS B 466 29.15 14.94 -25.29
N TYR B 467 29.93 14.16 -26.03
CA TYR B 467 30.81 13.14 -25.40
C TYR B 467 32.34 13.37 -25.49
N VAL B 468 32.80 14.13 -26.50
CA VAL B 468 34.21 14.48 -26.63
C VAL B 468 34.57 15.28 -25.40
N ARG B 469 35.66 14.96 -24.76
CA ARG B 469 35.94 15.54 -23.46
C ARG B 469 36.90 16.71 -23.53
N ASP B 470 36.57 17.78 -22.83
CA ASP B 470 37.32 19.03 -22.86
C ASP B 470 38.63 18.83 -22.11
N PRO B 471 39.78 19.02 -22.80
CA PRO B 471 41.09 18.88 -22.18
C PRO B 471 41.24 19.79 -20.97
N SER B 472 40.71 21.00 -21.08
CA SER B 472 40.89 22.02 -20.05
C SER B 472 40.40 21.55 -18.67
N ALA B 473 39.21 20.97 -18.64
CA ALA B 473 38.59 20.52 -17.40
C ALA B 473 39.36 19.35 -16.81
N ARG B 474 39.75 18.42 -17.65
CA ARG B 474 40.57 17.32 -17.20
C ARG B 474 41.86 17.84 -16.60
N GLY B 475 42.48 18.81 -17.28
CA GLY B 475 43.71 19.42 -16.81
C GLY B 475 43.54 20.03 -15.43
N ALA B 476 42.42 20.70 -15.24
CA ALA B 476 42.13 21.38 -13.97
C ALA B 476 42.11 20.37 -12.83
N VAL B 477 41.44 19.26 -13.06
CA VAL B 477 41.35 18.22 -12.07
C VAL B 477 42.74 17.67 -11.73
N LEU B 478 43.56 17.47 -12.75
CA LEU B 478 44.94 16.99 -12.52
C LEU B 478 45.78 17.93 -11.68
N LYS B 479 45.61 19.24 -11.91
CA LYS B 479 46.31 20.26 -11.13
C LYS B 479 45.80 20.33 -9.74
N ARG B 480 44.49 20.11 -9.60
CA ARG B 480 43.84 20.17 -8.31
C ARG B 480 44.25 19.05 -7.40
N CYS B 481 44.26 17.81 -7.87
CA CYS B 481 44.79 16.83 -6.97
C CYS B 481 45.90 16.11 -7.55
N GLN B 482 46.98 16.38 -6.82
CA GLN B 482 48.33 16.27 -7.21
C GLN B 482 48.70 14.89 -6.93
N LYS B 483 48.46 14.09 -7.95
CA LYS B 483 48.77 12.69 -7.91
C LYS B 483 48.08 11.93 -6.77
N ARG B 484 46.90 12.39 -6.33
CA ARG B 484 46.16 11.69 -5.27
C ARG B 484 44.66 11.45 -5.57
N CYS B 485 44.13 10.42 -4.89
CA CYS B 485 42.72 10.10 -4.91
C CYS B 485 41.98 11.20 -4.19
N GLU B 486 40.92 11.71 -4.79
CA GLU B 486 40.13 12.75 -4.13
C GLU B 486 38.93 12.23 -3.32
N ASN B 487 38.77 10.91 -3.30
CA ASN B 487 37.76 10.23 -2.50
C ASN B 487 38.24 10.22 -1.09
N PRO B 488 37.57 10.98 -0.21
CA PRO B 488 38.00 11.04 1.15
C PRO B 488 37.93 9.70 1.88
N GLU B 489 37.25 8.69 1.33
CA GLU B 489 37.16 7.39 2.00
C GLU B 489 38.11 6.40 1.40
N CYS B 490 39.14 6.87 0.72
CA CYS B 490 39.97 5.97 -0.07
C CYS B 490 40.68 4.97 0.82
N ALA B 491 40.61 3.69 0.49
CA ALA B 491 41.24 2.66 1.30
C ALA B 491 42.74 2.72 1.19
N GLY B 492 43.25 3.40 0.16
CA GLY B 492 44.69 3.55 -0.06
C GLY B 492 45.03 3.32 -1.50
N HIS B 493 46.07 3.97 -1.99
CA HIS B 493 46.50 3.80 -3.38
C HIS B 493 47.98 4.07 -3.58
N PRO B 494 48.60 3.44 -4.60
CA PRO B 494 50.03 3.58 -4.78
C PRO B 494 50.40 4.94 -5.34
N THR B 495 51.63 5.38 -5.01
CA THR B 495 52.24 6.60 -5.56
C THR B 495 53.21 6.35 -6.73
N GLU B 496 53.51 5.09 -7.04
CA GLU B 496 54.18 4.72 -8.31
C GLU B 496 53.50 5.37 -9.51
N LEU B 497 54.28 5.82 -10.49
CA LEU B 497 53.71 6.35 -11.74
C LEU B 497 53.64 5.28 -12.84
N THR B 498 53.04 5.65 -13.98
CA THR B 498 52.91 4.73 -15.10
C THR B 498 54.19 4.78 -15.89
N LYS B 499 54.35 3.82 -16.82
CA LYS B 499 55.50 3.79 -17.73
C LYS B 499 55.66 5.16 -18.39
N ALA B 500 54.55 5.78 -18.76
CA ALA B 500 54.54 7.08 -19.44
C ALA B 500 54.67 8.27 -18.48
N GLY B 501 54.74 7.99 -17.18
CA GLY B 501 55.04 9.02 -16.17
C GLY B 501 53.85 9.82 -15.66
N LEU B 502 52.65 9.23 -15.74
CA LEU B 502 51.42 9.84 -15.19
C LEU B 502 51.01 9.08 -13.95
N PRO B 503 50.19 9.70 -13.08
CA PRO B 503 49.77 8.99 -11.86
C PRO B 503 48.70 7.98 -12.18
N ILE B 504 48.63 6.92 -11.39
CA ILE B 504 47.65 5.85 -11.61
C ILE B 504 46.34 6.34 -10.99
N LEU B 505 45.73 7.28 -11.69
CA LEU B 505 44.45 7.86 -11.35
C LEU B 505 43.66 8.07 -12.60
N GLN B 506 42.37 8.22 -12.45
CA GLN B 506 41.57 8.64 -13.58
C GLN B 506 40.60 9.67 -13.17
N VAL B 507 40.50 10.66 -14.04
CA VAL B 507 39.61 11.76 -13.87
C VAL B 507 38.30 11.32 -14.48
N ASP B 508 37.24 11.52 -13.72
CA ASP B 508 35.94 10.97 -14.06
C ASP B 508 34.87 11.94 -13.58
N HIS B 509 33.76 12.02 -14.31
CA HIS B 509 32.64 12.86 -13.90
C HIS B 509 31.82 12.15 -12.83
N VAL B 510 31.41 12.88 -11.80
CA VAL B 510 30.51 12.32 -10.76
C VAL B 510 29.13 12.16 -11.36
N ASN B 511 28.76 13.11 -12.23
CA ASN B 511 27.48 13.07 -12.90
C ASN B 511 27.73 12.84 -14.39
N ASP B 512 27.42 11.65 -14.88
CA ASP B 512 27.92 11.21 -16.18
C ASP B 512 27.45 12.14 -17.29
N LEU B 513 28.33 12.46 -18.25
CA LEU B 513 27.97 13.32 -19.36
C LEU B 513 26.78 12.78 -20.10
N ALA B 514 26.67 11.44 -20.10
CA ALA B 514 25.57 10.72 -20.75
C ALA B 514 24.21 11.09 -20.14
N LYS B 515 24.19 11.27 -18.82
CA LYS B 515 23.00 11.74 -18.10
C LYS B 515 23.00 13.26 -17.84
N GLY B 516 23.47 14.04 -18.82
CA GLY B 516 23.35 15.49 -18.79
C GLY B 516 24.40 16.25 -18.01
N GLY B 517 25.17 15.57 -17.16
CA GLY B 517 26.16 16.24 -16.31
C GLY B 517 27.09 17.09 -17.17
N PRO B 518 27.59 18.19 -16.60
CA PRO B 518 28.45 19.13 -17.33
C PRO B 518 29.94 18.72 -17.31
N ASP B 519 30.67 19.12 -18.36
CA ASP B 519 32.12 18.83 -18.48
C ASP B 519 32.94 19.96 -17.87
N VAL B 520 32.94 19.96 -16.55
CA VAL B 520 33.57 20.98 -15.75
C VAL B 520 34.18 20.38 -14.47
N PRO B 521 35.21 21.03 -13.90
CA PRO B 521 35.98 20.47 -12.79
C PRO B 521 35.20 20.20 -11.52
N TRP B 522 34.21 21.02 -11.22
CA TRP B 522 33.34 20.80 -10.02
C TRP B 522 32.33 19.64 -10.11
N ASN B 523 32.14 19.13 -11.33
CA ASN B 523 31.43 17.88 -11.59
C ASN B 523 32.38 16.67 -11.78
N MET B 524 33.68 16.86 -11.51
CA MET B 524 34.68 15.84 -11.75
C MET B 524 35.45 15.52 -10.51
N ILE B 525 36.10 14.36 -10.54
CA ILE B 525 36.81 13.82 -9.41
C ILE B 525 37.92 12.88 -9.89
N ALA B 526 39.06 12.93 -9.22
CA ALA B 526 40.18 12.06 -9.52
C ALA B 526 40.16 10.82 -8.60
N LEU B 527 40.19 9.62 -9.18
CA LEU B 527 40.03 8.40 -8.39
C LEU B 527 41.02 7.36 -8.77
N CYS B 528 41.51 6.66 -7.78
CA CYS B 528 42.33 5.51 -8.04
C CYS B 528 41.48 4.42 -8.64
N PRO B 529 42.09 3.48 -9.35
CA PRO B 529 41.36 2.33 -9.85
C PRO B 529 40.37 1.70 -8.86
N ASN B 530 40.75 1.65 -7.59
CA ASN B 530 39.92 1.01 -6.60
C ASN B 530 38.66 1.86 -6.37
N CYS B 531 38.85 3.13 -6.07
CA CYS B 531 37.72 4.00 -5.85
C CYS B 531 36.87 4.16 -7.09
N HIS B 532 37.48 4.18 -8.25
CA HIS B 532 36.71 4.24 -9.48
C HIS B 532 35.81 2.99 -9.65
N ALA B 533 36.32 1.83 -9.28
CA ALA B 533 35.53 0.61 -9.33
C ALA B 533 34.38 0.71 -8.34
N LEU B 534 34.67 1.26 -7.17
CA LEU B 534 33.65 1.53 -6.18
C LEU B 534 32.55 2.40 -6.73
N LYS B 535 32.94 3.52 -7.35
CA LYS B 535 31.97 4.45 -7.93
C LYS B 535 31.14 3.83 -9.06
N THR B 536 31.78 3.04 -9.92
CA THR B 536 31.10 2.49 -11.10
C THR B 536 30.20 1.29 -10.82
N TYR B 537 30.66 0.29 -10.09
CA TYR B 537 29.87 -0.92 -9.84
C TYR B 537 30.06 -1.44 -8.42
N GLY B 538 30.41 -0.55 -7.51
CA GLY B 538 30.45 -0.89 -6.09
C GLY B 538 29.05 -1.06 -5.53
N ALA B 539 28.91 -1.85 -4.45
CA ALA B 539 27.61 -2.08 -3.83
C ALA B 539 26.99 -0.83 -3.23
N ASN B 540 27.82 0.15 -2.91
CA ASN B 540 27.35 1.40 -2.32
C ASN B 540 27.61 2.57 -3.24
N LYS B 541 27.53 2.31 -4.54
CA LYS B 541 27.80 3.29 -5.59
C LYS B 541 27.02 4.62 -5.37
N VAL B 542 25.79 4.49 -4.87
CA VAL B 542 24.82 5.59 -4.87
C VAL B 542 25.20 6.66 -3.87
N ARG B 543 25.35 6.20 -2.64
CA ARG B 543 25.85 7.02 -1.55
C ARG B 543 27.17 7.64 -1.90
N LEU B 544 28.07 6.87 -2.50
CA LEU B 544 29.37 7.39 -2.87
C LEU B 544 29.24 8.49 -3.88
N GLN B 545 28.33 8.34 -4.84
CA GLN B 545 28.09 9.40 -5.84
C GLN B 545 27.80 10.71 -5.13
N ARG B 546 26.99 10.65 -4.07
CA ARG B 546 26.61 11.84 -3.26
C ARG B 546 27.78 12.48 -2.49
N LEU B 547 28.55 11.64 -1.83
CA LEU B 547 29.80 12.05 -1.23
C LEU B 547 30.78 12.71 -2.23
N LEU B 548 30.95 12.10 -3.41
CA LEU B 548 31.87 12.61 -4.41
C LEU B 548 31.37 13.90 -5.01
N ALA B 549 30.06 14.06 -5.06
CA ALA B 549 29.48 15.25 -5.68
C ALA B 549 29.76 16.44 -4.81
N ALA B 550 29.55 16.20 -3.52
CA ALA B 550 29.85 17.15 -2.46
C ALA B 550 31.32 17.53 -2.41
N THR B 551 32.21 16.54 -2.33
CA THR B 551 33.65 16.81 -2.19
C THR B 551 34.22 17.36 -3.44
N ALA B 552 33.60 17.16 -4.57
CA ALA B 552 34.06 17.80 -5.79
C ALA B 552 33.78 19.30 -5.73
N ARG B 553 32.54 19.67 -5.42
CA ARG B 553 32.14 21.07 -5.38
C ARG B 553 33.04 21.76 -4.37
N ARG B 554 33.26 21.08 -3.24
CA ARG B 554 34.00 21.66 -2.14
C ARG B 554 35.41 21.96 -2.55
N LEU B 555 36.09 20.92 -3.01
CA LEU B 555 37.45 21.03 -3.49
C LEU B 555 37.56 22.15 -4.51
N HIS B 556 36.56 22.28 -5.40
CA HIS B 556 36.56 23.29 -6.46
C HIS B 556 36.52 24.66 -5.88
N GLU B 557 35.60 24.84 -4.95
CA GLU B 557 35.39 26.15 -4.34
C GLU B 557 36.52 26.57 -3.43
N GLU B 558 37.25 25.60 -2.88
CA GLU B 558 38.43 25.89 -2.07
C GLU B 558 39.53 26.60 -2.86
N LYS B 559 39.62 26.33 -4.14
CA LYS B 559 40.66 26.90 -4.98
C LYS B 559 40.28 28.26 -5.54
N LEU B 560 39.06 28.72 -5.33
CA LEU B 560 38.62 30.00 -5.89
C LEU B 560 38.87 31.18 -4.97
N GLN B 561 38.87 30.92 -3.67
CA GLN B 561 39.16 31.94 -2.65
C GLN B 561 40.66 32.08 -2.33
N THR C 8 -70.48 2.71 7.30
CA THR C 8 -69.27 3.55 7.60
C THR C 8 -68.28 3.63 6.41
N ARG C 9 -68.03 2.51 5.71
CA ARG C 9 -67.00 2.43 4.62
C ARG C 9 -67.19 3.42 3.50
N ALA C 10 -68.42 3.52 3.00
CA ALA C 10 -68.81 4.51 1.98
C ALA C 10 -68.87 5.94 2.55
N GLY C 11 -69.20 6.06 3.83
CA GLY C 11 -69.12 7.31 4.54
C GLY C 11 -67.69 7.82 4.54
N ILE C 12 -66.75 6.92 4.82
CA ILE C 12 -65.29 7.25 4.85
C ILE C 12 -64.77 7.66 3.49
N LEU C 13 -65.17 6.91 2.45
CA LEU C 13 -64.82 7.27 1.09
C LEU C 13 -65.28 8.70 0.72
N GLN C 14 -66.50 9.06 1.16
CA GLN C 14 -67.08 10.41 0.97
C GLN C 14 -66.29 11.49 1.72
N ALA C 15 -65.80 11.12 2.89
CA ALA C 15 -64.88 11.98 3.68
C ALA C 15 -63.53 12.17 3.01
N ILE C 16 -62.95 11.07 2.52
CA ILE C 16 -61.69 11.11 1.75
C ILE C 16 -61.85 11.99 0.50
N ALA C 17 -62.95 11.80 -0.24
CA ALA C 17 -63.24 12.60 -1.43
C ALA C 17 -63.31 14.10 -1.15
N GLU C 18 -63.82 14.48 0.03
CA GLU C 18 -63.89 15.90 0.45
C GLU C 18 -62.54 16.45 0.92
N HIS C 19 -61.73 15.61 1.53
CA HIS C 19 -60.31 15.95 1.80
C HIS C 19 -59.53 16.31 0.51
N ASP C 20 -59.81 15.57 -0.56
CA ASP C 20 -59.19 15.78 -1.87
C ASP C 20 -59.72 17.08 -2.49
N ARG C 21 -61.05 17.24 -2.41
CA ARG C 21 -61.75 18.40 -3.01
C ARG C 21 -61.23 19.73 -2.46
N ILE C 22 -61.07 19.79 -1.15
CA ILE C 22 -60.75 21.05 -0.47
C ILE C 22 -59.24 21.22 -0.18
N GLY C 23 -58.55 20.13 0.18
CA GLY C 23 -57.10 20.14 0.43
C GLY C 23 -56.75 19.98 1.91
N PRO C 24 -55.51 19.53 2.24
CA PRO C 24 -55.07 19.27 3.63
C PRO C 24 -55.03 20.50 4.55
N GLU C 25 -54.74 21.68 4.00
CA GLU C 25 -54.68 22.95 4.75
C GLU C 25 -56.06 23.35 5.27
N ALA C 26 -57.03 23.34 4.37
CA ALA C 26 -58.44 23.67 4.67
C ALA C 26 -59.16 22.58 5.49
N PHE C 27 -58.67 21.34 5.41
CA PHE C 27 -59.13 20.24 6.29
C PHE C 27 -58.63 20.47 7.72
N ARG C 28 -57.39 20.93 7.88
CA ARG C 28 -56.84 21.32 9.18
C ARG C 28 -57.56 22.57 9.69
N ALA C 29 -58.10 23.38 8.76
CA ALA C 29 -58.89 24.57 9.09
C ALA C 29 -60.30 24.25 9.63
N THR C 30 -60.96 23.23 9.10
CA THR C 30 -62.33 22.87 9.53
C THR C 30 -62.36 21.92 10.76
N LEU C 41 -53.84 7.06 7.44
CA LEU C 41 -54.67 6.22 6.57
C LEU C 41 -54.27 6.34 5.09
N GLU C 42 -53.92 5.21 4.48
CA GLU C 42 -53.48 5.15 3.10
C GLU C 42 -54.68 4.75 2.24
N HIS C 43 -54.95 5.54 1.20
CA HIS C 43 -55.99 5.18 0.22
C HIS C 43 -55.60 5.52 -1.21
N GLU C 44 -55.38 6.80 -1.47
CA GLU C 44 -55.17 7.27 -2.85
C GLU C 44 -53.82 6.81 -3.46
N GLY C 45 -52.85 6.43 -2.61
CA GLY C 45 -51.47 6.85 -2.83
C GLY C 45 -51.29 8.24 -2.20
N ARG C 46 -52.28 8.69 -1.43
CA ARG C 46 -52.25 9.92 -0.66
C ARG C 46 -52.61 9.52 0.78
N LEU C 47 -51.89 10.13 1.74
CA LEU C 47 -52.07 9.87 3.19
C LEU C 47 -53.09 10.83 3.82
N TYR C 48 -53.89 10.32 4.74
CA TYR C 48 -54.97 11.09 5.35
C TYR C 48 -54.91 10.87 6.87
N ASP C 49 -55.12 11.94 7.65
CA ASP C 49 -55.08 11.86 9.14
C ASP C 49 -56.19 10.96 9.63
N SER C 50 -55.83 9.86 10.30
CA SER C 50 -56.78 8.77 10.57
C SER C 50 -57.93 9.16 11.52
N LYS C 51 -57.61 9.88 12.62
CA LYS C 51 -58.67 10.39 13.54
C LYS C 51 -59.61 11.36 12.82
N ALA C 52 -59.04 12.30 12.07
CA ALA C 52 -59.80 13.32 11.33
C ALA C 52 -60.76 12.74 10.28
N ILE C 53 -60.30 11.77 9.50
CA ILE C 53 -61.14 11.08 8.51
C ILE C 53 -62.30 10.30 9.16
N ALA C 54 -62.00 9.62 10.27
CA ALA C 54 -63.01 8.89 11.04
C ALA C 54 -64.10 9.82 11.56
N GLY C 55 -63.67 10.98 12.07
CA GLY C 55 -64.56 12.02 12.56
C GLY C 55 -65.49 12.62 11.53
N VAL C 56 -64.98 12.94 10.34
CA VAL C 56 -65.79 13.48 9.25
C VAL C 56 -66.75 12.42 8.68
N ALA C 57 -66.32 11.16 8.65
CA ALA C 57 -67.17 10.04 8.22
C ALA C 57 -68.44 9.92 9.07
N HIS C 58 -68.31 10.13 10.38
CA HIS C 58 -69.41 9.96 11.34
C HIS C 58 -70.51 11.03 11.24
N MET C 59 -70.10 12.28 11.50
CA MET C 59 -71.01 13.40 11.86
C MET C 59 -71.29 14.29 10.62
N TYR C 60 -71.23 13.66 9.43
CA TYR C 60 -71.54 14.29 8.17
C TYR C 60 -72.02 13.19 7.20
N HIS C 79 -58.84 2.31 18.43
CA HIS C 79 -59.48 3.61 18.51
C HIS C 79 -60.52 3.79 17.34
N ALA C 80 -60.64 5.02 16.83
CA ALA C 80 -61.04 5.31 15.43
C ALA C 80 -60.33 4.42 14.42
N VAL C 81 -59.06 4.18 14.72
CA VAL C 81 -58.15 3.30 13.97
C VAL C 81 -58.72 1.89 13.75
N ALA C 82 -59.25 1.31 14.82
CA ALA C 82 -59.93 0.02 14.76
C ALA C 82 -61.13 0.03 13.81
N TRP C 83 -61.86 1.14 13.81
CA TRP C 83 -63.05 1.29 12.94
C TRP C 83 -62.69 1.35 11.47
N LEU C 84 -61.71 2.19 11.13
CA LEU C 84 -61.19 2.31 9.77
C LEU C 84 -60.58 1.01 9.23
N ARG C 85 -59.83 0.30 10.09
CA ARG C 85 -59.26 -1.00 9.74
C ARG C 85 -60.35 -2.07 9.64
N ARG C 86 -61.41 -1.94 10.44
CA ARG C 86 -62.59 -2.81 10.33
C ARG C 86 -63.29 -2.66 8.97
N GLU C 87 -63.33 -1.43 8.44
CA GLU C 87 -64.02 -1.18 7.16
C GLU C 87 -63.18 -1.53 5.90
N GLY C 88 -61.93 -1.98 6.11
CA GLY C 88 -61.06 -2.46 5.02
C GLY C 88 -60.07 -1.44 4.47
N PHE C 89 -59.53 -0.58 5.33
CA PHE C 89 -58.52 0.45 4.94
C PHE C 89 -57.17 0.12 5.58
N THR C 90 -56.10 0.26 4.80
CA THR C 90 -54.73 0.01 5.26
C THR C 90 -54.25 1.24 6.03
N ILE C 91 -53.97 1.06 7.32
CA ILE C 91 -53.51 2.15 8.20
C ILE C 91 -52.00 2.10 8.41
N ARG C 92 -51.35 3.23 8.12
CA ARG C 92 -49.90 3.24 7.88
C ARG C 92 -49.18 4.17 8.85
N GLU C 93 -47.86 3.95 8.96
CA GLU C 93 -46.93 4.96 9.53
C GLU C 93 -46.39 5.84 8.37
N ALA C 94 -45.62 6.88 8.70
CA ALA C 94 -44.97 7.69 7.67
C ALA C 94 -44.00 6.79 6.91
N PRO C 95 -44.25 6.60 5.59
CA PRO C 95 -43.46 5.65 4.80
C PRO C 95 -41.98 6.03 4.79
N LYS C 96 -41.14 5.01 4.69
CA LYS C 96 -39.72 5.21 4.55
C LYS C 96 -39.49 6.09 3.29
N THR C 97 -38.34 6.74 3.24
CA THR C 97 -37.94 7.58 2.15
C THR C 97 -38.06 6.88 0.76
N PHE C 98 -38.38 7.67 -0.26
CA PHE C 98 -38.54 7.20 -1.65
C PHE C 98 -37.29 6.44 -2.14
N HIS C 99 -36.12 6.96 -1.75
CA HIS C 99 -34.80 6.33 -2.00
C HIS C 99 -34.72 4.90 -1.48
N ARG C 100 -35.14 4.76 -0.23
CA ARG C 100 -35.18 3.49 0.44
C ARG C 100 -36.14 2.51 -0.25
N ARG C 101 -37.36 2.98 -0.52
CA ARG C 101 -38.40 2.10 -1.06
C ARG C 101 -38.13 1.66 -2.48
N VAL C 102 -37.61 2.57 -3.30
CA VAL C 102 -37.16 2.17 -4.62
C VAL C 102 -35.98 1.18 -4.48
N GLY C 103 -35.21 1.33 -3.41
CA GLY C 103 -34.10 0.46 -3.14
C GLY C 103 -34.53 -0.89 -2.63
N ASP C 104 -35.74 -0.99 -2.09
CA ASP C 104 -36.28 -2.26 -1.58
C ASP C 104 -36.83 -3.11 -2.72
N VAL C 105 -36.90 -2.54 -3.92
CA VAL C 105 -37.37 -3.29 -5.05
C VAL C 105 -36.32 -4.32 -5.49
N ARG C 106 -36.45 -5.54 -5.01
CA ARG C 106 -35.45 -6.60 -5.25
C ARG C 106 -36.07 -7.92 -5.74
N PRO C 107 -35.34 -8.68 -6.60
CA PRO C 107 -35.81 -10.00 -7.01
C PRO C 107 -36.06 -10.97 -5.81
N ALA C 108 -37.04 -11.85 -5.97
CA ALA C 108 -37.56 -12.66 -4.85
C ALA C 108 -36.87 -14.03 -4.72
N MET C 112 -31.26 -14.38 -17.66
CA MET C 112 -32.18 -15.52 -17.62
C MET C 112 -33.24 -15.57 -16.50
N GLY C 113 -33.43 -14.50 -15.73
CA GLY C 113 -34.37 -14.50 -14.58
C GLY C 113 -35.27 -13.26 -14.60
N PRO C 114 -36.63 -13.44 -14.60
CA PRO C 114 -37.51 -12.32 -14.93
C PRO C 114 -38.04 -11.57 -13.71
N ALA C 115 -37.28 -10.58 -13.25
CA ALA C 115 -37.79 -9.60 -12.27
C ALA C 115 -37.50 -8.16 -12.69
N LEU C 116 -37.42 -7.95 -14.00
CA LEU C 116 -37.23 -6.62 -14.60
C LEU C 116 -38.54 -5.81 -14.80
N HIS C 117 -39.68 -6.42 -14.47
CA HIS C 117 -40.98 -5.79 -14.68
C HIS C 117 -41.12 -4.51 -13.85
N ARG C 118 -41.00 -4.66 -12.54
CA ARG C 118 -41.13 -3.55 -11.57
C ARG C 118 -40.19 -2.39 -11.85
N PRO C 119 -38.89 -2.68 -12.07
CA PRO C 119 -38.02 -1.56 -12.35
C PRO C 119 -38.30 -0.90 -13.69
N VAL C 120 -38.75 -1.68 -14.69
CA VAL C 120 -39.09 -1.09 -16.01
C VAL C 120 -40.21 -0.08 -15.89
N LEU C 121 -41.25 -0.46 -15.17
CA LEU C 121 -42.36 0.46 -14.90
C LEU C 121 -41.89 1.66 -14.12
N LEU C 122 -41.15 1.42 -13.06
CA LEU C 122 -40.65 2.51 -12.23
C LEU C 122 -39.80 3.51 -13.00
N LEU C 123 -38.92 2.97 -13.82
CA LEU C 123 -38.06 3.81 -14.64
C LEU C 123 -38.87 4.70 -15.62
N TRP C 124 -39.90 4.11 -16.26
CA TRP C 124 -40.85 4.84 -17.13
C TRP C 124 -41.57 5.93 -16.38
N ALA C 125 -41.94 5.62 -15.15
CA ALA C 125 -42.67 6.56 -14.31
C ALA C 125 -41.84 7.75 -13.95
N ILE C 126 -40.57 7.51 -13.65
CA ILE C 126 -39.65 8.58 -13.31
C ILE C 126 -39.48 9.47 -14.55
N GLY C 127 -39.27 8.82 -15.70
CA GLY C 127 -39.12 9.50 -17.00
C GLY C 127 -40.32 10.38 -17.29
N GLN C 128 -41.48 9.87 -16.93
CA GLN C 128 -42.74 10.59 -17.09
C GLN C 128 -42.78 11.82 -16.18
N ALA C 129 -42.47 11.61 -14.92
CA ALA C 129 -42.52 12.68 -13.92
C ALA C 129 -41.58 13.81 -14.26
N VAL C 130 -40.38 13.45 -14.76
CA VAL C 130 -39.35 14.44 -15.12
C VAL C 130 -39.90 15.30 -16.28
N ALA C 131 -40.59 14.65 -17.24
CA ALA C 131 -41.17 15.33 -18.43
C ALA C 131 -42.54 15.99 -18.14
N ARG C 132 -42.82 16.26 -16.87
CA ARG C 132 -44.04 16.93 -16.40
C ARG C 132 -45.38 16.32 -16.85
N ALA C 133 -45.40 15.01 -17.06
CA ALA C 133 -46.63 14.29 -17.39
C ALA C 133 -47.51 14.26 -16.14
N PRO C 134 -48.82 13.99 -16.33
CA PRO C 134 -49.69 13.90 -15.16
C PRO C 134 -49.35 12.72 -14.22
N ARG C 135 -49.52 12.93 -12.90
CA ARG C 135 -49.13 11.93 -11.87
C ARG C 135 -49.90 10.63 -12.06
N LEU C 136 -51.23 10.72 -12.19
CA LEU C 136 -52.09 9.56 -12.50
C LEU C 136 -52.37 9.50 -13.99
N GLN C 137 -52.27 8.31 -14.56
CA GLN C 137 -52.55 8.07 -15.99
C GLN C 137 -53.38 6.79 -16.16
N PRO C 138 -54.29 6.77 -17.13
CA PRO C 138 -55.06 5.54 -17.37
C PRO C 138 -54.20 4.32 -17.74
N TRP C 139 -54.63 3.15 -17.30
CA TRP C 139 -54.00 1.88 -17.69
C TRP C 139 -53.80 1.73 -19.22
N SER C 140 -54.79 2.17 -19.98
CA SER C 140 -54.82 2.03 -21.45
C SER C 140 -53.55 2.58 -22.06
N THR C 141 -53.17 3.79 -21.65
CA THR C 141 -52.02 4.46 -22.23
C THR C 141 -50.69 3.91 -21.68
N THR C 142 -50.67 3.71 -20.37
CA THR C 142 -49.51 3.14 -19.74
C THR C 142 -49.16 1.79 -20.38
N ARG C 143 -50.17 0.98 -20.64
CA ARG C 143 -49.99 -0.34 -21.23
C ARG C 143 -49.18 -0.28 -22.51
N ASP C 144 -49.71 0.42 -23.52
CA ASP C 144 -49.12 0.44 -24.90
C ASP C 144 -48.02 1.50 -25.04
N ALA C 145 -47.75 2.25 -23.98
CA ALA C 145 -46.52 3.06 -23.86
C ALA C 145 -45.31 2.28 -23.28
N VAL C 146 -45.58 1.41 -22.31
CA VAL C 146 -44.57 0.63 -21.59
C VAL C 146 -44.30 -0.75 -22.21
N ALA C 147 -45.33 -1.39 -22.77
CA ALA C 147 -45.20 -2.74 -23.31
C ALA C 147 -44.05 -2.94 -24.31
N PRO C 148 -43.77 -1.96 -25.20
CA PRO C 148 -42.58 -2.06 -26.05
C PRO C 148 -41.27 -2.02 -25.27
N LEU C 149 -41.20 -1.15 -24.26
CA LEU C 149 -40.08 -1.11 -23.32
C LEU C 149 -39.90 -2.44 -22.58
N MET C 150 -41.01 -3.01 -22.15
CA MET C 150 -41.05 -4.29 -21.48
C MET C 150 -40.52 -5.43 -22.38
N GLU C 151 -40.85 -5.40 -23.67
CA GLU C 151 -40.36 -6.39 -24.62
C GLU C 151 -38.87 -6.25 -24.91
N LYS C 152 -38.41 -5.01 -25.08
CA LYS C 152 -37.02 -4.70 -25.49
C LYS C 152 -36.01 -4.77 -24.36
N TYR C 153 -36.41 -4.30 -23.19
CA TYR C 153 -35.52 -4.21 -22.07
C TYR C 153 -35.80 -5.22 -20.95
N GLY C 154 -37.05 -5.65 -20.81
CA GLY C 154 -37.43 -6.62 -19.80
C GLY C 154 -37.40 -8.03 -20.30
N GLN C 155 -36.86 -8.25 -21.50
CA GLN C 155 -36.76 -9.60 -22.11
C GLN C 155 -37.97 -10.52 -21.77
N VAL C 156 -39.17 -9.95 -21.90
CA VAL C 156 -40.40 -10.71 -21.78
C VAL C 156 -41.00 -10.79 -23.16
N GLU C 157 -41.72 -11.88 -23.44
CA GLU C 157 -42.30 -12.13 -24.77
C GLU C 157 -43.51 -11.19 -25.04
N ASP C 158 -44.55 -11.34 -24.23
CA ASP C 158 -45.77 -10.55 -24.37
C ASP C 158 -45.63 -9.36 -23.44
N GLY C 159 -45.25 -8.23 -24.00
CA GLY C 159 -45.07 -7.00 -23.25
C GLY C 159 -46.36 -6.47 -22.68
N VAL C 160 -47.43 -6.57 -23.46
CA VAL C 160 -48.76 -6.13 -23.04
C VAL C 160 -49.18 -6.81 -21.72
N ASP C 161 -48.91 -8.13 -21.66
CA ASP C 161 -49.13 -8.95 -20.46
C ASP C 161 -48.08 -8.65 -19.37
N GLY C 162 -46.84 -8.39 -19.80
CA GLY C 162 -45.75 -8.03 -18.88
C GLY C 162 -46.01 -6.84 -17.98
N VAL C 163 -46.83 -5.88 -18.46
CA VAL C 163 -47.10 -4.64 -17.73
C VAL C 163 -48.13 -4.91 -16.63
N ARG C 164 -48.94 -5.94 -16.78
CA ARG C 164 -50.02 -6.15 -15.78
C ARG C 164 -49.47 -6.38 -14.42
N TYR C 165 -48.44 -7.23 -14.35
CA TYR C 165 -47.88 -7.67 -13.08
C TYR C 165 -47.42 -6.45 -12.23
N PRO C 166 -46.46 -5.64 -12.73
CA PRO C 166 -45.97 -4.55 -11.90
C PRO C 166 -46.96 -3.43 -11.73
N PHE C 167 -47.99 -3.39 -12.58
CA PHE C 167 -49.00 -2.34 -12.52
C PHE C 167 -49.77 -2.41 -11.20
N TRP C 168 -49.84 -3.63 -10.67
CA TRP C 168 -50.54 -3.91 -9.43
C TRP C 168 -49.62 -4.22 -8.26
N ALA C 169 -48.59 -5.03 -8.55
CA ALA C 169 -47.59 -5.48 -7.54
C ALA C 169 -46.76 -4.34 -6.93
N LEU C 170 -46.67 -3.24 -7.67
CA LEU C 170 -45.90 -2.12 -7.26
C LEU C 170 -46.64 -1.31 -6.22
N VAL C 171 -47.91 -1.61 -6.03
CA VAL C 171 -48.70 -0.91 -5.03
C VAL C 171 -48.28 -1.33 -3.65
N ARG C 172 -48.10 -2.64 -3.46
CA ARG C 172 -47.72 -3.17 -2.16
C ARG C 172 -46.22 -2.97 -1.88
N ASP C 173 -45.46 -2.40 -2.82
CA ASP C 173 -44.10 -1.96 -2.56
C ASP C 173 -44.09 -0.49 -2.13
N ASP C 174 -45.26 0.10 -1.89
CA ASP C 174 -45.41 1.54 -1.55
C ASP C 174 -44.82 2.50 -2.55
N LEU C 175 -45.01 2.19 -3.82
CA LEU C 175 -44.54 3.05 -4.90
C LEU C 175 -45.61 3.43 -5.93
N TRP C 176 -46.77 2.77 -5.90
CA TRP C 176 -47.78 2.89 -6.94
C TRP C 176 -49.19 2.91 -6.31
N CYS C 177 -50.17 3.41 -7.07
CA CYS C 177 -51.59 3.52 -6.63
C CYS C 177 -52.50 3.33 -7.84
N VAL C 178 -53.68 2.73 -7.65
CA VAL C 178 -54.58 2.42 -8.80
C VAL C 178 -56.08 2.85 -8.73
N GLU C 179 -56.40 3.85 -7.92
CA GLU C 179 -57.72 4.51 -8.01
C GLU C 179 -58.91 3.55 -7.69
N GLN C 180 -59.67 3.14 -8.70
CA GLN C 180 -60.84 2.30 -8.50
C GLN C 180 -60.33 0.86 -8.55
N ALA C 181 -59.77 0.41 -7.43
CA ALA C 181 -59.17 -0.93 -7.38
C ALA C 181 -60.26 -1.99 -7.20
N GLU C 182 -61.12 -1.75 -6.21
CA GLU C 182 -62.21 -2.67 -5.87
C GLU C 182 -62.91 -3.29 -7.11
N GLU C 183 -63.06 -2.50 -8.19
CA GLU C 183 -63.75 -2.93 -9.41
C GLU C 183 -63.01 -4.02 -10.20
N LEU C 184 -61.70 -4.17 -9.96
CA LEU C 184 -60.86 -5.11 -10.71
C LEU C 184 -61.02 -6.53 -10.19
N THR C 185 -60.85 -7.49 -11.07
CA THR C 185 -60.95 -8.92 -10.73
C THR C 185 -59.54 -9.53 -10.82
N LEU C 186 -59.07 -10.11 -9.73
CA LEU C 186 -57.68 -10.55 -9.62
C LEU C 186 -57.52 -11.92 -10.19
N THR C 187 -56.28 -12.28 -10.48
CA THR C 187 -55.94 -13.59 -11.04
C THR C 187 -56.21 -14.62 -9.95
N SER C 188 -56.23 -15.88 -10.36
CA SER C 188 -56.45 -16.96 -9.40
C SER C 188 -55.34 -16.89 -8.37
N ARG C 189 -54.12 -16.70 -8.86
CA ARG C 189 -52.95 -16.70 -8.02
C ARG C 189 -52.73 -15.54 -6.96
N GLY C 190 -52.70 -14.25 -7.34
CA GLY C 190 -53.26 -13.20 -6.36
C GLY C 190 -52.93 -11.86 -7.07
N ARG C 191 -51.83 -11.77 -7.85
CA ARG C 191 -50.89 -10.55 -7.74
C ARG C 191 -51.01 -9.83 -9.11
N ARG C 192 -51.87 -10.35 -10.00
CA ARG C 192 -52.12 -9.79 -11.33
C ARG C 192 -53.65 -9.56 -11.38
N PRO C 193 -54.11 -8.35 -11.76
CA PRO C 193 -55.50 -8.26 -12.23
C PRO C 193 -55.54 -8.87 -13.61
N THR C 194 -56.70 -9.42 -14.00
CA THR C 194 -56.78 -10.02 -15.32
C THR C 194 -56.87 -8.96 -16.41
N LEU C 195 -56.43 -9.33 -17.61
CA LEU C 195 -56.32 -8.39 -18.71
C LEU C 195 -57.71 -7.78 -18.98
N GLU C 196 -58.72 -8.66 -19.00
CA GLU C 196 -60.09 -8.24 -19.30
C GLU C 196 -60.57 -7.15 -18.35
N SER C 197 -60.34 -7.36 -17.07
CA SER C 197 -60.77 -6.42 -16.06
C SER C 197 -60.06 -5.06 -16.16
N LEU C 198 -58.78 -5.08 -16.55
CA LEU C 198 -58.00 -3.85 -16.71
C LEU C 198 -58.41 -3.03 -17.92
N ASN C 199 -58.63 -3.73 -19.04
CA ASN C 199 -59.07 -3.09 -20.28
C ASN C 199 -60.48 -2.53 -20.15
N ALA C 200 -61.34 -3.23 -19.40
CA ALA C 200 -62.69 -2.77 -19.09
C ALA C 200 -62.72 -1.48 -18.25
N VAL C 201 -62.18 -1.53 -17.05
CA VAL C 201 -62.23 -0.39 -16.15
C VAL C 201 -61.32 0.77 -16.54
N ASP C 202 -60.18 0.47 -17.17
CA ASP C 202 -59.19 1.49 -17.54
C ASP C 202 -58.87 2.49 -16.40
N PRO C 203 -58.47 1.93 -15.24
CA PRO C 203 -58.25 2.70 -14.01
C PRO C 203 -57.03 3.60 -14.09
N SER C 204 -57.17 4.82 -13.62
CA SER C 204 -56.08 5.76 -13.62
C SER C 204 -55.11 5.43 -12.47
N ALA C 205 -53.93 4.92 -12.83
CA ALA C 205 -52.88 4.59 -11.87
C ALA C 205 -51.64 5.43 -12.07
N GLY C 206 -50.84 5.53 -11.02
CA GLY C 206 -49.56 6.22 -11.12
C GLY C 206 -48.65 6.12 -9.91
N LEU C 207 -47.78 7.12 -9.79
CA LEU C 207 -46.90 7.25 -8.65
C LEU C 207 -47.64 7.78 -7.43
N ARG C 208 -46.98 7.76 -6.29
CA ARG C 208 -47.56 8.35 -5.10
C ARG C 208 -47.47 9.88 -5.17
N GLU C 209 -48.24 10.55 -4.34
CA GLU C 209 -48.35 12.00 -4.35
C GLU C 209 -47.00 12.65 -4.07
N ASP C 210 -46.54 12.51 -2.84
CA ASP C 210 -45.28 13.12 -2.37
C ASP C 210 -44.05 12.75 -3.26
N ASP C 211 -44.04 11.52 -3.76
CA ASP C 211 -42.97 11.04 -4.63
C ASP C 211 -42.97 11.80 -5.93
N TYR C 212 -44.13 11.98 -6.52
CA TYR C 212 -44.27 12.72 -7.77
C TYR C 212 -43.81 14.16 -7.62
N ASN C 213 -44.14 14.76 -6.47
CA ASN C 213 -43.76 16.13 -6.19
C ASN C 213 -42.28 16.23 -5.93
N LEU C 214 -41.73 15.23 -5.24
CA LEU C 214 -40.27 15.13 -5.04
C LEU C 214 -39.48 15.09 -6.35
N LEU C 215 -39.90 14.21 -7.24
CA LEU C 215 -39.30 14.11 -8.55
C LEU C 215 -39.45 15.39 -9.35
N ARG C 216 -40.66 15.97 -9.33
CA ARG C 216 -40.95 17.20 -10.09
C ARG C 216 -40.16 18.39 -9.55
N SER C 217 -39.93 18.42 -8.24
CA SER C 217 -39.20 19.53 -7.60
C SER C 217 -37.67 19.34 -7.62
N GLN C 218 -37.20 18.14 -7.26
CA GLN C 218 -35.76 17.86 -7.08
C GLN C 218 -35.26 16.82 -8.07
N PRO C 219 -34.53 17.27 -9.10
CA PRO C 219 -34.07 16.34 -10.15
C PRO C 219 -32.94 15.38 -9.73
N GLU C 220 -32.16 15.77 -8.73
CA GLU C 220 -31.15 14.94 -8.06
C GLU C 220 -31.72 13.59 -7.56
N ALA C 221 -32.93 13.66 -7.01
CA ALA C 221 -33.63 12.49 -6.50
C ALA C 221 -34.10 11.54 -7.63
N ALA C 222 -34.58 12.14 -8.72
CA ALA C 222 -34.93 11.38 -9.90
C ALA C 222 -33.71 10.66 -10.48
N ALA C 223 -32.62 11.42 -10.66
CA ALA C 223 -31.33 10.92 -11.20
C ALA C 223 -30.69 9.83 -10.32
N SER C 224 -30.82 10.05 -9.00
CA SER C 224 -30.39 9.06 -8.03
C SER C 224 -31.18 7.75 -8.12
N ALA C 225 -32.50 7.86 -8.16
CA ALA C 225 -33.39 6.70 -8.20
C ALA C 225 -33.22 5.92 -9.46
N ALA C 226 -33.18 6.64 -10.56
CA ALA C 226 -32.95 6.01 -11.86
C ALA C 226 -31.59 5.31 -11.96
N ALA C 227 -30.56 5.98 -11.43
CA ALA C 227 -29.21 5.41 -11.38
C ALA C 227 -29.17 4.14 -10.52
N GLY C 228 -29.92 4.15 -9.44
CA GLY C 228 -30.03 2.99 -8.59
C GLY C 228 -30.60 1.85 -9.37
N LEU C 229 -31.73 2.09 -10.02
CA LEU C 229 -32.40 1.03 -10.73
C LEU C 229 -31.51 0.55 -11.82
N ILE C 230 -30.79 1.46 -12.48
CA ILE C 230 -29.93 1.10 -13.63
C ILE C 230 -28.70 0.33 -13.19
N ALA C 231 -28.26 0.63 -11.98
CA ALA C 231 -27.11 -0.06 -11.43
C ALA C 231 -27.41 -1.52 -11.13
N ARG C 232 -28.55 -1.78 -10.53
CA ARG C 232 -28.91 -3.17 -10.13
C ARG C 232 -29.48 -4.00 -11.27
N TYR C 233 -30.40 -3.43 -12.01
CA TYR C 233 -30.91 -4.02 -13.25
C TYR C 233 -30.35 -3.19 -14.40
N PHE C 234 -30.10 -3.75 -15.59
CA PHE C 234 -29.44 -2.93 -16.71
C PHE C 234 -28.03 -2.30 -16.45
N HIS C 235 -27.15 -2.95 -15.71
CA HIS C 235 -25.80 -2.41 -15.47
C HIS C 235 -25.02 -2.35 -16.77
N LEU C 236 -25.29 -3.30 -17.65
CA LEU C 236 -24.82 -3.26 -19.03
C LEU C 236 -25.79 -2.38 -19.79
N LEU C 237 -25.69 -1.07 -19.62
CA LEU C 237 -26.69 -0.15 -20.15
C LEU C 237 -26.76 -0.20 -21.67
N PRO C 238 -27.84 -0.81 -22.24
CA PRO C 238 -27.89 -0.93 -23.71
C PRO C 238 -28.21 0.41 -24.39
N ALA C 239 -27.81 0.51 -25.67
CA ALA C 239 -28.16 1.65 -26.50
C ALA C 239 -29.61 1.45 -26.97
N GLY C 240 -30.47 2.45 -26.83
CA GLY C 240 -30.27 3.62 -26.00
C GLY C 240 -31.53 3.54 -25.18
N LEU C 241 -31.41 3.17 -23.92
CA LEU C 241 -32.58 3.07 -23.07
C LEU C 241 -32.86 4.39 -22.42
N LEU C 242 -31.90 5.28 -22.32
CA LEU C 242 -32.18 6.48 -21.57
C LEU C 242 -33.28 7.28 -22.25
N GLU C 243 -33.25 7.40 -23.56
CA GLU C 243 -34.48 7.62 -24.36
C GLU C 243 -34.22 6.54 -25.32
N ASP C 244 -34.99 5.46 -25.36
CA ASP C 244 -36.43 5.30 -25.06
C ASP C 244 -37.17 5.78 -23.76
N PHE C 245 -36.54 5.71 -22.61
CA PHE C 245 -37.27 5.99 -21.35
C PHE C 245 -37.56 7.46 -21.02
N GLY C 246 -36.98 8.40 -21.75
CA GLY C 246 -37.14 9.81 -21.40
C GLY C 246 -36.24 10.27 -20.25
N LEU C 247 -35.13 9.54 -20.07
CA LEU C 247 -34.06 9.84 -19.09
C LEU C 247 -32.74 10.25 -19.75
N HIS C 248 -32.71 10.43 -21.05
CA HIS C 248 -31.50 10.82 -21.75
C HIS C 248 -31.01 12.19 -21.31
N GLU C 249 -31.87 13.18 -21.35
CA GLU C 249 -31.50 14.54 -20.91
C GLU C 249 -31.02 14.60 -19.45
N LEU C 250 -31.55 13.69 -18.62
CA LEU C 250 -31.19 13.61 -17.20
C LEU C 250 -29.91 12.82 -16.86
N LEU C 251 -29.64 11.73 -17.58
CA LEU C 251 -28.57 10.78 -17.26
C LEU C 251 -27.58 10.46 -18.39
N ALA C 252 -27.68 11.14 -19.54
CA ALA C 252 -26.92 10.72 -20.75
C ALA C 252 -25.43 10.76 -20.53
N GLY C 253 -24.99 11.81 -19.84
CA GLY C 253 -23.58 12.03 -19.61
C GLY C 253 -22.90 10.89 -18.90
N ARG C 254 -23.31 10.67 -17.67
CA ARG C 254 -22.97 9.43 -17.01
C ARG C 254 -24.08 9.18 -16.00
N TRP C 255 -24.58 7.94 -16.06
CA TRP C 255 -25.72 7.52 -15.24
C TRP C 255 -25.39 7.36 -13.75
N PRO C 256 -24.21 6.80 -13.42
CA PRO C 256 -23.97 6.59 -12.01
C PRO C 256 -23.44 7.79 -11.27
N ASP C 257 -23.31 8.93 -11.93
CA ASP C 257 -22.81 10.16 -11.30
C ASP C 257 -23.66 10.63 -10.14
N ALA C 258 -24.95 10.37 -10.19
CA ALA C 258 -25.88 10.80 -9.14
C ALA C 258 -25.88 9.92 -7.89
N LEU C 259 -25.25 8.75 -7.99
CA LEU C 259 -25.14 7.82 -6.86
C LEU C 259 -24.30 8.36 -5.70
N ARG C 260 -24.73 8.12 -4.48
CA ARG C 260 -23.91 8.40 -3.28
C ARG C 260 -23.77 7.14 -2.39
N PRO C 261 -22.72 7.05 -1.57
CA PRO C 261 -21.65 8.05 -1.37
C PRO C 261 -20.67 8.24 -2.51
N LEU C 262 -19.93 9.32 -2.41
CA LEU C 262 -18.82 9.58 -3.32
C LEU C 262 -17.63 8.74 -2.92
N LEU C 263 -16.75 8.47 -3.88
CA LEU C 263 -15.49 7.80 -3.57
C LEU C 263 -14.67 8.69 -2.63
N GLY C 264 -14.29 8.12 -1.49
CA GLY C 264 -13.45 8.80 -0.54
C GLY C 264 -14.19 9.40 0.64
N GLU C 265 -15.51 9.22 0.72
CA GLU C 265 -16.26 9.68 1.91
C GLU C 265 -15.82 8.88 3.12
N THR C 266 -15.55 9.56 4.23
CA THR C 266 -14.94 8.94 5.39
C THR C 266 -15.85 8.96 6.57
N PHE C 267 -15.93 7.83 7.29
CA PHE C 267 -16.78 7.67 8.47
C PHE C 267 -16.06 6.99 9.61
N LYS C 268 -16.36 7.40 10.83
CA LYS C 268 -15.67 6.88 12.04
C LYS C 268 -16.17 5.49 12.36
N ASP C 269 -17.46 5.37 12.67
CA ASP C 269 -18.07 4.10 13.00
C ASP C 269 -18.65 3.46 11.78
N ARG C 270 -19.03 2.22 11.94
CA ARG C 270 -19.91 1.51 11.00
C ARG C 270 -21.35 2.04 11.13
N ASP C 271 -21.67 2.44 12.34
CA ASP C 271 -22.92 3.09 12.66
C ASP C 271 -23.07 4.42 11.94
N ALA C 272 -21.98 5.12 11.73
CA ALA C 272 -22.00 6.40 11.05
C ALA C 272 -22.35 6.22 9.60
N ILE C 273 -21.80 5.17 9.01
CA ILE C 273 -22.14 4.73 7.65
C ILE C 273 -23.62 4.36 7.54
N TRP C 274 -24.11 3.62 8.52
CA TRP C 274 -25.45 3.16 8.51
C TRP C 274 -26.42 4.35 8.58
N ARG C 275 -26.10 5.34 9.41
CA ARG C 275 -26.96 6.53 9.57
C ARG C 275 -27.13 7.23 8.25
N ALA C 276 -26.06 7.31 7.48
CA ALA C 276 -26.01 8.09 6.27
C ALA C 276 -26.60 7.37 5.07
N TYR C 277 -26.50 6.04 5.00
CA TYR C 277 -26.88 5.30 3.79
C TYR C 277 -27.67 4.00 4.03
N GLY C 278 -27.95 3.67 5.29
CA GLY C 278 -28.73 2.48 5.64
C GLY C 278 -28.00 1.15 5.60
N GLY C 279 -28.73 0.08 5.32
CA GLY C 279 -28.22 -1.29 5.31
C GLY C 279 -28.29 -1.83 6.71
N GLN C 280 -27.49 -2.85 7.04
CA GLN C 280 -27.22 -3.19 8.46
C GLN C 280 -25.72 -3.21 8.76
N LYS C 281 -25.33 -3.19 10.05
CA LYS C 281 -23.95 -3.47 10.49
C LYS C 281 -23.53 -5.00 10.39
N MET C 282 -23.48 -5.47 9.16
CA MET C 282 -23.14 -6.83 8.80
C MET C 282 -21.96 -6.67 7.88
N ALA C 283 -21.07 -7.65 7.94
CA ALA C 283 -19.81 -7.51 7.24
C ALA C 283 -20.13 -7.48 5.77
N GLY C 284 -20.99 -8.38 5.39
CA GLY C 284 -21.43 -8.41 4.04
C GLY C 284 -20.71 -9.28 3.00
N ILE C 285 -21.27 -9.32 1.82
CA ILE C 285 -22.12 -8.23 1.37
C ILE C 285 -23.30 -7.85 2.31
N GLY C 286 -23.56 -6.56 2.34
CA GLY C 286 -24.80 -6.00 2.84
C GLY C 286 -25.21 -5.03 1.75
N CYS C 287 -26.50 -4.78 1.61
CA CYS C 287 -26.98 -3.78 0.67
C CYS C 287 -27.32 -2.54 1.42
N LEU C 288 -26.90 -1.39 0.91
CA LEU C 288 -27.30 -0.12 1.49
C LEU C 288 -28.73 0.17 1.09
N ALA C 289 -29.27 1.29 1.58
CA ALA C 289 -30.65 1.68 1.31
C ALA C 289 -31.02 1.70 -0.18
N ASP C 290 -30.09 2.16 -1.03
CA ASP C 290 -30.24 2.16 -2.48
C ASP C 290 -30.30 0.76 -3.14
N GLY C 291 -30.01 -0.29 -2.35
CA GLY C 291 -30.11 -1.66 -2.85
C GLY C 291 -28.88 -2.12 -3.58
N ILE C 292 -27.85 -1.26 -3.58
CA ILE C 292 -26.55 -1.61 -4.18
C ILE C 292 -25.65 -2.27 -3.15
N LEU C 293 -25.07 -3.37 -3.59
CA LEU C 293 -24.27 -4.22 -2.74
C LEU C 293 -23.07 -3.44 -2.22
N SER C 294 -22.71 -3.70 -0.98
CA SER C 294 -21.54 -3.06 -0.33
C SER C 294 -20.79 -4.09 0.52
N ALA C 295 -19.48 -4.21 0.30
CA ALA C 295 -18.66 -5.16 1.03
C ALA C 295 -17.77 -4.37 1.97
N PHE C 296 -17.65 -4.79 3.22
CA PHE C 296 -16.87 -4.09 4.23
C PHE C 296 -15.69 -4.91 4.74
N SER C 297 -14.49 -4.35 4.67
CA SER C 297 -13.26 -5.00 5.12
C SER C 297 -12.61 -4.18 6.23
N ASP C 298 -12.39 -4.79 7.37
CA ASP C 298 -11.92 -4.10 8.56
C ASP C 298 -10.58 -4.68 8.96
N ASP C 299 -9.50 -3.90 8.84
CA ASP C 299 -8.14 -4.43 9.09
C ASP C 299 -8.02 -4.75 10.53
N LYS C 300 -7.63 -5.99 10.82
CA LYS C 300 -7.58 -6.51 12.21
C LYS C 300 -6.37 -6.01 13.03
N GLY C 301 -5.16 -6.18 12.50
CA GLY C 301 -3.92 -5.71 13.09
C GLY C 301 -3.12 -4.93 12.05
N PRO C 302 -1.89 -4.51 12.39
CA PRO C 302 -1.09 -3.67 11.47
C PRO C 302 -0.36 -4.36 10.32
N TYR C 303 -0.17 -5.68 10.31
CA TYR C 303 0.63 -6.31 9.23
C TYR C 303 -0.21 -7.03 8.16
N ALA C 304 -1.42 -6.51 7.93
CA ALA C 304 -2.23 -6.97 6.79
C ALA C 304 -3.25 -5.94 6.37
N ASP C 305 -3.49 -5.93 5.07
CA ASP C 305 -4.69 -5.38 4.45
C ASP C 305 -5.21 -6.48 3.50
N GLY C 306 -6.37 -6.26 2.90
CA GLY C 306 -6.92 -7.28 2.03
C GLY C 306 -6.15 -7.49 0.73
N ARG C 307 -5.33 -6.52 0.36
CA ARG C 307 -4.81 -6.42 -0.99
C ARG C 307 -3.88 -7.58 -1.20
N ILE C 308 -4.03 -8.32 -2.29
CA ILE C 308 -3.12 -9.45 -2.54
C ILE C 308 -1.78 -8.89 -3.04
N PRO C 309 -0.63 -9.31 -2.46
CA PRO C 309 0.62 -8.63 -2.68
C PRO C 309 0.99 -8.54 -4.11
N ASP C 310 1.80 -7.55 -4.44
CA ASP C 310 2.29 -7.25 -5.80
C ASP C 310 1.19 -6.69 -6.70
N THR C 311 -0.05 -6.62 -6.21
CA THR C 311 -1.17 -6.10 -6.99
C THR C 311 -2.07 -5.23 -6.14
N THR C 312 -3.04 -4.62 -6.84
CA THR C 312 -4.06 -3.75 -6.22
C THR C 312 -5.42 -4.40 -6.03
N TRP C 313 -5.48 -5.70 -6.34
CA TRP C 313 -6.67 -6.50 -6.25
C TRP C 313 -6.86 -6.98 -4.82
N ILE C 314 -8.10 -7.28 -4.44
CA ILE C 314 -8.41 -7.60 -3.08
C ILE C 314 -8.71 -9.09 -2.91
N ALA C 315 -8.35 -9.65 -1.76
CA ALA C 315 -8.78 -11.01 -1.34
C ALA C 315 -9.71 -10.81 -0.18
N TYR C 316 -11.01 -10.95 -0.43
CA TYR C 316 -12.03 -10.58 0.54
C TYR C 316 -12.69 -11.84 1.04
N VAL C 317 -12.65 -12.04 2.35
CA VAL C 317 -13.24 -13.22 2.98
C VAL C 317 -14.74 -13.05 3.05
N GLY C 318 -15.44 -14.16 2.86
CA GLY C 318 -16.85 -14.17 2.70
C GLY C 318 -17.61 -13.78 3.95
N ASP C 319 -18.89 -14.14 3.92
CA ASP C 319 -19.88 -13.69 4.85
C ASP C 319 -19.95 -14.84 5.82
N GLY C 320 -20.79 -14.74 6.83
CA GLY C 320 -21.12 -15.91 7.63
C GLY C 320 -20.05 -16.03 8.67
N LEU C 321 -20.37 -15.71 9.90
CA LEU C 321 -19.30 -15.49 10.88
C LEU C 321 -18.53 -16.75 11.45
N SER C 322 -19.10 -17.95 11.47
CA SER C 322 -18.69 -18.87 12.59
C SER C 322 -18.42 -20.27 12.06
N GLY C 323 -19.24 -20.82 11.18
CA GLY C 323 -19.03 -22.19 10.73
C GLY C 323 -18.82 -22.21 9.26
N ASP C 324 -18.64 -23.38 8.66
CA ASP C 324 -18.55 -23.52 7.19
C ASP C 324 -19.52 -22.57 6.44
N GLN C 325 -18.97 -21.60 5.72
CA GLN C 325 -19.79 -20.60 5.03
C GLN C 325 -20.56 -21.23 3.88
N LYS C 326 -21.74 -20.65 3.61
CA LYS C 326 -22.63 -21.13 2.55
C LYS C 326 -23.06 -19.98 1.66
N LEU C 327 -23.54 -20.28 0.46
CA LEU C 327 -24.03 -19.23 -0.47
C LEU C 327 -25.41 -18.77 -0.02
N THR C 328 -25.40 -18.13 1.13
CA THR C 328 -26.55 -17.56 1.70
C THR C 328 -26.20 -16.15 2.14
N ASP C 329 -27.21 -15.31 2.32
CA ASP C 329 -27.03 -13.89 2.70
C ASP C 329 -26.04 -13.19 1.76
N GLY C 330 -25.00 -12.56 2.33
CA GLY C 330 -24.03 -11.82 1.56
C GLY C 330 -23.37 -12.65 0.48
N ASN C 331 -22.99 -13.88 0.80
CA ASN C 331 -22.28 -14.68 -0.19
C ASN C 331 -23.15 -14.97 -1.38
N GLU C 332 -24.44 -15.19 -1.10
CA GLU C 332 -25.41 -15.42 -2.15
C GLU C 332 -25.47 -14.25 -3.15
N LEU C 333 -25.61 -13.05 -2.59
CA LEU C 333 -25.54 -11.80 -3.34
C LEU C 333 -24.21 -11.61 -4.13
N MET C 334 -23.09 -11.96 -3.53
CA MET C 334 -21.85 -11.87 -4.20
C MET C 334 -21.88 -12.78 -5.42
N ALA C 335 -22.41 -13.99 -5.26
CA ALA C 335 -22.44 -14.99 -6.35
C ALA C 335 -23.36 -14.53 -7.51
N GLU C 336 -24.48 -13.90 -7.15
CA GLU C 336 -25.38 -13.29 -8.14
C GLU C 336 -24.67 -12.17 -8.91
N HIS C 337 -23.84 -11.38 -8.19
CA HIS C 337 -23.04 -10.30 -8.81
C HIS C 337 -21.94 -10.84 -9.68
N GLN C 338 -21.36 -11.95 -9.28
CA GLN C 338 -20.30 -12.57 -10.07
C GLN C 338 -20.83 -13.09 -11.39
N ALA C 339 -22.01 -13.70 -11.38
CA ALA C 339 -22.56 -14.35 -12.56
C ALA C 339 -22.83 -13.38 -13.66
N VAL C 340 -23.42 -12.24 -13.31
CA VAL C 340 -23.78 -11.19 -14.29
C VAL C 340 -22.69 -10.14 -14.51
N GLY C 341 -21.60 -10.24 -13.74
CA GLY C 341 -20.49 -9.30 -13.83
C GLY C 341 -20.88 -7.89 -13.46
N ARG C 342 -21.54 -7.76 -12.31
CA ARG C 342 -21.95 -6.48 -11.73
C ARG C 342 -20.97 -6.02 -10.62
N ALA C 343 -20.63 -4.74 -10.64
CA ALA C 343 -19.73 -4.18 -9.66
C ALA C 343 -20.42 -3.99 -8.37
N LEU C 344 -19.64 -3.65 -7.35
CA LEU C 344 -20.14 -3.40 -5.98
C LEU C 344 -19.21 -2.51 -5.18
N ARG C 345 -19.78 -1.85 -4.17
CA ARG C 345 -19.02 -0.89 -3.34
C ARG C 345 -18.14 -1.59 -2.30
N TYR C 346 -16.85 -1.23 -2.26
CA TYR C 346 -15.88 -1.86 -1.35
C TYR C 346 -15.40 -0.86 -0.31
N TRP C 347 -15.89 -1.01 0.91
CA TRP C 347 -15.51 -0.20 2.04
C TRP C 347 -14.26 -0.77 2.74
N HIS C 348 -13.48 0.09 3.36
CA HIS C 348 -12.23 -0.35 3.97
C HIS C 348 -11.81 0.55 5.11
N LYS C 349 -11.39 -0.06 6.20
CA LYS C 349 -10.94 0.64 7.38
C LYS C 349 -9.55 0.16 7.65
N PRO C 350 -8.55 1.01 7.36
CA PRO C 350 -7.22 0.62 7.79
C PRO C 350 -7.09 0.56 9.29
N PHE C 351 -6.10 -0.19 9.75
CA PHE C 351 -5.82 -0.35 11.18
C PHE C 351 -5.66 0.98 11.92
N GLN C 352 -6.41 1.16 13.00
CA GLN C 352 -6.42 2.43 13.75
C GLN C 352 -6.79 3.64 12.88
N GLY C 353 -7.69 3.42 11.93
CA GLY C 353 -8.14 4.43 10.95
C GLY C 353 -9.64 4.50 10.78
N GLN C 354 -10.10 5.26 9.81
CA GLN C 354 -11.53 5.43 9.58
C GLN C 354 -11.99 4.61 8.38
N TRP C 355 -13.30 4.37 8.30
CA TRP C 355 -13.90 3.72 7.14
C TRP C 355 -13.86 4.65 5.95
N SER C 356 -13.89 4.11 4.76
CA SER C 356 -14.19 4.93 3.58
C SER C 356 -14.66 4.07 2.42
N PHE C 357 -15.60 4.59 1.64
CA PHE C 357 -15.94 3.94 0.42
C PHE C 357 -14.78 4.20 -0.50
N GLU C 358 -13.90 3.23 -0.68
CA GLU C 358 -12.67 3.51 -1.43
C GLU C 358 -12.66 3.07 -2.91
N THR C 359 -13.38 2.01 -3.25
CA THR C 359 -13.49 1.68 -4.66
C THR C 359 -14.73 0.88 -5.02
N TRP C 360 -15.17 1.03 -6.26
CA TRP C 360 -16.07 0.05 -6.83
C TRP C 360 -15.19 -1.16 -7.15
N ALA C 361 -15.76 -2.36 -7.23
CA ALA C 361 -14.98 -3.55 -7.57
C ALA C 361 -15.84 -4.60 -8.17
N VAL C 362 -15.21 -5.51 -8.91
CA VAL C 362 -15.96 -6.54 -9.57
C VAL C 362 -15.40 -7.91 -9.18
N ILE C 363 -16.29 -8.89 -8.98
CA ILE C 363 -15.89 -10.26 -8.59
C ILE C 363 -15.23 -10.90 -9.81
N VAL C 364 -14.02 -11.34 -9.61
CA VAL C 364 -13.20 -11.81 -10.68
C VAL C 364 -12.91 -13.32 -10.57
N GLN C 365 -12.98 -13.82 -9.33
CA GLN C 365 -12.77 -15.24 -9.01
C GLN C 365 -13.29 -15.52 -7.60
N ARG C 366 -13.81 -16.73 -7.36
CA ARG C 366 -14.17 -17.14 -5.99
C ARG C 366 -13.60 -18.47 -5.58
N ARG C 367 -13.05 -18.52 -4.38
CA ARG C 367 -12.33 -19.70 -3.93
C ARG C 367 -12.76 -20.09 -2.56
N LEU C 368 -12.41 -21.32 -2.19
CA LEU C 368 -12.72 -21.84 -0.85
C LEU C 368 -11.43 -22.06 -0.09
N ARG C 369 -11.38 -21.60 1.14
CA ARG C 369 -10.14 -21.65 1.92
C ARG C 369 -10.42 -22.02 3.36
N TRP C 370 -9.39 -22.49 4.08
CA TRP C 370 -9.51 -22.71 5.54
C TRP C 370 -9.26 -21.39 6.26
N GLY C 371 -10.17 -21.01 7.14
CA GLY C 371 -9.96 -19.88 8.05
C GLY C 371 -10.66 -20.05 9.39
N LEU C 372 -10.41 -19.14 10.32
CA LEU C 372 -11.01 -19.19 11.66
C LEU C 372 -12.22 -18.30 11.79
N GLY C 373 -13.27 -18.80 12.41
CA GLY C 373 -14.52 -18.04 12.60
C GLY C 373 -14.40 -17.17 13.82
N GLU C 374 -15.51 -16.53 14.23
CA GLU C 374 -15.51 -15.74 15.46
C GLU C 374 -15.51 -16.60 16.67
N ASP C 375 -15.87 -17.87 16.53
CA ASP C 375 -15.73 -18.85 17.59
C ASP C 375 -14.29 -19.45 17.68
N LYS C 376 -13.34 -18.83 16.96
CA LYS C 376 -11.92 -19.21 16.94
C LYS C 376 -11.68 -20.63 16.39
N LEU C 377 -12.65 -21.21 15.71
CA LEU C 377 -12.51 -22.55 15.22
C LEU C 377 -12.33 -22.60 13.71
N PRO C 378 -11.46 -23.50 13.22
CA PRO C 378 -11.27 -23.73 11.82
C PRO C 378 -12.55 -23.99 11.05
N ARG C 379 -12.57 -23.60 9.78
CA ARG C 379 -13.79 -23.54 9.05
C ARG C 379 -13.59 -23.25 7.57
N ARG C 380 -14.45 -23.80 6.76
CA ARG C 380 -14.46 -23.54 5.34
C ARG C 380 -15.01 -22.12 5.03
N GLU C 381 -14.26 -21.27 4.33
CA GLU C 381 -14.73 -19.89 4.04
C GLU C 381 -14.50 -19.53 2.60
N PHE C 382 -15.32 -18.61 2.09
CA PHE C 382 -15.21 -18.14 0.71
C PHE C 382 -14.14 -17.07 0.61
N LEU C 383 -13.37 -17.10 -0.47
CA LEU C 383 -12.44 -16.04 -0.78
C LEU C 383 -12.85 -15.42 -2.11
N TRP C 384 -13.49 -14.24 -2.02
CA TRP C 384 -13.90 -13.45 -3.17
C TRP C 384 -12.76 -12.55 -3.63
N VAL C 385 -12.25 -12.82 -4.84
CA VAL C 385 -11.15 -12.08 -5.40
C VAL C 385 -11.72 -10.91 -6.16
N LEU C 386 -11.59 -9.73 -5.59
CA LEU C 386 -12.15 -8.51 -6.17
C LEU C 386 -11.12 -7.74 -7.01
N ALA C 387 -11.55 -7.21 -8.14
CA ALA C 387 -10.70 -6.32 -8.91
C ALA C 387 -11.36 -4.94 -8.85
N PRO C 388 -10.62 -3.91 -8.41
CA PRO C 388 -11.16 -2.56 -8.39
C PRO C 388 -11.36 -1.98 -9.79
N VAL C 389 -12.37 -1.10 -9.90
CA VAL C 389 -12.74 -0.41 -11.11
C VAL C 389 -13.16 1.02 -10.76
N PRO C 390 -13.04 1.97 -11.71
CA PRO C 390 -13.36 3.41 -11.49
C PRO C 390 -14.80 3.73 -11.30
N SER C 391 -15.70 3.02 -11.98
CA SER C 391 -17.17 3.16 -11.80
C SER C 391 -17.90 1.88 -12.20
N PRO C 392 -19.21 1.77 -11.88
CA PRO C 392 -19.99 0.62 -12.31
C PRO C 392 -20.07 0.42 -13.81
N GLU C 393 -19.91 1.50 -14.58
CA GLU C 393 -19.98 1.43 -16.02
C GLU C 393 -18.88 0.50 -16.55
N ARG C 394 -19.23 -0.46 -17.37
CA ARG C 394 -18.25 -1.42 -17.91
C ARG C 394 -17.23 -0.80 -18.85
N GLU C 395 -17.63 0.27 -19.52
CA GLU C 395 -16.77 0.99 -20.47
C GLU C 395 -15.53 1.58 -19.82
N THR C 396 -15.62 1.78 -18.51
CA THR C 396 -14.56 2.39 -17.74
C THR C 396 -13.53 1.37 -17.16
N TRP C 397 -13.81 0.08 -17.26
CA TRP C 397 -12.96 -0.94 -16.67
C TRP C 397 -11.73 -1.27 -17.51
N PRO C 398 -10.53 -1.34 -16.90
CA PRO C 398 -9.28 -1.67 -17.61
C PRO C 398 -9.24 -3.08 -18.17
N PRO C 399 -8.36 -3.35 -19.13
CA PRO C 399 -8.37 -4.65 -19.83
C PRO C 399 -8.01 -5.86 -18.96
N GLU C 400 -7.13 -5.69 -17.98
CA GLU C 400 -6.78 -6.80 -17.06
C GLU C 400 -8.03 -7.36 -16.37
N VAL C 401 -8.94 -6.44 -15.99
CA VAL C 401 -10.18 -6.79 -15.35
C VAL C 401 -11.10 -7.51 -16.33
N LEU C 402 -11.27 -6.92 -17.51
CA LEU C 402 -12.09 -7.53 -18.55
C LEU C 402 -11.61 -8.93 -18.90
N GLU C 403 -10.30 -9.09 -19.04
CA GLU C 403 -9.69 -10.40 -19.36
C GLU C 403 -9.92 -11.42 -18.26
N ALA C 404 -9.92 -10.96 -17.02
CA ALA C 404 -10.02 -11.85 -15.91
C ALA C 404 -11.44 -12.34 -15.76
N LEU C 405 -12.39 -11.42 -16.00
CA LEU C 405 -13.81 -11.77 -15.99
C LEU C 405 -14.13 -12.77 -17.11
N GLU C 406 -13.49 -12.55 -18.24
CA GLU C 406 -13.71 -13.31 -19.44
C GLU C 406 -13.34 -14.76 -19.17
N ALA C 407 -12.29 -14.94 -18.37
CA ALA C 407 -11.73 -16.25 -18.00
C ALA C 407 -12.36 -16.91 -16.80
N ASP C 408 -13.28 -16.25 -16.12
CA ASP C 408 -13.68 -16.66 -14.78
C ASP C 408 -14.31 -18.08 -14.71
N THR C 409 -15.36 -18.34 -15.50
CA THR C 409 -16.18 -19.57 -15.39
C THR C 409 -17.14 -19.58 -14.19
N GLY C 410 -17.00 -18.59 -13.30
CA GLY C 410 -17.92 -18.36 -12.20
C GLY C 410 -18.04 -19.50 -11.20
N GLU C 411 -17.10 -20.44 -11.25
CA GLU C 411 -17.21 -21.65 -10.46
C GLU C 411 -16.22 -21.69 -9.30
N LEU C 412 -16.64 -22.32 -8.21
CA LEU C 412 -15.86 -22.34 -6.95
C LEU C 412 -14.58 -23.18 -7.08
N HIS C 413 -13.46 -22.57 -6.69
CA HIS C 413 -12.17 -23.24 -6.68
C HIS C 413 -11.89 -23.68 -5.24
N ASP C 414 -11.93 -24.99 -4.98
CA ASP C 414 -11.88 -25.47 -3.61
C ASP C 414 -10.46 -25.80 -3.24
N ASP C 415 -9.80 -24.90 -2.55
CA ASP C 415 -8.43 -25.14 -2.15
C ASP C 415 -8.33 -25.92 -0.87
N THR C 416 -9.48 -26.20 -0.27
CA THR C 416 -9.55 -26.91 0.97
C THR C 416 -8.97 -28.34 0.93
N GLY C 417 -9.05 -28.98 -0.22
CA GLY C 417 -8.39 -30.26 -0.40
C GLY C 417 -6.85 -30.21 -0.32
N ASP C 418 -6.24 -29.06 -0.64
CA ASP C 418 -4.79 -28.94 -0.71
C ASP C 418 -4.13 -28.77 0.64
N TYR C 419 -4.88 -28.35 1.63
CA TYR C 419 -4.25 -28.17 2.92
C TYR C 419 -5.25 -28.37 4.03
N ARG C 420 -4.73 -28.40 5.25
CA ARG C 420 -5.49 -28.70 6.45
C ARG C 420 -5.42 -27.54 7.45
N PRO C 421 -6.43 -27.40 8.33
CA PRO C 421 -6.35 -26.34 9.32
C PRO C 421 -5.15 -26.36 10.26
N SER C 422 -4.60 -27.56 10.52
CA SER C 422 -3.30 -27.73 11.25
C SER C 422 -2.27 -26.75 10.64
N ASP C 423 -2.36 -26.50 9.32
CA ASP C 423 -1.17 -26.24 8.50
C ASP C 423 -1.23 -24.72 8.51
N LEU C 424 -2.36 -24.15 8.92
CA LEU C 424 -2.40 -22.72 8.97
C LEU C 424 -1.81 -22.25 10.30
N ALA C 425 -1.12 -21.12 10.24
CA ALA C 425 -0.41 -20.56 11.39
C ALA C 425 -1.33 -20.12 12.53
N LEU C 426 -2.60 -19.89 12.25
CA LEU C 426 -3.52 -19.49 13.30
C LEU C 426 -4.09 -20.64 14.14
N THR C 427 -3.75 -21.89 13.84
CA THR C 427 -4.24 -23.01 14.61
C THR C 427 -3.09 -23.53 15.45
N PRO C 428 -3.06 -23.19 16.75
CA PRO C 428 -2.04 -23.70 17.67
C PRO C 428 -2.29 -25.16 17.95
N GLY C 429 -1.22 -25.93 18.11
CA GLY C 429 -1.32 -27.41 18.09
C GLY C 429 -0.05 -28.06 18.55
N ALA C 430 -0.11 -29.36 18.82
CA ALA C 430 1.04 -30.06 19.43
C ALA C 430 2.20 -30.39 18.47
N PRO C 431 1.91 -30.99 17.31
CA PRO C 431 0.66 -31.10 16.53
C PRO C 431 -0.46 -31.97 17.11
N GLY C 433 0.38 -35.04 17.38
CA GLY C 433 -0.27 -35.18 16.06
C GLY C 433 -1.59 -35.91 16.19
N THR C 434 -1.56 -37.25 16.14
CA THR C 434 -0.42 -38.08 15.67
C THR C 434 -0.64 -38.43 14.22
N GLU C 435 -1.65 -37.84 13.59
CA GLU C 435 -1.85 -38.03 12.15
C GLU C 435 -0.52 -37.84 11.40
N SER C 436 0.21 -36.77 11.75
CA SER C 436 1.24 -36.23 10.88
C SER C 436 2.40 -35.82 11.78
N ASP C 437 3.60 -36.21 11.37
CA ASP C 437 4.82 -35.57 11.86
C ASP C 437 4.92 -34.19 11.20
N ASP C 438 5.70 -33.31 11.79
CA ASP C 438 5.95 -32.02 11.14
C ASP C 438 6.67 -32.11 9.79
N GLU C 439 7.39 -33.21 9.55
CA GLU C 439 8.00 -33.42 8.26
C GLU C 439 7.06 -34.20 7.32
N ALA C 440 5.77 -34.25 7.61
CA ALA C 440 4.74 -34.49 6.59
C ALA C 440 4.18 -33.12 6.02
N TYR C 441 4.91 -32.03 6.26
CA TYR C 441 5.34 -31.03 5.22
C TYR C 441 5.48 -31.50 3.76
N ARG C 442 6.07 -32.70 3.58
CA ARG C 442 6.12 -33.39 2.27
C ARG C 442 4.79 -33.38 1.57
N ARG C 443 3.73 -33.64 2.34
CA ARG C 443 2.37 -33.56 1.82
C ARG C 443 2.05 -32.21 1.17
N LEU C 444 2.35 -31.15 1.92
CA LEU C 444 2.12 -29.79 1.45
C LEU C 444 2.95 -29.45 0.21
N ALA C 445 4.25 -29.69 0.29
CA ALA C 445 5.11 -29.45 -0.82
C ALA C 445 4.64 -30.15 -2.11
N GLN C 446 4.20 -31.39 -1.98
CA GLN C 446 3.67 -32.11 -3.12
C GLN C 446 2.49 -31.41 -3.78
N LYS C 447 1.54 -30.93 -2.95
CA LYS C 447 0.35 -30.22 -3.48
C LYS C 447 0.74 -28.92 -4.11
N ALA C 448 1.69 -28.23 -3.50
CA ALA C 448 2.20 -27.00 -4.07
C ALA C 448 2.77 -27.25 -5.48
N GLU C 449 3.58 -28.30 -5.65
CA GLU C 449 4.14 -28.67 -6.96
C GLU C 449 3.07 -28.92 -7.97
N ALA C 450 2.13 -29.76 -7.59
CA ALA C 450 1.04 -30.16 -8.46
C ALA C 450 0.26 -28.97 -8.96
N ASN C 451 -0.01 -28.03 -8.07
CA ASN C 451 -0.75 -26.82 -8.42
C ASN C 451 0.10 -25.91 -9.29
N ALA C 452 1.36 -25.78 -8.92
CA ALA C 452 2.34 -24.96 -9.65
C ALA C 452 2.49 -25.39 -11.06
N GLU C 453 2.62 -26.70 -11.28
CA GLU C 453 2.68 -27.26 -12.64
C GLU C 453 1.45 -26.92 -13.45
N ARG C 454 0.27 -26.98 -12.80
CA ARG C 454 -0.99 -26.74 -13.47
C ARG C 454 -1.17 -25.26 -13.84
N ARG C 455 -0.60 -24.37 -13.04
CA ARG C 455 -0.59 -22.94 -13.34
C ARG C 455 0.40 -22.58 -14.40
N GLY C 456 1.49 -23.34 -14.45
CA GLY C 456 2.56 -23.10 -15.40
C GLY C 456 2.13 -23.31 -16.83
N GLN C 457 1.10 -24.12 -17.04
CA GLN C 457 0.62 -24.48 -18.37
C GLN C 457 -0.60 -23.66 -18.78
N LEU C 458 -0.90 -22.62 -18.01
CA LEU C 458 -1.99 -21.71 -18.36
C LEU C 458 -1.56 -20.81 -19.53
N LYS C 459 -2.33 -20.83 -20.61
CA LYS C 459 -2.00 -20.05 -21.81
C LYS C 459 -2.20 -18.56 -21.58
N LYS C 460 -3.42 -18.19 -21.22
CA LYS C 460 -3.74 -16.82 -20.79
C LYS C 460 -3.94 -16.84 -19.25
N PRO C 461 -2.90 -16.45 -18.49
CA PRO C 461 -3.02 -16.38 -17.03
C PRO C 461 -3.48 -15.02 -16.55
N THR C 462 -4.57 -14.98 -15.76
CA THR C 462 -5.12 -13.71 -15.23
C THR C 462 -4.20 -13.23 -14.13
N VAL C 463 -4.34 -11.99 -13.68
CA VAL C 463 -3.43 -11.50 -12.65
C VAL C 463 -3.72 -12.21 -11.32
N ALA C 464 -4.92 -12.74 -11.19
CA ALA C 464 -5.26 -13.61 -10.07
C ALA C 464 -4.48 -14.92 -10.12
N ASP C 465 -4.42 -15.54 -11.28
CA ASP C 465 -3.72 -16.81 -11.43
C ASP C 465 -2.27 -16.65 -11.05
N LYS C 466 -1.74 -15.48 -11.39
CA LYS C 466 -0.33 -15.19 -11.27
C LYS C 466 0.07 -14.79 -9.87
N TYR C 467 -0.79 -14.07 -9.15
CA TYR C 467 -0.41 -13.38 -7.89
C TYR C 467 -1.10 -13.80 -6.60
N VAL C 468 -2.27 -14.43 -6.69
CA VAL C 468 -2.90 -15.09 -5.53
C VAL C 468 -1.98 -16.21 -5.03
N ARG C 469 -1.77 -16.26 -3.71
CA ARG C 469 -0.73 -17.18 -3.18
C ARG C 469 -1.26 -18.47 -2.63
N ASP C 470 -0.64 -19.57 -3.06
CA ASP C 470 -1.05 -20.94 -2.70
C ASP C 470 -0.80 -21.17 -1.17
N PRO C 471 -1.88 -21.39 -0.41
CA PRO C 471 -1.80 -21.72 1.00
C PRO C 471 -0.89 -22.88 1.29
N SER C 472 -0.90 -23.91 0.42
CA SER C 472 -0.19 -25.16 0.66
C SER C 472 1.30 -24.97 0.72
N ALA C 473 1.82 -24.12 -0.16
CA ALA C 473 3.24 -23.81 -0.16
C ALA C 473 3.70 -22.96 1.04
N ARG C 474 2.92 -21.92 1.35
CA ARG C 474 3.15 -21.14 2.57
C ARG C 474 3.16 -22.04 3.77
N GLY C 475 2.14 -22.89 3.88
CA GLY C 475 2.03 -23.81 4.99
C GLY C 475 3.30 -24.61 5.13
N ALA C 476 3.78 -25.11 4.00
CA ALA C 476 4.94 -25.99 4.01
C ALA C 476 6.12 -25.25 4.66
N VAL C 477 6.38 -24.01 4.23
CA VAL C 477 7.50 -23.20 4.74
C VAL C 477 7.37 -23.05 6.24
N LEU C 478 6.14 -22.89 6.71
CA LEU C 478 5.89 -22.69 8.17
C LEU C 478 6.21 -23.93 8.94
N LYS C 479 5.88 -25.10 8.39
CA LYS C 479 6.21 -26.37 9.04
C LYS C 479 7.68 -26.67 8.97
N ARG C 480 8.35 -26.12 7.98
CA ARG C 480 9.76 -26.32 7.84
C ARG C 480 10.52 -25.48 8.84
N CYS C 481 10.24 -24.18 8.89
CA CYS C 481 11.15 -23.21 9.54
C CYS C 481 11.04 -23.20 11.04
N GLN C 482 9.87 -23.60 11.53
CA GLN C 482 9.55 -23.65 12.96
C GLN C 482 9.94 -22.41 13.73
N LYS C 483 9.25 -21.32 13.38
CA LYS C 483 9.36 -20.04 14.07
C LYS C 483 10.75 -19.44 14.03
N ARG C 484 11.56 -19.75 13.02
CA ARG C 484 12.91 -19.22 12.93
C ARG C 484 13.25 -18.67 11.56
N CYS C 485 14.15 -17.71 11.54
CA CYS C 485 14.68 -17.16 10.29
C CYS C 485 15.46 -18.27 9.60
N GLU C 486 15.32 -18.42 8.29
CA GLU C 486 16.03 -19.44 7.50
C GLU C 486 17.32 -18.90 6.83
N ASN C 487 17.57 -17.60 7.00
CA ASN C 487 18.74 -16.98 6.42
C ASN C 487 19.84 -17.40 7.29
N PRO C 488 20.81 -18.15 6.75
CA PRO C 488 21.94 -18.60 7.56
C PRO C 488 22.89 -17.50 8.00
N GLU C 489 22.81 -16.32 7.41
CA GLU C 489 23.59 -15.19 7.89
C GLU C 489 22.79 -14.24 8.79
N CYS C 490 21.76 -14.72 9.46
CA CYS C 490 20.87 -13.82 10.21
C CYS C 490 21.65 -13.24 11.38
N ALA C 491 21.67 -11.93 11.47
CA ALA C 491 22.32 -11.28 12.60
C ALA C 491 21.69 -11.63 13.97
N GLY C 492 20.45 -12.13 13.94
CA GLY C 492 19.70 -12.51 15.14
C GLY C 492 18.29 -11.94 15.13
N HIS C 493 17.35 -12.67 15.75
CA HIS C 493 15.97 -12.26 15.77
C HIS C 493 15.24 -12.82 16.98
N PRO C 494 14.23 -12.08 17.49
CA PRO C 494 13.56 -12.41 18.75
C PRO C 494 12.59 -13.56 18.63
N THR C 495 12.44 -14.30 19.71
CA THR C 495 11.51 -15.43 19.71
C THR C 495 10.17 -15.09 20.32
N GLU C 496 10.04 -13.86 20.82
CA GLU C 496 8.74 -13.29 21.21
C GLU C 496 7.74 -13.39 20.08
N LEU C 497 6.50 -13.74 20.42
CA LEU C 497 5.44 -13.77 19.42
C LEU C 497 4.75 -12.39 19.32
N THR C 498 3.87 -12.27 18.32
CA THR C 498 3.03 -11.06 18.16
C THR C 498 1.88 -11.14 19.15
N LYS C 499 1.13 -10.04 19.26
CA LYS C 499 -0.09 -10.02 20.09
C LYS C 499 -1.06 -11.10 19.66
N ALA C 500 -1.04 -11.46 18.38
CA ALA C 500 -1.94 -12.43 17.84
C ALA C 500 -1.38 -13.84 17.92
N GLY C 501 -0.17 -13.96 18.45
CA GLY C 501 0.39 -15.28 18.72
C GLY C 501 1.12 -15.98 17.58
N LEU C 502 1.59 -15.18 16.59
CA LEU C 502 2.37 -15.67 15.45
C LEU C 502 3.81 -15.18 15.57
N PRO C 503 4.73 -15.93 14.95
CA PRO C 503 6.11 -15.53 15.12
C PRO C 503 6.35 -14.31 14.28
N ILE C 504 7.37 -13.53 14.66
CA ILE C 504 7.73 -12.31 13.96
C ILE C 504 8.60 -12.69 12.79
N LEU C 505 7.95 -13.25 11.77
CA LEU C 505 8.62 -13.72 10.54
C LEU C 505 7.74 -13.48 9.37
N GLN C 506 8.31 -13.60 8.19
CA GLN C 506 7.47 -13.68 7.02
C GLN C 506 8.00 -14.63 5.99
N VAL C 507 7.07 -15.37 5.35
CA VAL C 507 7.35 -16.24 4.26
C VAL C 507 7.34 -15.45 3.00
N ASP C 508 8.36 -15.62 2.19
CA ASP C 508 8.57 -14.77 1.03
C ASP C 508 9.30 -15.57 -0.05
N HIS C 509 9.00 -15.32 -1.32
CA HIS C 509 9.67 -16.03 -2.42
C HIS C 509 11.06 -15.45 -2.67
N VAL C 510 12.04 -16.32 -2.93
CA VAL C 510 13.40 -15.84 -3.28
C VAL C 510 13.40 -15.32 -4.68
N ASN C 511 12.64 -15.95 -5.59
CA ASN C 511 12.45 -15.47 -6.95
C ASN C 511 11.03 -14.96 -7.10
N ASP C 512 10.85 -13.63 -7.19
CA ASP C 512 9.52 -13.02 -7.07
C ASP C 512 8.53 -13.54 -8.10
N LEU C 513 7.29 -13.79 -7.68
CA LEU C 513 6.24 -14.31 -8.58
C LEU C 513 6.10 -13.42 -9.77
N ALA C 514 6.25 -12.11 -9.51
CA ALA C 514 6.16 -11.09 -10.53
C ALA C 514 7.17 -11.34 -11.61
N LYS C 515 8.36 -11.81 -11.25
CA LYS C 515 9.41 -12.14 -12.20
C LYS C 515 9.45 -13.63 -12.53
N GLY C 516 8.28 -14.26 -12.60
CA GLY C 516 8.19 -15.62 -13.12
C GLY C 516 8.53 -16.76 -12.17
N GLY C 517 9.10 -16.45 -11.01
CA GLY C 517 9.37 -17.46 -10.00
C GLY C 517 8.12 -18.24 -9.61
N PRO C 518 8.30 -19.54 -9.28
CA PRO C 518 7.21 -20.47 -8.97
C PRO C 518 6.75 -20.42 -7.53
N ASP C 519 5.45 -20.64 -7.30
CA ASP C 519 4.86 -20.58 -5.95
C ASP C 519 4.97 -21.94 -5.30
N VAL C 520 6.19 -22.28 -4.91
CA VAL C 520 6.55 -23.55 -4.30
C VAL C 520 7.53 -23.32 -3.15
N PRO C 521 7.56 -24.22 -2.15
CA PRO C 521 8.40 -24.10 -0.97
C PRO C 521 9.90 -23.98 -1.21
N TRP C 522 10.45 -24.68 -2.21
CA TRP C 522 11.90 -24.58 -2.53
C TRP C 522 12.30 -23.27 -3.18
N ASN C 523 11.29 -22.47 -3.57
CA ASN C 523 11.45 -21.08 -4.02
C ASN C 523 11.04 -20.05 -2.95
N MET C 524 10.77 -20.52 -1.74
CA MET C 524 10.40 -19.63 -0.66
C MET C 524 11.29 -19.76 0.56
N ILE C 525 11.21 -18.77 1.41
CA ILE C 525 12.10 -18.67 2.54
C ILE C 525 11.43 -17.84 3.65
N ALA C 526 11.61 -18.28 4.90
CA ALA C 526 11.07 -17.58 6.08
C ALA C 526 12.08 -16.60 6.63
N LEU C 527 11.74 -15.31 6.72
CA LEU C 527 12.71 -14.31 7.18
C LEU C 527 12.13 -13.47 8.30
N CYS C 528 12.99 -13.10 9.24
CA CYS C 528 12.72 -12.03 10.18
C CYS C 528 12.66 -10.69 9.46
N PRO C 529 12.04 -9.70 10.10
CA PRO C 529 11.96 -8.36 9.53
C PRO C 529 13.27 -7.79 9.04
N ASN C 530 14.35 -8.06 9.77
CA ASN C 530 15.67 -7.58 9.39
C ASN C 530 16.14 -8.22 8.09
N CYS C 531 16.17 -9.54 8.06
CA CYS C 531 16.64 -10.25 6.90
C CYS C 531 15.76 -9.97 5.67
N HIS C 532 14.47 -9.82 5.90
CA HIS C 532 13.54 -9.44 4.84
C HIS C 532 13.88 -8.09 4.25
N ALA C 533 14.23 -7.15 5.12
CA ALA C 533 14.67 -5.82 4.66
C ALA C 533 15.98 -5.93 3.85
N LEU C 534 16.87 -6.81 4.32
CA LEU C 534 18.12 -7.09 3.63
C LEU C 534 17.85 -7.63 2.26
N LYS C 535 16.90 -8.57 2.19
CA LYS C 535 16.50 -9.14 0.92
C LYS C 535 15.90 -8.10 -0.07
N THR C 536 15.02 -7.25 0.43
CA THR C 536 14.24 -6.42 -0.46
C THR C 536 14.99 -5.19 -0.89
N TYR C 537 15.70 -4.50 0.01
CA TYR C 537 16.35 -3.23 -0.36
C TYR C 537 17.72 -3.05 0.30
N GLY C 538 18.34 -4.15 0.66
CA GLY C 538 19.70 -4.13 1.18
C GLY C 538 20.68 -3.82 0.06
N ALA C 539 21.86 -3.33 0.42
CA ALA C 539 22.92 -3.04 -0.54
C ALA C 539 23.49 -4.29 -1.19
N ASN C 540 23.40 -5.42 -0.50
CA ASN C 540 23.88 -6.70 -1.03
C ASN C 540 22.71 -7.64 -1.29
N LYS C 541 21.62 -7.08 -1.82
CA LYS C 541 20.34 -7.81 -2.12
C LYS C 541 20.62 -9.02 -3.03
N VAL C 542 21.53 -8.83 -3.96
CA VAL C 542 21.69 -9.72 -5.10
C VAL C 542 22.31 -11.01 -4.62
N ARG C 543 23.45 -10.85 -3.93
CA ARG C 543 24.21 -11.96 -3.38
C ARG C 543 23.39 -12.75 -2.41
N LEU C 544 22.68 -12.03 -1.56
CA LEU C 544 21.75 -12.67 -0.63
C LEU C 544 20.67 -13.51 -1.31
N GLN C 545 20.11 -13.00 -2.40
CA GLN C 545 19.14 -13.77 -3.16
C GLN C 545 19.74 -15.11 -3.61
N ARG C 546 21.02 -15.13 -4.02
CA ARG C 546 21.65 -16.35 -4.42
C ARG C 546 21.78 -17.24 -3.22
N LEU C 547 22.18 -16.70 -2.11
CA LEU C 547 22.35 -17.50 -0.90
C LEU C 547 21.04 -18.14 -0.42
N LEU C 548 20.00 -17.34 -0.42
CA LEU C 548 18.68 -17.81 -0.03
C LEU C 548 18.10 -18.85 -1.03
N ALA C 549 18.32 -18.66 -2.31
CA ALA C 549 17.88 -19.61 -3.30
C ALA C 549 18.46 -20.97 -3.01
N ALA C 550 19.77 -20.97 -2.77
CA ALA C 550 20.56 -22.14 -2.43
C ALA C 550 20.05 -22.82 -1.16
N THR C 551 19.90 -22.02 -0.09
CA THR C 551 19.49 -22.61 1.20
C THR C 551 18.03 -23.02 1.18
N ALA C 552 17.20 -22.41 0.34
CA ALA C 552 15.82 -22.85 0.23
C ALA C 552 15.74 -24.20 -0.40
N ARG C 553 16.42 -24.41 -1.52
CA ARG C 553 16.47 -25.72 -2.21
C ARG C 553 16.99 -26.73 -1.21
N ARG C 554 18.02 -26.34 -0.47
CA ARG C 554 18.73 -27.28 0.41
C ARG C 554 17.82 -27.77 1.52
N LEU C 555 17.30 -26.80 2.25
CA LEU C 555 16.32 -27.08 3.29
C LEU C 555 15.14 -27.92 2.78
N HIS C 556 14.68 -27.66 1.57
CA HIS C 556 13.58 -28.38 0.96
C HIS C 556 13.97 -29.84 0.78
N GLU C 557 15.15 -30.05 0.20
CA GLU C 557 15.62 -31.39 -0.18
C GLU C 557 15.98 -32.20 1.03
N GLU C 558 16.34 -31.54 2.12
CA GLU C 558 16.62 -32.21 3.38
C GLU C 558 15.38 -32.93 3.92
N LYS C 559 14.21 -32.43 3.60
CA LYS C 559 12.99 -32.99 4.16
C LYS C 559 12.40 -34.08 3.28
N LEU C 560 12.96 -34.31 2.11
CA LEU C 560 12.44 -35.33 1.20
C LEU C 560 13.04 -36.72 1.44
N GLN C 561 14.30 -36.76 1.87
CA GLN C 561 14.97 -38.00 2.29
C GLN C 561 14.69 -38.33 3.76
N ARG D 9 12.30 12.23 -49.67
CA ARG D 9 10.82 12.11 -49.45
C ARG D 9 10.01 13.36 -49.85
N ALA D 10 10.62 14.28 -50.59
CA ALA D 10 9.90 15.43 -51.15
C ALA D 10 8.91 14.97 -52.22
N GLY D 11 9.04 13.72 -52.70
CA GLY D 11 8.07 13.13 -53.62
C GLY D 11 6.63 13.13 -53.14
N ILE D 12 6.43 13.47 -51.85
CA ILE D 12 5.11 13.75 -51.27
C ILE D 12 4.31 14.82 -52.05
N LEU D 13 5.01 15.73 -52.73
CA LEU D 13 4.36 16.64 -53.69
C LEU D 13 3.48 15.88 -54.70
N GLN D 14 3.91 14.69 -55.13
CA GLN D 14 3.11 13.80 -55.99
C GLN D 14 1.87 13.23 -55.27
N ALA D 15 2.02 12.90 -53.99
CA ALA D 15 0.92 12.43 -53.15
C ALA D 15 -0.14 13.50 -52.90
N ILE D 16 0.32 14.73 -52.65
CA ILE D 16 -0.54 15.92 -52.53
C ILE D 16 -1.31 16.15 -53.83
N ALA D 17 -0.61 16.10 -54.96
CA ALA D 17 -1.22 16.27 -56.28
C ALA D 17 -2.35 15.27 -56.55
N GLU D 18 -2.18 14.02 -56.07
CA GLU D 18 -3.22 12.99 -56.19
C GLU D 18 -4.39 13.18 -55.22
N HIS D 19 -4.10 13.70 -54.03
CA HIS D 19 -5.14 14.12 -53.10
C HIS D 19 -6.07 15.19 -53.71
N ASP D 20 -5.47 16.13 -54.44
CA ASP D 20 -6.22 17.17 -55.16
C ASP D 20 -7.03 16.58 -56.32
N ARG D 21 -6.39 15.70 -57.11
CA ARG D 21 -7.00 15.14 -58.32
C ARG D 21 -8.21 14.25 -58.04
N ILE D 22 -8.20 13.56 -56.89
CA ILE D 22 -9.22 12.53 -56.56
C ILE D 22 -10.14 12.91 -55.37
N GLY D 23 -9.64 13.67 -54.41
CA GLY D 23 -10.47 14.18 -53.31
C GLY D 23 -10.06 13.62 -51.95
N PRO D 24 -10.58 14.21 -50.85
CA PRO D 24 -10.29 13.76 -49.47
C PRO D 24 -10.71 12.32 -49.17
N GLU D 25 -11.77 11.85 -49.81
CA GLU D 25 -12.28 10.50 -49.62
C GLU D 25 -11.25 9.49 -50.09
N ALA D 26 -10.81 9.66 -51.33
CA ALA D 26 -9.88 8.75 -51.95
C ALA D 26 -8.43 8.82 -51.43
N PHE D 27 -7.99 9.99 -50.93
CA PHE D 27 -6.56 10.20 -50.64
C PHE D 27 -6.00 9.37 -49.48
N TYR D 39 -3.58 16.60 -36.53
CA TYR D 39 -2.36 17.03 -37.23
C TYR D 39 -2.40 17.10 -38.75
N PHE D 40 -2.29 18.32 -39.29
CA PHE D 40 -2.40 18.56 -40.74
C PHE D 40 -1.12 19.10 -41.35
N LEU D 41 -1.07 19.01 -42.67
CA LEU D 41 0.03 19.51 -43.44
C LEU D 41 -0.52 20.59 -44.33
N GLU D 42 0.08 21.78 -44.28
CA GLU D 42 -0.40 22.90 -45.09
C GLU D 42 0.45 22.98 -46.35
N HIS D 43 -0.21 23.02 -47.51
CA HIS D 43 0.47 23.25 -48.78
C HIS D 43 -0.43 24.07 -49.70
N GLU D 44 0.04 25.27 -50.06
CA GLU D 44 -0.64 26.16 -51.00
C GLU D 44 -2.06 26.48 -50.58
N GLY D 45 -2.23 26.67 -49.27
CA GLY D 45 -3.50 27.09 -48.71
C GLY D 45 -4.48 25.95 -48.48
N ARG D 46 -4.04 24.71 -48.64
CA ARG D 46 -4.91 23.53 -48.48
C ARG D 46 -4.34 22.64 -47.38
N LEU D 47 -5.25 22.03 -46.62
CA LEU D 47 -4.87 21.13 -45.53
C LEU D 47 -5.01 19.67 -45.92
N TYR D 48 -4.02 18.89 -45.50
CA TYR D 48 -3.88 17.49 -45.86
C TYR D 48 -3.53 16.68 -44.59
N ASP D 49 -4.20 15.55 -44.39
CA ASP D 49 -3.92 14.66 -43.23
C ASP D 49 -2.46 14.21 -43.26
N SER D 50 -1.71 14.62 -42.25
CA SER D 50 -0.26 14.44 -42.17
C SER D 50 0.16 12.98 -42.36
N LYS D 51 -0.38 12.10 -41.53
CA LYS D 51 -0.04 10.68 -41.54
C LYS D 51 -0.35 10.06 -42.89
N ALA D 52 -1.54 10.35 -43.42
CA ALA D 52 -2.00 9.84 -44.70
C ALA D 52 -1.14 10.26 -45.90
N ILE D 53 -0.71 11.52 -45.93
CA ILE D 53 0.18 12.01 -47.00
C ILE D 53 1.55 11.33 -46.94
N ALA D 54 2.09 11.17 -45.73
CA ALA D 54 3.36 10.48 -45.54
C ALA D 54 3.30 9.05 -46.09
N GLY D 55 2.23 8.33 -45.76
CA GLY D 55 1.99 6.96 -46.22
C GLY D 55 1.92 6.76 -47.73
N VAL D 56 1.16 7.63 -48.40
CA VAL D 56 1.04 7.59 -49.87
C VAL D 56 2.38 7.96 -50.53
N ALA D 57 3.14 8.86 -49.91
CA ALA D 57 4.45 9.26 -50.42
C ALA D 57 5.42 8.07 -50.42
N HIS D 58 5.31 7.23 -49.39
CA HIS D 58 6.12 5.99 -49.23
C HIS D 58 5.98 5.13 -50.49
N MET D 59 4.73 4.98 -50.93
CA MET D 59 4.38 4.34 -52.20
C MET D 59 4.23 5.35 -53.35
N TYR D 60 5.34 5.76 -53.96
CA TYR D 60 5.34 6.69 -55.09
C TYR D 60 6.46 6.39 -56.08
N LYS D 78 4.53 6.32 -37.60
CA LYS D 78 4.40 7.26 -36.47
C LYS D 78 5.50 8.30 -36.30
N HIS D 79 6.61 8.17 -37.03
CA HIS D 79 7.62 9.23 -37.16
C HIS D 79 7.41 10.05 -38.48
N ALA D 80 6.14 10.17 -38.88
CA ALA D 80 5.77 10.77 -40.16
C ALA D 80 5.96 12.28 -40.17
N VAL D 81 5.43 12.93 -39.14
CA VAL D 81 5.47 14.39 -38.97
C VAL D 81 6.89 14.95 -39.12
N ALA D 82 7.82 14.36 -38.40
CA ALA D 82 9.24 14.71 -38.51
C ALA D 82 9.77 14.57 -39.95
N TRP D 83 9.32 13.52 -40.64
CA TRP D 83 9.73 13.22 -42.02
C TRP D 83 9.26 14.32 -42.98
N LEU D 84 8.01 14.74 -42.83
CA LEU D 84 7.41 15.83 -43.64
C LEU D 84 8.07 17.20 -43.37
N ARG D 85 8.37 17.49 -42.10
CA ARG D 85 9.07 18.74 -41.72
C ARG D 85 10.52 18.74 -42.13
N ARG D 86 11.14 17.56 -42.15
CA ARG D 86 12.49 17.39 -42.70
C ARG D 86 12.49 17.76 -44.20
N GLU D 87 11.41 17.39 -44.91
CA GLU D 87 11.12 17.96 -46.22
C GLU D 87 10.58 19.36 -45.94
N GLY D 88 10.63 20.24 -46.91
CA GLY D 88 10.24 21.63 -46.64
C GLY D 88 8.75 21.89 -46.55
N PHE D 89 8.05 21.35 -45.54
CA PHE D 89 6.58 21.57 -45.34
C PHE D 89 6.18 22.04 -43.94
N THR D 90 5.33 23.06 -43.88
CA THR D 90 4.82 23.62 -42.61
C THR D 90 3.64 22.79 -42.10
N ILE D 91 3.78 22.29 -40.88
CA ILE D 91 2.81 21.39 -40.27
C ILE D 91 1.95 22.16 -39.28
N ARG D 92 0.64 22.02 -39.41
CA ARG D 92 -0.33 22.74 -38.56
C ARG D 92 -1.06 21.75 -37.66
N GLU D 93 -1.60 22.29 -36.58
CA GLU D 93 -2.24 21.51 -35.54
C GLU D 93 -3.70 21.31 -35.87
N ALA D 94 -4.30 20.25 -35.35
CA ALA D 94 -5.74 20.02 -35.50
C ALA D 94 -6.50 21.00 -34.62
N PRO D 95 -7.77 21.29 -34.96
CA PRO D 95 -8.50 22.26 -34.16
C PRO D 95 -8.71 21.73 -32.77
N LYS D 96 -8.44 22.57 -31.78
CA LYS D 96 -8.48 22.21 -30.38
C LYS D 96 -9.91 21.81 -30.01
N THR D 97 -10.04 20.69 -29.31
CA THR D 97 -11.34 20.20 -28.80
C THR D 97 -12.05 21.31 -27.96
N PHE D 98 -13.38 21.31 -27.95
CA PHE D 98 -14.12 22.31 -27.17
C PHE D 98 -13.70 22.33 -25.71
N HIS D 99 -13.46 21.13 -25.16
CA HIS D 99 -12.95 20.91 -23.78
C HIS D 99 -11.62 21.63 -23.52
N ARG D 100 -10.71 21.49 -24.47
CA ARG D 100 -9.40 22.15 -24.45
C ARG D 100 -9.56 23.66 -24.49
N ARG D 101 -10.41 24.15 -25.39
CA ARG D 101 -10.52 25.60 -25.62
C ARG D 101 -11.18 26.34 -24.46
N VAL D 102 -12.24 25.75 -23.95
CA VAL D 102 -12.83 26.28 -22.74
C VAL D 102 -11.84 26.18 -21.57
N GLY D 103 -10.91 25.23 -21.66
CA GLY D 103 -9.89 25.03 -20.65
C GLY D 103 -8.75 26.00 -20.76
N ASP D 104 -8.58 26.58 -21.95
CA ASP D 104 -7.53 27.59 -22.22
C ASP D 104 -7.92 28.96 -21.71
N VAL D 105 -9.20 29.14 -21.40
CA VAL D 105 -9.72 30.40 -20.87
C VAL D 105 -9.20 30.60 -19.45
N ARG D 106 -8.07 31.29 -19.35
CA ARG D 106 -7.38 31.52 -18.07
C ARG D 106 -7.09 33.01 -17.85
N PRO D 107 -6.94 33.43 -16.58
CA PRO D 107 -6.47 34.81 -16.26
C PRO D 107 -5.01 35.13 -16.62
N ALA D 108 -4.73 36.41 -16.86
CA ALA D 108 -3.38 36.87 -17.15
C ALA D 108 -2.77 37.46 -15.88
N ALA D 115 -10.96 38.27 -13.54
CA ALA D 115 -11.12 37.91 -14.95
C ALA D 115 -12.32 36.97 -15.15
N LEU D 116 -13.45 37.36 -14.55
CA LEU D 116 -14.68 36.55 -14.55
C LEU D 116 -15.64 36.80 -15.71
N HIS D 117 -15.26 37.71 -16.61
CA HIS D 117 -16.14 38.14 -17.68
C HIS D 117 -16.35 36.98 -18.63
N ARG D 118 -15.25 36.51 -19.20
CA ARG D 118 -15.27 35.41 -20.18
C ARG D 118 -16.03 34.18 -19.65
N PRO D 119 -15.70 33.72 -18.43
CA PRO D 119 -16.39 32.52 -17.96
C PRO D 119 -17.85 32.74 -17.65
N VAL D 120 -18.22 33.94 -17.23
CA VAL D 120 -19.64 34.23 -16.99
C VAL D 120 -20.43 34.11 -18.30
N LEU D 121 -19.92 34.74 -19.36
CA LEU D 121 -20.59 34.68 -20.65
C LEU D 121 -20.70 33.23 -21.09
N LEU D 122 -19.56 32.54 -21.07
CA LEU D 122 -19.49 31.14 -21.49
C LEU D 122 -20.49 30.27 -20.75
N LEU D 123 -20.58 30.49 -19.46
CA LEU D 123 -21.50 29.72 -18.62
C LEU D 123 -22.98 29.96 -18.97
N TRP D 124 -23.32 31.24 -19.21
CA TRP D 124 -24.63 31.65 -19.74
C TRP D 124 -24.94 30.93 -21.07
N ALA D 125 -23.94 30.92 -21.95
CA ALA D 125 -24.06 30.33 -23.30
C ALA D 125 -24.36 28.85 -23.24
N ILE D 126 -23.70 28.18 -22.30
CA ILE D 126 -23.90 26.76 -22.08
C ILE D 126 -25.29 26.51 -21.51
N GLY D 127 -25.71 27.34 -20.54
CA GLY D 127 -27.06 27.27 -19.99
C GLY D 127 -28.16 27.49 -21.02
N GLN D 128 -27.86 28.34 -22.01
CA GLN D 128 -28.77 28.65 -23.12
C GLN D 128 -28.89 27.48 -24.07
N ALA D 129 -27.74 26.94 -24.48
CA ALA D 129 -27.69 25.79 -25.39
C ALA D 129 -28.40 24.55 -24.83
N VAL D 130 -28.28 24.35 -23.51
CA VAL D 130 -28.91 23.20 -22.82
C VAL D 130 -30.43 23.34 -22.78
N ALA D 131 -30.89 24.59 -22.64
CA ALA D 131 -32.33 24.92 -22.66
C ALA D 131 -32.95 25.08 -24.07
N ARG D 132 -32.22 24.61 -25.09
CA ARG D 132 -32.61 24.68 -26.50
C ARG D 132 -32.94 26.10 -27.01
N ALA D 133 -32.17 27.09 -26.55
CA ALA D 133 -32.26 28.45 -27.10
C ALA D 133 -31.54 28.51 -28.45
N PRO D 134 -31.84 29.53 -29.27
CA PRO D 134 -31.18 29.59 -30.56
C PRO D 134 -29.68 29.84 -30.44
N ARG D 135 -28.96 29.33 -31.42
CA ARG D 135 -27.50 29.34 -31.44
C ARG D 135 -27.01 30.77 -31.40
N LEU D 136 -27.39 31.56 -32.40
CA LEU D 136 -27.04 32.96 -32.49
C LEU D 136 -28.16 33.76 -31.86
N GLN D 137 -27.80 34.74 -31.05
CA GLN D 137 -28.76 35.64 -30.46
C GLN D 137 -28.29 37.07 -30.70
N PRO D 138 -29.25 38.02 -30.72
CA PRO D 138 -28.87 39.42 -30.85
C PRO D 138 -28.21 39.96 -29.59
N TRP D 139 -27.24 40.85 -29.84
CA TRP D 139 -26.55 41.73 -28.87
C TRP D 139 -27.42 42.31 -27.77
N SER D 140 -28.60 42.75 -28.19
CA SER D 140 -29.55 43.46 -27.36
C SER D 140 -30.05 42.60 -26.18
N THR D 141 -30.45 41.37 -26.48
CA THR D 141 -30.99 40.44 -25.47
C THR D 141 -29.90 39.85 -24.58
N THR D 142 -28.78 39.45 -25.19
CA THR D 142 -27.62 38.88 -24.47
C THR D 142 -27.16 39.86 -23.40
N ARG D 143 -27.12 41.14 -23.76
CA ARG D 143 -26.64 42.19 -22.87
C ARG D 143 -27.42 42.25 -21.56
N ASP D 144 -28.72 42.54 -21.67
CA ASP D 144 -29.57 42.72 -20.47
C ASP D 144 -30.05 41.38 -19.86
N ALA D 145 -29.67 40.25 -20.46
CA ALA D 145 -29.85 38.93 -19.86
C ALA D 145 -28.64 38.52 -19.01
N VAL D 146 -27.44 38.87 -19.46
CA VAL D 146 -26.17 38.52 -18.81
C VAL D 146 -25.69 39.60 -17.83
N ALA D 147 -25.99 40.87 -18.11
CA ALA D 147 -25.51 42.00 -17.29
C ALA D 147 -25.82 41.88 -15.78
N PRO D 148 -27.01 41.39 -15.40
CA PRO D 148 -27.27 41.09 -13.98
C PRO D 148 -26.36 40.01 -13.38
N LEU D 149 -26.17 38.92 -14.14
CA LEU D 149 -25.24 37.85 -13.78
C LEU D 149 -23.83 38.42 -13.59
N MET D 150 -23.43 39.29 -14.52
CA MET D 150 -22.11 39.93 -14.52
C MET D 150 -21.90 40.79 -13.27
N GLU D 151 -22.95 41.46 -12.82
CA GLU D 151 -22.90 42.28 -11.62
C GLU D 151 -22.81 41.43 -10.36
N LYS D 152 -23.61 40.37 -10.29
CA LYS D 152 -23.76 39.54 -9.08
C LYS D 152 -22.69 38.47 -8.88
N TYR D 153 -22.17 37.96 -9.98
CA TYR D 153 -21.17 36.90 -9.92
C TYR D 153 -19.80 37.30 -10.41
N GLY D 154 -19.73 38.26 -11.35
CA GLY D 154 -18.45 38.73 -11.87
C GLY D 154 -17.91 39.94 -11.13
N GLN D 155 -18.53 40.29 -9.99
CA GLN D 155 -18.13 41.43 -9.14
C GLN D 155 -17.62 42.66 -9.93
N VAL D 156 -18.34 43.00 -10.99
CA VAL D 156 -18.06 44.20 -11.78
C VAL D 156 -19.18 45.17 -11.45
N GLU D 157 -18.88 46.47 -11.54
CA GLU D 157 -19.85 47.53 -11.22
C GLU D 157 -20.92 47.69 -12.30
N ASP D 158 -20.48 48.04 -13.51
CA ASP D 158 -21.38 48.25 -14.64
C ASP D 158 -21.44 46.94 -15.45
N GLY D 159 -22.48 46.15 -15.19
CA GLY D 159 -22.66 44.86 -15.85
C GLY D 159 -22.92 44.98 -17.33
N VAL D 160 -23.69 46.01 -17.68
CA VAL D 160 -23.98 46.33 -19.08
C VAL D 160 -22.65 46.49 -19.85
N ASP D 161 -21.71 47.23 -19.25
CA ASP D 161 -20.39 47.46 -19.83
C ASP D 161 -19.53 46.22 -19.72
N GLY D 162 -19.72 45.50 -18.61
CA GLY D 162 -19.02 44.24 -18.37
C GLY D 162 -19.21 43.17 -19.44
N VAL D 163 -20.38 43.16 -20.09
CA VAL D 163 -20.67 42.17 -21.15
C VAL D 163 -19.90 42.47 -22.44
N ARG D 164 -19.63 43.74 -22.70
CA ARG D 164 -18.95 44.16 -23.94
C ARG D 164 -17.58 43.51 -24.18
N TYR D 165 -16.78 43.39 -23.12
CA TYR D 165 -15.43 42.84 -23.23
C TYR D 165 -15.43 41.41 -23.75
N PRO D 166 -16.07 40.49 -23.02
CA PRO D 166 -16.09 39.10 -23.47
C PRO D 166 -16.94 38.84 -24.69
N PHE D 167 -17.88 39.73 -25.01
CA PHE D 167 -18.70 39.60 -26.22
C PHE D 167 -17.86 39.64 -27.50
N TRP D 168 -16.71 40.31 -27.42
CA TRP D 168 -15.77 40.40 -28.53
C TRP D 168 -14.50 39.57 -28.30
N ALA D 169 -13.93 39.64 -27.09
CA ALA D 169 -12.67 38.95 -26.74
C ALA D 169 -12.76 37.43 -26.84
N LEU D 170 -13.98 36.92 -26.67
CA LEU D 170 -14.22 35.48 -26.72
C LEU D 170 -14.15 34.89 -28.12
N VAL D 171 -14.20 35.74 -29.14
CA VAL D 171 -14.08 35.30 -30.53
C VAL D 171 -12.66 34.84 -30.83
N ARG D 172 -11.67 35.55 -30.30
CA ARG D 172 -10.26 35.17 -30.49
C ARG D 172 -9.80 34.08 -29.50
N ASP D 173 -10.70 33.66 -28.62
CA ASP D 173 -10.53 32.42 -27.85
C ASP D 173 -11.16 31.21 -28.55
N ASP D 174 -11.54 31.36 -29.83
CA ASP D 174 -12.20 30.30 -30.63
C ASP D 174 -13.39 29.70 -29.95
N LEU D 175 -14.15 30.51 -29.23
CA LEU D 175 -15.40 30.07 -28.59
C LEU D 175 -16.61 30.88 -28.99
N TRP D 176 -16.37 31.96 -29.76
CA TRP D 176 -17.40 32.85 -30.20
C TRP D 176 -17.16 33.49 -31.57
N LEU D 207 -22.48 31.05 -29.87
CA LEU D 207 -21.43 30.04 -29.84
C LEU D 207 -21.01 29.58 -31.24
N ARG D 208 -19.96 28.78 -31.33
CA ARG D 208 -19.58 28.18 -32.61
C ARG D 208 -20.68 27.17 -33.05
N GLU D 209 -20.58 26.75 -34.31
CA GLU D 209 -21.50 25.76 -34.87
C GLU D 209 -21.40 24.43 -34.14
N ASP D 210 -20.28 23.77 -34.36
CA ASP D 210 -19.98 22.42 -33.86
C ASP D 210 -20.11 22.31 -32.33
N ASP D 211 -19.73 23.38 -31.64
CA ASP D 211 -19.85 23.47 -30.19
C ASP D 211 -21.31 23.46 -29.75
N TYR D 212 -22.13 24.27 -30.43
CA TYR D 212 -23.58 24.33 -30.16
C TYR D 212 -24.26 22.99 -30.39
N ASN D 213 -23.90 22.33 -31.46
CA ASN D 213 -24.42 20.98 -31.77
C ASN D 213 -23.92 19.91 -30.79
N LEU D 214 -22.66 20.05 -30.36
CA LEU D 214 -22.09 19.17 -29.33
C LEU D 214 -22.83 19.29 -28.02
N LEU D 215 -23.03 20.51 -27.57
CA LEU D 215 -23.80 20.75 -26.36
C LEU D 215 -25.24 20.28 -26.49
N ARG D 216 -25.89 20.54 -27.62
CA ARG D 216 -27.30 20.10 -27.80
C ARG D 216 -27.42 18.58 -27.86
N SER D 217 -26.43 17.90 -28.43
CA SER D 217 -26.47 16.45 -28.60
C SER D 217 -26.00 15.68 -27.36
N GLN D 218 -24.86 16.08 -26.79
CA GLN D 218 -24.22 15.36 -25.68
C GLN D 218 -24.17 16.21 -24.41
N PRO D 219 -25.08 15.96 -23.45
CA PRO D 219 -25.19 16.79 -22.24
C PRO D 219 -24.02 16.64 -21.23
N GLU D 220 -23.36 15.48 -21.24
CA GLU D 220 -22.05 15.30 -20.58
C GLU D 220 -21.02 16.39 -20.86
N ALA D 221 -20.94 16.83 -22.11
CA ALA D 221 -19.94 17.80 -22.53
C ALA D 221 -20.28 19.18 -21.97
N ALA D 222 -21.58 19.45 -21.91
CA ALA D 222 -22.08 20.70 -21.33
C ALA D 222 -21.83 20.72 -19.85
N ALA D 223 -22.15 19.62 -19.19
CA ALA D 223 -21.91 19.42 -17.74
C ALA D 223 -20.43 19.44 -17.36
N SER D 224 -19.58 18.84 -18.19
CA SER D 224 -18.13 18.86 -18.03
C SER D 224 -17.58 20.28 -18.15
N ALA D 225 -17.92 20.95 -19.26
CA ALA D 225 -17.44 22.30 -19.53
C ALA D 225 -17.85 23.30 -18.43
N ALA D 226 -19.11 23.23 -18.01
CA ALA D 226 -19.61 24.10 -16.94
C ALA D 226 -18.91 23.82 -15.59
N ALA D 227 -18.70 22.53 -15.34
CA ALA D 227 -18.00 22.08 -14.12
C ALA D 227 -16.55 22.55 -14.11
N GLY D 228 -15.91 22.53 -15.27
CA GLY D 228 -14.56 23.05 -15.41
C GLY D 228 -14.50 24.54 -15.08
N LEU D 229 -15.41 25.32 -15.67
CA LEU D 229 -15.50 26.76 -15.42
C LEU D 229 -15.87 27.06 -13.98
N ILE D 230 -16.77 26.24 -13.43
CA ILE D 230 -17.20 26.39 -12.04
C ILE D 230 -16.07 26.01 -11.07
N ALA D 231 -15.28 25.00 -11.43
CA ALA D 231 -14.15 24.58 -10.60
C ALA D 231 -13.12 25.71 -10.44
N ARG D 232 -12.61 26.22 -11.55
CA ARG D 232 -11.54 27.24 -11.52
C ARG D 232 -12.00 28.62 -10.97
N TYR D 233 -13.03 29.18 -11.59
CA TYR D 233 -13.47 30.52 -11.23
C TYR D 233 -14.42 30.64 -10.03
N PHE D 234 -15.42 29.75 -9.95
CA PHE D 234 -16.45 29.84 -8.89
C PHE D 234 -16.41 28.63 -7.98
N HIS D 235 -15.22 28.27 -7.49
CA HIS D 235 -15.10 27.02 -6.74
C HIS D 235 -15.93 27.05 -5.49
N LEU D 236 -16.08 28.23 -4.90
CA LEU D 236 -16.95 28.40 -3.74
C LEU D 236 -18.46 28.33 -4.00
N LEU D 237 -18.87 28.22 -5.26
CA LEU D 237 -20.28 28.02 -5.67
C LEU D 237 -21.32 28.70 -4.77
N PRO D 238 -21.57 30.00 -5.00
CA PRO D 238 -22.56 30.69 -4.20
C PRO D 238 -23.96 30.23 -4.55
N ALA D 239 -24.87 30.31 -3.59
CA ALA D 239 -26.25 29.89 -3.82
C ALA D 239 -26.88 30.71 -4.95
N GLY D 240 -27.71 30.04 -5.75
CA GLY D 240 -28.35 30.69 -6.87
C GLY D 240 -27.47 30.91 -8.08
N LEU D 241 -26.37 30.19 -8.19
CA LEU D 241 -25.54 30.28 -9.38
C LEU D 241 -26.16 29.40 -10.46
N LEU D 242 -26.59 28.18 -10.12
CA LEU D 242 -26.96 27.19 -11.14
C LEU D 242 -28.25 27.54 -11.85
N GLU D 243 -29.24 28.01 -11.10
CA GLU D 243 -30.14 29.05 -11.59
C GLU D 243 -29.86 30.03 -10.53
N ASP D 244 -29.43 31.25 -10.81
CA ASP D 244 -29.53 32.07 -12.04
C ASP D 244 -29.11 31.66 -13.46
N PHE D 245 -27.97 30.99 -13.63
CA PHE D 245 -27.59 30.52 -14.96
C PHE D 245 -28.58 29.47 -15.43
N GLY D 246 -28.38 28.86 -16.58
CA GLY D 246 -29.31 27.82 -17.03
C GLY D 246 -29.09 26.42 -16.50
N LEU D 247 -28.33 26.26 -15.43
CA LEU D 247 -27.61 25.01 -15.16
C LEU D 247 -28.09 24.15 -13.99
N HIS D 248 -29.15 24.56 -13.30
CA HIS D 248 -29.61 23.83 -12.08
C HIS D 248 -30.07 22.40 -12.35
N GLU D 249 -30.95 22.25 -13.32
CA GLU D 249 -31.41 20.93 -13.78
C GLU D 249 -30.28 20.03 -14.33
N LEU D 250 -29.22 20.66 -14.86
CA LEU D 250 -28.07 19.93 -15.43
C LEU D 250 -27.03 19.48 -14.39
N LEU D 251 -26.67 20.37 -13.46
CA LEU D 251 -25.60 20.07 -12.49
C LEU D 251 -26.16 19.35 -11.26
N ALA D 252 -27.40 19.69 -10.87
CA ALA D 252 -28.24 18.80 -10.04
C ALA D 252 -27.58 18.45 -8.71
N GLY D 253 -27.30 17.15 -8.47
CA GLY D 253 -26.74 16.70 -7.20
C GLY D 253 -25.43 17.42 -6.93
N ARG D 254 -24.46 17.16 -7.80
CA ARG D 254 -23.10 17.71 -7.65
C ARG D 254 -22.53 18.10 -9.02
N TRP D 255 -22.02 19.33 -9.05
CA TRP D 255 -21.47 19.94 -10.25
C TRP D 255 -20.22 19.27 -10.78
N PRO D 256 -19.28 18.86 -9.89
CA PRO D 256 -18.05 18.28 -10.39
C PRO D 256 -18.13 16.82 -10.79
N ASP D 257 -19.32 16.21 -10.73
CA ASP D 257 -19.50 14.82 -11.14
C ASP D 257 -19.14 14.57 -12.61
N ALA D 258 -19.36 15.57 -13.46
CA ALA D 258 -19.08 15.44 -14.88
C ALA D 258 -17.63 15.59 -15.26
N LEU D 259 -16.78 15.98 -14.30
CA LEU D 259 -15.34 16.11 -14.54
C LEU D 259 -14.65 14.76 -14.76
N ARG D 260 -13.68 14.73 -15.66
CA ARG D 260 -12.80 13.59 -15.87
C ARG D 260 -11.30 13.98 -15.75
N PRO D 261 -10.41 13.05 -15.39
CA PRO D 261 -10.67 11.63 -15.10
C PRO D 261 -11.42 11.33 -13.80
N LEU D 262 -12.00 10.13 -13.77
CA LEU D 262 -12.61 9.60 -12.58
C LEU D 262 -11.52 9.25 -11.57
N LEU D 263 -11.90 9.25 -10.29
CA LEU D 263 -11.00 8.81 -9.25
C LEU D 263 -10.72 7.33 -9.49
N GLY D 264 -9.45 7.01 -9.63
CA GLY D 264 -8.98 5.64 -9.73
C GLY D 264 -8.58 5.24 -11.11
N GLU D 265 -8.66 6.16 -12.08
CA GLU D 265 -8.28 5.85 -13.45
C GLU D 265 -6.81 5.59 -13.47
N THR D 266 -6.38 4.52 -14.12
CA THR D 266 -5.00 4.09 -14.07
C THR D 266 -4.33 4.21 -15.44
N PHE D 267 -3.07 4.68 -15.42
CA PHE D 267 -2.25 4.82 -16.62
C PHE D 267 -0.82 4.32 -16.43
N LYS D 268 -0.23 3.77 -17.49
CA LYS D 268 1.12 3.18 -17.43
C LYS D 268 2.16 4.29 -17.38
N ASP D 269 2.22 5.06 -18.45
CA ASP D 269 3.20 6.11 -18.60
C ASP D 269 2.61 7.38 -18.06
N ARG D 270 3.47 8.38 -17.97
CA ARG D 270 3.04 9.75 -17.81
C ARG D 270 2.46 10.26 -19.14
N ASP D 271 3.07 9.79 -20.23
CA ASP D 271 2.66 10.05 -21.61
C ASP D 271 1.23 9.62 -21.88
N ALA D 272 0.84 8.50 -21.27
CA ALA D 272 -0.51 7.94 -21.43
C ALA D 272 -1.53 8.87 -20.82
N ILE D 273 -1.16 9.46 -19.68
CA ILE D 273 -1.98 10.47 -19.00
C ILE D 273 -2.11 11.68 -19.90
N TRP D 274 -0.98 12.06 -20.49
CA TRP D 274 -0.94 13.23 -21.34
C TRP D 274 -1.87 13.05 -22.54
N ARG D 275 -1.79 11.87 -23.17
CA ARG D 275 -2.62 11.56 -24.33
C ARG D 275 -4.07 11.73 -24.03
N ALA D 276 -4.47 11.34 -22.83
CA ALA D 276 -5.86 11.29 -22.46
C ALA D 276 -6.45 12.63 -21.99
N TYR D 277 -5.64 13.46 -21.34
CA TYR D 277 -6.16 14.69 -20.67
C TYR D 277 -5.31 15.94 -20.86
N GLY D 278 -4.17 15.80 -21.54
CA GLY D 278 -3.35 16.95 -21.91
C GLY D 278 -2.35 17.39 -20.87
N GLY D 279 -2.10 18.70 -20.84
CA GLY D 279 -1.07 19.32 -19.98
C GLY D 279 0.29 19.10 -20.58
N GLN D 280 1.33 18.95 -19.75
CA GLN D 280 2.59 18.37 -20.24
C GLN D 280 3.21 17.35 -19.31
N LYS D 281 4.13 16.57 -19.86
CA LYS D 281 4.88 15.59 -19.09
C LYS D 281 5.76 16.29 -18.09
N MET D 282 6.38 17.40 -18.50
CA MET D 282 7.24 18.09 -17.58
C MET D 282 6.47 18.46 -16.26
N ALA D 283 7.18 18.32 -15.14
CA ALA D 283 6.81 18.91 -13.83
C ALA D 283 5.81 18.11 -13.05
N GLY D 284 5.97 18.18 -11.74
CA GLY D 284 5.09 17.57 -10.81
C GLY D 284 3.81 18.31 -10.88
N ILE D 285 3.89 19.64 -10.96
CA ILE D 285 2.72 20.53 -10.79
C ILE D 285 2.39 21.18 -12.15
N GLY D 286 1.16 21.00 -12.65
CA GLY D 286 0.76 21.50 -13.97
C GLY D 286 -0.74 21.38 -14.19
N CYS D 287 -1.27 22.08 -15.19
CA CYS D 287 -2.71 22.01 -15.51
C CYS D 287 -2.98 21.12 -16.68
N LEU D 288 -4.06 20.34 -16.55
CA LEU D 288 -4.53 19.52 -17.66
C LEU D 288 -5.30 20.38 -18.67
N ALA D 289 -5.71 19.76 -19.78
CA ALA D 289 -6.47 20.44 -20.83
C ALA D 289 -7.66 21.26 -20.29
N ASP D 290 -8.36 20.70 -19.29
CA ASP D 290 -9.50 21.36 -18.64
C ASP D 290 -9.16 22.64 -17.83
N GLY D 291 -7.86 22.87 -17.62
CA GLY D 291 -7.40 24.05 -16.90
C GLY D 291 -7.37 23.87 -15.39
N ILE D 292 -7.64 22.67 -14.91
CA ILE D 292 -7.57 22.38 -13.47
C ILE D 292 -6.19 21.82 -13.09
N LEU D 293 -5.64 22.37 -12.00
CA LEU D 293 -4.29 22.00 -11.52
C LEU D 293 -4.17 20.51 -11.16
N SER D 294 -3.00 19.94 -11.40
CA SER D 294 -2.76 18.53 -11.11
C SER D 294 -1.34 18.39 -10.60
N ALA D 295 -1.15 17.67 -9.49
CA ALA D 295 0.19 17.41 -8.90
C ALA D 295 0.54 15.94 -8.99
N PHE D 296 1.79 15.62 -9.36
CA PHE D 296 2.19 14.24 -9.66
C PHE D 296 3.29 13.78 -8.75
N SER D 297 3.07 12.69 -8.03
CA SER D 297 4.04 12.13 -7.09
C SER D 297 4.46 10.74 -7.55
N ASP D 298 5.74 10.57 -7.78
CA ASP D 298 6.31 9.31 -8.22
C ASP D 298 7.15 8.72 -7.08
N ASP D 299 6.70 7.63 -6.48
CA ASP D 299 7.50 6.91 -5.49
C ASP D 299 8.79 6.34 -6.04
N LYS D 300 9.91 6.78 -5.45
CA LYS D 300 11.24 6.48 -5.92
C LYS D 300 11.66 5.05 -5.56
N GLY D 301 11.48 4.68 -4.30
CA GLY D 301 11.85 3.34 -3.84
C GLY D 301 10.75 2.77 -2.97
N PRO D 302 10.92 1.51 -2.48
CA PRO D 302 9.91 0.89 -1.61
C PRO D 302 10.00 1.47 -0.20
N TYR D 303 8.96 1.26 0.60
CA TYR D 303 8.96 1.78 1.98
C TYR D 303 9.08 3.34 1.99
N ALA D 304 8.46 4.00 1.01
CA ALA D 304 8.49 5.46 0.96
C ALA D 304 7.40 6.00 0.08
N ASP D 305 6.25 6.31 0.64
CA ASP D 305 5.20 7.06 -0.10
C ASP D 305 5.12 8.45 0.48
N GLY D 306 4.35 9.33 -0.17
CA GLY D 306 4.24 10.72 0.29
C GLY D 306 3.51 10.93 1.61
N ARG D 307 2.78 9.91 2.07
CA ARG D 307 1.83 10.06 3.17
C ARG D 307 2.57 10.29 4.49
N ILE D 308 2.15 11.29 5.26
CA ILE D 308 2.81 11.58 6.53
C ILE D 308 2.25 10.59 7.53
N PRO D 309 3.13 9.88 8.28
CA PRO D 309 2.70 8.76 9.12
C PRO D 309 1.62 9.08 10.09
N ASP D 310 0.85 8.05 10.44
CA ASP D 310 -0.32 8.13 11.35
C ASP D 310 -1.46 8.91 10.74
N THR D 311 -1.34 9.41 9.50
CA THR D 311 -2.45 10.06 8.82
C THR D 311 -2.52 9.74 7.33
N THR D 312 -3.57 10.25 6.72
CA THR D 312 -3.79 10.10 5.28
C THR D 312 -3.44 11.34 4.48
N TRP D 313 -2.81 12.32 5.14
CA TRP D 313 -2.39 13.56 4.52
C TRP D 313 -1.06 13.40 3.84
N ILE D 314 -0.79 14.22 2.82
CA ILE D 314 0.40 14.05 1.99
C ILE D 314 1.42 15.14 2.31
N ALA D 315 2.70 14.77 2.29
CA ALA D 315 3.80 15.73 2.25
C ALA D 315 4.43 15.73 0.84
N TYR D 316 4.01 16.70 0.03
CA TYR D 316 4.38 16.74 -1.37
C TYR D 316 5.54 17.73 -1.56
N VAL D 317 6.70 17.24 -2.03
CA VAL D 317 7.84 18.11 -2.30
C VAL D 317 7.56 18.92 -3.54
N GLY D 318 8.07 20.15 -3.54
CA GLY D 318 7.80 21.13 -4.56
C GLY D 318 8.46 20.89 -5.90
N ASP D 319 8.59 21.96 -6.68
CA ASP D 319 8.67 21.90 -8.13
C ASP D 319 10.09 21.95 -8.64
N GLY D 320 10.91 22.86 -8.14
CA GLY D 320 12.25 23.03 -8.73
C GLY D 320 13.22 21.82 -8.68
N LEU D 321 13.67 21.35 -9.85
CA LEU D 321 14.57 20.14 -10.03
C LEU D 321 15.78 20.15 -8.99
N SER D 322 16.64 21.17 -9.00
CA SER D 322 18.14 20.87 -8.87
C SER D 322 18.69 21.85 -7.82
N GLY D 323 18.19 23.08 -7.73
CA GLY D 323 18.69 24.03 -6.74
C GLY D 323 17.57 24.53 -5.88
N ASP D 324 17.87 25.46 -4.97
CA ASP D 324 16.88 26.14 -4.10
C ASP D 324 15.62 26.51 -4.88
N GLN D 325 14.49 25.90 -4.52
CA GLN D 325 13.23 26.07 -5.27
C GLN D 325 12.63 27.44 -5.01
N LYS D 326 11.87 27.94 -5.98
CA LYS D 326 11.29 29.30 -5.91
C LYS D 326 9.81 29.26 -6.24
N LEU D 327 9.07 30.32 -5.90
CA LEU D 327 7.63 30.40 -6.24
C LEU D 327 7.42 30.76 -7.70
N THR D 328 7.82 29.83 -8.53
CA THR D 328 7.68 29.96 -9.94
C THR D 328 7.15 28.64 -10.49
N ASP D 329 6.60 28.72 -11.70
CA ASP D 329 5.99 27.56 -12.33
C ASP D 329 4.98 26.87 -11.37
N GLY D 330 5.20 25.58 -11.09
CA GLY D 330 4.28 24.80 -10.29
C GLY D 330 4.10 25.33 -8.88
N ASN D 331 5.21 25.68 -8.23
CA ASN D 331 5.11 26.19 -6.87
C ASN D 331 4.24 27.44 -6.84
N GLU D 332 4.35 28.26 -7.88
CA GLU D 332 3.56 29.48 -7.98
C GLU D 332 2.08 29.16 -7.99
N LEU D 333 1.70 28.26 -8.89
CA LEU D 333 0.32 27.80 -9.01
C LEU D 333 -0.22 27.21 -7.71
N MET D 334 0.63 26.46 -7.01
CA MET D 334 0.28 25.85 -5.72
C MET D 334 -0.06 26.95 -4.74
N ALA D 335 0.76 28.00 -4.74
CA ALA D 335 0.58 29.13 -3.83
C ALA D 335 -0.71 29.87 -4.15
N GLU D 336 -1.02 30.03 -5.44
CA GLU D 336 -2.30 30.66 -5.88
C GLU D 336 -3.51 29.86 -5.43
N HIS D 337 -3.36 28.52 -5.42
CA HIS D 337 -4.38 27.58 -4.94
C HIS D 337 -4.50 27.59 -3.45
N GLN D 338 -3.39 27.72 -2.78
CA GLN D 338 -3.39 27.81 -1.33
C GLN D 338 -4.19 29.02 -0.84
N ALA D 339 -3.93 30.19 -1.45
CA ALA D 339 -4.51 31.47 -1.03
C ALA D 339 -6.01 31.48 -1.04
N VAL D 340 -6.59 31.00 -2.12
CA VAL D 340 -8.04 30.96 -2.30
C VAL D 340 -8.72 29.68 -1.72
N GLY D 341 -7.91 28.68 -1.35
CA GLY D 341 -8.40 27.41 -0.83
C GLY D 341 -9.06 26.53 -1.88
N ARG D 342 -8.43 26.43 -3.04
CA ARG D 342 -8.93 25.62 -4.13
C ARG D 342 -8.23 24.26 -4.12
N ALA D 343 -9.04 23.24 -4.38
CA ALA D 343 -8.56 21.86 -4.47
C ALA D 343 -7.83 21.62 -5.77
N LEU D 344 -7.19 20.47 -5.85
CA LEU D 344 -6.42 20.06 -7.03
C LEU D 344 -6.27 18.55 -7.09
N ARG D 345 -5.97 18.07 -8.27
CA ARG D 345 -5.89 16.65 -8.50
C ARG D 345 -4.52 16.17 -8.08
N TYR D 346 -4.48 15.05 -7.35
CA TYR D 346 -3.22 14.47 -6.88
C TYR D 346 -3.06 13.10 -7.51
N TRP D 347 -2.10 13.00 -8.42
CA TRP D 347 -1.75 11.75 -9.09
C TRP D 347 -0.69 11.05 -8.25
N HIS D 348 -0.56 9.72 -8.42
CA HIS D 348 0.39 8.94 -7.62
C HIS D 348 0.74 7.65 -8.26
N LYS D 349 2.05 7.37 -8.31
CA LYS D 349 2.55 6.11 -8.83
C LYS D 349 3.29 5.45 -7.68
N PRO D 350 2.66 4.42 -7.06
CA PRO D 350 3.45 3.61 -6.14
C PRO D 350 4.64 2.93 -6.85
N PHE D 351 5.63 2.56 -6.04
CA PHE D 351 6.82 1.84 -6.50
C PHE D 351 6.48 0.57 -7.29
N GLN D 352 7.07 0.45 -8.49
CA GLN D 352 6.80 -0.69 -9.38
C GLN D 352 5.31 -0.82 -9.76
N GLY D 353 4.63 0.31 -9.92
CA GLY D 353 3.20 0.35 -10.14
C GLY D 353 2.83 1.35 -11.19
N GLN D 354 1.51 1.56 -11.32
CA GLN D 354 0.96 2.46 -12.33
C GLN D 354 0.53 3.79 -11.75
N TRP D 355 0.38 4.77 -12.61
CA TRP D 355 -0.15 6.05 -12.18
C TRP D 355 -1.65 5.93 -11.92
N SER D 356 -2.18 6.78 -11.05
CA SER D 356 -3.62 6.94 -10.97
C SER D 356 -4.03 8.23 -10.32
N PHE D 357 -5.09 8.82 -10.82
CA PHE D 357 -5.66 9.98 -10.17
C PHE D 357 -6.34 9.51 -8.90
N GLU D 358 -5.65 9.60 -7.79
CA GLU D 358 -6.19 8.94 -6.59
C GLU D 358 -7.01 9.80 -5.62
N THR D 359 -6.74 11.10 -5.56
CA THR D 359 -7.56 11.99 -4.75
C THR D 359 -7.49 13.47 -5.16
N TRP D 360 -8.57 14.18 -4.89
CA TRP D 360 -8.56 15.63 -4.86
C TRP D 360 -7.94 15.99 -3.56
N ALA D 361 -7.35 17.17 -3.47
CA ALA D 361 -6.67 17.57 -2.24
C ALA D 361 -6.55 19.04 -2.21
N VAL D 362 -6.36 19.55 -1.00
CA VAL D 362 -6.32 20.97 -0.76
C VAL D 362 -5.08 21.35 0.06
N ILE D 363 -4.46 22.46 -0.33
CA ILE D 363 -3.21 22.91 0.31
C ILE D 363 -3.63 23.38 1.69
N VAL D 364 -2.97 22.83 2.68
CA VAL D 364 -3.31 23.05 4.07
C VAL D 364 -2.19 23.73 4.84
N GLN D 365 -0.96 23.59 4.34
CA GLN D 365 0.22 24.22 4.92
C GLN D 365 1.39 24.15 3.92
N ARG D 366 2.29 25.13 3.91
CA ARG D 366 3.52 25.03 3.10
C ARG D 366 4.73 25.37 3.92
N ARG D 367 5.78 24.59 3.74
CA ARG D 367 6.97 24.72 4.54
C ARG D 367 8.20 24.66 3.65
N LEU D 368 9.34 25.01 4.26
CA LEU D 368 10.63 24.91 3.59
C LEU D 368 11.50 23.90 4.31
N ARG D 369 12.18 23.04 3.53
CA ARG D 369 12.97 21.92 4.06
C ARG D 369 14.23 21.69 3.25
N TRP D 370 15.25 21.07 3.88
CA TRP D 370 16.45 20.61 3.19
C TRP D 370 16.20 19.31 2.50
N GLY D 371 16.60 19.21 1.23
CA GLY D 371 16.56 17.97 0.46
C GLY D 371 17.64 17.94 -0.58
N LEU D 372 17.71 16.85 -1.33
CA LEU D 372 18.69 16.74 -2.42
C LEU D 372 18.02 16.93 -3.77
N GLY D 373 18.68 17.68 -4.67
CA GLY D 373 18.22 17.80 -6.06
C GLY D 373 18.73 16.64 -6.93
N GLU D 374 18.54 16.75 -8.26
CA GLU D 374 18.98 15.70 -9.21
C GLU D 374 20.47 15.77 -9.40
N ASP D 375 21.07 16.88 -9.03
CA ASP D 375 22.52 16.98 -9.01
C ASP D 375 23.13 16.44 -7.72
N LYS D 376 22.32 15.71 -6.93
CA LYS D 376 22.75 15.09 -5.66
C LYS D 376 23.23 16.09 -4.61
N LEU D 377 22.87 17.36 -4.76
CA LEU D 377 23.36 18.38 -3.85
C LEU D 377 22.25 18.91 -2.98
N PRO D 378 22.56 19.16 -1.71
CA PRO D 378 21.62 19.76 -0.76
C PRO D 378 21.01 21.04 -1.26
N ARG D 379 19.77 21.27 -0.87
CA ARG D 379 18.98 22.32 -1.47
C ARG D 379 17.77 22.67 -0.61
N ARG D 380 17.38 23.92 -0.64
CA ARG D 380 16.12 24.34 -0.04
C ARG D 380 14.88 23.93 -0.90
N GLU D 381 13.90 23.22 -0.33
CA GLU D 381 12.77 22.78 -1.13
C GLU D 381 11.48 23.01 -0.40
N PHE D 382 10.40 23.18 -1.16
CA PHE D 382 9.07 23.44 -0.59
C PHE D 382 8.47 22.14 -0.15
N LEU D 383 7.75 22.18 0.96
CA LEU D 383 6.95 21.04 1.40
C LEU D 383 5.48 21.44 1.46
N TRP D 384 4.72 21.05 0.45
CA TRP D 384 3.29 21.33 0.40
C TRP D 384 2.61 20.19 1.14
N VAL D 385 1.93 20.55 2.22
CA VAL D 385 1.16 19.63 3.00
C VAL D 385 -0.25 19.60 2.43
N LEU D 386 -0.57 18.49 1.82
CA LEU D 386 -1.87 18.30 1.17
C LEU D 386 -2.87 17.51 2.05
N ALA D 387 -4.13 17.97 2.07
CA ALA D 387 -5.22 17.20 2.72
C ALA D 387 -6.22 16.66 1.68
N PRO D 388 -6.39 15.32 1.62
CA PRO D 388 -7.29 14.76 0.63
C PRO D 388 -8.75 15.08 0.94
N VAL D 389 -9.55 15.19 -0.11
CA VAL D 389 -10.95 15.52 -0.02
C VAL D 389 -11.66 14.77 -1.12
N PRO D 390 -12.96 14.44 -0.89
CA PRO D 390 -13.75 13.60 -1.82
C PRO D 390 -14.00 14.22 -3.16
N SER D 391 -14.24 15.54 -3.17
CA SER D 391 -14.45 16.31 -4.42
C SER D 391 -14.04 17.77 -4.20
N PRO D 392 -14.00 18.60 -5.26
CA PRO D 392 -13.72 20.03 -5.13
C PRO D 392 -14.73 20.80 -4.33
N GLU D 393 -15.96 20.29 -4.27
CA GLU D 393 -17.03 20.93 -3.51
C GLU D 393 -16.65 21.03 -2.06
N ARG D 394 -16.70 22.24 -1.51
CA ARG D 394 -16.27 22.53 -0.13
C ARG D 394 -17.20 21.93 0.93
N GLU D 395 -18.47 21.71 0.57
CA GLU D 395 -19.43 21.05 1.46
C GLU D 395 -19.08 19.61 1.79
N THR D 396 -18.29 18.98 0.92
CA THR D 396 -17.96 17.58 1.04
C THR D 396 -16.68 17.36 1.87
N TRP D 397 -16.02 18.44 2.27
CA TRP D 397 -14.74 18.37 2.96
C TRP D 397 -14.96 18.14 4.43
N PRO D 398 -14.30 17.11 5.02
CA PRO D 398 -14.43 16.82 6.46
C PRO D 398 -13.94 17.96 7.34
N PRO D 399 -14.40 17.98 8.59
CA PRO D 399 -14.10 19.12 9.46
C PRO D 399 -12.61 19.30 9.79
N GLU D 400 -11.82 18.24 9.88
CA GLU D 400 -10.34 18.36 10.12
C GLU D 400 -9.64 19.23 9.05
N VAL D 401 -10.10 19.06 7.81
CA VAL D 401 -9.59 19.81 6.69
C VAL D 401 -10.03 21.26 6.81
N LEU D 402 -11.32 21.47 7.06
CA LEU D 402 -11.89 22.82 7.19
C LEU D 402 -11.40 23.60 8.37
N GLU D 403 -10.89 22.93 9.40
CA GLU D 403 -10.24 23.54 10.53
C GLU D 403 -8.78 23.87 10.23
N ALA D 404 -8.13 23.03 9.42
CA ALA D 404 -6.71 23.24 9.11
C ALA D 404 -6.48 24.46 8.26
N LEU D 405 -7.39 24.71 7.29
CA LEU D 405 -7.68 26.07 6.84
C LEU D 405 -8.87 26.26 7.74
N GLU D 406 -9.13 27.36 8.44
CA GLU D 406 -8.55 28.65 8.30
C GLU D 406 -7.23 28.77 9.05
N ALA D 407 -6.89 27.84 9.93
CA ALA D 407 -5.68 28.07 10.74
C ALA D 407 -4.40 28.32 9.96
N ASP D 408 -4.44 28.17 8.63
CA ASP D 408 -3.26 28.15 7.80
C ASP D 408 -2.43 29.43 7.84
N THR D 409 -3.03 30.60 7.59
CA THR D 409 -2.26 31.86 7.43
C THR D 409 -1.52 32.00 6.09
N GLY D 410 -1.48 30.93 5.30
CA GLY D 410 -0.91 30.91 3.94
C GLY D 410 0.56 31.28 3.81
N GLU D 411 1.33 31.26 4.91
CA GLU D 411 2.70 31.78 4.94
C GLU D 411 3.75 30.71 5.17
N LEU D 412 4.92 30.89 4.54
CA LEU D 412 5.96 29.86 4.53
C LEU D 412 6.61 29.65 5.89
N HIS D 413 6.70 28.39 6.29
CA HIS D 413 7.28 27.98 7.55
C HIS D 413 8.68 27.45 7.21
N ASP D 414 9.74 28.14 7.61
CA ASP D 414 11.10 27.83 7.12
C ASP D 414 11.91 26.80 7.97
N ASP D 415 12.93 26.25 7.31
CA ASP D 415 13.64 25.01 7.65
C ASP D 415 14.84 25.14 8.51
N THR D 416 15.79 25.97 8.07
CA THR D 416 17.10 26.05 8.67
C THR D 416 16.86 26.52 10.06
N GLY D 417 17.82 26.24 10.89
CA GLY D 417 17.54 26.30 12.29
C GLY D 417 17.13 24.88 12.58
N ASP D 418 18.08 24.21 13.21
CA ASP D 418 17.89 22.91 13.76
C ASP D 418 18.13 21.95 12.68
N TYR D 419 18.54 22.41 11.52
CA TYR D 419 18.33 21.58 10.40
C TYR D 419 19.41 22.03 9.43
N ARG D 420 20.47 21.26 9.47
CA ARG D 420 21.53 21.34 8.49
C ARG D 420 21.43 20.15 7.56
N PRO D 421 21.82 20.31 6.28
CA PRO D 421 21.77 19.17 5.38
C PRO D 421 22.36 17.91 5.96
N SER D 422 23.29 18.05 6.90
CA SER D 422 23.61 16.94 7.78
C SER D 422 24.27 17.37 9.08
N ASP D 423 23.61 17.23 10.25
CA ASP D 423 22.19 16.83 10.47
C ASP D 423 21.58 15.49 9.86
N LEU D 424 20.77 15.59 8.80
CA LEU D 424 19.99 14.45 8.29
C LEU D 424 20.73 13.60 7.26
N ALA D 425 20.17 12.44 7.03
CA ALA D 425 20.89 11.25 6.67
C ALA D 425 21.46 11.18 5.27
N LEU D 426 20.91 11.94 4.32
CA LEU D 426 21.23 11.71 2.90
C LEU D 426 22.49 12.41 2.43
N THR D 427 23.20 13.08 3.32
CA THR D 427 24.51 13.57 2.92
C THR D 427 25.53 12.91 3.78
N PRO D 428 26.41 12.10 3.16
CA PRO D 428 27.53 11.51 3.88
C PRO D 428 28.54 12.57 4.23
N GLY D 429 29.17 12.40 5.39
CA GLY D 429 30.26 13.27 5.83
C GLY D 429 31.11 12.51 6.83
N ALA D 430 32.33 12.96 7.07
CA ALA D 430 33.25 12.29 8.02
C ALA D 430 32.91 12.40 9.55
N PRO D 431 32.52 13.60 10.08
CA PRO D 431 32.45 14.90 9.41
C PRO D 431 33.86 15.44 9.13
N ASP D 432 34.13 15.77 7.86
CA ASP D 432 35.49 16.14 7.36
C ASP D 432 36.00 17.48 7.95
N GLY D 433 35.05 18.40 8.15
CA GLY D 433 35.26 19.63 8.91
C GLY D 433 34.86 19.38 10.35
N THR D 434 35.85 19.43 11.24
CA THR D 434 35.69 19.06 12.66
C THR D 434 35.03 20.17 13.48
N GLU D 435 34.54 21.23 12.83
CA GLU D 435 33.79 22.28 13.49
C GLU D 435 32.77 21.72 14.49
N SER D 436 31.95 20.75 14.07
CA SER D 436 30.87 20.18 14.90
C SER D 436 31.26 18.76 15.28
N ASP D 437 31.17 18.49 16.57
CA ASP D 437 31.27 17.15 17.11
C ASP D 437 29.96 16.46 16.79
N ASP D 438 29.97 15.14 16.67
CA ASP D 438 28.70 14.37 16.57
C ASP D 438 27.81 14.53 17.80
N GLU D 439 28.42 14.82 18.95
CA GLU D 439 27.66 15.15 20.13
C GLU D 439 27.29 16.63 20.18
N ALA D 440 27.24 17.29 19.03
CA ALA D 440 26.28 18.36 18.82
C ALA D 440 25.50 18.14 17.48
N TYR D 441 24.32 17.49 17.42
CA TYR D 441 23.41 16.86 18.49
C TYR D 441 22.67 17.70 19.51
N ARG D 442 23.38 18.16 20.53
CA ARG D 442 22.84 19.12 21.51
C ARG D 442 22.18 20.28 20.82
N ARG D 443 22.77 20.81 19.75
CA ARG D 443 22.10 21.88 18.98
C ARG D 443 20.76 21.45 18.41
N LEU D 444 20.71 20.22 17.89
CA LEU D 444 19.47 19.67 17.34
C LEU D 444 18.40 19.49 18.43
N ALA D 445 18.79 18.80 19.51
CA ALA D 445 17.90 18.54 20.63
C ALA D 445 17.28 19.83 21.23
N GLN D 446 18.10 20.86 21.35
CA GLN D 446 17.63 22.15 21.76
C GLN D 446 16.56 22.69 20.85
N LYS D 447 16.80 22.66 19.54
CA LYS D 447 15.80 23.18 18.60
C LYS D 447 14.52 22.40 18.65
N ALA D 448 14.66 21.09 18.76
CA ALA D 448 13.52 20.20 18.93
C ALA D 448 12.66 20.59 20.13
N GLU D 449 13.31 20.85 21.26
CA GLU D 449 12.62 21.31 22.50
C GLU D 449 11.92 22.62 22.31
N ALA D 450 12.62 23.59 21.74
CA ALA D 450 12.03 24.89 21.47
C ALA D 450 10.77 24.74 20.63
N ASN D 451 10.88 24.02 19.51
CA ASN D 451 9.74 23.84 18.60
C ASN D 451 8.61 23.11 19.26
N ALA D 452 8.96 22.09 20.03
CA ALA D 452 8.02 21.30 20.79
C ALA D 452 7.19 22.11 21.76
N GLU D 453 7.88 22.94 22.54
CA GLU D 453 7.23 23.87 23.51
C GLU D 453 6.29 24.82 22.82
N ARG D 454 6.69 25.32 21.66
CA ARG D 454 5.86 26.22 20.89
C ARG D 454 4.60 25.53 20.34
N ARG D 455 4.70 24.25 19.99
CA ARG D 455 3.56 23.45 19.51
C ARG D 455 2.67 23.04 20.66
N GLY D 456 3.27 22.86 21.83
CA GLY D 456 2.57 22.46 23.04
C GLY D 456 1.58 23.48 23.54
N GLN D 457 1.78 24.74 23.16
CA GLN D 457 0.90 25.86 23.56
C GLN D 457 -0.03 26.30 22.43
N LEU D 458 -0.23 25.42 21.44
CA LEU D 458 -1.24 25.66 20.41
C LEU D 458 -2.58 25.23 20.93
N LYS D 459 -3.51 26.17 20.93
CA LYS D 459 -4.84 25.95 21.50
C LYS D 459 -5.62 25.00 20.63
N LYS D 460 -5.82 25.38 19.36
CA LYS D 460 -6.43 24.51 18.34
C LYS D 460 -5.32 23.99 17.41
N PRO D 461 -4.83 22.73 17.63
CA PRO D 461 -3.76 22.19 16.78
C PRO D 461 -4.32 21.37 15.64
N THR D 462 -3.90 21.70 14.43
CA THR D 462 -4.37 21.01 13.23
C THR D 462 -3.71 19.63 13.21
N VAL D 463 -4.17 18.76 12.31
CA VAL D 463 -3.56 17.42 12.24
C VAL D 463 -2.14 17.52 11.68
N ALA D 464 -1.88 18.56 10.89
CA ALA D 464 -0.56 18.86 10.44
C ALA D 464 0.38 19.24 11.59
N ASP D 465 -0.06 20.15 12.46
CA ASP D 465 0.72 20.56 13.63
C ASP D 465 1.07 19.36 14.45
N LYS D 466 0.13 18.42 14.52
CA LYS D 466 0.24 17.27 15.39
C LYS D 466 1.10 16.14 14.84
N TYR D 467 1.07 15.93 13.53
CA TYR D 467 1.64 14.72 12.95
C TYR D 467 2.79 14.91 12.01
N VAL D 468 2.96 16.11 11.47
CA VAL D 468 4.13 16.41 10.65
C VAL D 468 5.36 16.33 11.57
N ARG D 469 6.40 15.68 11.12
CA ARG D 469 7.51 15.39 12.04
C ARG D 469 8.64 16.40 11.92
N ASP D 470 9.14 16.84 13.07
CA ASP D 470 10.22 17.81 13.11
C ASP D 470 11.55 17.19 12.69
N PRO D 471 12.17 17.72 11.61
CA PRO D 471 13.45 17.21 11.11
C PRO D 471 14.55 17.22 12.14
N SER D 472 14.55 18.26 12.96
CA SER D 472 15.58 18.46 13.98
C SER D 472 15.69 17.37 15.01
N ALA D 473 14.56 16.88 15.48
CA ALA D 473 14.51 15.78 16.42
C ALA D 473 14.92 14.43 15.82
N ARG D 474 14.47 14.18 14.60
CA ARG D 474 14.89 13.01 13.84
C ARG D 474 16.38 13.06 13.63
N GLY D 475 16.86 14.22 13.21
CA GLY D 475 18.28 14.41 13.03
C GLY D 475 19.09 14.09 14.27
N ALA D 476 18.61 14.56 15.39
CA ALA D 476 19.27 14.33 16.66
C ALA D 476 19.41 12.82 16.93
N VAL D 477 18.34 12.06 16.73
CA VAL D 477 18.37 10.62 17.02
C VAL D 477 19.36 9.94 16.12
N LEU D 478 19.44 10.42 14.90
CA LEU D 478 20.38 9.83 13.97
C LEU D 478 21.84 10.01 14.44
N LYS D 479 22.13 11.22 14.96
CA LYS D 479 23.48 11.59 15.45
C LYS D 479 23.82 10.87 16.69
N ARG D 480 22.80 10.57 17.46
CA ARG D 480 22.96 9.80 18.68
C ARG D 480 23.24 8.30 18.50
N CYS D 481 22.45 7.64 17.66
CA CYS D 481 22.48 6.17 17.60
C CYS D 481 23.60 5.59 16.79
N GLN D 482 24.05 6.36 15.81
CA GLN D 482 25.12 5.98 14.87
C GLN D 482 24.96 4.61 14.30
N LYS D 483 23.93 4.53 13.45
CA LYS D 483 23.66 3.34 12.62
C LYS D 483 23.43 2.07 13.45
N ARG D 484 22.97 2.20 14.69
CA ARG D 484 22.71 1.04 15.56
C ARG D 484 21.33 1.05 16.25
N CYS D 485 20.82 -0.14 16.55
CA CYS D 485 19.64 -0.27 17.41
C CYS D 485 19.95 0.29 18.76
N GLU D 486 19.01 1.06 19.32
CA GLU D 486 19.11 1.58 20.67
C GLU D 486 18.32 0.74 21.70
N ASN D 487 17.73 -0.35 21.27
CA ASN D 487 17.06 -1.28 22.17
C ASN D 487 18.12 -2.15 22.80
N PRO D 488 18.30 -2.02 24.11
CA PRO D 488 19.32 -2.79 24.76
C PRO D 488 19.02 -4.27 24.81
N GLU D 489 17.80 -4.71 24.51
CA GLU D 489 17.54 -6.13 24.36
C GLU D 489 17.55 -6.66 22.91
N CYS D 490 18.26 -5.97 22.02
CA CYS D 490 18.20 -6.30 20.58
C CYS D 490 18.76 -7.70 20.35
N ALA D 491 18.01 -8.58 19.70
CA ALA D 491 18.52 -9.88 19.38
C ALA D 491 19.72 -9.83 18.42
N GLY D 492 19.83 -8.73 17.65
CA GLY D 492 20.93 -8.54 16.71
C GLY D 492 20.40 -7.90 15.45
N HIS D 493 21.23 -7.11 14.77
CA HIS D 493 20.83 -6.53 13.49
C HIS D 493 22.01 -6.32 12.56
N PRO D 494 21.75 -6.35 11.23
CA PRO D 494 22.83 -6.20 10.25
C PRO D 494 23.36 -4.79 10.11
N THR D 495 24.63 -4.67 9.78
CA THR D 495 25.25 -3.38 9.53
C THR D 495 25.31 -3.01 8.03
N GLU D 496 24.86 -3.92 7.17
CA GLU D 496 24.64 -3.63 5.77
C GLU D 496 23.76 -2.41 5.63
N LEU D 497 24.06 -1.56 4.67
CA LEU D 497 23.20 -0.41 4.40
C LEU D 497 22.17 -0.77 3.35
N THR D 498 21.29 0.19 3.04
CA THR D 498 20.31 0.04 1.95
C THR D 498 20.96 0.38 0.63
N LYS D 499 20.29 0.09 -0.46
CA LYS D 499 20.78 0.54 -1.77
C LYS D 499 21.07 2.06 -1.79
N ALA D 500 20.30 2.80 -1.04
CA ALA D 500 20.37 4.22 -1.09
C ALA D 500 21.40 4.71 -0.10
N GLY D 501 21.98 3.77 0.66
CA GLY D 501 23.11 4.07 1.54
C GLY D 501 22.78 4.50 2.96
N LEU D 502 21.58 4.15 3.40
CA LEU D 502 21.14 4.47 4.77
C LEU D 502 21.07 3.18 5.61
N PRO D 503 21.19 3.32 6.93
CA PRO D 503 21.16 2.12 7.73
C PRO D 503 19.77 1.57 7.77
N ILE D 504 19.68 0.27 7.97
CA ILE D 504 18.41 -0.44 8.06
C ILE D 504 17.87 -0.25 9.47
N LEU D 505 17.45 0.96 9.77
CA LEU D 505 16.89 1.37 11.06
C LEU D 505 15.77 2.30 10.84
N GLN D 506 14.96 2.52 11.86
CA GLN D 506 13.99 3.59 11.81
C GLN D 506 13.92 4.27 13.16
N VAL D 507 13.82 5.60 13.10
CA VAL D 507 13.57 6.45 14.25
C VAL D 507 12.07 6.50 14.52
N ASP D 508 11.71 6.27 15.76
CA ASP D 508 10.32 6.11 16.12
C ASP D 508 10.11 6.66 17.53
N HIS D 509 8.96 7.26 17.80
CA HIS D 509 8.65 7.78 19.15
C HIS D 509 8.23 6.65 20.06
N VAL D 510 8.77 6.64 21.28
CA VAL D 510 8.35 5.64 22.28
C VAL D 510 6.93 5.89 22.70
N ASN D 511 6.56 7.16 22.78
CA ASN D 511 5.22 7.58 23.14
C ASN D 511 4.59 8.23 21.94
N ASP D 512 3.73 7.49 21.25
CA ASP D 512 3.25 7.90 19.92
C ASP D 512 2.71 9.34 19.91
N LEU D 513 3.01 10.10 18.87
CA LEU D 513 2.51 11.49 18.75
C LEU D 513 1.01 11.51 18.82
N ALA D 514 0.40 10.47 18.24
CA ALA D 514 -1.05 10.26 18.24
C ALA D 514 -1.66 10.25 19.63
N LYS D 515 -0.97 9.60 20.57
CA LYS D 515 -1.36 9.57 21.98
C LYS D 515 -0.71 10.66 22.83
N GLY D 516 -0.40 11.82 22.23
CA GLY D 516 0.06 12.98 22.97
C GLY D 516 1.57 13.12 23.16
N GLY D 517 2.33 12.07 22.89
CA GLY D 517 3.77 12.13 23.09
C GLY D 517 4.39 13.31 22.34
N PRO D 518 5.49 13.86 22.87
CA PRO D 518 6.18 14.97 22.27
C PRO D 518 7.14 14.56 21.17
N ASP D 519 7.32 15.45 20.19
CA ASP D 519 8.27 15.28 19.07
C ASP D 519 9.67 15.84 19.45
N VAL D 520 10.33 15.08 20.32
CA VAL D 520 11.64 15.39 20.83
C VAL D 520 12.51 14.11 20.98
N PRO D 521 13.84 14.28 20.96
CA PRO D 521 14.77 13.15 20.95
C PRO D 521 14.64 12.19 22.13
N TRP D 522 14.37 12.73 23.31
CA TRP D 522 14.27 11.88 24.53
C TRP D 522 12.98 11.03 24.58
N ASN D 523 12.03 11.34 23.70
CA ASN D 523 10.85 10.52 23.47
C ASN D 523 11.00 9.62 22.22
N MET D 524 12.18 9.59 21.63
CA MET D 524 12.41 8.82 20.41
C MET D 524 13.53 7.80 20.58
N ILE D 525 13.60 6.88 19.63
CA ILE D 525 14.46 5.72 19.72
C ILE D 525 14.68 5.13 18.30
N ALA D 526 15.90 4.71 18.02
CA ALA D 526 16.24 4.15 16.76
C ALA D 526 16.13 2.62 16.88
N LEU D 527 15.39 1.97 15.98
CA LEU D 527 15.17 0.52 16.05
C LEU D 527 15.37 -0.14 14.72
N CYS D 528 15.97 -1.33 14.76
CA CYS D 528 16.00 -2.20 13.64
C CYS D 528 14.59 -2.73 13.38
N PRO D 529 14.32 -3.13 12.15
CA PRO D 529 13.03 -3.71 11.81
C PRO D 529 12.51 -4.69 12.84
N ASN D 530 13.37 -5.51 13.44
CA ASN D 530 12.93 -6.59 14.33
C ASN D 530 12.44 -5.96 15.62
N CYS D 531 13.24 -5.09 16.19
CA CYS D 531 12.84 -4.43 17.43
C CYS D 531 11.65 -3.50 17.24
N HIS D 532 11.58 -2.87 16.10
CA HIS D 532 10.40 -2.08 15.74
C HIS D 532 9.13 -2.93 15.70
N ALA D 533 9.23 -4.12 15.16
CA ALA D 533 8.11 -5.04 15.13
C ALA D 533 7.75 -5.43 16.55
N LEU D 534 8.76 -5.69 17.36
CA LEU D 534 8.54 -5.99 18.76
C LEU D 534 7.77 -4.86 19.46
N LYS D 535 8.26 -3.65 19.26
CA LYS D 535 7.63 -2.48 19.85
C LYS D 535 6.17 -2.33 19.42
N THR D 536 5.89 -2.57 18.13
CA THR D 536 4.59 -2.25 17.54
C THR D 536 3.52 -3.32 17.77
N TYR D 537 3.83 -4.56 17.47
CA TYR D 537 2.85 -5.62 17.64
C TYR D 537 3.41 -6.87 18.32
N GLY D 538 4.47 -6.67 19.10
CA GLY D 538 5.01 -7.78 19.89
C GLY D 538 4.07 -8.08 21.04
N ALA D 539 4.07 -9.32 21.52
CA ALA D 539 3.25 -9.71 22.68
C ALA D 539 3.57 -8.95 23.96
N ASN D 540 4.83 -8.53 24.10
CA ASN D 540 5.31 -7.80 25.27
C ASN D 540 5.62 -6.37 24.90
N LYS D 541 4.82 -5.80 24.02
CA LYS D 541 5.03 -4.42 23.55
C LYS D 541 5.06 -3.40 24.70
N VAL D 542 4.28 -3.66 25.74
CA VAL D 542 4.02 -2.69 26.81
C VAL D 542 5.24 -2.51 27.68
N ARG D 543 5.77 -3.64 28.15
CA ARG D 543 7.01 -3.64 28.95
C ARG D 543 8.17 -3.03 28.18
N LEU D 544 8.26 -3.40 26.90
CA LEU D 544 9.28 -2.86 26.02
C LEU D 544 9.17 -1.35 25.91
N GLN D 545 7.93 -0.86 25.83
CA GLN D 545 7.72 0.58 25.77
C GLN D 545 8.33 1.27 27.00
N ARG D 546 8.17 0.65 28.16
CA ARG D 546 8.73 1.18 29.37
C ARG D 546 10.23 1.21 29.27
N LEU D 547 10.81 0.08 28.85
CA LEU D 547 12.25 -0.04 28.71
C LEU D 547 12.81 1.01 27.75
N LEU D 548 12.12 1.18 26.63
CA LEU D 548 12.59 2.10 25.62
C LEU D 548 12.47 3.55 26.09
N ALA D 549 11.44 3.81 26.87
CA ALA D 549 11.22 5.17 27.39
C ALA D 549 12.39 5.61 28.31
N ALA D 550 12.73 4.66 29.20
CA ALA D 550 13.88 4.73 30.10
C ALA D 550 15.17 4.94 29.36
N THR D 551 15.47 4.05 28.41
CA THR D 551 16.74 4.13 27.71
C THR D 551 16.83 5.30 26.78
N ALA D 552 15.71 5.84 26.34
CA ALA D 552 15.77 7.02 25.50
C ALA D 552 16.15 8.21 26.31
N ARG D 553 15.49 8.39 27.45
CA ARG D 553 15.81 9.51 28.34
C ARG D 553 17.27 9.41 28.77
N ARG D 554 17.71 8.19 29.05
CA ARG D 554 19.08 7.95 29.52
C ARG D 554 20.11 8.33 28.50
N LEU D 555 19.96 7.74 27.33
CA LEU D 555 20.82 8.07 26.20
C LEU D 555 20.82 9.55 25.90
N HIS D 556 19.68 10.22 26.06
CA HIS D 556 19.56 11.65 25.81
C HIS D 556 20.36 12.43 26.78
N GLU D 557 20.18 12.10 28.05
CA GLU D 557 20.85 12.82 29.14
C GLU D 557 22.35 12.57 29.20
N GLU D 558 22.80 11.41 28.68
CA GLU D 558 24.23 11.10 28.56
C GLU D 558 24.97 12.07 27.62
N LYS D 559 24.27 12.62 26.66
CA LYS D 559 24.86 13.55 25.71
C LYS D 559 24.78 15.01 26.13
N LEU D 560 24.17 15.30 27.28
CA LEU D 560 24.08 16.69 27.78
C LEU D 560 25.21 17.10 28.75
N GLN D 561 25.72 16.14 29.50
CA GLN D 561 26.87 16.36 30.38
C GLN D 561 28.19 16.29 29.63
N GLY E 11 -28.07 -11.29 95.19
CA GLY E 11 -27.46 -9.93 95.04
C GLY E 11 -28.39 -8.96 94.36
N ILE E 12 -29.01 -9.42 93.28
CA ILE E 12 -29.97 -8.62 92.52
C ILE E 12 -31.15 -8.20 93.38
N LEU E 13 -31.64 -9.14 94.18
CA LEU E 13 -32.77 -8.85 95.08
C LEU E 13 -32.45 -7.71 96.05
N GLN E 14 -31.23 -7.68 96.56
CA GLN E 14 -30.81 -6.58 97.44
C GLN E 14 -30.66 -5.25 96.67
N ALA E 15 -30.23 -5.31 95.42
CA ALA E 15 -30.18 -4.14 94.53
C ALA E 15 -31.58 -3.58 94.28
N ILE E 16 -32.53 -4.47 93.95
CA ILE E 16 -33.94 -4.08 93.72
C ILE E 16 -34.59 -3.51 94.99
N ALA E 17 -34.23 -4.07 96.14
CA ALA E 17 -34.66 -3.55 97.44
C ALA E 17 -34.16 -2.12 97.67
N GLU E 18 -32.93 -1.84 97.28
CA GLU E 18 -32.36 -0.50 97.44
C GLU E 18 -32.97 0.52 96.46
N HIS E 19 -33.29 0.06 95.24
CA HIS E 19 -34.04 0.88 94.27
C HIS E 19 -35.43 1.28 94.80
N ASP E 20 -36.09 0.35 95.50
CA ASP E 20 -37.44 0.59 96.03
C ASP E 20 -37.45 1.62 97.18
N ARG E 21 -36.43 1.60 98.04
CA ARG E 21 -36.31 2.57 99.13
C ARG E 21 -35.83 3.92 98.59
N THR E 37 -34.77 1.96 79.87
CA THR E 37 -34.47 2.66 78.61
C THR E 37 -34.69 1.74 77.40
N SER E 38 -33.82 0.73 77.25
CA SER E 38 -33.93 -0.33 76.24
C SER E 38 -34.82 -1.47 76.77
N TYR E 39 -34.50 -1.95 77.97
CA TYR E 39 -35.17 -3.10 78.59
C TYR E 39 -35.36 -2.92 80.08
N PHE E 40 -36.57 -3.27 80.56
CA PHE E 40 -36.88 -3.25 81.98
C PHE E 40 -36.90 -4.66 82.57
N LEU E 41 -36.80 -4.70 83.90
CA LEU E 41 -36.86 -5.93 84.68
C LEU E 41 -38.05 -5.87 85.62
N GLU E 42 -38.97 -6.82 85.46
CA GLU E 42 -40.22 -6.80 86.21
C GLU E 42 -40.09 -7.66 87.44
N HIS E 43 -40.44 -7.09 88.59
CA HIS E 43 -40.46 -7.83 89.84
C HIS E 43 -41.56 -7.31 90.73
N GLU E 44 -42.49 -8.20 91.07
CA GLU E 44 -43.64 -7.89 91.93
C GLU E 44 -44.43 -6.68 91.46
N GLY E 45 -44.59 -6.55 90.17
CA GLY E 45 -45.36 -5.46 89.58
C GLY E 45 -44.56 -4.20 89.29
N ARG E 46 -43.30 -4.17 89.72
CA ARG E 46 -42.49 -2.96 89.71
C ARG E 46 -41.42 -3.10 88.62
N LEU E 47 -41.21 -2.05 87.83
CA LEU E 47 -40.24 -2.04 86.73
C LEU E 47 -38.95 -1.38 87.15
N TYR E 48 -37.84 -1.95 86.69
CA TYR E 48 -36.49 -1.53 87.06
C TYR E 48 -35.58 -1.55 85.82
N ASP E 49 -34.74 -0.52 85.66
CA ASP E 49 -33.79 -0.42 84.52
C ASP E 49 -32.83 -1.62 84.55
N SER E 50 -32.98 -2.48 83.54
CA SER E 50 -32.27 -3.77 83.46
C SER E 50 -30.77 -3.64 83.70
N LYS E 51 -30.12 -2.85 82.85
CA LYS E 51 -28.66 -2.66 82.92
C LYS E 51 -28.28 -2.12 84.31
N ALA E 52 -29.02 -1.13 84.79
CA ALA E 52 -28.71 -0.49 86.05
C ALA E 52 -28.73 -1.49 87.21
N ILE E 53 -29.78 -2.28 87.29
CA ILE E 53 -29.92 -3.28 88.36
C ILE E 53 -28.78 -4.31 88.32
N ALA E 54 -28.43 -4.74 87.11
CA ALA E 54 -27.33 -5.69 86.92
C ALA E 54 -26.05 -5.11 87.49
N GLY E 55 -25.81 -3.84 87.17
CA GLY E 55 -24.63 -3.12 87.63
C GLY E 55 -24.49 -3.04 89.14
N VAL E 56 -25.57 -2.63 89.81
CA VAL E 56 -25.58 -2.51 91.27
C VAL E 56 -25.42 -3.88 91.93
N ALA E 57 -26.00 -4.90 91.31
CA ALA E 57 -25.87 -6.27 91.81
C ALA E 57 -24.42 -6.74 91.80
N HIS E 58 -23.63 -6.22 90.86
CA HIS E 58 -22.20 -6.55 90.74
C HIS E 58 -21.34 -6.01 91.86
N MET E 59 -21.48 -4.71 92.10
CA MET E 59 -20.69 -4.04 93.14
C MET E 59 -21.17 -4.45 94.53
N TYR E 60 -22.29 -5.18 94.55
CA TYR E 60 -22.86 -5.79 95.74
C TYR E 60 -22.88 -7.35 95.58
N ASP E 61 -21.72 -7.97 95.82
CA ASP E 61 -21.54 -9.44 95.71
C ASP E 61 -21.76 -9.95 94.30
N LEU E 77 -21.41 -4.49 80.32
CA LEU E 77 -21.71 -5.01 78.98
C LEU E 77 -23.20 -5.40 78.83
N LYS E 78 -23.55 -5.85 77.63
CA LYS E 78 -24.89 -6.37 77.30
C LYS E 78 -25.10 -7.83 77.71
N HIS E 79 -24.08 -8.44 78.32
CA HIS E 79 -24.24 -9.66 79.12
C HIS E 79 -25.25 -9.52 80.28
N ALA E 80 -25.76 -8.32 80.53
CA ALA E 80 -26.59 -8.05 81.70
C ALA E 80 -27.96 -8.71 81.62
N VAL E 81 -28.67 -8.45 80.53
CA VAL E 81 -30.02 -8.99 80.29
C VAL E 81 -30.01 -10.52 80.44
N ALA E 82 -29.11 -11.17 79.71
CA ALA E 82 -28.91 -12.62 79.77
C ALA E 82 -28.61 -13.11 81.20
N TRP E 83 -27.86 -12.32 81.94
CA TRP E 83 -27.49 -12.65 83.32
C TRP E 83 -28.71 -12.62 84.23
N LEU E 84 -29.52 -11.58 84.10
CA LEU E 84 -30.73 -11.40 84.92
C LEU E 84 -31.77 -12.47 84.64
N ARG E 85 -31.94 -12.80 83.35
CA ARG E 85 -32.87 -13.83 82.98
C ARG E 85 -32.36 -15.22 83.34
N ARG E 86 -31.04 -15.41 83.36
CA ARG E 86 -30.41 -16.62 83.89
C ARG E 86 -30.65 -16.86 85.39
N GLU E 87 -30.85 -15.79 86.16
CA GLU E 87 -31.17 -15.89 87.59
C GLU E 87 -32.68 -15.93 87.92
N GLY E 88 -33.52 -16.01 86.90
CA GLY E 88 -34.95 -16.27 87.09
C GLY E 88 -35.86 -15.05 87.18
N PHE E 89 -35.51 -13.95 86.50
CA PHE E 89 -36.33 -12.73 86.49
C PHE E 89 -36.94 -12.49 85.15
N THR E 90 -38.20 -12.09 85.11
CA THR E 90 -38.86 -11.82 83.82
C THR E 90 -38.46 -10.43 83.35
N ILE E 91 -38.02 -10.35 82.08
CA ILE E 91 -37.53 -9.11 81.48
C ILE E 91 -38.53 -8.61 80.46
N ARG E 92 -38.80 -7.32 80.55
CA ARG E 92 -39.83 -6.70 79.77
C ARG E 92 -39.26 -5.64 78.86
N GLU E 93 -39.89 -5.46 77.70
CA GLU E 93 -39.43 -4.51 76.67
C GLU E 93 -39.77 -3.08 77.07
N ALA E 94 -39.08 -2.09 76.49
CA ALA E 94 -39.45 -0.67 76.65
C ALA E 94 -40.57 -0.33 75.70
N PRO E 95 -41.35 0.70 76.02
CA PRO E 95 -42.46 1.03 75.13
C PRO E 95 -41.93 1.46 73.76
N LYS E 96 -42.65 1.06 72.70
CA LYS E 96 -42.14 1.21 71.34
C LYS E 96 -42.01 2.69 70.88
N THR E 97 -40.88 3.00 70.25
CA THR E 97 -40.65 4.23 69.51
C THR E 97 -41.68 4.43 68.40
N PHE E 98 -41.96 5.70 68.10
CA PHE E 98 -42.94 6.09 67.07
C PHE E 98 -42.63 5.46 65.70
N HIS E 99 -41.34 5.44 65.39
CA HIS E 99 -40.79 4.77 64.21
C HIS E 99 -41.22 3.30 64.14
N ARG E 100 -40.96 2.58 65.24
CA ARG E 100 -41.32 1.17 65.36
C ARG E 100 -42.82 0.95 65.17
N ARG E 101 -43.63 1.77 65.85
CA ARG E 101 -45.07 1.56 65.88
C ARG E 101 -45.73 1.85 64.57
N VAL E 102 -45.25 2.89 63.90
CA VAL E 102 -45.70 3.18 62.53
C VAL E 102 -45.19 2.08 61.56
N GLY E 103 -44.06 1.47 61.92
CA GLY E 103 -43.54 0.34 61.18
C GLY E 103 -44.28 -0.97 61.37
N ASP E 104 -44.98 -1.10 62.51
CA ASP E 104 -45.79 -2.30 62.82
C ASP E 104 -47.12 -2.33 62.07
N VAL E 105 -47.51 -1.19 61.50
CA VAL E 105 -48.75 -1.07 60.75
C VAL E 105 -48.66 -1.87 59.46
N ARG E 106 -49.07 -3.13 59.52
CA ARG E 106 -48.91 -4.05 58.39
C ARG E 106 -50.21 -4.73 58.02
N PRO E 107 -50.37 -5.13 56.75
CA PRO E 107 -51.55 -5.91 56.36
C PRO E 107 -51.60 -7.32 56.99
N ALA E 108 -52.82 -7.89 57.01
CA ALA E 108 -53.03 -9.31 57.31
C ALA E 108 -53.23 -10.10 56.01
N ALA E 115 -55.14 -2.93 52.36
CA ALA E 115 -55.15 -2.44 53.75
C ALA E 115 -54.58 -1.03 53.87
N LEU E 116 -55.08 -0.14 53.01
CA LEU E 116 -54.58 1.23 52.90
C LEU E 116 -55.23 2.25 53.84
N HIS E 117 -56.20 1.81 54.63
CA HIS E 117 -57.00 2.71 55.47
C HIS E 117 -56.09 3.37 56.49
N ARG E 118 -55.48 2.51 57.32
CA ARG E 118 -54.59 2.94 58.41
C ARG E 118 -53.43 3.86 57.96
N PRO E 119 -52.71 3.46 56.89
CA PRO E 119 -51.65 4.36 56.45
C PRO E 119 -52.17 5.70 55.88
N VAL E 120 -53.32 5.70 55.20
CA VAL E 120 -53.89 6.95 54.66
C VAL E 120 -54.19 7.95 55.77
N LEU E 121 -54.87 7.48 56.80
CA LEU E 121 -55.15 8.31 57.96
C LEU E 121 -53.85 8.81 58.60
N LEU E 122 -52.93 7.88 58.85
CA LEU E 122 -51.63 8.19 59.45
C LEU E 122 -50.84 9.22 58.66
N LEU E 123 -50.92 9.10 57.34
CA LEU E 123 -50.24 10.02 56.43
C LEU E 123 -50.86 11.42 56.50
N TRP E 124 -52.19 11.49 56.51
CA TRP E 124 -52.95 12.74 56.75
C TRP E 124 -52.56 13.41 58.08
N ALA E 125 -52.45 12.59 59.11
CA ALA E 125 -52.16 13.06 60.46
C ALA E 125 -50.79 13.69 60.55
N ILE E 126 -49.82 13.08 59.88
CA ILE E 126 -48.46 13.60 59.81
C ILE E 126 -48.46 14.93 59.05
N GLY E 127 -49.14 14.96 57.90
CA GLY E 127 -49.28 16.18 57.11
C GLY E 127 -49.91 17.33 57.90
N GLN E 128 -50.85 16.97 58.78
CA GLN E 128 -51.53 17.92 59.65
C GLN E 128 -50.57 18.47 60.71
N ALA E 129 -49.84 17.57 61.37
CA ALA E 129 -48.87 17.93 62.42
C ALA E 129 -47.72 18.78 61.92
N VAL E 130 -47.28 18.50 60.71
CA VAL E 130 -46.24 19.29 60.03
C VAL E 130 -46.73 20.72 59.76
N ALA E 131 -47.99 20.85 59.32
CA ALA E 131 -48.60 22.16 59.03
C ALA E 131 -49.09 22.94 60.27
N ARG E 132 -48.69 22.49 61.46
CA ARG E 132 -49.08 23.06 62.75
C ARG E 132 -50.58 23.11 63.03
N ALA E 133 -51.29 22.08 62.60
CA ALA E 133 -52.72 21.93 62.91
C ALA E 133 -52.84 21.50 64.37
N PRO E 134 -54.04 21.65 64.96
CA PRO E 134 -54.18 21.19 66.34
C PRO E 134 -54.08 19.68 66.46
N ARG E 135 -53.59 19.24 67.63
CA ARG E 135 -53.31 17.83 67.90
C ARG E 135 -54.55 16.97 67.78
N LEU E 136 -55.56 17.32 68.56
CA LEU E 136 -56.85 16.66 68.54
C LEU E 136 -57.72 17.45 67.59
N GLN E 137 -58.47 16.74 66.75
CA GLN E 137 -59.46 17.36 65.89
C GLN E 137 -60.78 16.59 65.97
N PRO E 138 -61.90 17.28 65.75
CA PRO E 138 -63.19 16.57 65.77
C PRO E 138 -63.36 15.58 64.61
N TRP E 139 -64.07 14.48 64.87
CA TRP E 139 -64.37 13.48 63.84
C TRP E 139 -65.00 14.10 62.58
N SER E 140 -65.85 15.09 62.78
CA SER E 140 -66.62 15.72 61.70
C SER E 140 -65.74 16.25 60.57
N THR E 141 -64.71 16.99 60.96
CA THR E 141 -63.75 17.56 59.98
C THR E 141 -62.80 16.52 59.40
N THR E 142 -62.30 15.63 60.26
CA THR E 142 -61.41 14.55 59.83
C THR E 142 -62.09 13.70 58.76
N ARG E 143 -63.37 13.41 58.95
CA ARG E 143 -64.14 12.56 58.05
C ARG E 143 -64.12 13.08 56.62
N ASP E 144 -64.62 14.30 56.44
CA ASP E 144 -64.76 14.93 55.10
C ASP E 144 -63.48 15.63 54.59
N ALA E 145 -62.41 15.61 55.40
CA ALA E 145 -61.06 16.00 54.95
C ALA E 145 -60.25 14.82 54.42
N VAL E 146 -60.45 13.64 55.02
CA VAL E 146 -59.74 12.40 54.66
C VAL E 146 -60.50 11.51 53.66
N ALA E 147 -61.83 11.56 53.68
CA ALA E 147 -62.66 10.69 52.81
C ALA E 147 -62.37 10.79 51.31
N PRO E 148 -62.11 12.01 50.77
CA PRO E 148 -61.63 12.12 49.38
C PRO E 148 -60.30 11.41 49.11
N LEU E 149 -59.34 11.60 50.03
CA LEU E 149 -58.04 10.91 50.01
C LEU E 149 -58.21 9.39 50.05
N MET E 150 -59.14 8.94 50.90
CA MET E 150 -59.48 7.53 51.06
C MET E 150 -60.06 6.93 49.78
N GLU E 151 -60.86 7.72 49.06
CA GLU E 151 -61.43 7.29 47.78
C GLU E 151 -60.36 7.22 46.69
N LYS E 152 -59.54 8.27 46.59
CA LYS E 152 -58.57 8.40 45.51
C LYS E 152 -57.37 7.45 45.66
N TYR E 153 -56.82 7.41 46.89
CA TYR E 153 -55.56 6.71 47.16
C TYR E 153 -55.71 5.38 47.86
N GLY E 154 -56.78 5.23 48.65
CA GLY E 154 -57.07 3.96 49.32
C GLY E 154 -57.99 3.04 48.56
N GLN E 155 -58.24 3.34 47.27
CA GLN E 155 -59.12 2.54 46.38
C GLN E 155 -60.31 1.86 47.10
N VAL E 156 -60.99 2.64 47.94
CA VAL E 156 -62.24 2.23 48.60
C VAL E 156 -63.38 3.04 47.98
N GLU E 157 -64.57 2.42 47.91
CA GLU E 157 -65.73 3.03 47.25
C GLU E 157 -66.30 4.20 48.08
N ASP E 158 -66.75 3.87 49.28
CA ASP E 158 -67.33 4.84 50.19
C ASP E 158 -66.22 5.33 51.13
N GLY E 159 -65.65 6.49 50.81
CA GLY E 159 -64.55 7.07 51.59
C GLY E 159 -64.97 7.54 52.97
N VAL E 160 -66.18 8.10 53.04
CA VAL E 160 -66.81 8.52 54.30
C VAL E 160 -66.86 7.35 55.30
N ASP E 161 -67.23 6.18 54.79
CA ASP E 161 -67.25 4.93 55.56
C ASP E 161 -65.86 4.35 55.75
N GLY E 162 -65.00 4.53 54.74
CA GLY E 162 -63.60 4.11 54.79
C GLY E 162 -62.80 4.69 55.95
N VAL E 163 -63.13 5.90 56.37
CA VAL E 163 -62.41 6.60 57.45
C VAL E 163 -62.76 5.99 58.81
N ARG E 164 -63.97 5.46 58.95
CA ARG E 164 -64.46 4.95 60.23
C ARG E 164 -63.53 3.87 60.81
N TYR E 165 -63.14 2.91 59.96
CA TYR E 165 -62.33 1.75 60.38
C TYR E 165 -61.01 2.12 61.06
N PRO E 166 -60.15 2.90 60.37
CA PRO E 166 -58.89 3.30 60.99
C PRO E 166 -59.02 4.37 62.06
N PHE E 167 -60.11 5.14 62.05
CA PHE E 167 -60.33 6.15 63.09
C PHE E 167 -60.36 5.53 64.49
N TRP E 168 -60.78 4.27 64.55
CA TRP E 168 -60.89 3.53 65.81
C TRP E 168 -59.80 2.48 65.93
N ALA E 169 -59.58 1.71 64.85
CA ALA E 169 -58.59 0.61 64.84
C ALA E 169 -57.16 1.07 65.10
N LEU E 170 -56.88 2.33 64.81
CA LEU E 170 -55.55 2.89 64.97
C LEU E 170 -55.19 3.19 66.42
N VAL E 171 -56.19 3.13 67.30
CA VAL E 171 -56.00 3.34 68.74
C VAL E 171 -55.26 2.14 69.35
N ARG E 172 -55.67 0.95 68.94
CA ARG E 172 -55.05 -0.28 69.46
C ARG E 172 -53.74 -0.59 68.74
N ASP E 173 -53.37 0.22 67.75
CA ASP E 173 -52.02 0.20 67.18
C ASP E 173 -51.11 1.22 67.92
N ASP E 174 -51.58 1.79 69.03
CA ASP E 174 -50.84 2.76 69.83
C ASP E 174 -50.42 3.99 69.06
N LEU E 175 -51.26 4.40 68.11
CA LEU E 175 -50.98 5.59 67.29
C LEU E 175 -52.04 6.69 67.35
N TRP E 176 -53.25 6.34 67.79
CA TRP E 176 -54.40 7.26 67.77
C TRP E 176 -55.06 7.36 69.15
N CYS E 177 -55.80 8.46 69.34
CA CYS E 177 -56.55 8.77 70.59
C CYS E 177 -57.93 9.31 70.26
N VAL E 178 -58.95 8.86 71.00
CA VAL E 178 -60.33 9.33 70.80
C VAL E 178 -60.88 9.88 72.13
N GLU E 179 -61.67 10.97 72.05
CA GLU E 179 -62.16 11.69 73.27
C GLU E 179 -63.51 11.16 73.87
N GLN E 180 -64.19 10.19 73.22
CA GLN E 180 -65.45 9.59 73.74
C GLN E 180 -65.27 8.29 74.52
N ALA E 181 -66.23 8.00 75.41
CA ALA E 181 -66.19 6.87 76.36
C ALA E 181 -67.48 6.07 76.33
N PRO E 193 -71.27 3.66 68.99
CA PRO E 193 -70.95 3.06 67.68
C PRO E 193 -72.19 3.00 66.77
N THR E 194 -72.06 2.86 65.44
CA THR E 194 -70.81 3.11 64.67
C THR E 194 -70.73 4.57 64.20
N LEU E 195 -71.70 4.98 63.38
CA LEU E 195 -71.68 6.26 62.63
C LEU E 195 -72.43 7.38 63.33
N GLU E 196 -73.71 7.13 63.60
CA GLU E 196 -74.57 8.11 64.27
C GLU E 196 -73.92 8.65 65.54
N SER E 197 -73.38 7.73 66.34
CA SER E 197 -72.74 8.06 67.62
C SER E 197 -71.50 8.94 67.42
N LEU E 198 -70.70 8.62 66.41
CA LEU E 198 -69.47 9.36 66.10
C LEU E 198 -69.76 10.76 65.57
N ASN E 199 -70.75 10.88 64.69
CA ASN E 199 -71.15 12.18 64.13
C ASN E 199 -71.74 13.10 65.20
N ALA E 200 -72.50 12.52 66.13
CA ALA E 200 -73.13 13.26 67.24
C ALA E 200 -72.14 13.82 68.28
N VAL E 201 -71.26 12.96 68.81
CA VAL E 201 -70.25 13.35 69.84
C VAL E 201 -68.99 14.05 69.32
N ASP E 202 -68.58 13.75 68.08
CA ASP E 202 -67.23 14.07 67.56
C ASP E 202 -66.20 13.16 68.28
N GLY E 206 -57.21 12.31 67.74
CA GLY E 206 -56.00 12.63 66.97
C GLY E 206 -54.82 11.67 67.15
N LEU E 207 -53.62 12.25 67.07
CA LEU E 207 -52.37 11.54 67.37
C LEU E 207 -52.06 11.54 68.86
N ARG E 208 -51.09 10.72 69.25
CA ARG E 208 -50.61 10.70 70.65
C ARG E 208 -49.92 12.01 71.02
N GLU E 209 -49.72 12.23 72.31
CA GLU E 209 -49.09 13.46 72.80
C GLU E 209 -47.67 13.58 72.29
N ASP E 210 -46.84 12.69 72.83
CA ASP E 210 -45.40 12.66 72.58
C ASP E 210 -45.08 12.58 71.07
N ASP E 211 -45.91 11.85 70.33
CA ASP E 211 -45.78 11.72 68.88
C ASP E 211 -46.00 13.04 68.15
N TYR E 212 -47.05 13.75 68.55
CA TYR E 212 -47.36 15.06 67.99
C TYR E 212 -46.23 16.05 68.29
N ASN E 213 -45.69 15.99 69.50
CA ASN E 213 -44.58 16.88 69.88
C ASN E 213 -43.28 16.53 69.18
N LEU E 214 -43.05 15.23 68.97
CA LEU E 214 -41.92 14.77 68.14
C LEU E 214 -42.01 15.28 66.70
N LEU E 215 -43.16 15.10 66.07
CA LEU E 215 -43.39 15.59 64.69
C LEU E 215 -43.26 17.11 64.54
N ARG E 216 -43.86 17.86 65.46
CA ARG E 216 -43.72 19.32 65.44
C ARG E 216 -42.25 19.76 65.65
N SER E 217 -41.51 19.07 66.51
CA SER E 217 -40.18 19.51 66.88
C SER E 217 -39.13 19.05 65.89
N GLN E 218 -39.19 17.78 65.49
CA GLN E 218 -38.15 17.14 64.64
C GLN E 218 -38.72 16.70 63.29
N PRO E 219 -38.45 17.48 62.23
CA PRO E 219 -39.09 17.22 60.92
C PRO E 219 -38.54 16.00 60.19
N GLU E 220 -37.32 15.60 60.54
CA GLU E 220 -36.76 14.30 60.14
C GLU E 220 -37.67 13.13 60.40
N ALA E 221 -38.24 13.11 61.62
CA ALA E 221 -39.03 11.99 62.12
C ALA E 221 -40.33 11.91 61.34
N ALA E 222 -40.88 13.08 61.01
CA ALA E 222 -42.06 13.18 60.16
C ALA E 222 -41.77 12.66 58.78
N ALA E 223 -40.66 13.13 58.22
CA ALA E 223 -40.20 12.75 56.88
C ALA E 223 -39.91 11.26 56.80
N SER E 224 -39.24 10.76 57.84
CA SER E 224 -38.91 9.32 57.94
C SER E 224 -40.15 8.43 57.99
N ALA E 225 -41.11 8.78 58.87
CA ALA E 225 -42.36 8.03 59.03
C ALA E 225 -43.23 8.04 57.77
N ALA E 226 -43.37 9.22 57.18
CA ALA E 226 -44.10 9.36 55.94
C ALA E 226 -43.43 8.57 54.83
N ALA E 227 -42.09 8.62 54.80
CA ALA E 227 -41.32 7.89 53.81
C ALA E 227 -41.48 6.37 53.97
N GLY E 228 -41.53 5.93 55.23
CA GLY E 228 -41.80 4.53 55.53
C GLY E 228 -43.15 4.08 54.96
N LEU E 229 -44.21 4.81 55.31
CA LEU E 229 -45.56 4.49 54.84
C LEU E 229 -45.62 4.50 53.34
N ILE E 230 -44.99 5.49 52.73
CA ILE E 230 -45.00 5.61 51.27
C ILE E 230 -44.22 4.44 50.64
N ALA E 231 -43.13 4.03 51.28
CA ALA E 231 -42.26 2.98 50.75
C ALA E 231 -42.97 1.65 50.70
N ARG E 232 -43.79 1.38 51.71
CA ARG E 232 -44.51 0.11 51.77
C ARG E 232 -45.86 0.09 51.07
N TYR E 233 -46.63 1.19 51.17
CA TYR E 233 -48.01 1.21 50.62
C TYR E 233 -48.23 1.96 49.33
N PHE E 234 -47.46 3.01 49.10
CA PHE E 234 -47.58 3.83 47.84
C PHE E 234 -46.24 3.96 47.11
N HIS E 235 -45.55 2.84 46.90
CA HIS E 235 -44.18 2.88 46.36
C HIS E 235 -44.17 3.46 44.94
N LEU E 236 -45.24 3.17 44.19
CA LEU E 236 -45.50 3.86 42.93
C LEU E 236 -46.21 5.13 43.27
N LEU E 237 -45.48 6.12 43.75
CA LEU E 237 -46.01 7.38 44.23
C LEU E 237 -46.80 8.15 43.16
N PRO E 238 -48.15 8.06 43.16
CA PRO E 238 -48.91 8.72 42.08
C PRO E 238 -48.83 10.25 42.16
N ALA E 239 -49.07 10.92 41.01
CA ALA E 239 -48.98 12.37 40.91
C ALA E 239 -50.08 13.01 41.75
N GLY E 240 -49.74 14.12 42.39
CA GLY E 240 -50.53 14.61 43.50
C GLY E 240 -50.13 13.71 44.64
N LEU E 241 -51.08 13.12 45.35
CA LEU E 241 -50.76 12.27 46.52
C LEU E 241 -50.16 13.08 47.67
N LEU E 242 -48.96 13.62 47.54
CA LEU E 242 -48.47 14.60 48.52
C LEU E 242 -49.05 15.95 48.14
N GLU E 243 -49.79 16.60 49.05
CA GLU E 243 -50.70 17.72 48.70
C GLU E 243 -51.40 17.37 47.39
N ASP E 244 -52.37 16.44 47.36
CA ASP E 244 -53.30 16.08 48.46
C ASP E 244 -52.90 16.12 49.95
N PHE E 245 -51.93 15.31 50.37
CA PHE E 245 -51.60 15.12 51.83
C PHE E 245 -50.90 16.23 52.67
N GLY E 246 -50.42 17.31 52.05
CA GLY E 246 -49.73 18.39 52.76
C GLY E 246 -48.30 18.05 53.08
N LEU E 247 -47.75 17.07 52.38
CA LEU E 247 -46.38 16.61 52.58
C LEU E 247 -45.44 17.22 51.57
N HIS E 248 -45.99 17.86 50.53
CA HIS E 248 -45.19 18.35 49.39
C HIS E 248 -43.95 19.15 49.83
N GLU E 249 -44.17 20.16 50.64
CA GLU E 249 -43.06 20.93 51.24
C GLU E 249 -42.01 20.10 51.96
N LEU E 250 -42.46 19.00 52.55
CA LEU E 250 -41.61 18.12 53.36
C LEU E 250 -40.87 17.03 52.57
N LEU E 251 -41.54 16.46 51.57
CA LEU E 251 -41.05 15.29 50.86
C LEU E 251 -40.91 15.44 49.32
N ALA E 252 -41.20 16.62 48.74
CA ALA E 252 -41.31 16.79 47.25
C ALA E 252 -40.07 16.37 46.51
N GLY E 253 -38.91 16.82 47.02
CA GLY E 253 -37.64 16.60 46.39
C GLY E 253 -37.37 15.15 46.16
N ARG E 254 -37.26 14.42 47.25
CA ARG E 254 -37.20 12.97 47.16
C ARG E 254 -37.64 12.42 48.51
N TRP E 255 -38.73 11.65 48.45
CA TRP E 255 -39.39 11.14 49.64
C TRP E 255 -38.55 10.18 50.44
N PRO E 256 -37.84 9.22 49.79
CA PRO E 256 -37.14 8.28 50.62
C PRO E 256 -35.83 8.80 51.24
N ASP E 257 -35.43 10.04 50.95
CA ASP E 257 -34.16 10.59 51.47
C ASP E 257 -34.06 10.53 52.99
N ALA E 258 -35.20 10.61 53.66
CA ALA E 258 -35.24 10.61 55.10
C ALA E 258 -35.07 9.23 55.72
N LEU E 259 -35.18 8.17 54.91
CA LEU E 259 -35.08 6.79 55.43
C LEU E 259 -33.68 6.51 55.98
N ARG E 260 -33.61 5.67 56.99
CA ARG E 260 -32.34 5.14 57.49
C ARG E 260 -32.41 3.59 57.54
N PRO E 261 -31.28 2.91 57.47
CA PRO E 261 -29.91 3.46 57.44
C PRO E 261 -29.59 4.10 56.10
N LEU E 262 -28.49 4.84 56.13
CA LEU E 262 -27.87 5.33 54.92
C LEU E 262 -27.14 4.20 54.23
N LEU E 263 -27.03 4.33 52.90
CA LEU E 263 -26.21 3.43 52.11
C LEU E 263 -24.76 3.51 52.65
N GLY E 264 -24.24 2.34 53.03
CA GLY E 264 -22.86 2.20 53.41
C GLY E 264 -22.59 2.21 54.89
N GLU E 265 -23.66 2.26 55.69
CA GLU E 265 -23.50 2.16 57.14
C GLU E 265 -22.97 0.78 57.40
N THR E 266 -21.97 0.69 58.27
CA THR E 266 -21.25 -0.57 58.53
C THR E 266 -21.45 -1.03 60.00
N PHE E 267 -21.62 -2.33 60.17
CA PHE E 267 -21.84 -2.93 61.48
C PHE E 267 -21.07 -4.23 61.59
N LYS E 268 -20.57 -4.52 62.79
CA LYS E 268 -19.73 -5.72 63.04
C LYS E 268 -20.58 -6.96 63.04
N ASP E 269 -21.48 -7.03 64.01
CA ASP E 269 -22.37 -8.17 64.19
C ASP E 269 -23.65 -7.97 63.40
N ARG E 270 -24.41 -9.03 63.31
CA ARG E 270 -25.81 -8.95 62.92
C ARG E 270 -26.67 -8.33 64.03
N ASP E 271 -26.23 -8.59 65.27
CA ASP E 271 -26.78 -8.00 66.52
C ASP E 271 -26.66 -6.48 66.54
N ALA E 272 -25.54 -5.98 66.06
CA ALA E 272 -25.28 -4.54 65.98
C ALA E 272 -26.31 -3.85 65.08
N ILE E 273 -26.61 -4.50 63.97
CA ILE E 273 -27.66 -4.07 63.05
C ILE E 273 -29.00 -4.09 63.73
N TRP E 274 -29.26 -5.17 64.47
CA TRP E 274 -30.54 -5.35 65.17
C TRP E 274 -30.76 -4.25 66.23
N ARG E 275 -29.71 -3.94 66.98
CA ARG E 275 -29.75 -2.86 67.98
C ARG E 275 -30.14 -1.54 67.36
N ALA E 276 -29.61 -1.25 66.20
CA ALA E 276 -29.80 0.03 65.58
C ALA E 276 -31.12 0.15 64.86
N TYR E 277 -31.62 -0.92 64.25
CA TYR E 277 -32.81 -0.82 63.34
C TYR E 277 -33.89 -1.90 63.50
N GLY E 278 -33.70 -2.80 64.48
CA GLY E 278 -34.65 -3.91 64.69
C GLY E 278 -34.42 -4.82 63.51
N GLY E 279 -35.39 -5.64 63.08
CA GLY E 279 -36.50 -6.12 63.88
C GLY E 279 -36.17 -7.52 64.41
N GLN E 280 -35.56 -8.35 63.56
CA GLN E 280 -35.25 -9.73 63.90
C GLN E 280 -33.80 -10.06 63.49
N LYS E 281 -33.10 -10.77 64.37
CA LYS E 281 -31.66 -11.00 64.28
C LYS E 281 -31.30 -12.40 63.74
N MET E 282 -32.27 -13.29 63.70
CA MET E 282 -32.00 -14.71 63.53
C MET E 282 -31.45 -14.94 62.13
N ALA E 283 -32.19 -14.48 61.12
CA ALA E 283 -31.80 -14.67 59.73
C ALA E 283 -32.54 -13.74 58.82
N GLY E 284 -31.92 -13.45 57.67
CA GLY E 284 -32.50 -12.67 56.57
C GLY E 284 -33.18 -13.70 55.71
N ILE E 285 -34.23 -13.38 54.97
CA ILE E 285 -34.79 -12.07 54.87
C ILE E 285 -35.67 -11.76 56.10
N GLY E 286 -35.90 -10.48 56.34
CA GLY E 286 -36.75 -10.00 57.43
C GLY E 286 -37.08 -8.51 57.25
N CYS E 287 -38.09 -8.02 57.99
CA CYS E 287 -38.43 -6.60 58.01
C CYS E 287 -37.75 -5.94 59.19
N LEU E 288 -37.16 -4.77 58.96
CA LEU E 288 -36.64 -3.94 60.04
C LEU E 288 -37.81 -3.24 60.76
N ALA E 289 -37.48 -2.53 61.84
CA ALA E 289 -38.49 -1.82 62.62
C ALA E 289 -39.45 -0.98 61.77
N ASP E 290 -38.91 -0.32 60.74
CA ASP E 290 -39.67 0.52 59.79
C ASP E 290 -40.70 -0.23 58.92
N GLY E 291 -40.62 -1.56 58.92
CA GLY E 291 -41.52 -2.37 58.12
C GLY E 291 -41.08 -2.57 56.69
N ILE E 292 -39.86 -2.12 56.37
CA ILE E 292 -39.29 -2.30 55.03
C ILE E 292 -38.41 -3.55 55.00
N LEU E 293 -38.64 -4.35 53.95
CA LEU E 293 -37.97 -5.62 53.78
C LEU E 293 -36.46 -5.41 53.69
N SER E 294 -35.72 -6.38 54.21
CA SER E 294 -34.26 -6.36 54.18
C SER E 294 -33.77 -7.78 53.98
N ALA E 295 -32.88 -7.98 53.01
CA ALA E 295 -32.29 -9.29 52.71
C ALA E 295 -30.83 -9.25 53.11
N PHE E 296 -30.34 -10.29 53.79
CA PHE E 296 -28.96 -10.35 54.29
C PHE E 296 -28.18 -11.45 53.60
N SER E 297 -27.03 -11.12 53.03
CA SER E 297 -26.15 -12.11 52.39
C SER E 297 -24.79 -12.16 53.09
N ASP E 298 -24.43 -13.34 53.58
CA ASP E 298 -23.22 -13.54 54.33
C ASP E 298 -22.27 -14.41 53.53
N ASP E 299 -21.14 -13.86 53.10
CA ASP E 299 -20.19 -14.63 52.29
C ASP E 299 -19.58 -15.72 53.15
N LYS E 300 -19.74 -16.97 52.70
CA LYS E 300 -19.27 -18.16 53.42
C LYS E 300 -17.75 -18.34 53.40
N GLY E 301 -17.16 -18.32 52.20
CA GLY E 301 -15.71 -18.42 52.03
C GLY E 301 -15.16 -17.29 51.18
N PRO E 302 -13.84 -17.32 50.89
CA PRO E 302 -13.27 -16.31 50.02
C PRO E 302 -13.66 -16.50 48.55
N TYR E 303 -13.62 -15.40 47.81
CA TYR E 303 -13.89 -15.33 46.37
C TYR E 303 -15.16 -16.07 45.99
N ALA E 304 -16.20 -15.72 46.73
CA ALA E 304 -17.54 -16.23 46.47
C ALA E 304 -18.52 -15.25 47.06
N ASP E 305 -18.87 -14.26 46.26
CA ASP E 305 -19.89 -13.26 46.64
C ASP E 305 -21.18 -13.60 45.91
N GLY E 306 -22.22 -12.84 46.20
CA GLY E 306 -23.49 -13.13 45.58
C GLY E 306 -23.59 -12.71 44.12
N ARG E 307 -22.64 -11.89 43.68
CA ARG E 307 -22.76 -11.16 42.43
C ARG E 307 -22.59 -12.10 41.29
N ILE E 308 -23.52 -12.10 40.35
CA ILE E 308 -23.43 -12.98 39.20
C ILE E 308 -22.37 -12.39 38.29
N PRO E 309 -21.37 -13.21 37.86
CA PRO E 309 -20.20 -12.69 37.14
C PRO E 309 -20.52 -11.84 35.92
N ASP E 310 -19.58 -10.96 35.58
CA ASP E 310 -19.70 -10.01 34.45
C ASP E 310 -20.76 -8.92 34.70
N THR E 311 -21.50 -9.02 35.81
CA THR E 311 -22.49 -8.02 36.16
C THR E 311 -22.42 -7.64 37.64
N THR E 312 -23.27 -6.67 37.92
CA THR E 312 -23.46 -6.06 39.23
C THR E 312 -24.78 -6.52 39.96
N TRP E 313 -25.51 -7.45 39.31
CA TRP E 313 -26.71 -8.04 39.81
C TRP E 313 -26.41 -9.20 40.75
N ILE E 314 -27.36 -9.51 41.64
CA ILE E 314 -27.12 -10.48 42.69
C ILE E 314 -27.90 -11.76 42.45
N ALA E 315 -27.31 -12.87 42.89
CA ALA E 315 -27.98 -14.17 42.95
C ALA E 315 -28.12 -14.50 44.41
N TYR E 316 -29.34 -14.30 44.92
CA TYR E 316 -29.61 -14.40 46.36
C TYR E 316 -30.40 -15.68 46.61
N VAL E 317 -29.83 -16.56 47.45
CA VAL E 317 -30.45 -17.84 47.79
C VAL E 317 -31.51 -17.55 48.82
N GLY E 318 -32.64 -18.24 48.67
CA GLY E 318 -33.81 -18.03 49.49
C GLY E 318 -33.67 -18.33 50.99
N ASP E 319 -34.82 -18.58 51.61
CA ASP E 319 -35.03 -18.47 53.07
C ASP E 319 -34.96 -19.79 53.87
N GLY E 320 -35.60 -20.83 53.36
CA GLY E 320 -35.71 -22.07 54.12
C GLY E 320 -34.40 -22.80 54.40
N LEU E 321 -34.08 -22.97 55.68
CA LEU E 321 -33.14 -24.00 56.13
C LEU E 321 -33.99 -25.12 56.79
N SER E 322 -33.80 -26.40 56.46
CA SER E 322 -32.79 -26.94 55.56
C SER E 322 -33.34 -28.07 54.70
N GLY E 323 -34.61 -27.98 54.34
CA GLY E 323 -35.18 -28.89 53.36
C GLY E 323 -35.63 -28.05 52.21
N ASP E 324 -36.24 -28.70 51.21
CA ASP E 324 -36.91 -27.99 50.11
C ASP E 324 -37.62 -26.71 50.58
N GLN E 325 -37.11 -25.56 50.17
CA GLN E 325 -37.67 -24.28 50.57
C GLN E 325 -39.08 -24.10 50.01
N LYS E 326 -39.90 -23.30 50.71
CA LYS E 326 -41.29 -23.02 50.31
C LYS E 326 -41.58 -21.52 50.34
N LEU E 327 -42.67 -21.09 49.70
CA LEU E 327 -43.06 -19.66 49.72
C LEU E 327 -43.71 -19.28 51.05
N THR E 328 -42.91 -19.33 52.10
CA THR E 328 -43.37 -19.01 53.43
C THR E 328 -42.25 -18.22 54.09
N ASP E 329 -42.63 -17.43 55.09
CA ASP E 329 -41.71 -16.52 55.79
C ASP E 329 -41.11 -15.56 54.78
N GLY E 330 -39.78 -15.55 54.68
CA GLY E 330 -39.07 -14.61 53.85
C GLY E 330 -39.33 -14.77 52.38
N ASN E 331 -39.34 -16.00 51.91
CA ASN E 331 -39.59 -16.25 50.49
C ASN E 331 -40.95 -15.73 50.08
N GLU E 332 -41.91 -15.82 51.00
CA GLU E 332 -43.26 -15.31 50.77
C GLU E 332 -43.24 -13.80 50.56
N LEU E 333 -42.54 -13.10 51.45
CA LEU E 333 -42.37 -11.64 51.39
C LEU E 333 -41.67 -11.22 50.10
N MET E 334 -40.64 -11.98 49.72
CA MET E 334 -39.90 -11.74 48.50
C MET E 334 -40.85 -11.84 47.32
N ALA E 335 -41.71 -12.86 47.33
CA ALA E 335 -42.65 -13.06 46.25
C ALA E 335 -43.68 -11.91 46.20
N GLU E 336 -44.08 -11.42 47.36
CA GLU E 336 -45.03 -10.31 47.41
C GLU E 336 -44.39 -9.06 46.82
N HIS E 337 -43.09 -8.86 47.13
CA HIS E 337 -42.29 -7.73 46.59
C HIS E 337 -42.11 -7.84 45.07
N GLN E 338 -41.86 -9.06 44.61
CA GLN E 338 -41.68 -9.31 43.21
C GLN E 338 -42.93 -8.93 42.42
N ALA E 339 -44.12 -9.30 42.93
CA ALA E 339 -45.37 -9.13 42.20
C ALA E 339 -45.71 -7.67 41.92
N VAL E 340 -45.49 -6.84 42.92
CA VAL E 340 -45.80 -5.42 42.82
C VAL E 340 -44.61 -4.59 42.30
N GLY E 341 -43.43 -5.19 42.24
CA GLY E 341 -42.21 -4.49 41.80
C GLY E 341 -41.71 -3.51 42.84
N ARG E 342 -41.63 -3.95 44.09
CA ARG E 342 -41.16 -3.11 45.19
C ARG E 342 -39.72 -3.42 45.49
N ALA E 343 -38.94 -2.37 45.75
CA ALA E 343 -37.55 -2.51 46.16
C ALA E 343 -37.40 -2.98 47.61
N LEU E 344 -36.19 -3.36 47.97
CA LEU E 344 -35.87 -3.82 49.32
C LEU E 344 -34.39 -3.62 49.64
N ARG E 345 -34.03 -3.57 50.92
CA ARG E 345 -32.65 -3.31 51.31
C ARG E 345 -31.84 -4.58 51.27
N TYR E 346 -30.63 -4.50 50.72
CA TYR E 346 -29.72 -5.65 50.55
C TYR E 346 -28.46 -5.38 51.38
N TRP E 347 -28.35 -6.14 52.47
CA TRP E 347 -27.18 -6.16 53.30
C TRP E 347 -26.21 -7.21 52.84
N HIS E 348 -24.92 -6.99 53.13
CA HIS E 348 -23.85 -7.86 52.67
C HIS E 348 -22.67 -7.79 53.62
N LYS E 349 -22.10 -8.98 53.87
CA LYS E 349 -20.87 -9.15 54.67
C LYS E 349 -19.86 -9.91 53.85
N PRO E 350 -18.86 -9.19 53.29
CA PRO E 350 -17.81 -9.94 52.62
C PRO E 350 -17.04 -10.83 53.61
N PHE E 351 -16.45 -11.94 53.10
CA PHE E 351 -15.68 -12.87 53.94
C PHE E 351 -14.62 -12.11 54.74
N GLN E 352 -14.59 -12.39 56.03
CA GLN E 352 -13.66 -11.73 56.93
C GLN E 352 -13.80 -10.19 56.88
N GLY E 353 -15.03 -9.70 56.77
CA GLY E 353 -15.32 -8.27 56.80
C GLY E 353 -16.54 -7.93 57.64
N GLN E 354 -17.00 -6.69 57.52
CA GLN E 354 -18.21 -6.20 58.23
C GLN E 354 -19.50 -6.18 57.39
N TRP E 355 -20.63 -6.08 58.07
CA TRP E 355 -21.92 -5.92 57.39
C TRP E 355 -22.05 -4.48 56.90
N SER E 356 -22.83 -4.28 55.83
CA SER E 356 -23.22 -2.94 55.45
C SER E 356 -24.41 -2.91 54.55
N PHE E 357 -25.28 -1.92 54.74
CA PHE E 357 -26.39 -1.76 53.84
C PHE E 357 -25.76 -1.22 52.58
N GLU E 358 -25.65 -2.05 51.57
CA GLU E 358 -24.91 -1.60 50.41
C GLU E 358 -25.77 -1.15 49.24
N THR E 359 -26.94 -1.74 49.04
CA THR E 359 -27.83 -1.25 47.99
C THR E 359 -29.31 -1.54 48.21
N TRP E 360 -30.14 -0.69 47.66
CA TRP E 360 -31.51 -1.09 47.40
C TRP E 360 -31.48 -2.02 46.21
N ALA E 361 -32.49 -2.87 46.09
CA ALA E 361 -32.57 -3.82 44.97
C ALA E 361 -34.00 -4.27 44.70
N VAL E 362 -34.23 -4.70 43.48
CA VAL E 362 -35.55 -5.10 43.06
C VAL E 362 -35.51 -6.54 42.50
N ILE E 363 -36.56 -7.31 42.80
CA ILE E 363 -36.63 -8.72 42.31
C ILE E 363 -36.99 -8.69 40.84
N VAL E 364 -36.13 -9.35 40.09
CA VAL E 364 -36.13 -9.27 38.66
C VAL E 364 -36.47 -10.63 38.03
N GLN E 365 -36.16 -11.69 38.77
CA GLN E 365 -36.44 -13.06 38.36
C GLN E 365 -36.30 -13.96 39.56
N ARG E 366 -37.14 -14.99 39.65
CA ARG E 366 -36.94 -16.03 40.68
C ARG E 366 -36.84 -17.44 40.10
N ARG E 367 -35.88 -18.20 40.60
CA ARG E 367 -35.58 -19.50 40.04
C ARG E 367 -35.48 -20.52 41.14
N LEU E 368 -35.46 -21.80 40.74
CA LEU E 368 -35.25 -22.92 41.66
C LEU E 368 -34.00 -23.70 41.29
N ARG E 369 -33.16 -23.95 42.30
CA ARG E 369 -31.85 -24.59 42.09
C ARG E 369 -31.53 -25.60 43.17
N TRP E 370 -30.66 -26.54 42.86
CA TRP E 370 -30.22 -27.50 43.85
C TRP E 370 -29.16 -26.85 44.70
N GLY E 371 -29.29 -27.00 46.01
CA GLY E 371 -28.22 -26.61 46.96
C GLY E 371 -28.31 -27.35 48.27
N LEU E 372 -27.31 -27.15 49.12
CA LEU E 372 -27.20 -27.86 50.41
C LEU E 372 -27.78 -27.06 51.56
N GLY E 373 -28.64 -27.68 52.37
CA GLY E 373 -29.07 -27.07 53.63
C GLY E 373 -28.02 -27.10 54.73
N GLU E 374 -28.42 -26.71 55.94
CA GLU E 374 -27.55 -26.81 57.13
C GLU E 374 -27.38 -28.23 57.65
N ASP E 375 -28.29 -29.13 57.26
CA ASP E 375 -28.13 -30.58 57.51
C ASP E 375 -27.20 -31.27 56.49
N LYS E 376 -26.48 -30.49 55.69
CA LYS E 376 -25.56 -30.97 54.66
C LYS E 376 -26.22 -31.87 53.62
N LEU E 377 -27.52 -31.72 53.43
CA LEU E 377 -28.23 -32.54 52.48
C LEU E 377 -28.75 -31.73 51.31
N PRO E 378 -28.71 -32.31 50.10
CA PRO E 378 -29.26 -31.68 48.90
C PRO E 378 -30.70 -31.28 49.06
N ARG E 379 -31.08 -30.20 48.40
CA ARG E 379 -32.36 -29.59 48.62
C ARG E 379 -32.72 -28.62 47.53
N ARG E 380 -34.01 -28.50 47.25
CA ARG E 380 -34.54 -27.50 46.35
C ARG E 380 -34.49 -26.10 47.02
N GLU E 381 -33.89 -25.09 46.37
CA GLU E 381 -33.78 -23.74 46.98
C GLU E 381 -34.05 -22.65 45.97
N PHE E 382 -34.57 -21.53 46.46
CA PHE E 382 -34.99 -20.42 45.62
C PHE E 382 -33.78 -19.59 45.32
N LEU E 383 -33.73 -19.09 44.08
CA LEU E 383 -32.69 -18.16 43.65
C LEU E 383 -33.38 -16.90 43.25
N TRP E 384 -33.29 -15.90 44.10
CA TRP E 384 -33.87 -14.61 43.83
C TRP E 384 -32.84 -13.79 43.10
N VAL E 385 -33.18 -13.37 41.89
CA VAL E 385 -32.26 -12.57 41.10
C VAL E 385 -32.60 -11.12 41.37
N LEU E 386 -31.69 -10.44 42.05
CA LEU E 386 -31.85 -9.04 42.45
C LEU E 386 -31.09 -8.09 41.54
N ALA E 387 -31.74 -7.01 41.13
CA ALA E 387 -31.07 -5.92 40.44
C ALA E 387 -30.93 -4.70 41.36
N PRO E 388 -29.70 -4.22 41.56
CA PRO E 388 -29.52 -3.06 42.40
C PRO E 388 -30.05 -1.78 41.76
N VAL E 389 -30.56 -0.90 42.63
CA VAL E 389 -31.11 0.37 42.24
C VAL E 389 -30.68 1.43 43.26
N PRO E 390 -30.57 2.71 42.84
CA PRO E 390 -30.10 3.79 43.73
C PRO E 390 -31.01 4.12 44.92
N SER E 391 -32.33 4.09 44.68
CA SER E 391 -33.35 4.32 45.73
C SER E 391 -34.67 3.59 45.38
N PRO E 392 -35.61 3.53 46.34
CA PRO E 392 -36.92 2.92 46.08
C PRO E 392 -37.74 3.58 44.98
N GLU E 393 -37.46 4.86 44.71
CA GLU E 393 -38.19 5.62 43.71
C GLU E 393 -37.96 5.03 42.34
N ARG E 394 -39.05 4.70 41.65
CA ARG E 394 -38.99 4.01 40.36
C ARG E 394 -38.35 4.88 39.27
N GLU E 395 -38.45 6.19 39.42
CA GLU E 395 -37.86 7.14 38.46
C GLU E 395 -36.34 7.07 38.41
N THR E 396 -35.72 6.58 39.48
CA THR E 396 -34.28 6.54 39.62
C THR E 396 -33.65 5.24 39.06
N TRP E 397 -34.50 4.29 38.66
CA TRP E 397 -34.06 2.95 38.21
C TRP E 397 -33.66 2.94 36.76
N PRO E 398 -32.45 2.40 36.46
CA PRO E 398 -31.91 2.42 35.11
C PRO E 398 -32.73 1.56 34.16
N PRO E 399 -32.66 1.84 32.82
CA PRO E 399 -33.47 1.12 31.83
C PRO E 399 -33.27 -0.40 31.76
N GLU E 400 -32.07 -0.91 32.09
CA GLU E 400 -31.84 -2.38 32.13
C GLU E 400 -32.69 -3.07 33.21
N VAL E 401 -32.89 -2.38 34.33
CA VAL E 401 -33.76 -2.85 35.43
C VAL E 401 -35.24 -2.83 35.04
N LEU E 402 -35.68 -1.70 34.53
CA LEU E 402 -37.05 -1.55 34.07
C LEU E 402 -37.38 -2.57 33.01
N GLU E 403 -36.48 -2.78 32.06
CA GLU E 403 -36.72 -3.74 30.99
C GLU E 403 -36.82 -5.17 31.52
N ALA E 404 -36.06 -5.47 32.58
CA ALA E 404 -35.99 -6.82 33.14
C ALA E 404 -37.22 -7.11 33.99
N LEU E 405 -37.71 -6.08 34.64
CA LEU E 405 -38.95 -6.17 35.36
C LEU E 405 -40.08 -6.37 34.41
N GLU E 406 -40.05 -5.66 33.30
CA GLU E 406 -40.99 -5.91 32.25
C GLU E 406 -40.52 -7.28 31.72
N ALA E 407 -41.46 -8.12 31.35
CA ALA E 407 -41.06 -9.45 30.87
C ALA E 407 -40.54 -10.40 31.96
N ASP E 408 -40.56 -10.03 33.23
CA ASP E 408 -40.30 -11.01 34.29
C ASP E 408 -41.30 -12.17 34.21
N THR E 409 -42.60 -11.84 34.22
CA THR E 409 -43.73 -12.81 34.32
C THR E 409 -43.97 -13.32 35.74
N GLY E 410 -43.08 -12.97 36.66
CA GLY E 410 -43.21 -13.27 38.09
C GLY E 410 -43.30 -14.73 38.48
N GLU E 411 -42.99 -15.63 37.54
CA GLU E 411 -43.22 -17.05 37.73
C GLU E 411 -41.93 -17.82 37.91
N LEU E 412 -42.00 -18.91 38.66
CA LEU E 412 -40.82 -19.67 39.03
C LEU E 412 -40.22 -20.39 37.81
N HIS E 413 -38.90 -20.32 37.69
CA HIS E 413 -38.15 -21.04 36.69
C HIS E 413 -37.46 -22.20 37.40
N ASP E 414 -37.90 -23.44 37.16
CA ASP E 414 -37.32 -24.63 37.84
C ASP E 414 -36.19 -25.18 37.03
N ASP E 415 -34.98 -24.88 37.46
CA ASP E 415 -33.82 -25.45 36.83
C ASP E 415 -33.52 -26.83 37.36
N THR E 416 -34.22 -27.26 38.42
CA THR E 416 -33.96 -28.56 39.10
C THR E 416 -34.20 -29.76 38.18
N GLY E 417 -35.00 -29.57 37.13
CA GLY E 417 -35.20 -30.58 36.11
C GLY E 417 -33.95 -30.82 35.27
N ASP E 418 -33.16 -29.74 35.08
CA ASP E 418 -32.02 -29.77 34.14
C ASP E 418 -30.79 -30.47 34.71
N TYR E 419 -30.68 -30.53 36.02
CA TYR E 419 -29.53 -31.16 36.62
C TYR E 419 -29.82 -31.76 38.00
N ARG E 420 -28.88 -32.57 38.45
CA ARG E 420 -29.01 -33.36 39.68
C ARG E 420 -28.08 -32.74 40.74
N PRO E 421 -28.35 -32.96 42.04
CA PRO E 421 -27.44 -32.53 43.10
C PRO E 421 -26.02 -33.00 42.97
N SER E 422 -25.83 -34.16 42.31
CA SER E 422 -24.53 -34.63 41.82
C SER E 422 -24.43 -34.04 40.41
N ASP E 423 -23.23 -33.93 39.88
CA ASP E 423 -23.14 -33.41 38.52
C ASP E 423 -23.78 -32.06 38.42
N LEU E 424 -23.42 -31.01 39.19
CA LEU E 424 -22.25 -30.83 40.07
C LEU E 424 -22.15 -31.75 41.28
N ALA E 425 -20.95 -32.01 41.73
CA ALA E 425 -20.72 -32.74 43.00
C ALA E 425 -20.50 -31.78 44.18
N LEU E 426 -21.61 -31.48 44.87
CA LEU E 426 -21.59 -30.98 46.24
C LEU E 426 -21.83 -32.09 47.28
N THR E 427 -22.15 -33.30 46.79
CA THR E 427 -22.31 -34.50 47.61
C THR E 427 -21.46 -35.59 46.97
N PRO E 428 -21.06 -36.60 47.74
CA PRO E 428 -20.20 -37.63 47.14
C PRO E 428 -20.90 -38.33 45.94
N GLY E 429 -20.16 -38.47 44.84
CA GLY E 429 -20.75 -38.83 43.54
C GLY E 429 -19.79 -39.14 42.41
N ASP E 432 -20.17 -46.25 43.59
CA ASP E 432 -20.71 -44.91 43.77
C ASP E 432 -22.13 -44.84 43.18
N GLY E 433 -22.38 -43.97 42.19
CA GLY E 433 -23.67 -43.85 41.52
C GLY E 433 -23.71 -44.82 40.35
N THR E 434 -24.25 -46.00 40.63
CA THR E 434 -24.13 -47.16 39.73
C THR E 434 -24.81 -46.91 38.38
N GLU E 435 -25.95 -46.20 38.42
CA GLU E 435 -26.82 -45.96 37.26
C GLU E 435 -26.19 -45.19 36.08
N SER E 436 -25.60 -44.02 36.37
CA SER E 436 -25.09 -43.07 35.36
C SER E 436 -23.57 -43.21 35.41
N ASP E 437 -22.96 -43.46 34.26
CA ASP E 437 -21.51 -43.38 34.19
C ASP E 437 -21.16 -41.90 34.06
N ASP E 438 -19.89 -41.58 34.24
CA ASP E 438 -19.44 -40.19 34.15
C ASP E 438 -19.58 -39.57 32.77
N GLU E 439 -19.58 -40.39 31.73
CA GLU E 439 -19.85 -39.93 30.39
C GLU E 439 -21.35 -39.97 30.06
N ALA E 440 -22.20 -40.00 31.09
CA ALA E 440 -23.60 -39.54 30.96
C ALA E 440 -23.71 -38.05 31.40
N TYR E 441 -22.57 -37.38 31.44
CA TYR E 441 -22.31 -36.03 30.90
C TYR E 441 -23.08 -35.63 29.65
N ARG E 442 -23.28 -36.57 28.73
CA ARG E 442 -24.12 -36.33 27.56
C ARG E 442 -25.47 -35.75 27.93
N ARG E 443 -26.05 -36.26 29.02
CA ARG E 443 -27.32 -35.77 29.52
C ARG E 443 -27.27 -34.30 29.81
N LEU E 444 -26.24 -33.89 30.54
CA LEU E 444 -26.07 -32.48 30.90
C LEU E 444 -25.88 -31.58 29.65
N ALA E 445 -24.94 -31.98 28.81
CA ALA E 445 -24.64 -31.26 27.60
C ALA E 445 -25.89 -31.05 26.77
N GLN E 446 -26.70 -32.10 26.63
CA GLN E 446 -27.98 -32.00 25.92
C GLN E 446 -28.89 -30.92 26.49
N LYS E 447 -29.08 -30.92 27.80
CA LYS E 447 -29.95 -29.91 28.41
C LYS E 447 -29.38 -28.53 28.22
N ALA E 448 -28.05 -28.42 28.33
CA ALA E 448 -27.39 -27.13 28.13
C ALA E 448 -27.67 -26.61 26.72
N GLU E 449 -27.58 -27.47 25.70
CA GLU E 449 -27.89 -27.09 24.32
C GLU E 449 -29.32 -26.66 24.14
N ALA E 450 -30.25 -27.42 24.71
CA ALA E 450 -31.67 -27.08 24.63
C ALA E 450 -31.91 -25.70 25.23
N ASN E 451 -31.43 -25.49 26.44
CA ASN E 451 -31.58 -24.22 27.12
C ASN E 451 -30.96 -23.10 26.30
N ALA E 452 -29.74 -23.34 25.82
CA ALA E 452 -29.00 -22.35 25.00
C ALA E 452 -29.75 -21.94 23.72
N GLU E 453 -30.35 -22.92 23.04
CA GLU E 453 -31.11 -22.66 21.85
C GLU E 453 -32.32 -21.85 22.19
N ARG E 454 -32.94 -22.16 23.32
CA ARG E 454 -34.13 -21.42 23.74
C ARG E 454 -33.84 -19.94 24.14
N ARG E 455 -32.66 -19.69 24.70
CA ARG E 455 -32.16 -18.33 25.01
C ARG E 455 -31.75 -17.59 23.77
N GLY E 456 -31.24 -18.32 22.79
CA GLY E 456 -30.78 -17.74 21.53
C GLY E 456 -31.89 -17.06 20.75
N GLN E 457 -33.11 -17.55 20.92
CA GLN E 457 -34.25 -17.04 20.19
C GLN E 457 -35.08 -16.07 21.03
N LEU E 458 -34.51 -15.57 22.11
CA LEU E 458 -35.11 -14.46 22.84
C LEU E 458 -34.89 -13.19 22.03
N LYS E 459 -35.99 -12.49 21.73
CA LYS E 459 -35.92 -11.22 20.98
C LYS E 459 -35.38 -10.05 21.79
N LYS E 460 -35.98 -9.81 22.96
CA LYS E 460 -35.43 -8.90 23.97
C LYS E 460 -34.89 -9.73 25.16
N PRO E 461 -33.56 -9.92 25.23
CA PRO E 461 -32.98 -10.63 26.36
C PRO E 461 -32.56 -9.68 27.47
N THR E 462 -32.95 -10.00 28.69
CA THR E 462 -32.57 -9.25 29.88
C THR E 462 -31.16 -9.58 30.25
N VAL E 463 -30.55 -8.80 31.13
CA VAL E 463 -29.15 -9.05 31.51
C VAL E 463 -29.07 -10.36 32.32
N ALA E 464 -30.19 -10.74 32.95
CA ALA E 464 -30.30 -12.00 33.65
C ALA E 464 -30.26 -13.14 32.65
N ASP E 465 -31.04 -13.03 31.58
CA ASP E 465 -31.04 -14.05 30.54
C ASP E 465 -29.63 -14.27 29.99
N LYS E 466 -28.91 -13.18 29.86
CA LYS E 466 -27.61 -13.19 29.19
C LYS E 466 -26.46 -13.64 30.08
N TYR E 467 -26.53 -13.41 31.39
CA TYR E 467 -25.38 -13.59 32.32
C TYR E 467 -25.51 -14.59 33.45
N VAL E 468 -26.74 -14.93 33.84
CA VAL E 468 -26.98 -16.02 34.80
C VAL E 468 -26.52 -17.31 34.15
N ARG E 469 -25.76 -18.12 34.88
CA ARG E 469 -25.05 -19.25 34.27
C ARG E 469 -25.73 -20.56 34.52
N ASP E 470 -25.90 -21.31 33.44
CA ASP E 470 -26.70 -22.53 33.45
C ASP E 470 -25.90 -23.55 34.22
N PRO E 471 -26.45 -24.05 35.35
CA PRO E 471 -25.81 -25.09 36.15
C PRO E 471 -25.46 -26.34 35.33
N SER E 472 -26.32 -26.71 34.37
CA SER E 472 -26.18 -27.94 33.61
C SER E 472 -24.89 -27.98 32.83
N ALA E 473 -24.55 -26.85 32.22
CA ALA E 473 -23.30 -26.73 31.42
C ALA E 473 -22.01 -26.73 32.25
N ARG E 474 -22.04 -26.03 33.36
CA ARG E 474 -20.99 -26.13 34.36
C ARG E 474 -20.81 -27.55 34.93
N GLY E 475 -21.92 -28.20 35.27
CA GLY E 475 -21.90 -29.61 35.69
C GLY E 475 -21.22 -30.50 34.66
N ALA E 476 -21.60 -30.33 33.39
CA ALA E 476 -21.07 -31.11 32.30
C ALA E 476 -19.56 -30.98 32.25
N VAL E 477 -19.05 -29.76 32.37
CA VAL E 477 -17.61 -29.53 32.31
C VAL E 477 -16.91 -30.22 33.47
N LEU E 478 -17.57 -30.17 34.62
CA LEU E 478 -17.02 -30.83 35.81
C LEU E 478 -16.87 -32.35 35.65
N LYS E 479 -17.92 -32.97 35.09
CA LYS E 479 -17.87 -34.38 34.77
C LYS E 479 -16.83 -34.75 33.72
N ARG E 480 -16.60 -33.85 32.78
CA ARG E 480 -15.68 -34.06 31.69
C ARG E 480 -14.25 -33.99 32.17
N CYS E 481 -13.90 -32.98 32.94
CA CYS E 481 -12.50 -32.71 33.19
C CYS E 481 -11.88 -33.62 34.23
N GLN E 482 -12.72 -34.08 35.14
CA GLN E 482 -12.30 -34.92 36.25
C GLN E 482 -11.10 -34.40 37.00
N LYS E 483 -11.34 -33.31 37.69
CA LYS E 483 -10.38 -32.68 38.59
C LYS E 483 -9.04 -32.28 37.93
N ARG E 484 -9.04 -32.04 36.61
CA ARG E 484 -7.82 -31.68 35.89
C ARG E 484 -7.99 -30.50 34.96
N CYS E 485 -6.90 -29.72 34.81
CA CYS E 485 -6.82 -28.65 33.82
C CYS E 485 -7.09 -29.26 32.50
N GLU E 486 -7.84 -28.56 31.68
CA GLU E 486 -8.06 -29.00 30.32
C GLU E 486 -7.15 -28.31 29.30
N ASN E 487 -6.31 -27.41 29.77
CA ASN E 487 -5.34 -26.71 28.92
C ASN E 487 -4.18 -27.62 28.64
N PRO E 488 -4.03 -28.04 27.39
CA PRO E 488 -2.98 -28.98 27.07
C PRO E 488 -1.61 -28.40 27.25
N GLU E 489 -1.47 -27.12 27.42
CA GLU E 489 -0.19 -26.53 27.72
C GLU E 489 0.01 -26.19 29.20
N CYS E 490 -0.71 -26.85 30.11
CA CYS E 490 -0.54 -26.56 31.56
C CYS E 490 0.90 -26.73 32.03
N ALA E 491 1.47 -25.72 32.65
CA ALA E 491 2.76 -25.89 33.32
C ALA E 491 2.70 -26.86 34.50
N GLY E 492 1.49 -27.16 34.98
CA GLY E 492 1.25 -28.06 36.11
C GLY E 492 0.31 -27.46 37.14
N HIS E 493 -0.38 -28.32 37.88
CA HIS E 493 -1.31 -27.87 38.90
C HIS E 493 -1.55 -28.93 39.94
N PRO E 494 -1.74 -28.52 41.21
CA PRO E 494 -1.88 -29.46 42.31
C PRO E 494 -3.18 -30.27 42.26
N THR E 495 -3.13 -31.49 42.80
CA THR E 495 -4.33 -32.35 42.93
C THR E 495 -5.05 -32.24 44.29
N GLU E 496 -4.46 -31.49 45.23
CA GLU E 496 -5.10 -31.16 46.52
C GLU E 496 -6.48 -30.55 46.30
N LEU E 497 -7.46 -30.90 47.12
CA LEU E 497 -8.81 -30.30 47.02
C LEU E 497 -8.95 -29.11 47.94
N THR E 498 -10.08 -28.43 47.85
CA THR E 498 -10.36 -27.27 48.72
C THR E 498 -10.90 -27.76 50.04
N LYS E 499 -11.00 -26.84 51.00
CA LYS E 499 -11.60 -27.12 52.33
C LYS E 499 -13.01 -27.69 52.16
N ALA E 500 -13.70 -27.26 51.12
CA ALA E 500 -15.05 -27.73 50.83
C ALA E 500 -15.07 -29.01 49.98
N GLY E 501 -13.90 -29.49 49.58
CA GLY E 501 -13.77 -30.78 48.87
C GLY E 501 -13.94 -30.76 47.34
N LEU E 502 -13.73 -29.59 46.74
CA LEU E 502 -13.80 -29.43 45.29
C LEU E 502 -12.41 -29.23 44.76
N PRO E 503 -12.21 -29.50 43.46
CA PRO E 503 -10.88 -29.33 42.92
C PRO E 503 -10.56 -27.86 42.71
N ILE E 504 -9.28 -27.54 42.78
CA ILE E 504 -8.83 -26.17 42.63
C ILE E 504 -8.77 -25.93 41.15
N LEU E 505 -9.95 -25.72 40.56
CA LEU E 505 -10.14 -25.45 39.14
C LEU E 505 -11.26 -24.50 39.01
N GLN E 506 -11.35 -23.83 37.86
CA GLN E 506 -12.56 -23.05 37.55
C GLN E 506 -13.02 -23.22 36.14
N VAL E 507 -14.33 -23.36 36.02
CA VAL E 507 -14.96 -23.57 34.76
C VAL E 507 -15.15 -22.19 34.22
N ASP E 508 -14.79 -22.01 32.96
CA ASP E 508 -14.83 -20.70 32.36
C ASP E 508 -15.18 -20.87 30.88
N HIS E 509 -15.83 -19.87 30.30
CA HIS E 509 -16.11 -19.89 28.87
C HIS E 509 -14.88 -19.41 28.08
N VAL E 510 -14.55 -20.11 26.99
CA VAL E 510 -13.48 -19.65 26.09
C VAL E 510 -13.91 -18.41 25.33
N ASN E 511 -15.20 -18.34 25.01
CA ASN E 511 -15.77 -17.19 24.36
C ASN E 511 -16.77 -16.52 25.29
N ASP E 512 -16.41 -15.36 25.83
CA ASP E 512 -17.11 -14.78 27.00
C ASP E 512 -18.56 -14.51 26.72
N LEU E 513 -19.43 -14.84 27.66
CA LEU E 513 -20.87 -14.67 27.42
C LEU E 513 -21.16 -13.24 27.02
N ALA E 514 -20.37 -12.33 27.59
CA ALA E 514 -20.45 -10.90 27.34
C ALA E 514 -20.27 -10.54 25.90
N LYS E 515 -19.40 -11.28 25.22
CA LYS E 515 -19.17 -11.09 23.78
C LYS E 515 -19.96 -12.09 22.91
N GLY E 516 -21.15 -12.49 23.36
CA GLY E 516 -22.03 -13.33 22.56
C GLY E 516 -21.85 -14.84 22.67
N GLY E 517 -20.73 -15.31 23.22
CA GLY E 517 -20.46 -16.74 23.39
C GLY E 517 -21.57 -17.48 24.11
N PRO E 518 -21.82 -18.75 23.73
CA PRO E 518 -22.95 -19.53 24.21
C PRO E 518 -22.61 -20.24 25.49
N ASP E 519 -23.62 -20.42 26.36
CA ASP E 519 -23.44 -21.07 27.66
C ASP E 519 -23.66 -22.59 27.51
N VAL E 520 -22.67 -23.22 26.89
CA VAL E 520 -22.66 -24.63 26.61
C VAL E 520 -21.26 -25.20 26.90
N PRO E 521 -21.16 -26.51 27.24
CA PRO E 521 -19.88 -27.19 27.52
C PRO E 521 -18.75 -27.05 26.45
N TRP E 522 -19.12 -27.07 25.17
CA TRP E 522 -18.11 -26.97 24.09
C TRP E 522 -17.56 -25.57 23.89
N ASN E 523 -18.20 -24.60 24.53
CA ASN E 523 -17.65 -23.26 24.66
C ASN E 523 -16.99 -23.01 26.04
N MET E 524 -16.83 -24.06 26.84
CA MET E 524 -16.27 -23.93 28.19
C MET E 524 -15.08 -24.84 28.43
N ILE E 525 -14.32 -24.51 29.47
CA ILE E 525 -13.07 -25.16 29.70
C ILE E 525 -12.73 -25.05 31.20
N ALA E 526 -12.09 -26.12 31.74
CA ALA E 526 -11.70 -26.16 33.15
C ALA E 526 -10.25 -25.84 33.32
N LEU E 527 -9.92 -24.83 34.10
CA LEU E 527 -8.56 -24.34 34.20
C LEU E 527 -8.13 -24.21 35.63
N CYS E 528 -6.90 -24.55 35.88
CA CYS E 528 -6.29 -24.20 37.15
C CYS E 528 -6.14 -22.70 37.24
N PRO E 529 -6.00 -22.17 38.45
CA PRO E 529 -5.68 -20.77 38.67
C PRO E 529 -4.60 -20.18 37.77
N ASN E 530 -3.56 -20.97 37.44
CA ASN E 530 -2.47 -20.45 36.65
C ASN E 530 -2.91 -20.27 35.23
N CYS E 531 -3.52 -21.29 34.67
CA CYS E 531 -3.99 -21.25 33.28
C CYS E 531 -5.08 -20.21 33.09
N HIS E 532 -5.94 -20.11 34.10
CA HIS E 532 -6.96 -19.10 34.09
C HIS E 532 -6.42 -17.71 34.09
N ALA E 533 -5.36 -17.45 34.83
CA ALA E 533 -4.63 -16.17 34.71
C ALA E 533 -3.98 -15.96 33.31
N LEU E 534 -3.47 -17.04 32.75
CA LEU E 534 -2.92 -17.00 31.44
C LEU E 534 -3.99 -16.59 30.45
N LYS E 535 -5.15 -17.24 30.54
CA LYS E 535 -6.28 -16.95 29.65
C LYS E 535 -6.77 -15.51 29.79
N THR E 536 -6.85 -14.99 31.02
CA THR E 536 -7.47 -13.68 31.23
C THR E 536 -6.55 -12.51 30.98
N TYR E 537 -5.35 -12.51 31.54
CA TYR E 537 -4.44 -11.37 31.36
C TYR E 537 -2.98 -11.75 31.00
N GLY E 538 -2.80 -12.95 30.44
CA GLY E 538 -1.51 -13.40 29.95
C GLY E 538 -1.16 -12.63 28.70
N ALA E 539 0.16 -12.51 28.43
CA ALA E 539 0.68 -11.82 27.25
C ALA E 539 0.30 -12.50 25.95
N ASN E 540 0.02 -13.80 26.00
CA ASN E 540 -0.41 -14.54 24.84
C ASN E 540 -1.85 -15.06 24.98
N LYS E 541 -2.71 -14.23 25.59
CA LYS E 541 -4.15 -14.54 25.85
C LYS E 541 -4.93 -14.94 24.61
N VAL E 542 -4.54 -14.39 23.48
CA VAL E 542 -5.30 -14.48 22.25
C VAL E 542 -5.12 -15.82 21.65
N ARG E 543 -3.84 -16.17 21.43
CA ARG E 543 -3.47 -17.50 20.92
C ARG E 543 -4.01 -18.60 21.78
N LEU E 544 -3.92 -18.39 23.08
CA LEU E 544 -4.40 -19.37 23.98
C LEU E 544 -5.89 -19.57 23.81
N GLN E 545 -6.62 -18.49 23.60
CA GLN E 545 -8.03 -18.62 23.46
C GLN E 545 -8.31 -19.57 22.31
N ARG E 546 -7.54 -19.45 21.24
CA ARG E 546 -7.77 -20.25 20.03
C ARG E 546 -7.56 -21.72 20.35
N LEU E 547 -6.50 -21.97 21.13
CA LEU E 547 -6.13 -23.32 21.53
C LEU E 547 -7.19 -23.95 22.40
N LEU E 548 -7.63 -23.20 23.39
CA LEU E 548 -8.71 -23.66 24.25
C LEU E 548 -10.05 -23.86 23.51
N ALA E 549 -10.31 -23.04 22.50
CA ALA E 549 -11.55 -23.15 21.74
C ALA E 549 -11.57 -24.47 21.03
N ALA E 550 -10.48 -24.74 20.35
CA ALA E 550 -10.26 -26.01 19.67
C ALA E 550 -10.36 -27.19 20.61
N THR E 551 -9.60 -27.14 21.71
CA THR E 551 -9.57 -28.26 22.65
C THR E 551 -10.88 -28.46 23.37
N ALA E 552 -11.68 -27.40 23.51
CA ALA E 552 -12.99 -27.54 24.10
C ALA E 552 -13.95 -28.31 23.18
N ARG E 553 -13.98 -27.93 21.92
CA ARG E 553 -14.83 -28.59 20.93
C ARG E 553 -14.40 -30.04 20.82
N ARG E 554 -13.09 -30.25 20.87
CA ARG E 554 -12.56 -31.58 20.65
C ARG E 554 -12.96 -32.48 21.80
N LEU E 555 -12.67 -32.02 23.02
CA LEU E 555 -13.04 -32.72 24.24
C LEU E 555 -14.51 -33.04 24.30
N HIS E 556 -15.33 -32.12 23.85
CA HIS E 556 -16.80 -32.26 23.82
C HIS E 556 -17.22 -33.36 22.89
N GLU E 557 -16.72 -33.29 21.67
CA GLU E 557 -17.09 -34.26 20.65
C GLU E 557 -16.55 -35.68 20.92
N GLU E 558 -15.48 -35.79 21.70
CA GLU E 558 -14.94 -37.08 22.10
C GLU E 558 -15.93 -37.85 22.96
N LYS E 559 -16.77 -37.14 23.69
CA LYS E 559 -17.71 -37.75 24.59
C LYS E 559 -19.04 -38.06 23.94
N LEU E 560 -19.24 -37.69 22.69
CA LEU E 560 -20.51 -37.96 22.04
C LEU E 560 -20.54 -39.31 21.36
N GLN E 561 -19.40 -39.72 20.79
CA GLN E 561 -19.22 -41.04 20.12
C GLN E 561 -18.92 -42.20 21.10
N PRO F 95 -28.70 30.03 29.52
CA PRO F 95 -28.16 30.57 30.80
C PRO F 95 -27.75 29.48 31.79
N LYS F 96 -26.65 29.68 32.52
CA LYS F 96 -26.15 28.67 33.46
C LYS F 96 -27.20 28.40 34.57
N THR F 97 -27.47 27.13 34.82
CA THR F 97 -28.42 26.70 35.86
C THR F 97 -28.06 27.24 37.25
N PHE F 98 -29.09 27.54 38.06
CA PHE F 98 -28.91 28.05 39.43
C PHE F 98 -27.98 27.17 40.27
N HIS F 99 -28.09 25.86 40.08
CA HIS F 99 -27.25 24.88 40.73
C HIS F 99 -25.80 25.16 40.40
N ARG F 100 -25.54 25.37 39.12
CA ARG F 100 -24.19 25.63 38.61
C ARG F 100 -23.65 26.93 39.19
N ARG F 101 -24.44 27.98 39.13
CA ARG F 101 -23.97 29.34 39.50
C ARG F 101 -23.69 29.50 40.98
N VAL F 102 -24.51 28.86 41.81
CA VAL F 102 -24.24 28.76 43.23
C VAL F 102 -23.00 27.89 43.49
N GLY F 103 -22.81 26.88 42.63
CA GLY F 103 -21.62 26.06 42.67
C GLY F 103 -20.32 26.73 42.25
N ASP F 104 -20.44 27.77 41.42
CA ASP F 104 -19.31 28.55 40.95
C ASP F 104 -18.80 29.51 41.98
N VAL F 105 -19.53 29.65 43.09
CA VAL F 105 -19.16 30.57 44.17
C VAL F 105 -18.01 29.94 44.98
N ARG F 106 -16.79 30.31 44.59
CA ARG F 106 -15.58 29.65 45.14
C ARG F 106 -14.56 30.68 45.57
N PRO F 107 -13.73 30.31 46.54
CA PRO F 107 -12.73 31.26 46.99
C PRO F 107 -11.74 31.53 45.86
N ALA F 108 -11.25 32.74 45.78
CA ALA F 108 -10.33 33.10 44.70
C ALA F 108 -8.89 32.52 44.91
N ARG F 109 -8.12 32.50 43.83
CA ARG F 109 -6.71 32.07 43.84
C ARG F 109 -5.80 32.99 44.68
N MET F 112 -5.83 36.65 52.22
CA MET F 112 -6.65 35.45 51.94
C MET F 112 -7.37 34.93 53.19
N GLY F 113 -8.65 34.59 53.00
CA GLY F 113 -9.57 34.23 54.07
C GLY F 113 -10.52 33.14 53.59
N PRO F 114 -11.36 32.60 54.48
CA PRO F 114 -12.24 31.50 54.05
C PRO F 114 -13.31 31.90 52.99
N ALA F 115 -13.44 33.21 52.76
CA ALA F 115 -14.34 33.81 51.77
C ALA F 115 -15.82 33.48 52.00
N LEU F 116 -16.24 33.60 53.26
CA LEU F 116 -17.55 33.10 53.71
C LEU F 116 -18.70 34.10 53.48
N HIS F 117 -18.35 35.30 53.05
CA HIS F 117 -19.31 36.37 52.93
C HIS F 117 -20.42 35.99 51.95
N ARG F 118 -20.03 35.66 50.72
CA ARG F 118 -20.98 35.32 49.65
C ARG F 118 -21.87 34.13 50.01
N PRO F 119 -21.28 33.05 50.57
CA PRO F 119 -22.17 31.95 50.89
C PRO F 119 -23.10 32.24 52.08
N VAL F 120 -22.65 33.02 53.04
CA VAL F 120 -23.53 33.44 54.14
C VAL F 120 -24.79 34.18 53.65
N LEU F 121 -24.57 35.20 52.82
CA LEU F 121 -25.65 35.94 52.24
C LEU F 121 -26.54 34.98 51.46
N LEU F 122 -25.95 34.15 50.62
CA LEU F 122 -26.70 33.26 49.76
C LEU F 122 -27.57 32.32 50.56
N LEU F 123 -27.01 31.82 51.64
CA LEU F 123 -27.74 30.91 52.50
C LEU F 123 -28.95 31.60 53.14
N TRP F 124 -28.72 32.83 53.64
CA TRP F 124 -29.79 33.68 54.20
C TRP F 124 -30.91 33.89 53.18
N ALA F 125 -30.52 34.14 51.94
CA ALA F 125 -31.44 34.42 50.86
C ALA F 125 -32.32 33.21 50.54
N ILE F 126 -31.72 32.03 50.67
CA ILE F 126 -32.45 30.78 50.44
C ILE F 126 -33.44 30.56 51.59
N GLY F 127 -32.94 30.74 52.82
CA GLY F 127 -33.80 30.69 54.01
C GLY F 127 -35.04 31.59 53.89
N GLN F 128 -34.80 32.80 53.39
CA GLN F 128 -35.81 33.80 53.17
C GLN F 128 -36.79 33.34 52.13
N ALA F 129 -36.29 32.91 50.99
CA ALA F 129 -37.18 32.49 49.91
C ALA F 129 -38.10 31.32 50.28
N VAL F 130 -37.56 30.42 51.11
CA VAL F 130 -38.26 29.20 51.56
C VAL F 130 -39.38 29.60 52.53
N ALA F 131 -39.12 30.63 53.34
CA ALA F 131 -40.10 31.23 54.26
C ALA F 131 -41.04 32.28 53.63
N ARG F 132 -41.16 32.25 52.31
CA ARG F 132 -42.03 33.13 51.52
C ARG F 132 -41.86 34.65 51.78
N ALA F 133 -40.63 35.07 52.04
CA ALA F 133 -40.32 36.49 52.22
C ALA F 133 -40.34 37.12 50.85
N PRO F 134 -40.38 38.48 50.77
CA PRO F 134 -40.40 39.12 49.47
C PRO F 134 -39.04 39.04 48.80
N ARG F 135 -39.09 38.97 47.46
CA ARG F 135 -37.94 38.70 46.60
C ARG F 135 -36.86 39.73 46.80
N LEU F 136 -37.22 40.99 46.57
CA LEU F 136 -36.34 42.15 46.78
C LEU F 136 -36.60 42.69 48.16
N GLN F 137 -35.55 42.95 48.90
CA GLN F 137 -35.68 43.52 50.20
C GLN F 137 -34.69 44.69 50.33
N PRO F 138 -35.06 45.71 51.10
CA PRO F 138 -34.14 46.84 51.28
C PRO F 138 -32.82 46.44 51.94
N TRP F 139 -31.76 47.14 51.57
CA TRP F 139 -30.47 46.99 52.22
C TRP F 139 -30.53 47.11 53.74
N SER F 140 -31.37 48.02 54.24
CA SER F 140 -31.45 48.41 55.66
C SER F 140 -31.77 47.21 56.56
N THR F 141 -32.74 46.41 56.10
CA THR F 141 -33.14 45.19 56.82
C THR F 141 -32.17 44.02 56.64
N THR F 142 -31.71 43.84 55.40
CA THR F 142 -30.77 42.78 55.05
C THR F 142 -29.51 42.94 55.85
N ARG F 143 -29.05 44.16 56.00
CA ARG F 143 -27.86 44.47 56.78
C ARG F 143 -27.91 43.90 58.19
N ASP F 144 -28.87 44.38 58.99
CA ASP F 144 -28.95 44.06 60.43
C ASP F 144 -29.65 42.71 60.68
N ALA F 145 -30.17 42.09 59.62
CA ALA F 145 -30.63 40.70 59.67
C ALA F 145 -29.51 39.66 59.43
N VAL F 146 -28.56 40.00 58.56
CA VAL F 146 -27.44 39.12 58.17
C VAL F 146 -26.17 39.40 58.97
N ALA F 147 -25.96 40.63 59.41
CA ALA F 147 -24.72 41.00 60.08
C ALA F 147 -24.37 40.13 61.29
N PRO F 148 -25.36 39.74 62.10
CA PRO F 148 -25.06 38.82 63.22
C PRO F 148 -24.58 37.44 62.74
N LEU F 149 -25.29 36.90 61.73
CA LEU F 149 -24.90 35.65 61.07
C LEU F 149 -23.48 35.75 60.51
N MET F 150 -23.17 36.89 59.90
CA MET F 150 -21.84 37.17 59.36
C MET F 150 -20.76 37.14 60.45
N GLU F 151 -21.10 37.64 61.64
CA GLU F 151 -20.18 37.68 62.77
C GLU F 151 -19.96 36.31 63.41
N LYS F 152 -21.05 35.53 63.48
CA LYS F 152 -21.04 34.23 64.16
C LYS F 152 -20.57 33.08 63.31
N TYR F 153 -20.91 33.14 62.02
CA TYR F 153 -20.60 32.06 61.09
C TYR F 153 -19.58 32.40 60.01
N GLY F 154 -19.46 33.67 59.64
CA GLY F 154 -18.43 34.11 58.69
C GLY F 154 -17.14 34.59 59.33
N GLN F 155 -16.94 34.33 60.62
CA GLN F 155 -15.74 34.77 61.35
C GLN F 155 -15.14 36.09 60.86
N VAL F 156 -16.01 37.08 60.68
CA VAL F 156 -15.60 38.45 60.39
C VAL F 156 -15.90 39.29 61.63
N GLU F 157 -15.08 40.31 61.86
CA GLU F 157 -15.24 41.16 63.02
C GLU F 157 -16.48 42.04 62.91
N ASP F 158 -16.45 42.94 61.93
CA ASP F 158 -17.53 43.90 61.73
C ASP F 158 -18.53 43.31 60.75
N GLY F 159 -19.59 42.75 61.29
CA GLY F 159 -20.57 42.07 60.47
C GLY F 159 -21.33 43.02 59.60
N VAL F 160 -21.59 44.20 60.15
CA VAL F 160 -22.29 45.26 59.40
C VAL F 160 -21.53 45.55 58.09
N ASP F 161 -20.19 45.67 58.23
CA ASP F 161 -19.29 45.89 57.10
C ASP F 161 -19.14 44.64 56.20
N GLY F 162 -19.13 43.48 56.85
CA GLY F 162 -19.06 42.20 56.16
C GLY F 162 -20.19 41.89 55.19
N VAL F 163 -21.34 42.54 55.35
CA VAL F 163 -22.47 42.31 54.44
C VAL F 163 -22.28 43.12 53.16
N ARG F 164 -21.60 44.27 53.27
CA ARG F 164 -21.47 45.24 52.16
C ARG F 164 -20.86 44.58 50.92
N TYR F 165 -19.79 43.81 51.17
CA TYR F 165 -19.06 43.13 50.09
C TYR F 165 -19.96 42.21 49.23
N PRO F 166 -20.54 41.13 49.82
CA PRO F 166 -21.34 40.22 49.01
C PRO F 166 -22.64 40.80 48.55
N PHE F 167 -23.10 41.88 49.19
CA PHE F 167 -24.32 42.55 48.77
C PHE F 167 -24.21 43.05 47.33
N TRP F 168 -22.98 43.39 46.92
CA TRP F 168 -22.66 43.94 45.59
C TRP F 168 -21.93 42.95 44.68
N ALA F 169 -20.96 42.25 45.25
CA ALA F 169 -20.14 41.30 44.51
C ALA F 169 -20.95 40.12 43.97
N LEU F 170 -22.07 39.85 44.62
CA LEU F 170 -22.89 38.70 44.27
C LEU F 170 -23.70 38.97 43.03
N VAL F 171 -23.63 40.18 42.51
CA VAL F 171 -24.34 40.55 41.30
C VAL F 171 -23.61 40.06 40.07
N ARG F 172 -22.29 40.20 40.11
CA ARG F 172 -21.44 39.74 39.01
C ARG F 172 -21.16 38.24 39.09
N ASP F 173 -21.68 37.55 40.13
CA ASP F 173 -21.76 36.09 40.15
C ASP F 173 -23.12 35.60 39.62
N ASP F 174 -23.89 36.48 38.99
CA ASP F 174 -25.21 36.18 38.45
C ASP F 174 -26.16 35.54 39.44
N LEU F 175 -26.13 36.01 40.68
CA LEU F 175 -27.01 35.49 41.72
C LEU F 175 -27.80 36.55 42.47
N TRP F 176 -27.53 37.83 42.20
CA TRP F 176 -28.06 38.91 42.98
C TRP F 176 -28.41 40.06 42.04
N CYS F 177 -29.32 40.92 42.53
CA CYS F 177 -29.88 42.10 41.84
C CYS F 177 -29.93 43.26 42.81
N VAL F 178 -29.53 44.46 42.37
CA VAL F 178 -29.66 45.68 43.18
C VAL F 178 -30.48 46.77 42.46
N GLU F 179 -31.48 47.35 43.13
CA GLU F 179 -32.53 48.13 42.43
C GLU F 179 -32.01 49.45 41.84
N GLN F 180 -31.30 50.22 42.66
CA GLN F 180 -30.85 51.55 42.27
C GLN F 180 -29.37 51.56 42.32
N ALA F 181 -28.77 50.98 41.29
CA ALA F 181 -27.32 50.82 41.28
C ALA F 181 -26.61 52.16 41.06
N GLU F 182 -27.07 52.92 40.05
CA GLU F 182 -26.44 54.18 39.66
C GLU F 182 -26.24 55.17 40.82
N GLU F 183 -27.21 55.19 41.72
CA GLU F 183 -27.20 56.12 42.85
C GLU F 183 -26.12 55.85 43.91
N LEU F 184 -25.56 54.65 43.90
CA LEU F 184 -24.56 54.25 44.91
C LEU F 184 -23.16 54.75 44.57
N THR F 185 -22.36 55.02 45.59
CA THR F 185 -20.96 55.44 45.41
C THR F 185 -20.02 54.29 45.88
N LEU F 186 -19.17 53.79 44.99
CA LEU F 186 -18.28 52.67 45.30
C LEU F 186 -17.03 53.10 46.06
N THR F 187 -16.33 52.11 46.61
CA THR F 187 -15.03 52.27 47.28
C THR F 187 -13.95 52.46 46.22
N SER F 188 -12.81 53.01 46.60
CA SER F 188 -11.59 52.90 45.79
C SER F 188 -11.41 51.44 45.44
N ARG F 189 -11.07 51.15 44.19
CA ARG F 189 -10.96 49.73 43.74
C ARG F 189 -12.30 49.15 43.29
N GLY F 190 -13.40 49.73 43.70
CA GLY F 190 -14.69 49.39 43.11
C GLY F 190 -15.18 48.01 43.49
N ARG F 191 -14.65 47.46 44.58
CA ARG F 191 -14.98 46.09 45.03
C ARG F 191 -16.43 46.08 45.55
N ARG F 192 -16.82 47.18 46.20
CA ARG F 192 -18.14 47.29 46.85
C ARG F 192 -18.55 48.75 47.16
N PRO F 193 -19.83 48.96 47.50
CA PRO F 193 -20.30 50.29 47.85
C PRO F 193 -19.92 50.71 49.25
N THR F 194 -19.85 52.03 49.43
CA THR F 194 -19.54 52.64 50.72
C THR F 194 -20.74 52.43 51.62
N LEU F 195 -20.46 52.41 52.91
CA LEU F 195 -21.50 52.23 53.90
C LEU F 195 -22.49 53.39 53.90
N GLU F 196 -21.91 54.60 53.84
CA GLU F 196 -22.67 55.83 53.80
C GLU F 196 -23.67 55.80 52.63
N SER F 197 -23.19 55.42 51.45
CA SER F 197 -23.99 55.37 50.23
C SER F 197 -25.15 54.38 50.33
N LEU F 198 -24.87 53.23 50.93
CA LEU F 198 -25.86 52.18 51.09
C LEU F 198 -26.95 52.58 52.08
N ASN F 199 -26.53 53.18 53.20
CA ASN F 199 -27.47 53.59 54.22
C ASN F 199 -28.38 54.67 53.68
N ALA F 200 -27.79 55.60 52.93
CA ALA F 200 -28.51 56.69 52.37
C ALA F 200 -29.55 56.22 51.37
N VAL F 201 -29.14 55.44 50.38
CA VAL F 201 -30.10 55.01 49.33
C VAL F 201 -31.05 53.88 49.78
N ASP F 202 -30.64 53.03 50.77
CA ASP F 202 -31.35 51.77 51.16
C ASP F 202 -32.03 51.02 49.98
N PRO F 203 -31.24 50.65 48.98
CA PRO F 203 -31.75 50.13 47.72
C PRO F 203 -32.31 48.74 47.95
N SER F 204 -33.41 48.44 47.27
CA SER F 204 -34.03 47.13 47.35
C SER F 204 -33.23 46.13 46.52
N ALA F 205 -32.54 45.20 47.20
CA ALA F 205 -31.79 44.12 46.53
C ALA F 205 -32.23 42.70 46.91
N GLY F 206 -31.93 41.76 46.02
CA GLY F 206 -32.35 40.41 46.28
C GLY F 206 -31.89 39.41 45.26
N LEU F 207 -32.56 38.27 45.25
CA LEU F 207 -32.22 37.18 44.36
C LEU F 207 -32.72 37.47 42.98
N ARG F 208 -32.33 36.64 42.01
CA ARG F 208 -32.84 36.79 40.65
C ARG F 208 -34.30 36.35 40.57
N GLU F 209 -34.99 36.74 39.50
CA GLU F 209 -36.40 36.41 39.30
C GLU F 209 -36.60 34.89 39.32
N ASP F 210 -36.13 34.28 38.25
CA ASP F 210 -36.30 32.84 37.98
C ASP F 210 -35.77 31.96 39.12
N ASP F 211 -34.70 32.39 39.77
CA ASP F 211 -34.17 31.69 40.94
C ASP F 211 -35.08 31.72 42.14
N TYR F 212 -35.69 32.87 42.39
CA TYR F 212 -36.67 33.02 43.48
C TYR F 212 -37.90 32.14 43.24
N ASN F 213 -38.40 32.15 42.02
CA ASN F 213 -39.55 31.34 41.67
C ASN F 213 -39.25 29.85 41.78
N LEU F 214 -38.03 29.46 41.36
CA LEU F 214 -37.55 28.08 41.47
C LEU F 214 -37.54 27.62 42.90
N LEU F 215 -36.97 28.43 43.77
CA LEU F 215 -36.89 28.11 45.18
C LEU F 215 -38.27 28.03 45.81
N ARG F 216 -39.14 28.99 45.48
CA ARG F 216 -40.52 28.98 46.01
C ARG F 216 -41.29 27.74 45.53
N SER F 217 -41.12 27.37 44.26
CA SER F 217 -41.89 26.29 43.66
C SER F 217 -41.35 24.89 43.94
N GLN F 218 -40.04 24.74 43.90
CA GLN F 218 -39.37 23.43 44.07
C GLN F 218 -38.44 23.43 45.29
N PRO F 219 -38.88 22.83 46.40
CA PRO F 219 -38.08 22.85 47.63
C PRO F 219 -36.83 21.94 47.64
N GLU F 220 -36.77 20.92 46.80
CA GLU F 220 -35.51 20.18 46.65
C GLU F 220 -34.36 21.04 46.16
N ALA F 221 -34.65 22.03 45.30
CA ALA F 221 -33.63 22.89 44.71
C ALA F 221 -33.05 23.78 45.77
N ALA F 222 -33.89 24.26 46.65
CA ALA F 222 -33.45 25.06 47.77
C ALA F 222 -32.62 24.22 48.70
N ALA F 223 -33.11 23.00 48.95
CA ALA F 223 -32.43 22.04 49.84
C ALA F 223 -31.08 21.58 49.29
N SER F 224 -31.05 21.39 47.98
CA SER F 224 -29.83 21.05 47.29
C SER F 224 -28.80 22.17 47.39
N ALA F 225 -29.21 23.39 47.02
CA ALA F 225 -28.31 24.55 46.95
C ALA F 225 -27.75 24.87 48.33
N ALA F 226 -28.62 24.81 49.32
CA ALA F 226 -28.21 25.02 50.71
C ALA F 226 -27.25 23.94 51.20
N ALA F 227 -27.57 22.69 50.85
CA ALA F 227 -26.70 21.57 51.15
C ALA F 227 -25.33 21.70 50.47
N GLY F 228 -25.33 22.21 49.24
CA GLY F 228 -24.07 22.49 48.54
C GLY F 228 -23.21 23.48 49.33
N LEU F 229 -23.82 24.61 49.70
CA LEU F 229 -23.07 25.67 50.35
C LEU F 229 -22.56 25.19 51.67
N ILE F 230 -23.40 24.41 52.35
CA ILE F 230 -23.05 23.87 53.67
C ILE F 230 -21.98 22.83 53.54
N ALA F 231 -21.98 22.05 52.47
CA ALA F 231 -20.98 21.02 52.34
C ALA F 231 -19.58 21.60 52.11
N ARG F 232 -19.48 22.69 51.35
CA ARG F 232 -18.19 23.26 51.05
C ARG F 232 -17.72 24.14 52.19
N TYR F 233 -18.56 25.09 52.57
CA TYR F 233 -18.28 26.01 53.68
C TYR F 233 -19.17 25.49 54.81
N PHE F 234 -18.79 25.58 56.08
CA PHE F 234 -19.64 24.95 57.18
C PHE F 234 -19.91 23.41 57.18
N HIS F 235 -18.98 22.59 56.72
CA HIS F 235 -19.19 21.13 56.72
C HIS F 235 -19.31 20.63 58.13
N LEU F 236 -18.68 21.34 59.07
CA LEU F 236 -18.77 20.99 60.49
C LEU F 236 -20.09 21.34 61.15
N LEU F 237 -20.97 22.02 60.42
CA LEU F 237 -22.33 22.34 60.83
C LEU F 237 -22.47 22.60 62.31
N PRO F 238 -22.05 23.79 62.76
CA PRO F 238 -22.24 24.16 64.17
C PRO F 238 -23.74 24.27 64.53
N ALA F 239 -24.05 24.05 65.81
CA ALA F 239 -25.43 24.08 66.28
C ALA F 239 -26.04 25.47 66.11
N GLY F 240 -27.33 25.49 65.76
CA GLY F 240 -28.03 26.73 65.54
C GLY F 240 -27.89 27.32 64.16
N LEU F 241 -27.12 26.68 63.27
CA LEU F 241 -26.93 27.23 61.95
C LEU F 241 -28.24 27.17 61.18
N LEU F 242 -28.90 26.01 61.16
CA LEU F 242 -30.13 25.89 60.35
C LEU F 242 -31.27 26.68 61.00
N GLU F 243 -31.21 26.75 62.34
CA GLU F 243 -32.00 27.72 63.14
C GLU F 243 -31.70 29.05 62.43
N ASP F 244 -30.48 29.61 62.56
CA ASP F 244 -30.37 31.12 62.67
C ASP F 244 -30.56 31.54 61.18
N PHE F 245 -30.33 30.61 60.27
CA PHE F 245 -30.65 30.82 58.88
C PHE F 245 -32.09 30.57 58.39
N GLY F 246 -32.94 29.90 59.17
CA GLY F 246 -34.33 29.65 58.73
C GLY F 246 -34.41 28.47 57.80
N LEU F 247 -33.39 27.62 57.86
CA LEU F 247 -33.30 26.37 57.08
C LEU F 247 -33.58 25.12 57.93
N HIS F 248 -33.95 25.30 59.19
CA HIS F 248 -34.17 24.18 60.12
C HIS F 248 -35.31 23.28 59.66
N GLU F 249 -36.49 23.84 59.43
CA GLU F 249 -37.59 23.04 58.88
C GLU F 249 -37.31 22.35 57.53
N LEU F 250 -36.42 22.94 56.72
CA LEU F 250 -36.02 22.38 55.41
C LEU F 250 -34.91 21.31 55.46
N LEU F 251 -33.93 21.48 56.35
CA LEU F 251 -32.73 20.61 56.39
C LEU F 251 -32.38 19.96 57.73
N ALA F 252 -33.20 20.13 58.75
CA ALA F 252 -32.82 19.68 60.10
C ALA F 252 -32.45 18.22 60.10
N GLY F 253 -33.31 17.42 59.48
CA GLY F 253 -33.16 15.99 59.50
C GLY F 253 -31.80 15.56 59.06
N ARG F 254 -31.51 15.79 57.81
CA ARG F 254 -30.14 15.70 57.39
C ARG F 254 -29.96 16.55 56.16
N TRP F 255 -28.96 17.40 56.28
CA TRP F 255 -28.75 18.42 55.29
C TRP F 255 -28.31 17.87 53.95
N PRO F 256 -27.36 16.88 53.94
CA PRO F 256 -26.86 16.46 52.65
C PRO F 256 -27.74 15.49 51.88
N ASP F 257 -28.91 15.16 52.40
CA ASP F 257 -29.83 14.25 51.72
C ASP F 257 -30.25 14.69 50.35
N ALA F 258 -30.34 16.00 50.19
CA ALA F 258 -30.80 16.59 48.95
C ALA F 258 -29.74 16.61 47.86
N LEU F 259 -28.48 16.29 48.23
CA LEU F 259 -27.37 16.33 47.29
C LEU F 259 -27.47 15.23 46.27
N ARG F 260 -27.15 15.53 45.01
CA ARG F 260 -27.07 14.52 43.96
C ARG F 260 -25.64 14.50 43.39
N PRO F 261 -25.17 13.39 42.82
CA PRO F 261 -25.89 12.16 42.54
C PRO F 261 -26.03 11.32 43.75
N LEU F 262 -26.99 10.40 43.68
CA LEU F 262 -27.19 9.43 44.71
C LEU F 262 -26.04 8.45 44.71
N LEU F 263 -25.74 7.87 45.86
CA LEU F 263 -24.80 6.77 45.92
C LEU F 263 -25.30 5.61 45.06
N GLY F 264 -24.50 5.24 44.06
CA GLY F 264 -24.75 4.09 43.22
C GLY F 264 -25.32 4.43 41.87
N GLU F 265 -25.38 5.73 41.55
CA GLU F 265 -25.75 6.14 40.20
C GLU F 265 -24.66 5.73 39.26
N THR F 266 -25.04 5.12 38.15
CA THR F 266 -24.11 4.50 37.22
C THR F 266 -24.10 5.22 35.88
N PHE F 267 -22.91 5.37 35.30
CA PHE F 267 -22.70 6.02 34.01
C PHE F 267 -21.68 5.28 33.15
N LYS F 268 -21.90 5.25 31.84
CA LYS F 268 -21.01 4.53 30.89
C LYS F 268 -19.67 5.27 30.74
N ASP F 269 -19.76 6.51 30.20
CA ASP F 269 -18.60 7.34 29.89
C ASP F 269 -18.31 8.26 31.03
N ARG F 270 -17.15 8.89 30.98
CA ARG F 270 -16.81 10.05 31.84
C ARG F 270 -17.54 11.29 31.34
N ASP F 271 -17.78 11.32 30.05
CA ASP F 271 -18.66 12.29 29.43
C ASP F 271 -20.11 12.24 29.92
N ALA F 272 -20.63 11.03 30.18
CA ALA F 272 -22.02 10.85 30.64
C ALA F 272 -22.22 11.49 32.02
N ILE F 273 -21.21 11.32 32.88
CA ILE F 273 -21.13 11.93 34.20
C ILE F 273 -21.09 13.43 34.03
N TRP F 274 -20.32 13.90 33.06
CA TRP F 274 -20.13 15.33 32.83
C TRP F 274 -21.43 15.96 32.38
N ARG F 275 -22.15 15.27 31.51
CA ARG F 275 -23.44 15.75 31.03
C ARG F 275 -24.38 15.97 32.20
N ALA F 276 -24.30 15.11 33.19
CA ALA F 276 -25.28 15.08 34.29
C ALA F 276 -24.96 15.98 35.47
N TYR F 277 -23.69 16.22 35.72
CA TYR F 277 -23.27 16.94 36.93
C TYR F 277 -22.12 17.92 36.73
N GLY F 278 -21.64 18.05 35.49
CA GLY F 278 -20.62 19.05 35.16
C GLY F 278 -19.19 18.70 35.47
N GLY F 279 -18.40 19.75 35.70
CA GLY F 279 -17.00 19.61 36.05
C GLY F 279 -16.17 19.57 34.80
N GLN F 280 -14.94 19.06 34.91
CA GLN F 280 -14.08 18.75 33.74
C GLN F 280 -14.17 17.26 33.51
N LYS F 281 -14.36 16.86 32.25
CA LYS F 281 -14.50 15.42 31.96
C LYS F 281 -13.14 14.70 31.80
N MET F 282 -12.06 15.49 31.80
CA MET F 282 -10.69 14.96 31.82
C MET F 282 -10.06 14.99 33.25
N ALA F 283 -10.82 15.46 34.23
CA ALA F 283 -10.22 16.00 35.44
C ALA F 283 -9.38 15.02 36.29
N GLY F 284 -9.97 13.89 36.63
CA GLY F 284 -9.35 12.93 37.52
C GLY F 284 -9.58 13.25 38.98
N ILE F 285 -9.21 14.47 39.36
CA ILE F 285 -9.61 15.10 40.63
C ILE F 285 -10.15 16.50 40.30
N GLY F 286 -11.41 16.73 40.61
CA GLY F 286 -12.08 17.93 40.13
C GLY F 286 -13.46 18.15 40.75
N CYS F 287 -13.96 19.37 40.61
CA CYS F 287 -15.23 19.73 41.22
C CYS F 287 -16.34 19.62 40.22
N LEU F 288 -17.44 19.01 40.64
CA LEU F 288 -18.66 18.99 39.83
C LEU F 288 -19.32 20.37 39.84
N ALA F 289 -20.45 20.51 39.12
CA ALA F 289 -21.15 21.81 38.98
C ALA F 289 -21.48 22.41 40.34
N ASP F 290 -21.93 21.57 41.29
CA ASP F 290 -22.19 21.95 42.69
C ASP F 290 -20.99 22.48 43.50
N GLY F 291 -19.79 22.38 42.98
CA GLY F 291 -18.62 22.88 43.68
C GLY F 291 -18.00 21.91 44.67
N ILE F 292 -18.55 20.71 44.77
CA ILE F 292 -18.03 19.69 45.67
C ILE F 292 -17.06 18.77 44.95
N LEU F 293 -15.91 18.60 45.60
CA LEU F 293 -14.79 17.85 45.06
C LEU F 293 -15.24 16.42 44.72
N SER F 294 -14.61 15.85 43.69
CA SER F 294 -14.88 14.48 43.29
C SER F 294 -13.58 13.88 42.80
N ALA F 295 -13.27 12.68 43.22
CA ALA F 295 -12.08 11.97 42.77
C ALA F 295 -12.48 10.75 41.98
N PHE F 296 -11.80 10.53 40.85
CA PHE F 296 -12.18 9.46 39.90
C PHE F 296 -11.07 8.44 39.80
N SER F 297 -11.42 7.17 40.03
CA SER F 297 -10.46 6.06 39.93
C SER F 297 -10.94 5.07 38.88
N ASP F 298 -10.07 4.84 37.90
CA ASP F 298 -10.36 4.01 36.74
C ASP F 298 -9.47 2.81 36.80
N ASP F 299 -10.03 1.64 37.01
CA ASP F 299 -9.23 0.41 37.07
C ASP F 299 -8.65 0.05 35.73
N LYS F 300 -7.32 -0.05 35.70
CA LYS F 300 -6.56 -0.26 34.47
C LYS F 300 -6.72 -1.70 33.89
N GLY F 301 -6.45 -2.68 34.73
CA GLY F 301 -6.64 -4.08 34.38
C GLY F 301 -7.36 -4.83 35.49
N PRO F 302 -7.53 -6.16 35.31
CA PRO F 302 -8.19 -6.95 36.34
C PRO F 302 -7.25 -7.15 37.51
N TYR F 303 -7.79 -7.66 38.62
CA TYR F 303 -6.96 -7.93 39.81
C TYR F 303 -6.17 -6.67 40.28
N ALA F 304 -6.78 -5.49 40.19
CA ALA F 304 -6.13 -4.26 40.64
C ALA F 304 -7.13 -3.13 40.84
N ASP F 305 -7.72 -3.03 42.03
CA ASP F 305 -8.61 -1.90 42.36
C ASP F 305 -7.84 -0.96 43.29
N GLY F 306 -8.46 0.17 43.63
CA GLY F 306 -7.83 1.12 44.55
C GLY F 306 -7.81 0.70 46.02
N ARG F 307 -8.69 -0.23 46.39
CA ARG F 307 -8.91 -0.58 47.78
C ARG F 307 -7.66 -1.25 48.30
N ILE F 308 -7.18 -0.80 49.46
CA ILE F 308 -5.98 -1.39 50.10
C ILE F 308 -6.43 -2.71 50.72
N PRO F 309 -5.72 -3.81 50.40
CA PRO F 309 -6.23 -5.14 50.76
C PRO F 309 -6.50 -5.33 52.25
N ASP F 310 -7.44 -6.25 52.50
CA ASP F 310 -7.99 -6.56 53.84
C ASP F 310 -8.86 -5.46 54.43
N THR F 311 -9.01 -4.33 53.73
CA THR F 311 -9.85 -3.23 54.20
C THR F 311 -10.64 -2.65 53.05
N THR F 312 -11.49 -1.73 53.45
CA THR F 312 -12.42 -1.05 52.61
C THR F 312 -11.98 0.41 52.29
N TRP F 313 -10.77 0.75 52.73
CA TRP F 313 -10.15 2.05 52.50
C TRP F 313 -9.46 2.08 51.14
N ILE F 314 -9.27 3.29 50.60
CA ILE F 314 -8.74 3.49 49.26
C ILE F 314 -7.31 4.06 49.29
N ALA F 315 -6.46 3.56 48.39
CA ALA F 315 -5.14 4.19 48.10
C ALA F 315 -5.22 4.87 46.72
N TYR F 316 -5.39 6.18 46.73
CA TYR F 316 -5.71 6.92 45.51
C TYR F 316 -4.48 7.66 45.10
N VAL F 317 -4.02 7.41 43.87
CA VAL F 317 -2.83 8.09 43.40
C VAL F 317 -3.26 9.52 42.98
N GLY F 318 -2.35 10.46 43.17
CA GLY F 318 -2.61 11.87 42.97
C GLY F 318 -2.86 12.30 41.54
N ASP F 319 -2.58 13.55 41.27
CA ASP F 319 -3.14 14.28 40.14
C ASP F 319 -2.20 14.48 38.99
N GLY F 320 -0.96 14.86 39.25
CA GLY F 320 -0.04 15.17 38.15
C GLY F 320 0.33 14.03 37.19
N LEU F 321 0.02 14.18 35.90
CA LEU F 321 0.66 13.38 34.84
C LEU F 321 1.65 14.33 34.10
N SER F 322 2.91 13.94 33.86
CA SER F 322 3.47 12.66 34.20
C SER F 322 4.93 12.86 34.71
N GLY F 323 5.21 13.95 35.40
CA GLY F 323 6.48 14.08 36.12
C GLY F 323 6.21 14.06 37.60
N ASP F 324 7.24 14.31 38.43
CA ASP F 324 7.07 14.50 39.90
C ASP F 324 5.87 15.37 40.25
N GLN F 325 4.85 14.79 40.89
CA GLN F 325 3.58 15.51 41.19
C GLN F 325 3.78 16.62 42.25
N LYS F 326 2.99 17.68 42.11
CA LYS F 326 3.08 18.83 42.99
C LYS F 326 1.71 19.18 43.61
N LEU F 327 1.69 20.00 44.66
CA LEU F 327 0.42 20.42 45.28
C LEU F 327 -0.17 21.54 44.45
N THR F 328 -0.59 21.15 43.29
CA THR F 328 -1.26 22.00 42.38
C THR F 328 -2.51 21.32 41.78
N ASP F 329 -3.44 22.12 41.29
CA ASP F 329 -4.66 21.58 40.71
C ASP F 329 -5.38 20.66 41.66
N GLY F 330 -5.56 19.38 41.31
CA GLY F 330 -6.34 18.47 42.15
C GLY F 330 -5.68 18.16 43.48
N ASN F 331 -4.35 17.92 43.44
CA ASN F 331 -3.61 17.62 44.67
C ASN F 331 -3.74 18.74 45.64
N GLU F 332 -3.73 19.97 45.12
CA GLU F 332 -3.91 21.15 45.95
C GLU F 332 -5.24 21.10 46.69
N LEU F 333 -6.32 20.87 45.93
CA LEU F 333 -7.65 20.73 46.50
C LEU F 333 -7.74 19.59 47.49
N MET F 334 -7.08 18.49 47.20
CA MET F 334 -7.04 17.35 48.13
C MET F 334 -6.41 17.76 49.48
N ALA F 335 -5.34 18.52 49.41
CA ALA F 335 -4.63 19.00 50.59
C ALA F 335 -5.50 19.96 51.42
N GLU F 336 -6.28 20.80 50.73
CA GLU F 336 -7.18 21.75 51.40
C GLU F 336 -8.26 20.96 52.14
N HIS F 337 -8.84 19.98 51.45
CA HIS F 337 -9.80 19.09 52.09
C HIS F 337 -9.22 18.31 53.29
N GLN F 338 -7.95 17.93 53.18
CA GLN F 338 -7.28 17.16 54.21
C GLN F 338 -7.16 18.01 55.44
N ALA F 339 -6.77 19.26 55.26
CA ALA F 339 -6.51 20.12 56.40
C ALA F 339 -7.75 20.33 57.29
N VAL F 340 -8.86 20.63 56.66
CA VAL F 340 -10.08 20.92 57.37
C VAL F 340 -10.90 19.68 57.65
N GLY F 341 -10.49 18.52 57.12
CA GLY F 341 -11.21 17.27 57.33
C GLY F 341 -12.56 17.24 56.64
N ARG F 342 -12.61 17.68 55.39
CA ARG F 342 -13.81 17.65 54.57
C ARG F 342 -13.85 16.37 53.70
N ALA F 343 -15.05 15.81 53.58
CA ALA F 343 -15.30 14.65 52.74
C ALA F 343 -15.36 15.05 51.30
N LEU F 344 -15.32 14.04 50.43
CA LEU F 344 -15.39 14.23 48.96
C LEU F 344 -15.96 13.00 48.26
N ARG F 345 -16.43 13.18 47.05
CA ARG F 345 -17.06 12.09 46.34
C ARG F 345 -15.98 11.23 45.66
N TYR F 346 -16.11 9.92 45.75
CA TYR F 346 -15.15 9.03 45.15
C TYR F 346 -15.89 8.22 44.12
N TRP F 347 -15.54 8.46 42.85
CA TRP F 347 -16.06 7.70 41.72
C TRP F 347 -15.14 6.51 41.41
N HIS F 348 -15.71 5.45 40.87
CA HIS F 348 -14.95 4.26 40.53
C HIS F 348 -15.53 3.51 39.32
N LYS F 349 -14.64 3.12 38.41
CA LYS F 349 -14.98 2.26 37.28
C LYS F 349 -14.20 0.95 37.37
N PRO F 350 -14.85 -0.13 37.85
CA PRO F 350 -14.13 -1.39 37.78
C PRO F 350 -13.80 -1.77 36.34
N PHE F 351 -12.81 -2.64 36.23
CA PHE F 351 -12.32 -3.08 34.96
C PHE F 351 -13.44 -3.66 34.09
N GLN F 352 -13.53 -3.21 32.82
CA GLN F 352 -14.58 -3.66 31.91
C GLN F 352 -15.99 -3.34 32.45
N GLY F 353 -16.13 -2.25 33.19
CA GLY F 353 -17.36 -1.93 33.88
C GLY F 353 -17.75 -0.48 33.69
N GLN F 354 -18.78 -0.07 34.41
CA GLN F 354 -19.30 1.30 34.34
C GLN F 354 -18.83 2.13 35.52
N TRP F 355 -18.88 3.45 35.36
CA TRP F 355 -18.60 4.37 36.44
C TRP F 355 -19.75 4.36 37.45
N SER F 356 -19.47 4.66 38.72
CA SER F 356 -20.52 4.94 39.71
C SER F 356 -19.99 5.75 40.84
N PHE F 357 -20.85 6.61 41.39
CA PHE F 357 -20.49 7.35 42.59
C PHE F 357 -20.68 6.39 43.74
N GLU F 358 -19.59 5.80 44.20
CA GLU F 358 -19.74 4.69 45.09
C GLU F 358 -19.61 5.02 46.55
N THR F 359 -18.84 6.04 46.91
CA THR F 359 -18.79 6.46 48.31
C THR F 359 -18.30 7.88 48.55
N TRP F 360 -18.81 8.53 49.60
CA TRP F 360 -18.15 9.70 50.19
C TRP F 360 -16.92 9.21 50.90
N ALA F 361 -15.94 10.06 51.07
CA ALA F 361 -14.68 9.62 51.67
C ALA F 361 -13.90 10.78 52.19
N VAL F 362 -13.03 10.50 53.13
CA VAL F 362 -12.27 11.55 53.79
C VAL F 362 -10.75 11.24 53.78
N ILE F 363 -9.95 12.30 53.59
CA ILE F 363 -8.50 12.16 53.49
C ILE F 363 -7.99 11.89 54.87
N VAL F 364 -7.36 10.76 55.03
CA VAL F 364 -6.97 10.26 56.34
C VAL F 364 -5.44 10.28 56.51
N GLN F 365 -4.72 10.27 55.40
CA GLN F 365 -3.26 10.28 55.35
C GLN F 365 -2.82 10.59 53.92
N ARG F 366 -1.71 11.30 53.77
CA ARG F 366 -1.10 11.47 52.43
C ARG F 366 0.39 11.13 52.42
N ARG F 367 0.79 10.38 51.38
CA ARG F 367 2.15 9.86 51.30
C ARG F 367 2.75 10.15 49.94
N LEU F 368 4.06 9.93 49.83
CA LEU F 368 4.76 10.04 48.58
C LEU F 368 5.39 8.73 48.20
N ARG F 369 5.18 8.31 46.95
CA ARG F 369 5.62 6.99 46.44
C ARG F 369 6.22 7.12 45.05
N TRP F 370 6.98 6.11 44.64
CA TRP F 370 7.45 5.98 43.25
C TRP F 370 6.37 5.33 42.39
N GLY F 371 6.08 5.95 41.24
CA GLY F 371 5.20 5.35 40.24
C GLY F 371 5.55 5.83 38.85
N LEU F 372 4.84 5.31 37.86
CA LEU F 372 5.13 5.68 36.50
C LEU F 372 4.13 6.70 36.02
N GLY F 373 4.58 7.73 35.31
CA GLY F 373 3.65 8.60 34.60
C GLY F 373 3.16 8.03 33.27
N GLU F 374 2.42 8.85 32.52
CA GLU F 374 2.00 8.52 31.13
C GLU F 374 3.12 8.50 30.13
N ASP F 375 4.26 9.11 30.46
CA ASP F 375 5.46 8.98 29.63
C ASP F 375 6.25 7.70 29.95
N LYS F 376 5.65 6.81 30.75
CA LYS F 376 6.23 5.54 31.16
C LYS F 376 7.50 5.71 32.03
N LEU F 377 7.70 6.90 32.58
CA LEU F 377 8.91 7.16 33.31
C LEU F 377 8.65 7.24 34.81
N PRO F 378 9.60 6.74 35.62
CA PRO F 378 9.51 6.80 37.06
C PRO F 378 9.37 8.20 37.53
N ARG F 379 8.63 8.39 38.62
CA ARG F 379 8.22 9.68 39.06
C ARG F 379 7.71 9.62 40.51
N ARG F 380 7.91 10.74 41.22
CA ARG F 380 7.38 10.94 42.57
C ARG F 380 5.87 11.28 42.54
N GLU F 381 5.03 10.48 43.22
CA GLU F 381 3.57 10.67 43.12
C GLU F 381 2.91 10.62 44.48
N PHE F 382 1.79 11.32 44.64
CA PHE F 382 1.11 11.37 45.91
C PHE F 382 0.22 10.14 46.07
N LEU F 383 0.12 9.66 47.30
CA LEU F 383 -0.79 8.59 47.63
C LEU F 383 -1.76 9.11 48.68
N TRP F 384 -2.96 9.45 48.25
CA TRP F 384 -4.00 9.93 49.14
C TRP F 384 -4.73 8.74 49.70
N VAL F 385 -4.64 8.55 51.03
CA VAL F 385 -5.30 7.45 51.72
C VAL F 385 -6.69 7.90 52.16
N LEU F 386 -7.71 7.35 51.50
CA LEU F 386 -9.10 7.78 51.69
C LEU F 386 -9.82 6.78 52.55
N ALA F 387 -10.62 7.26 53.51
CA ALA F 387 -11.51 6.38 54.27
C ALA F 387 -12.96 6.68 53.93
N PRO F 388 -13.71 5.64 53.57
CA PRO F 388 -15.10 5.86 53.18
C PRO F 388 -16.01 6.18 54.34
N VAL F 389 -17.01 7.00 54.06
CA VAL F 389 -17.99 7.44 55.04
C VAL F 389 -19.37 7.51 54.39
N PRO F 390 -20.43 7.34 55.19
CA PRO F 390 -21.78 7.25 54.65
C PRO F 390 -22.33 8.53 54.09
N SER F 391 -21.94 9.67 54.67
CA SER F 391 -22.33 10.99 54.16
C SER F 391 -21.33 12.01 54.65
N PRO F 392 -21.46 13.29 54.17
CA PRO F 392 -20.56 14.37 54.59
C PRO F 392 -20.66 14.78 56.02
N GLU F 393 -21.82 14.50 56.63
CA GLU F 393 -22.07 14.78 58.06
C GLU F 393 -21.12 14.02 58.98
N ARG F 394 -20.40 14.74 59.83
CA ARG F 394 -19.35 14.15 60.67
C ARG F 394 -19.89 13.19 61.75
N GLU F 395 -21.14 13.39 62.12
CA GLU F 395 -21.86 12.49 63.04
C GLU F 395 -22.10 11.08 62.51
N THR F 396 -22.03 10.91 61.20
CA THR F 396 -22.30 9.64 60.59
C THR F 396 -21.04 8.77 60.43
N TRP F 397 -19.88 9.37 60.69
CA TRP F 397 -18.61 8.71 60.44
C TRP F 397 -18.27 7.73 61.54
N PRO F 398 -17.88 6.50 61.20
CA PRO F 398 -17.51 5.51 62.20
C PRO F 398 -16.25 5.89 62.97
N PRO F 399 -16.07 5.30 64.16
CA PRO F 399 -14.95 5.68 65.04
C PRO F 399 -13.54 5.45 64.47
N GLU F 400 -13.34 4.39 63.69
CA GLU F 400 -12.04 4.11 63.04
C GLU F 400 -11.57 5.29 62.21
N VAL F 401 -12.53 5.86 61.48
CA VAL F 401 -12.28 7.03 60.67
C VAL F 401 -11.89 8.18 61.59
N LEU F 402 -12.71 8.44 62.61
CA LEU F 402 -12.49 9.61 63.51
C LEU F 402 -11.15 9.54 64.20
N GLU F 403 -10.78 8.32 64.59
CA GLU F 403 -9.48 8.07 65.21
C GLU F 403 -8.31 8.33 64.26
N ALA F 404 -8.49 7.94 62.98
CA ALA F 404 -7.46 8.07 61.96
C ALA F 404 -7.25 9.53 61.54
N LEU F 405 -8.35 10.31 61.53
CA LEU F 405 -8.33 11.78 61.33
C LEU F 405 -7.47 12.33 62.49
N GLU F 406 -7.61 11.74 63.69
CA GLU F 406 -7.41 12.57 64.93
C GLU F 406 -5.86 12.47 64.97
N ALA F 407 -5.34 11.35 64.43
CA ALA F 407 -3.92 11.02 64.37
C ALA F 407 -3.14 11.51 63.15
N ASP F 408 -3.78 12.20 62.22
CA ASP F 408 -3.19 12.44 60.89
C ASP F 408 -1.96 13.32 60.90
N THR F 409 -2.05 14.52 61.47
CA THR F 409 -0.96 15.52 61.42
C THR F 409 -0.89 16.23 60.07
N GLY F 410 -1.66 15.72 59.09
CA GLY F 410 -1.82 16.35 57.78
C GLY F 410 -0.53 16.62 57.00
N GLU F 411 0.53 15.85 57.31
CA GLU F 411 1.84 16.07 56.74
C GLU F 411 2.30 14.90 55.88
N LEU F 412 3.10 15.23 54.87
CA LEU F 412 3.48 14.27 53.88
C LEU F 412 4.43 13.23 54.43
N HIS F 413 4.14 11.97 54.17
CA HIS F 413 5.00 10.86 54.51
C HIS F 413 5.72 10.41 53.26
N ASP F 414 7.04 10.65 53.21
CA ASP F 414 7.82 10.43 52.00
C ASP F 414 8.43 9.05 52.06
N ASP F 415 7.82 8.08 51.40
CA ASP F 415 8.37 6.74 51.33
C ASP F 415 9.42 6.59 50.24
N THR F 416 9.61 7.64 49.48
CA THR F 416 10.58 7.68 48.41
C THR F 416 12.05 7.41 48.80
N GLY F 417 12.38 7.72 50.04
CA GLY F 417 13.67 7.38 50.61
C GLY F 417 13.86 5.90 50.86
N ASP F 418 12.78 5.15 51.10
CA ASP F 418 12.89 3.73 51.47
C ASP F 418 13.19 2.81 50.30
N TYR F 419 12.86 3.24 49.09
CA TYR F 419 13.05 2.39 47.92
C TYR F 419 13.32 3.17 46.68
N ARG F 420 13.70 2.43 45.63
CA ARG F 420 14.09 2.97 44.33
C ARG F 420 13.13 2.52 43.21
N PRO F 421 12.94 3.37 42.17
CA PRO F 421 12.14 2.90 41.04
C PRO F 421 12.58 1.55 40.49
N SER F 422 13.90 1.24 40.52
CA SER F 422 14.47 -0.08 40.09
C SER F 422 13.65 -1.21 40.76
N ASP F 423 13.08 -0.94 41.95
CA ASP F 423 12.84 -2.01 42.93
C ASP F 423 11.36 -2.28 42.62
N LEU F 424 10.72 -1.30 41.94
CA LEU F 424 9.36 -1.45 41.40
C LEU F 424 9.36 -2.53 40.35
N ALA F 425 8.33 -3.34 40.37
CA ALA F 425 8.18 -4.30 39.29
C ALA F 425 8.00 -3.64 37.89
N LEU F 426 7.47 -2.42 37.86
CA LEU F 426 7.11 -1.77 36.60
C LEU F 426 8.28 -1.09 35.92
N THR F 427 9.49 -1.16 36.47
CA THR F 427 10.65 -0.60 35.77
C THR F 427 11.59 -1.72 35.35
N PRO F 428 11.54 -2.12 34.07
CA PRO F 428 12.46 -3.13 33.55
C PRO F 428 13.87 -2.55 33.51
N GLY F 429 14.87 -3.42 33.71
CA GLY F 429 16.24 -2.96 33.91
C GLY F 429 17.24 -4.09 33.94
N ALA F 430 18.51 -3.71 33.96
CA ALA F 430 19.63 -4.59 34.29
C ALA F 430 20.66 -3.78 35.10
N THR F 434 23.68 -2.73 37.19
CA THR F 434 25.12 -2.50 37.04
C THR F 434 25.88 -2.22 38.37
N GLU F 435 25.38 -1.24 39.12
CA GLU F 435 25.83 -0.88 40.47
C GLU F 435 25.42 -1.86 41.61
N SER F 436 24.12 -2.12 41.76
CA SER F 436 23.54 -2.84 42.92
C SER F 436 23.41 -4.30 42.50
N ASP F 437 23.88 -5.21 43.32
CA ASP F 437 23.65 -6.63 43.16
C ASP F 437 22.16 -6.84 43.40
N ASP F 438 21.56 -7.84 42.77
CA ASP F 438 20.18 -8.24 43.10
C ASP F 438 20.04 -8.70 44.53
N GLU F 439 21.13 -9.22 45.10
CA GLU F 439 21.15 -9.55 46.54
C GLU F 439 21.48 -8.34 47.42
N ALA F 440 21.23 -7.13 46.91
CA ALA F 440 20.84 -6.01 47.75
C ALA F 440 19.56 -5.29 47.18
N TYR F 441 18.30 -5.66 47.51
CA TYR F 441 17.76 -6.68 48.49
C TYR F 441 17.96 -6.51 49.97
N ARG F 442 19.14 -6.83 50.48
CA ARG F 442 19.47 -6.54 51.90
C ARG F 442 19.05 -5.13 52.26
N ARG F 443 19.39 -4.17 51.40
CA ARG F 443 19.01 -2.78 51.58
C ARG F 443 17.51 -2.65 51.83
N LEU F 444 16.71 -3.29 50.98
CA LEU F 444 15.26 -3.24 51.09
C LEU F 444 14.78 -3.85 52.40
N ALA F 445 15.19 -5.11 52.64
CA ALA F 445 14.83 -5.84 53.85
C ALA F 445 15.17 -5.03 55.11
N GLN F 446 16.33 -4.38 55.15
CA GLN F 446 16.68 -3.49 56.24
C GLN F 446 15.66 -2.37 56.45
N LYS F 447 15.31 -1.64 55.39
CA LYS F 447 14.32 -0.56 55.50
C LYS F 447 12.97 -1.07 55.92
N ALA F 448 12.61 -2.25 55.44
CA ALA F 448 11.36 -2.87 55.83
C ALA F 448 11.33 -3.20 57.31
N GLU F 449 12.43 -3.72 57.86
CA GLU F 449 12.58 -3.96 59.29
C GLU F 449 12.45 -2.68 60.09
N ALA F 450 13.24 -1.66 59.71
CA ALA F 450 13.22 -0.35 60.37
C ALA F 450 11.81 0.22 60.46
N ASN F 451 11.13 0.27 59.33
CA ASN F 451 9.76 0.77 59.25
C ASN F 451 8.79 -0.07 60.08
N ALA F 452 8.95 -1.39 60.01
CA ALA F 452 8.16 -2.36 60.79
C ALA F 452 8.32 -2.19 62.31
N GLU F 453 9.56 -2.00 62.76
CA GLU F 453 9.86 -1.72 64.17
C GLU F 453 9.20 -0.42 64.62
N ARG F 454 9.27 0.60 63.77
CA ARG F 454 8.67 1.90 64.08
C ARG F 454 7.13 1.86 64.14
N ARG F 455 6.52 0.99 63.34
CA ARG F 455 5.07 0.77 63.36
C ARG F 455 4.65 -0.09 64.51
N GLY F 456 5.55 -0.97 64.96
CA GLY F 456 5.27 -1.87 66.08
C GLY F 456 5.06 -1.14 67.39
N GLN F 457 5.77 -0.02 67.54
CA GLN F 457 5.75 0.78 68.77
C GLN F 457 4.73 1.94 68.73
N LEU F 458 3.81 1.89 67.78
CA LEU F 458 2.70 2.84 67.72
C LEU F 458 1.66 2.43 68.74
N LYS F 459 1.31 3.37 69.61
CA LYS F 459 0.41 3.07 70.74
C LYS F 459 -1.00 2.93 70.22
N LYS F 460 -1.48 3.97 69.55
CA LYS F 460 -2.76 3.93 68.86
C LYS F 460 -2.47 3.84 67.35
N PRO F 461 -2.59 2.63 66.74
CA PRO F 461 -2.36 2.48 65.32
C PRO F 461 -3.64 2.53 64.53
N THR F 462 -3.66 3.39 63.53
CA THR F 462 -4.81 3.55 62.62
C THR F 462 -4.90 2.34 61.70
N VAL F 463 -6.02 2.18 61.02
CA VAL F 463 -6.14 1.01 60.11
C VAL F 463 -5.20 1.20 58.92
N ALA F 464 -4.84 2.45 58.67
CA ALA F 464 -3.86 2.79 57.68
C ALA F 464 -2.50 2.29 58.09
N ASP F 465 -2.13 2.57 59.33
CA ASP F 465 -0.84 2.12 59.83
C ASP F 465 -0.73 0.61 59.75
N LYS F 466 -1.85 -0.06 59.98
CA LYS F 466 -1.88 -1.50 60.08
C LYS F 466 -1.91 -2.22 58.72
N TYR F 467 -2.56 -1.64 57.73
CA TYR F 467 -2.88 -2.34 56.46
C TYR F 467 -2.30 -1.80 55.15
N VAL F 468 -1.90 -0.53 55.12
CA VAL F 468 -1.14 0.04 54.02
C VAL F 468 0.18 -0.74 53.92
N ARG F 469 0.60 -1.12 52.71
CA ARG F 469 1.70 -2.09 52.59
C ARG F 469 2.95 -1.36 52.23
N ASP F 470 4.04 -1.75 52.87
CA ASP F 470 5.33 -1.09 52.69
C ASP F 470 5.94 -1.53 51.36
N PRO F 471 6.15 -0.59 50.42
CA PRO F 471 6.77 -0.89 49.14
C PRO F 471 8.10 -1.64 49.27
N SER F 472 8.88 -1.26 50.27
CA SER F 472 10.25 -1.78 50.45
C SER F 472 10.28 -3.29 50.67
N ALA F 473 9.33 -3.79 51.42
CA ALA F 473 9.26 -5.23 51.69
C ALA F 473 8.78 -6.02 50.48
N ARG F 474 7.81 -5.48 49.78
CA ARG F 474 7.33 -6.08 48.55
C ARG F 474 8.45 -6.14 47.56
N GLY F 475 9.17 -5.02 47.43
CA GLY F 475 10.34 -4.92 46.54
C GLY F 475 11.40 -5.95 46.83
N ALA F 476 11.62 -6.17 48.10
CA ALA F 476 12.57 -7.16 48.54
C ALA F 476 12.18 -8.55 48.06
N VAL F 477 10.94 -8.95 48.31
CA VAL F 477 10.48 -10.27 47.88
C VAL F 477 10.68 -10.41 46.36
N LEU F 478 10.42 -9.34 45.61
CA LEU F 478 10.51 -9.38 44.15
C LEU F 478 11.91 -9.64 43.71
N LYS F 479 12.86 -8.99 44.40
CA LYS F 479 14.30 -9.18 44.13
C LYS F 479 14.81 -10.56 44.56
N ARG F 480 14.17 -11.12 45.56
CA ARG F 480 14.50 -12.42 46.03
C ARG F 480 14.04 -13.51 45.04
N CYS F 481 12.75 -13.51 44.70
CA CYS F 481 12.12 -14.67 44.03
C CYS F 481 12.50 -14.84 42.57
N GLN F 482 12.81 -13.72 41.94
CA GLN F 482 13.12 -13.65 40.52
C GLN F 482 12.14 -14.41 39.64
N LYS F 483 10.93 -13.88 39.58
CA LYS F 483 9.90 -14.36 38.69
C LYS F 483 9.54 -15.82 38.91
N ARG F 484 9.76 -16.33 40.14
CA ARG F 484 9.45 -17.75 40.46
C ARG F 484 8.67 -17.96 41.77
N CYS F 485 7.81 -18.98 41.77
CA CYS F 485 7.07 -19.39 42.95
C CYS F 485 8.09 -19.77 43.98
N GLU F 486 7.86 -19.38 45.22
CA GLU F 486 8.77 -19.73 46.31
C GLU F 486 8.27 -20.90 47.14
N ASN F 487 7.09 -21.43 46.80
CA ASN F 487 6.57 -22.64 47.41
C ASN F 487 7.34 -23.86 46.89
N PRO F 488 8.07 -24.54 47.78
CA PRO F 488 8.87 -25.68 47.36
C PRO F 488 8.04 -26.87 46.99
N GLU F 489 6.75 -26.85 47.26
CA GLU F 489 5.84 -27.88 46.74
C GLU F 489 5.05 -27.46 45.47
N CYS F 490 5.53 -26.48 44.72
CA CYS F 490 4.79 -25.97 43.58
C CYS F 490 4.63 -27.03 42.51
N ALA F 491 3.38 -27.26 42.09
CA ALA F 491 3.08 -28.23 41.04
C ALA F 491 3.64 -27.78 39.70
N GLY F 492 3.87 -26.49 39.57
CA GLY F 492 4.47 -25.91 38.38
C GLY F 492 3.75 -24.62 38.07
N HIS F 493 4.44 -23.70 37.38
CA HIS F 493 3.81 -22.47 36.94
C HIS F 493 4.47 -21.91 35.69
N PRO F 494 3.70 -21.21 34.82
CA PRO F 494 4.23 -20.65 33.58
C PRO F 494 5.19 -19.49 33.77
N THR F 495 6.10 -19.32 32.84
CA THR F 495 7.05 -18.22 32.86
C THR F 495 6.61 -17.08 31.94
N GLU F 496 5.48 -17.26 31.27
CA GLU F 496 4.87 -16.19 30.45
C GLU F 496 4.58 -15.01 31.33
N LEU F 497 4.81 -13.80 30.86
CA LEU F 497 4.43 -12.63 31.61
C LEU F 497 2.96 -12.22 31.33
N THR F 498 2.50 -11.18 32.02
CA THR F 498 1.19 -10.61 31.74
C THR F 498 1.26 -9.62 30.58
N LYS F 499 0.10 -9.08 30.16
CA LYS F 499 0.03 -8.03 29.13
C LYS F 499 0.84 -6.84 29.55
N ALA F 500 0.89 -6.58 30.84
CA ALA F 500 1.63 -5.41 31.36
C ALA F 500 3.08 -5.70 31.69
N GLY F 501 3.48 -6.94 31.52
CA GLY F 501 4.90 -7.29 31.54
C GLY F 501 5.42 -7.72 32.89
N LEU F 502 4.53 -8.14 33.77
CA LEU F 502 4.92 -8.63 35.10
C LEU F 502 4.68 -10.09 35.20
N PRO F 503 5.43 -10.77 36.08
CA PRO F 503 5.28 -12.22 36.16
C PRO F 503 3.95 -12.58 36.76
N ILE F 504 3.45 -13.76 36.44
CA ILE F 504 2.15 -14.22 36.96
C ILE F 504 2.34 -14.80 38.38
N LEU F 505 2.57 -13.90 39.32
CA LEU F 505 2.84 -14.23 40.72
C LEU F 505 2.21 -13.18 41.58
N GLN F 506 2.11 -13.49 42.86
CA GLN F 506 1.74 -12.45 43.84
C GLN F 506 2.49 -12.62 45.13
N VAL F 507 2.96 -11.49 45.64
CA VAL F 507 3.65 -11.43 46.90
C VAL F 507 2.57 -11.34 47.94
N ASP F 508 2.71 -12.11 49.00
CA ASP F 508 1.65 -12.28 49.96
C ASP F 508 2.28 -12.59 51.31
N HIS F 509 1.65 -12.15 52.40
CA HIS F 509 2.17 -12.48 53.74
C HIS F 509 1.75 -13.88 54.19
N VAL F 510 2.69 -14.66 54.72
CA VAL F 510 2.36 -15.99 55.24
C VAL F 510 1.46 -15.81 56.45
N ASN F 511 1.80 -14.79 57.27
CA ASN F 511 1.04 -14.44 58.47
C ASN F 511 0.33 -13.11 58.24
N ASP F 512 -0.98 -13.19 58.07
CA ASP F 512 -1.77 -12.07 57.56
C ASP F 512 -1.54 -10.87 58.46
N LEU F 513 -1.39 -9.68 57.87
CA LEU F 513 -1.24 -8.43 58.63
C LEU F 513 -2.41 -8.22 59.61
N ALA F 514 -3.60 -8.64 59.16
CA ALA F 514 -4.83 -8.61 59.93
C ALA F 514 -4.65 -9.35 61.25
N LYS F 515 -3.99 -10.50 61.21
CA LYS F 515 -3.71 -11.32 62.40
C LYS F 515 -2.33 -11.02 62.94
N GLY F 516 -1.92 -9.75 62.91
CA GLY F 516 -0.72 -9.29 63.61
C GLY F 516 0.63 -9.47 62.92
N GLY F 517 0.67 -10.29 61.89
CA GLY F 517 1.91 -10.58 61.20
C GLY F 517 2.56 -9.28 60.79
N PRO F 518 3.88 -9.26 60.80
CA PRO F 518 4.64 -8.09 60.40
C PRO F 518 4.80 -7.92 58.88
N ASP F 519 4.92 -6.67 58.43
CA ASP F 519 5.11 -6.32 56.98
C ASP F 519 6.61 -6.27 56.68
N VAL F 520 7.19 -7.47 56.58
CA VAL F 520 8.61 -7.67 56.31
C VAL F 520 8.83 -8.90 55.39
N PRO F 521 9.91 -8.90 54.60
CA PRO F 521 10.20 -9.95 53.63
C PRO F 521 10.16 -11.39 54.17
N TRP F 522 10.70 -11.60 55.37
CA TRP F 522 10.73 -12.95 55.98
C TRP F 522 9.36 -13.47 56.41
N ASN F 523 8.35 -12.59 56.42
CA ASN F 523 6.95 -12.98 56.61
C ASN F 523 6.15 -13.04 55.30
N MET F 524 6.85 -12.92 54.19
CA MET F 524 6.22 -12.87 52.90
C MET F 524 6.81 -13.89 51.94
N ILE F 525 6.01 -14.20 50.92
CA ILE F 525 6.28 -15.28 50.02
C ILE F 525 5.64 -14.97 48.62
N ALA F 526 6.37 -15.25 47.55
CA ALA F 526 5.88 -15.04 46.20
C ALA F 526 5.22 -16.31 45.75
N LEU F 527 3.95 -16.25 45.33
CA LEU F 527 3.23 -17.46 44.90
C LEU F 527 2.54 -17.33 43.57
N CYS F 528 2.53 -18.43 42.83
CA CYS F 528 1.74 -18.52 41.62
C CYS F 528 0.28 -18.60 42.01
N PRO F 529 -0.63 -18.17 41.13
CA PRO F 529 -2.05 -18.32 41.35
C PRO F 529 -2.47 -19.65 41.96
N ASN F 530 -1.85 -20.75 41.51
CA ASN F 530 -2.20 -22.10 42.01
C ASN F 530 -1.83 -22.21 43.48
N CYS F 531 -0.58 -21.92 43.79
CA CYS F 531 -0.09 -22.03 45.18
C CYS F 531 -0.75 -21.01 46.11
N HIS F 532 -1.05 -19.83 45.59
CA HIS F 532 -1.82 -18.88 46.36
C HIS F 532 -3.23 -19.40 46.66
N ALA F 533 -3.87 -20.06 45.70
CA ALA F 533 -5.18 -20.69 45.92
C ALA F 533 -5.09 -21.79 46.96
N LEU F 534 -3.99 -22.54 46.93
CA LEU F 534 -3.71 -23.57 47.95
C LEU F 534 -3.59 -22.93 49.33
N LYS F 535 -2.85 -21.82 49.41
CA LYS F 535 -2.61 -21.14 50.69
C LYS F 535 -3.89 -20.57 51.25
N THR F 536 -4.74 -20.01 50.39
CA THR F 536 -5.95 -19.30 50.86
C THR F 536 -7.15 -20.19 51.12
N TYR F 537 -7.49 -21.10 50.22
CA TYR F 537 -8.67 -21.97 50.43
C TYR F 537 -8.46 -23.44 50.05
N GLY F 538 -7.20 -23.87 50.08
CA GLY F 538 -6.86 -25.29 49.91
C GLY F 538 -7.23 -26.10 51.16
N ALA F 539 -7.48 -27.39 50.96
CA ALA F 539 -7.86 -28.26 52.09
C ALA F 539 -6.75 -28.40 53.12
N ASN F 540 -5.50 -28.21 52.71
CA ASN F 540 -4.36 -28.34 53.60
C ASN F 540 -3.71 -26.98 53.81
N LYS F 541 -4.52 -25.93 53.87
CA LYS F 541 -4.05 -24.52 53.98
C LYS F 541 -3.14 -24.24 55.18
N VAL F 542 -3.40 -24.98 56.26
CA VAL F 542 -2.77 -24.80 57.55
C VAL F 542 -1.32 -25.31 57.54
N ARG F 543 -1.15 -26.58 57.13
CA ARG F 543 0.16 -27.20 56.98
C ARG F 543 1.05 -26.44 56.01
N LEU F 544 0.44 -25.99 54.93
CA LEU F 544 1.15 -25.17 53.95
C LEU F 544 1.62 -23.83 54.53
N GLN F 545 0.77 -23.20 55.37
CA GLN F 545 1.14 -21.96 56.08
C GLN F 545 2.44 -22.14 56.86
N ARG F 546 2.56 -23.29 57.53
CA ARG F 546 3.75 -23.63 58.29
C ARG F 546 4.97 -23.79 57.39
N LEU F 547 4.80 -24.55 56.33
CA LEU F 547 5.87 -24.77 55.36
C LEU F 547 6.38 -23.46 54.75
N LEU F 548 5.44 -22.58 54.37
CA LEU F 548 5.78 -21.28 53.77
C LEU F 548 6.41 -20.32 54.75
N ALA F 549 5.99 -20.39 56.02
CA ALA F 549 6.61 -19.60 57.10
C ALA F 549 8.09 -19.95 57.35
N ALA F 550 8.34 -21.27 57.35
CA ALA F 550 9.67 -21.85 57.38
C ALA F 550 10.50 -21.41 56.21
N THR F 551 9.98 -21.63 54.99
CA THR F 551 10.74 -21.36 53.78
C THR F 551 10.93 -19.87 53.52
N ALA F 552 10.04 -19.04 54.04
CA ALA F 552 10.23 -17.60 53.97
C ALA F 552 11.42 -17.16 54.81
N ARG F 553 11.42 -17.53 56.09
CA ARG F 553 12.53 -17.21 56.98
C ARG F 553 13.86 -17.74 56.41
N ARG F 554 13.82 -18.98 55.92
CA ARG F 554 15.01 -19.64 55.38
C ARG F 554 15.61 -18.87 54.21
N LEU F 555 14.75 -18.62 53.21
CA LEU F 555 15.10 -17.86 52.02
C LEU F 555 15.60 -16.47 52.39
N HIS F 556 14.98 -15.86 53.40
CA HIS F 556 15.42 -14.56 53.86
C HIS F 556 16.85 -14.59 54.37
N GLU F 557 17.06 -15.51 55.33
CA GLU F 557 18.35 -15.64 56.00
C GLU F 557 19.46 -16.07 55.09
N GLU F 558 19.13 -16.81 54.02
CA GLU F 558 20.13 -17.21 53.01
C GLU F 558 20.77 -16.01 52.34
N LYS F 559 20.01 -14.91 52.22
CA LYS F 559 20.47 -13.71 51.55
C LYS F 559 21.27 -12.77 52.47
N LEU F 560 21.31 -13.09 53.75
CA LEU F 560 22.03 -12.27 54.74
C LEU F 560 23.51 -12.64 54.94
N GLN F 561 23.88 -13.92 54.85
CA GLN F 561 25.29 -14.34 54.94
C GLN F 561 26.11 -13.96 53.69
ZN ZN G . 46.26 -4.69 -3.97
S SO4 H . 16.93 -5.59 -24.76
O1 SO4 H . 16.73 -4.82 -23.53
O2 SO4 H . 15.98 -6.72 -24.59
O3 SO4 H . 16.73 -4.77 -25.99
O4 SO4 H . 18.34 -6.02 -24.86
S SO4 I . 30.87 -15.77 0.58
O1 SO4 I . 31.42 -15.11 1.79
O2 SO4 I . 29.94 -16.87 0.98
O3 SO4 I . 30.19 -14.77 -0.29
O4 SO4 I . 31.96 -16.39 -0.19
ZN ZN J . 41.24 5.97 -3.88
S SO4 K . 53.21 -3.49 -37.53
O1 SO4 K . 52.39 -2.24 -37.38
O2 SO4 K . 53.25 -4.30 -36.28
O3 SO4 K . 52.63 -4.32 -38.61
O4 SO4 K . 54.59 -3.10 -37.89
ZN ZN L . 16.85 -13.08 10.06
S SO4 M . 2.54 -23.51 18.37
O1 SO4 M . 2.61 -22.38 19.29
O2 SO4 M . 1.37 -24.41 18.66
O3 SO4 M . 2.23 -22.98 17.01
O4 SO4 M . 3.88 -24.19 18.45
S SO4 N . -16.84 -0.21 13.80
O1 SO4 N . -16.31 0.27 15.09
O2 SO4 N . -18.21 -0.79 13.96
O3 SO4 N . -16.83 1.02 12.97
O4 SO4 N . -15.97 -1.28 13.20
S SO4 O . -2.42 -18.45 8.25
O1 SO4 O . -1.53 -17.27 8.40
O2 SO4 O . -2.99 -18.87 9.57
O3 SO4 O . -1.64 -19.51 7.52
O4 SO4 O . -3.64 -18.07 7.51
ZN ZN P . 17.12 -3.97 17.47
S SO4 Q . 6.70 7.56 -16.22
O1 SO4 Q . 7.24 7.87 -14.87
O2 SO4 Q . 5.26 7.16 -16.15
O3 SO4 Q . 6.83 8.78 -17.08
O4 SO4 Q . 7.45 6.42 -16.79
S SO4 R . 28.19 8.73 6.87
O1 SO4 R . 27.34 9.78 7.52
O2 SO4 R . 29.01 7.95 7.87
O3 SO4 R . 29.10 9.52 5.98
O4 SO4 R . 27.31 7.81 6.07
ZN ZN S . -3.57 -25.44 34.14
S SO4 T . -22.79 -12.27 62.64
O1 SO4 T . -23.05 -10.81 62.67
O2 SO4 T . -23.76 -12.84 63.58
O3 SO4 T . -23.02 -12.86 61.29
O4 SO4 T . -21.40 -12.47 63.14
ZN ZN U . 3.59 -22.11 42.91
S SO4 V . -14.11 6.92 30.11
O1 SO4 V . -14.68 7.10 31.43
O2 SO4 V . -12.69 7.42 30.10
O3 SO4 V . -14.93 7.71 29.13
O4 SO4 V . -14.18 5.46 29.87
S SO4 W . 12.94 -7.14 33.98
O1 SO4 W . 12.68 -6.54 35.32
O2 SO4 W . 11.66 -7.25 33.22
O3 SO4 W . 13.49 -8.52 34.01
O4 SO4 W . 13.92 -6.17 33.39
#